data_7M6I
#
_entry.id   7M6I
#
_cell.length_a   1.00
_cell.length_b   1.00
_cell.length_c   1.00
_cell.angle_alpha   90.00
_cell.angle_beta   90.00
_cell.angle_gamma   90.00
#
_symmetry.space_group_name_H-M   'P 1'
#
loop_
_entity.id
_entity.type
_entity.pdbx_description
1 polymer 'Spike glycoprotein'
2 polymer 'BG1-24 Fab Heavy Chain'
3 polymer 'BG1-24 Fab Light Chain'
4 branched 2-acetamido-2-deoxy-beta-D-glucopyranose-(1-4)-2-acetamido-2-deoxy-beta-D-glucopyranose
5 branched alpha-D-mannopyranose-(1-3)-beta-D-mannopyranose-(1-4)-2-acetamido-2-deoxy-beta-D-glucopyranose-(1-4)-2-acetamido-2-deoxy-beta-D-glucopyranose
6 branched beta-D-mannopyranose-(1-4)-2-acetamido-2-deoxy-beta-D-glucopyranose-(1-4)-2-acetamido-2-deoxy-beta-D-glucopyranose
7 non-polymer 2-acetamido-2-deoxy-beta-D-glucopyranose
#
loop_
_entity_poly.entity_id
_entity_poly.type
_entity_poly.pdbx_seq_one_letter_code
_entity_poly.pdbx_strand_id
1 'polypeptide(L)'
;MFVFLVLLPLVSSQCVNLTTRTQLPPAYTNSFTRGVYYPDKVFRSSVLHSTQDLFLPFFSNVTWFHAIHVSGTNGTKRFD
NPVLPFNDGVYFASTEKSNIIRGWIFGTTLDSKTQSLLIVNNATNVVIKVCEFQFCNDPFLGVYYHKNNKSWMESEFRVY
SSANNCTFEYVSQPFLMDLEGKQGNFKNLREFVFKNIDGYFKIYSKHTPINLVRDLPQGFSALEPLVDLPIGINITRFQT
LLALHRSYLTPGDSSSGWTAGAAAYYVGYLQPRTFLLKYNENGTITDAVDCALDPLSETKCTLKSFTVEKGIYQTSNFRV
QPTESIVRFPNITNLCPFGEVFNATRFASVYAWNRKRISNCVADYSVLYNSASFSTFKCYGVSPTKLNDLCFTNVYADSF
VIRGDEVRQIAPGQTGKIADYNYKLPDDFTGCVIAWNSNNLDSKVGGNYNYLYRLFRKSNLKPFERDISTEIYQAGSTPC
NGVEGFNCYFPLQSYGFQPTNGVGYQPYRVVVLSFELLHAPATVCGPKKSTNLVKNKCVNFNFNGLTGTGVLTESNKKFL
PFQQFGRDIADTTDAVRDPQTLEILDITPCSFGGVSVITPGTNTSNQVAVLYQDVNCTEVPVAIHADQLTPTWRVYSTGS
NVFQTRAGCLIGAEHVNNSYECDIPIGAGICASYQTQTNSPRRARSVASQSIIAYTMSLGAENSVAYSNNSIAIPTNFTI
SVTTEILPVSMTKTSVDCTMYICGDSTECSNLLLQYGSFCTQLNRALTGIAVEQDKNTQEVFAQVKQIYKTPPIKDFGGF
NFSQILPDPSKPSKRSFIEDLLFNKVTLADAGFIKQYGDCLGDIAARDLICAQKFNGLTVLPPLLTDEMIAQYTSALLAG
TITSGWTFGAGAALQIPFAMQMAYRFNGIGVTQNVLYENQKLIANQFNSAIGKIQDSLSSTASALGKLQDVVNQNAQALN
TLVKQLSSNFGAISSVLNDILSRLDPPEAEVQIDRLITGRLQSLQTYVTQQLIRAAEIRASANLAATKMSECVLGQSKRV
DFCGKGYHLMSFPQSAPHGVVFLHVTYVPAQEKNFTTAPAICHDGKAHFPREGVFVSNGTHWFVTQRNFYEPQIITTDNT
FVSGNCDVVIGIVNNTVYDPLQPELDSFKEELDKYFKNHTSPDVDLGDISGINASVVNIQKEIDRLNEVAKNLNESLIDL
QELGKYEQYIKWPSGRLVPRGSPGSGYIPEAPRDGQAYVRKDGEWVLLSTFLGHHHHHH
;
A,B,C
2 'polypeptide(L)'
;QVQLVQSGAEVKKPGSSVKVSCKASGGTFSSYAISWVRQAPGQGLEWMGRIISMFGIANNAQKFQGRLTITADTSTSTAY
MELSSLRSEDTAVYYCARGPYYYDSGGYYLDYWGQGTLVTVSSASTKGPSVFPLAPSSKSTSGGTAALGCLVKDYFPEPV
TVSWNSGALTSGVHTFPAVLQSSGLYSLSSVVTVPSSSLGTQTYICNVNHKPSNTKVDKRVEPKSCDKT
;
H,M
3 'polypeptide(L)'
;EIVLTQSPGTLSLSPGERATLSCRASQSVGSGYLAWYQQRPGQAPRLLIYGASSRATGIPDRFSGSGSGTDFTLTISRLE
PEDFAVYYCQQYAGSPRTFGQGTRLEIKRTVAAPSVFIFPPSDEQLKSGTASVVCLLNNFYPREAKVQWKVDNALQSGNS
QESVTEQDSKDSTYSLSSTLTLSKADYEKHKVYACEVTHQGLSSPVTKSFNRGEC
;
L,N
#
loop_
_chem_comp.id
_chem_comp.type
_chem_comp.name
_chem_comp.formula
BMA D-saccharide, beta linking beta-D-mannopyranose 'C6 H12 O6'
MAN D-saccharide, alpha linking alpha-D-mannopyranose 'C6 H12 O6'
NAG D-saccharide, beta linking 2-acetamido-2-deoxy-beta-D-glucopyranose 'C8 H15 N O6'
#
# COMPACT_ATOMS: atom_id res chain seq x y z
N ALA A 27 -47.28 -32.95 15.60
CA ALA A 27 -47.59 -31.71 16.31
C ALA A 27 -46.36 -30.83 16.42
N TYR A 28 -46.57 -29.54 16.70
CA TYR A 28 -45.48 -28.58 16.75
C TYR A 28 -45.54 -27.74 18.02
N THR A 29 -44.36 -27.39 18.51
CA THR A 29 -44.19 -26.64 19.74
C THR A 29 -43.28 -25.46 19.40
N ASN A 30 -43.52 -24.33 20.03
CA ASN A 30 -42.81 -23.11 19.67
C ASN A 30 -41.42 -23.09 20.31
N SER A 31 -40.43 -22.72 19.50
CA SER A 31 -39.03 -22.71 19.94
C SER A 31 -38.68 -21.43 20.71
N PHE A 32 -39.35 -21.26 21.87
CA PHE A 32 -39.43 -20.00 22.61
C PHE A 32 -38.12 -19.21 22.72
N THR A 33 -37.13 -19.78 23.42
CA THR A 33 -35.79 -19.21 23.50
C THR A 33 -34.70 -20.27 23.53
N ARG A 34 -35.03 -21.55 23.55
CA ARG A 34 -34.06 -22.60 23.82
C ARG A 34 -33.16 -22.82 22.61
N GLY A 35 -32.05 -23.52 22.84
CA GLY A 35 -31.15 -23.90 21.77
C GLY A 35 -29.90 -23.06 21.61
N VAL A 36 -29.54 -22.24 22.59
CA VAL A 36 -28.32 -21.43 22.53
C VAL A 36 -27.22 -22.15 23.32
N TYR A 37 -26.08 -22.33 22.67
CA TYR A 37 -24.94 -23.01 23.25
C TYR A 37 -23.66 -22.19 23.13
N TYR A 38 -22.75 -22.40 24.08
CA TYR A 38 -21.44 -21.77 24.09
C TYR A 38 -20.65 -22.22 22.87
N PRO A 39 -20.33 -21.33 21.93
CA PRO A 39 -19.63 -21.79 20.72
C PRO A 39 -18.17 -22.13 20.97
N ASP A 40 -17.49 -21.36 21.81
CA ASP A 40 -16.07 -21.52 22.04
C ASP A 40 -15.78 -21.32 23.52
N LYS A 41 -14.59 -21.76 23.94
CA LYS A 41 -14.17 -21.74 25.34
C LYS A 41 -13.47 -20.42 25.60
N VAL A 42 -14.24 -19.37 25.91
CA VAL A 42 -13.69 -18.04 26.18
C VAL A 42 -14.46 -17.39 27.33
N PHE A 43 -13.95 -16.23 27.75
CA PHE A 43 -14.52 -15.42 28.82
C PHE A 43 -14.84 -14.02 28.34
N ARG A 44 -15.58 -13.92 27.24
CA ARG A 44 -16.13 -12.62 26.88
C ARG A 44 -17.02 -12.17 28.03
N SER A 45 -16.73 -11.00 28.60
CA SER A 45 -17.33 -10.59 29.86
C SER A 45 -18.11 -9.30 29.70
N SER A 46 -19.43 -9.39 29.93
CA SER A 46 -20.38 -8.28 29.83
C SER A 46 -20.32 -7.60 28.47
N VAL A 47 -20.11 -8.40 27.43
CA VAL A 47 -19.91 -7.91 26.07
C VAL A 47 -20.81 -8.73 25.15
N LEU A 48 -21.40 -8.07 24.17
CA LEU A 48 -22.19 -8.73 23.15
C LEU A 48 -21.30 -9.15 21.98
N HIS A 49 -21.38 -10.43 21.62
CA HIS A 49 -20.69 -11.00 20.47
C HIS A 49 -21.68 -11.58 19.48
N SER A 50 -21.43 -11.33 18.19
CA SER A 50 -22.15 -11.95 17.09
C SER A 50 -21.27 -12.99 16.42
N THR A 51 -21.76 -14.22 16.30
CA THR A 51 -21.00 -15.32 15.72
C THR A 51 -21.87 -16.13 14.76
N GLN A 52 -21.21 -16.67 13.74
CA GLN A 52 -21.87 -17.44 12.68
C GLN A 52 -21.55 -18.92 12.86
N ASP A 53 -22.57 -19.70 13.19
CA ASP A 53 -22.43 -21.13 13.45
C ASP A 53 -23.80 -21.78 13.24
N LEU A 54 -23.85 -23.10 13.37
CA LEU A 54 -25.11 -23.83 13.33
C LEU A 54 -25.99 -23.50 14.54
N PHE A 55 -27.26 -23.17 14.31
CA PHE A 55 -28.18 -22.88 15.39
C PHE A 55 -29.61 -23.30 15.05
N LEU A 56 -30.41 -23.43 16.09
CA LEU A 56 -31.87 -23.56 16.04
C LEU A 56 -32.59 -22.30 15.59
N PRO A 57 -33.42 -22.35 14.55
CA PRO A 57 -34.24 -21.17 14.21
C PRO A 57 -35.16 -20.81 15.36
N PHE A 58 -35.14 -19.54 15.77
CA PHE A 58 -36.04 -19.11 16.83
C PHE A 58 -37.48 -19.17 16.30
N PHE A 59 -38.43 -19.48 17.19
CA PHE A 59 -39.87 -19.51 16.92
C PHE A 59 -40.21 -20.40 15.72
N SER A 60 -39.60 -21.57 15.70
CA SER A 60 -39.73 -22.58 14.65
C SER A 60 -40.22 -23.88 15.25
N ASN A 61 -40.84 -24.75 14.44
CA ASN A 61 -41.25 -26.00 15.05
C ASN A 61 -40.04 -26.86 15.38
N VAL A 62 -40.22 -27.63 16.43
CA VAL A 62 -39.32 -28.70 16.80
C VAL A 62 -40.22 -29.93 16.80
N THR A 63 -39.81 -30.96 16.07
CA THR A 63 -40.65 -32.14 15.93
C THR A 63 -40.82 -32.89 17.24
N TRP A 64 -42.05 -33.31 17.50
CA TRP A 64 -42.45 -33.82 18.81
C TRP A 64 -43.23 -35.11 18.64
N PHE A 65 -42.65 -36.21 19.12
CA PHE A 65 -43.26 -37.52 19.06
C PHE A 65 -43.47 -38.00 20.48
N HIS A 66 -44.57 -38.70 20.73
CA HIS A 66 -44.75 -39.34 22.02
C HIS A 66 -44.46 -40.84 21.84
N ALA A 67 -44.34 -41.57 22.95
CA ALA A 67 -44.28 -43.04 22.88
C ALA A 67 -45.08 -43.78 23.97
N ILE A 68 -46.34 -44.11 23.69
CA ILE A 68 -47.21 -44.77 24.65
C ILE A 68 -48.10 -45.75 23.88
N HIS A 69 -48.12 -47.00 24.36
CA HIS A 69 -48.89 -48.12 23.78
C HIS A 69 -48.61 -48.34 22.28
N ARG A 78 -48.21 -49.36 17.97
CA ARG A 78 -47.39 -49.52 19.17
C ARG A 78 -46.58 -48.25 19.47
N PHE A 79 -46.67 -47.28 18.56
CA PHE A 79 -45.99 -45.98 18.66
C PHE A 79 -44.49 -46.14 18.91
N ASP A 80 -43.81 -46.59 17.86
CA ASP A 80 -42.37 -46.80 17.87
C ASP A 80 -41.64 -45.51 17.51
N ASN A 81 -40.32 -45.60 17.34
CA ASN A 81 -39.46 -44.44 17.10
C ASN A 81 -38.78 -44.52 15.74
N PRO A 82 -39.21 -43.73 14.76
CA PRO A 82 -38.76 -43.92 13.38
C PRO A 82 -37.40 -43.26 13.12
N VAL A 83 -36.92 -43.46 11.89
CA VAL A 83 -35.69 -42.83 11.44
C VAL A 83 -35.90 -41.33 11.21
N LEU A 84 -34.87 -40.55 11.54
CA LEU A 84 -34.92 -39.10 11.36
C LEU A 84 -33.68 -38.60 10.63
N PRO A 85 -33.86 -37.76 9.59
CA PRO A 85 -32.73 -37.19 8.84
C PRO A 85 -31.80 -36.28 9.63
N PHE A 86 -30.60 -36.79 9.92
CA PHE A 86 -29.61 -36.07 10.73
C PHE A 86 -29.22 -34.75 10.08
N ASN A 87 -28.96 -34.76 8.76
CA ASN A 87 -28.55 -33.60 7.95
C ASN A 87 -27.30 -32.96 8.56
N ASP A 88 -27.30 -31.64 8.80
CA ASP A 88 -26.12 -30.98 9.39
C ASP A 88 -26.00 -31.24 10.89
N GLY A 89 -26.89 -30.65 11.68
CA GLY A 89 -26.86 -30.84 13.12
C GLY A 89 -28.25 -31.03 13.67
N VAL A 90 -28.31 -31.68 14.83
CA VAL A 90 -29.58 -32.10 15.42
C VAL A 90 -29.71 -31.57 16.84
N TYR A 91 -30.93 -31.19 17.19
CA TYR A 91 -31.30 -30.73 18.53
C TYR A 91 -32.17 -31.81 19.15
N PHE A 92 -31.76 -32.34 20.29
CA PHE A 92 -32.53 -33.39 20.95
C PHE A 92 -32.95 -32.83 22.30
N ALA A 93 -34.25 -32.85 22.60
CA ALA A 93 -34.73 -32.37 23.89
C ALA A 93 -35.62 -33.39 24.60
N SER A 94 -34.99 -34.28 25.37
CA SER A 94 -35.73 -35.31 26.06
C SER A 94 -36.35 -34.75 27.33
N THR A 95 -37.66 -34.95 27.48
CA THR A 95 -38.36 -34.63 28.72
C THR A 95 -38.92 -35.94 29.28
N GLU A 96 -38.50 -36.29 30.49
CA GLU A 96 -38.95 -37.53 31.10
C GLU A 96 -38.86 -37.41 32.62
N LYS A 97 -39.62 -38.26 33.29
CA LYS A 97 -39.66 -38.33 34.74
C LYS A 97 -38.95 -39.54 35.32
N SER A 98 -38.86 -40.63 34.58
CA SER A 98 -38.30 -41.88 35.09
C SER A 98 -37.09 -42.36 34.28
N ASN A 99 -36.49 -41.45 33.49
CA ASN A 99 -35.31 -41.74 32.67
C ASN A 99 -35.57 -42.89 31.68
N ILE A 100 -36.74 -42.86 31.04
CA ILE A 100 -37.09 -43.92 30.09
C ILE A 100 -36.13 -43.94 28.91
N ILE A 101 -35.80 -42.77 28.37
CA ILE A 101 -34.78 -42.69 27.33
C ILE A 101 -33.41 -42.83 27.97
N ARG A 102 -32.62 -43.79 27.47
CA ARG A 102 -31.33 -44.12 28.07
C ARG A 102 -30.20 -44.24 27.07
N GLY A 103 -30.50 -44.27 25.77
CA GLY A 103 -29.48 -44.51 24.77
C GLY A 103 -29.68 -43.63 23.56
N TRP A 104 -28.66 -43.62 22.69
CA TRP A 104 -28.73 -42.93 21.41
C TRP A 104 -27.77 -43.60 20.44
N ILE A 105 -28.11 -43.49 19.15
CA ILE A 105 -27.28 -43.99 18.06
C ILE A 105 -27.34 -42.92 16.97
N PHE A 106 -26.19 -42.59 16.39
CA PHE A 106 -26.03 -41.59 15.33
C PHE A 106 -25.16 -42.27 14.27
N GLY A 107 -25.81 -42.98 13.33
CA GLY A 107 -25.11 -43.73 12.32
C GLY A 107 -25.64 -43.45 10.94
N THR A 108 -24.76 -43.70 9.95
CA THR A 108 -25.12 -43.61 8.55
C THR A 108 -25.99 -44.79 8.10
N THR A 109 -25.63 -46.01 8.50
CA THR A 109 -26.25 -47.21 7.94
C THR A 109 -27.03 -48.03 8.97
N LEU A 110 -26.57 -48.09 10.22
CA LEU A 110 -27.24 -48.70 11.37
C LEU A 110 -27.28 -50.22 11.31
N ASP A 111 -26.47 -50.87 10.47
CA ASP A 111 -26.48 -52.32 10.40
C ASP A 111 -25.12 -52.94 10.70
N SER A 112 -24.22 -52.18 11.34
CA SER A 112 -22.85 -52.55 11.72
C SER A 112 -21.89 -52.63 10.54
N LYS A 113 -22.30 -52.16 9.35
CA LYS A 113 -21.37 -52.04 8.23
C LYS A 113 -20.25 -51.06 8.54
N THR A 114 -20.59 -49.94 9.16
CA THR A 114 -19.68 -48.86 9.46
C THR A 114 -19.88 -48.47 10.92
N GLN A 115 -19.00 -47.61 11.42
CA GLN A 115 -18.95 -47.27 12.85
C GLN A 115 -20.30 -46.77 13.35
N SER A 116 -20.67 -47.24 14.54
CA SER A 116 -21.94 -46.90 15.18
C SER A 116 -21.64 -46.36 16.56
N LEU A 117 -21.98 -45.10 16.80
CA LEU A 117 -21.82 -44.54 18.13
C LEU A 117 -22.87 -45.09 19.08
N LEU A 118 -22.41 -45.56 20.24
CA LEU A 118 -23.25 -46.09 21.32
C LEU A 118 -23.12 -45.19 22.54
N ILE A 119 -24.22 -44.55 22.90
CA ILE A 119 -24.23 -43.68 24.11
C ILE A 119 -25.07 -44.41 25.16
N VAL A 120 -24.50 -45.46 25.75
CA VAL A 120 -25.29 -46.29 26.71
C VAL A 120 -24.74 -46.06 28.11
N ASN A 121 -25.61 -45.72 29.06
CA ASN A 121 -25.16 -45.60 30.46
C ASN A 121 -25.71 -46.80 31.23
N ASN A 122 -24.82 -47.64 31.77
CA ASN A 122 -25.29 -48.78 32.60
C ASN A 122 -25.34 -48.36 34.07
N ALA A 123 -25.40 -49.31 35.00
CA ALA A 123 -25.61 -48.94 36.42
C ALA A 123 -24.51 -48.01 36.95
N THR A 124 -23.24 -48.29 36.67
CA THR A 124 -22.17 -47.46 37.29
C THR A 124 -21.30 -46.73 36.26
N ASN A 125 -21.31 -47.15 34.99
CA ASN A 125 -20.36 -46.54 34.03
C ASN A 125 -21.03 -45.94 32.80
N VAL A 126 -20.72 -44.68 32.49
CA VAL A 126 -21.22 -44.10 31.24
C VAL A 126 -20.27 -44.59 30.16
N VAL A 127 -20.79 -45.31 29.17
CA VAL A 127 -19.98 -46.03 28.21
C VAL A 127 -20.18 -45.40 26.84
N ILE A 128 -19.09 -45.03 26.20
CA ILE A 128 -19.12 -44.39 24.88
C ILE A 128 -18.25 -45.24 23.95
N LYS A 129 -18.87 -46.05 23.09
CA LYS A 129 -18.11 -46.89 22.16
C LYS A 129 -18.60 -46.74 20.74
N VAL A 130 -17.66 -46.70 19.79
CA VAL A 130 -18.02 -46.55 18.38
C VAL A 130 -17.62 -47.78 17.59
N CYS A 131 -17.39 -48.91 18.27
CA CYS A 131 -16.90 -50.10 17.59
C CYS A 131 -18.00 -50.56 16.63
N GLU A 132 -17.61 -51.15 15.51
CA GLU A 132 -18.63 -51.78 14.67
C GLU A 132 -19.24 -53.04 15.29
N PHE A 133 -19.82 -52.88 16.48
CA PHE A 133 -20.39 -53.97 17.25
C PHE A 133 -21.67 -54.37 16.53
N GLN A 134 -22.07 -55.63 16.63
CA GLN A 134 -23.38 -55.99 16.12
C GLN A 134 -24.43 -55.94 17.22
N PHE A 135 -25.41 -55.04 17.01
CA PHE A 135 -26.53 -54.77 17.90
C PHE A 135 -27.77 -55.25 17.16
N CYS A 136 -28.79 -55.69 17.90
CA CYS A 136 -30.02 -56.16 17.26
C CYS A 136 -30.69 -55.07 16.40
N ASN A 137 -31.47 -55.56 15.41
CA ASN A 137 -32.08 -54.72 14.37
C ASN A 137 -32.96 -53.59 14.93
N ASP A 138 -33.55 -53.83 16.09
CA ASP A 138 -34.35 -52.89 16.88
C ASP A 138 -33.53 -52.61 18.13
N PRO A 139 -32.79 -51.51 18.17
CA PRO A 139 -31.83 -51.33 19.27
C PRO A 139 -32.42 -50.86 20.60
N PHE A 140 -32.12 -51.64 21.63
CA PHE A 140 -32.55 -51.45 23.01
C PHE A 140 -31.54 -52.22 23.86
N LEU A 141 -31.60 -52.04 25.17
CA LEU A 141 -30.72 -52.79 26.06
C LEU A 141 -31.54 -53.79 26.88
N GLY A 142 -31.14 -55.05 26.82
CA GLY A 142 -31.87 -56.09 27.53
C GLY A 142 -31.59 -56.02 29.02
N VAL A 143 -32.65 -55.99 29.81
CA VAL A 143 -32.52 -55.94 31.26
C VAL A 143 -32.28 -57.35 31.81
N ASN A 165 -10.99 -48.79 13.36
CA ASN A 165 -12.44 -48.94 13.44
C ASN A 165 -13.13 -48.87 14.82
N CYS A 166 -12.36 -48.60 15.87
CA CYS A 166 -12.93 -48.40 17.20
C CYS A 166 -12.01 -47.46 17.97
N THR A 167 -12.51 -46.82 19.02
CA THR A 167 -11.64 -45.85 19.70
C THR A 167 -11.94 -45.87 21.21
N PHE A 168 -11.58 -44.80 21.88
CA PHE A 168 -11.51 -44.67 23.34
C PHE A 168 -12.82 -44.81 24.13
N GLU A 169 -13.01 -45.92 24.84
CA GLU A 169 -14.23 -46.01 25.61
C GLU A 169 -14.05 -45.01 26.75
N TYR A 170 -14.90 -43.99 26.77
CA TYR A 170 -14.91 -42.93 27.78
C TYR A 170 -15.85 -43.23 28.94
N VAL A 171 -15.28 -43.70 30.06
CA VAL A 171 -16.07 -43.76 31.29
C VAL A 171 -16.33 -42.34 31.78
N SER A 172 -17.41 -42.16 32.52
CA SER A 172 -17.68 -40.90 33.22
C SER A 172 -18.39 -41.15 34.54
N PHE A 186 -43.25 -34.53 34.99
CA PHE A 186 -41.87 -34.11 34.84
C PHE A 186 -41.46 -33.09 35.89
N LYS A 187 -40.33 -33.35 36.54
CA LYS A 187 -39.79 -32.47 37.56
C LYS A 187 -38.46 -31.85 37.15
N ASN A 188 -37.71 -32.49 36.27
CA ASN A 188 -36.42 -32.00 35.79
C ASN A 188 -36.37 -32.17 34.28
N LEU A 189 -35.82 -31.17 33.60
CA LEU A 189 -35.69 -31.16 32.15
C LEU A 189 -34.21 -31.26 31.78
N ARG A 190 -33.89 -32.20 30.90
CA ARG A 190 -32.54 -32.41 30.40
C ARG A 190 -32.46 -31.94 28.95
N GLU A 191 -31.52 -31.04 28.68
CA GLU A 191 -31.31 -30.46 27.36
C GLU A 191 -29.96 -30.89 26.80
N PHE A 192 -29.96 -31.40 25.57
CA PHE A 192 -28.74 -31.82 24.89
C PHE A 192 -28.64 -31.25 23.49
N VAL A 193 -27.47 -30.71 23.12
CA VAL A 193 -27.20 -30.29 21.75
C VAL A 193 -26.07 -31.13 21.18
N PHE A 194 -26.38 -31.97 20.19
CA PHE A 194 -25.42 -32.90 19.59
C PHE A 194 -25.05 -32.43 18.19
N LYS A 195 -23.82 -31.91 18.03
CA LYS A 195 -23.38 -31.48 16.71
C LYS A 195 -22.02 -32.08 16.39
N ASN A 196 -21.81 -32.40 15.12
CA ASN A 196 -20.54 -32.94 14.65
C ASN A 196 -19.91 -31.86 13.79
N ILE A 197 -18.77 -31.32 14.22
CA ILE A 197 -18.10 -30.24 13.52
C ILE A 197 -16.65 -30.64 13.26
N ASP A 198 -16.23 -30.55 11.99
CA ASP A 198 -14.84 -30.77 11.56
C ASP A 198 -14.30 -32.12 12.02
N GLY A 199 -15.16 -33.13 12.07
CA GLY A 199 -14.78 -34.42 12.61
C GLY A 199 -14.68 -34.48 14.11
N TYR A 200 -15.06 -33.42 14.83
CA TYR A 200 -14.91 -33.36 16.28
C TYR A 200 -16.31 -33.42 16.89
N PHE A 201 -16.61 -34.51 17.58
CA PHE A 201 -17.97 -34.78 18.04
C PHE A 201 -18.11 -34.22 19.45
N LYS A 202 -19.11 -33.36 19.64
CA LYS A 202 -19.26 -32.53 20.84
C LYS A 202 -20.57 -32.81 21.56
N ILE A 203 -20.50 -32.90 22.89
CA ILE A 203 -21.65 -33.22 23.74
C ILE A 203 -21.90 -32.02 24.64
N TYR A 204 -23.14 -31.51 24.58
CA TYR A 204 -23.61 -30.40 25.40
C TYR A 204 -24.77 -30.87 26.27
N SER A 205 -24.72 -30.57 27.57
CA SER A 205 -25.73 -31.07 28.48
C SER A 205 -26.16 -29.94 29.41
N LYS A 206 -27.42 -30.00 29.87
CA LYS A 206 -27.92 -29.06 30.86
C LYS A 206 -29.14 -29.67 31.53
N HIS A 207 -29.17 -29.64 32.87
CA HIS A 207 -30.29 -30.15 33.65
C HIS A 207 -30.97 -28.99 34.36
N THR A 208 -32.29 -28.87 34.19
CA THR A 208 -33.06 -27.80 34.82
C THR A 208 -34.41 -28.30 35.33
N PRO A 209 -34.85 -27.82 36.49
CA PRO A 209 -36.18 -28.18 36.99
C PRO A 209 -37.28 -27.37 36.34
N ILE A 210 -38.35 -28.08 35.91
CA ILE A 210 -39.48 -27.45 35.23
C ILE A 210 -40.76 -28.03 35.83
N ASN A 211 -41.84 -27.25 35.76
CA ASN A 211 -43.15 -27.71 36.20
C ASN A 211 -44.16 -27.88 35.07
N LEU A 212 -43.92 -27.30 33.89
CA LEU A 212 -44.88 -27.37 32.79
C LEU A 212 -44.61 -28.64 32.00
N VAL A 213 -45.38 -29.70 32.29
CA VAL A 213 -45.15 -30.98 31.65
C VAL A 213 -45.66 -31.00 30.21
N ARG A 214 -46.51 -30.06 29.82
CA ARG A 214 -47.17 -30.13 28.52
C ARG A 214 -46.21 -29.77 27.39
N ASP A 215 -45.54 -28.62 27.50
CA ASP A 215 -44.76 -28.04 26.42
C ASP A 215 -43.51 -27.37 26.98
N LEU A 216 -42.67 -26.89 26.07
CA LEU A 216 -41.37 -26.31 26.44
C LEU A 216 -41.56 -25.02 27.22
N PRO A 217 -40.85 -24.85 28.34
CA PRO A 217 -40.96 -23.64 29.15
C PRO A 217 -40.33 -22.42 28.51
N GLN A 218 -40.81 -21.25 28.95
CA GLN A 218 -40.30 -19.94 28.55
C GLN A 218 -39.05 -19.61 29.37
N GLY A 219 -37.99 -20.40 29.14
CA GLY A 219 -36.77 -20.25 29.89
C GLY A 219 -35.54 -20.25 29.01
N PHE A 220 -34.47 -19.70 29.55
CA PHE A 220 -33.19 -19.59 28.86
C PHE A 220 -32.23 -20.65 29.39
N SER A 221 -31.66 -21.44 28.49
CA SER A 221 -30.66 -22.41 28.89
C SER A 221 -29.45 -22.36 27.98
N ALA A 222 -28.27 -22.38 28.58
CA ALA A 222 -27.00 -22.32 27.86
C ALA A 222 -26.34 -23.69 27.91
N LEU A 223 -25.89 -24.18 26.76
CA LEU A 223 -25.35 -25.53 26.67
C LEU A 223 -23.82 -25.48 26.59
N GLU A 224 -23.15 -26.23 27.48
CA GLU A 224 -21.70 -26.18 27.56
C GLU A 224 -21.08 -27.53 27.19
N PRO A 225 -19.85 -27.54 26.68
CA PRO A 225 -19.26 -28.80 26.19
C PRO A 225 -18.95 -29.77 27.32
N LEU A 226 -19.11 -31.06 27.03
CA LEU A 226 -18.77 -32.13 27.95
C LEU A 226 -17.47 -32.82 27.56
N VAL A 227 -17.34 -33.22 26.29
CA VAL A 227 -16.22 -34.04 25.84
C VAL A 227 -16.12 -33.84 24.33
N ASP A 228 -14.97 -34.21 23.76
CA ASP A 228 -14.75 -34.19 22.31
C ASP A 228 -14.26 -35.53 21.77
N LEU A 229 -14.81 -35.96 20.64
CA LEU A 229 -14.53 -37.31 20.14
C LEU A 229 -14.38 -37.30 18.62
N PRO A 230 -13.44 -38.08 18.08
CA PRO A 230 -13.26 -38.23 16.61
C PRO A 230 -14.03 -39.38 15.96
N ILE A 231 -15.32 -39.20 15.70
CA ILE A 231 -16.02 -40.20 14.89
C ILE A 231 -15.80 -39.88 13.41
N GLY A 232 -16.24 -38.71 12.95
CA GLY A 232 -16.02 -38.26 11.59
C GLY A 232 -16.55 -39.11 10.45
N ILE A 233 -17.86 -39.15 10.25
CA ILE A 233 -18.47 -39.85 9.12
C ILE A 233 -19.57 -38.99 8.53
N ASN A 234 -20.18 -39.49 7.45
CA ASN A 234 -21.34 -38.87 6.81
C ASN A 234 -22.66 -39.28 7.48
N ILE A 235 -22.85 -38.79 8.71
CA ILE A 235 -24.05 -39.16 9.47
C ILE A 235 -25.29 -38.67 8.73
N THR A 236 -26.24 -39.59 8.51
CA THR A 236 -27.50 -39.24 7.83
C THR A 236 -28.75 -39.60 8.60
N ARG A 237 -28.66 -40.35 9.70
CA ARG A 237 -29.82 -40.77 10.47
C ARG A 237 -29.42 -40.86 11.93
N PHE A 238 -30.41 -40.76 12.81
CA PHE A 238 -30.17 -41.02 14.22
C PHE A 238 -31.39 -41.64 14.88
N GLN A 239 -31.14 -42.60 15.77
CA GLN A 239 -32.18 -43.28 16.52
C GLN A 239 -32.06 -42.91 18.00
N THR A 240 -33.17 -42.49 18.61
CA THR A 240 -33.23 -42.46 20.05
C THR A 240 -33.49 -43.87 20.57
N LEU A 241 -32.93 -44.17 21.76
CA LEU A 241 -33.15 -45.45 22.41
C LEU A 241 -33.86 -45.24 23.74
N LEU A 242 -34.99 -45.92 23.91
CA LEU A 242 -35.82 -45.81 25.11
C LEU A 242 -35.85 -47.17 25.79
N ALA A 243 -35.80 -47.17 27.13
CA ALA A 243 -35.95 -48.40 27.87
C ALA A 243 -37.41 -48.86 27.85
N LEU A 244 -37.62 -50.13 27.54
CA LEU A 244 -38.94 -50.70 27.39
C LEU A 244 -39.23 -51.61 28.59
N HIS A 245 -40.38 -51.40 29.21
CA HIS A 245 -40.79 -52.24 30.35
C HIS A 245 -41.30 -53.59 29.87
N ALA A 263 -42.91 -41.46 26.10
CA ALA A 263 -42.35 -40.22 26.61
C ALA A 263 -41.95 -39.28 25.47
N ALA A 264 -42.02 -37.98 25.74
CA ALA A 264 -41.84 -36.98 24.70
C ALA A 264 -40.36 -36.66 24.51
N TYR A 265 -39.96 -36.55 23.24
CA TYR A 265 -38.65 -36.02 22.89
C TYR A 265 -38.79 -35.11 21.69
N TYR A 266 -38.09 -33.98 21.75
CA TYR A 266 -38.17 -32.94 20.72
C TYR A 266 -36.94 -33.00 19.82
N VAL A 267 -37.14 -32.93 18.50
CA VAL A 267 -36.04 -32.98 17.54
C VAL A 267 -36.10 -31.74 16.64
N GLY A 268 -34.98 -30.99 16.59
CA GLY A 268 -34.90 -29.81 15.76
C GLY A 268 -33.58 -29.77 15.00
N TYR A 269 -33.58 -29.02 13.89
CA TYR A 269 -32.51 -29.08 12.91
C TYR A 269 -31.74 -27.76 12.86
N LEU A 270 -30.43 -27.83 13.02
CA LEU A 270 -29.59 -26.63 12.97
C LEU A 270 -29.25 -26.24 11.54
N GLN A 271 -29.02 -24.95 11.32
CA GLN A 271 -28.60 -24.38 10.05
C GLN A 271 -27.55 -23.33 10.35
N PRO A 272 -26.67 -23.00 9.38
CA PRO A 272 -25.71 -21.91 9.63
C PRO A 272 -26.36 -20.54 9.59
N ARG A 273 -26.39 -19.85 10.74
CA ARG A 273 -26.91 -18.50 10.89
C ARG A 273 -26.14 -17.77 11.97
N THR A 274 -26.37 -16.47 12.06
CA THR A 274 -25.66 -15.58 12.97
C THR A 274 -26.57 -15.10 14.09
N PHE A 275 -26.12 -15.27 15.33
CA PHE A 275 -26.83 -14.78 16.51
C PHE A 275 -25.94 -13.78 17.23
N LEU A 276 -26.58 -12.82 17.89
CA LEU A 276 -25.90 -11.95 18.84
C LEU A 276 -26.12 -12.52 20.24
N LEU A 277 -25.01 -12.74 20.96
CA LEU A 277 -25.04 -13.41 22.26
C LEU A 277 -24.65 -12.43 23.36
N LYS A 278 -25.48 -12.38 24.41
CA LYS A 278 -25.23 -11.53 25.57
C LYS A 278 -24.61 -12.35 26.69
N TYR A 279 -23.35 -12.08 26.99
CA TYR A 279 -22.66 -12.69 28.12
C TYR A 279 -22.91 -11.84 29.36
N ASN A 280 -22.97 -12.50 30.52
CA ASN A 280 -23.07 -11.81 31.79
C ASN A 280 -21.62 -11.62 32.30
N GLU A 281 -21.44 -11.19 33.55
CA GLU A 281 -20.10 -11.10 34.14
C GLU A 281 -19.44 -12.47 34.25
N ASN A 282 -20.18 -13.47 34.72
CA ASN A 282 -19.61 -14.80 34.87
C ASN A 282 -19.53 -15.58 33.56
N GLY A 283 -20.00 -15.01 32.45
CA GLY A 283 -20.06 -15.71 31.18
C GLY A 283 -21.28 -16.57 30.96
N THR A 284 -22.21 -16.62 31.91
CA THR A 284 -23.49 -17.28 31.66
C THR A 284 -24.27 -16.52 30.58
N ILE A 285 -24.78 -17.25 29.59
CA ILE A 285 -25.44 -16.64 28.44
C ILE A 285 -26.89 -16.36 28.85
N THR A 286 -27.14 -15.12 29.27
CA THR A 286 -28.47 -14.73 29.71
C THR A 286 -29.47 -14.73 28.55
N ASP A 287 -29.08 -14.19 27.40
CA ASP A 287 -30.04 -14.00 26.30
C ASP A 287 -29.28 -13.93 24.98
N ALA A 288 -30.00 -14.28 23.91
CA ALA A 288 -29.47 -14.26 22.54
C ALA A 288 -30.58 -13.78 21.61
N VAL A 289 -30.19 -13.20 20.48
CA VAL A 289 -31.15 -12.66 19.52
C VAL A 289 -30.86 -13.21 18.13
N ASP A 290 -31.91 -13.69 17.44
CA ASP A 290 -31.77 -14.30 16.14
C ASP A 290 -31.78 -13.18 15.10
N CYS A 291 -30.66 -12.97 14.42
CA CYS A 291 -30.54 -11.82 13.50
C CYS A 291 -31.56 -11.84 12.36
N ALA A 292 -31.63 -12.94 11.61
CA ALA A 292 -32.43 -12.89 10.39
C ALA A 292 -33.93 -13.10 10.60
N LEU A 293 -34.37 -13.38 11.84
CA LEU A 293 -35.76 -13.72 12.08
C LEU A 293 -36.69 -12.55 11.76
N ASP A 294 -36.36 -11.35 12.26
CA ASP A 294 -37.34 -10.26 12.41
C ASP A 294 -36.53 -8.99 12.22
N PRO A 295 -37.04 -8.01 11.46
CA PRO A 295 -36.30 -6.74 11.26
C PRO A 295 -35.82 -6.01 12.50
N LEU A 296 -36.58 -6.01 13.59
CA LEU A 296 -36.03 -5.55 14.87
C LEU A 296 -34.80 -6.35 15.25
N SER A 297 -34.88 -7.68 15.14
CA SER A 297 -33.74 -8.48 15.56
C SER A 297 -32.53 -8.37 14.62
N GLU A 298 -32.72 -8.13 13.32
CA GLU A 298 -31.56 -7.83 12.47
C GLU A 298 -30.95 -6.51 12.90
N THR A 299 -31.81 -5.54 13.26
CA THR A 299 -31.34 -4.23 13.66
C THR A 299 -30.49 -4.36 14.92
N LYS A 300 -30.95 -5.16 15.87
CA LYS A 300 -30.24 -5.31 17.15
C LYS A 300 -28.83 -5.82 16.90
N CYS A 301 -28.69 -6.77 15.97
CA CYS A 301 -27.38 -7.30 15.59
C CYS A 301 -26.52 -6.23 14.93
N THR A 302 -27.11 -5.43 14.03
CA THR A 302 -26.32 -4.42 13.33
C THR A 302 -25.83 -3.35 14.30
N LEU A 303 -26.71 -2.87 15.18
CA LEU A 303 -26.31 -1.96 16.24
C LEU A 303 -25.38 -2.60 17.25
N LYS A 304 -25.31 -3.94 17.26
CA LYS A 304 -24.46 -4.75 18.14
C LYS A 304 -24.91 -4.60 19.60
N SER A 305 -26.15 -4.18 19.80
CA SER A 305 -26.70 -3.98 21.14
C SER A 305 -28.06 -4.65 21.23
N PHE A 306 -28.41 -5.07 22.45
CA PHE A 306 -29.71 -5.68 22.67
C PHE A 306 -30.82 -4.64 22.71
N THR A 307 -30.56 -3.49 23.30
CA THR A 307 -31.51 -2.39 23.28
C THR A 307 -31.21 -1.51 22.07
N VAL A 308 -32.26 -1.09 21.39
CA VAL A 308 -32.14 -0.33 20.15
C VAL A 308 -32.81 1.03 20.32
N GLU A 309 -32.05 2.09 20.03
CA GLU A 309 -32.59 3.42 20.15
C GLU A 309 -33.56 3.71 19.01
N LYS A 310 -34.32 4.79 19.16
CA LYS A 310 -35.28 5.19 18.15
C LYS A 310 -34.51 5.74 16.94
N GLY A 311 -34.97 5.41 15.74
CA GLY A 311 -34.34 5.94 14.55
C GLY A 311 -34.47 5.00 13.37
N ILE A 312 -33.69 5.28 12.33
CA ILE A 312 -33.66 4.50 11.10
C ILE A 312 -32.31 3.84 11.02
N TYR A 313 -32.28 2.54 10.79
CA TYR A 313 -31.00 1.87 10.76
C TYR A 313 -30.99 1.01 9.51
N GLN A 314 -29.88 1.06 8.76
CA GLN A 314 -29.67 0.11 7.70
C GLN A 314 -29.19 -1.21 8.28
N THR A 315 -29.70 -2.31 7.73
CA THR A 315 -29.26 -3.63 8.17
C THR A 315 -28.59 -4.42 7.06
N SER A 316 -29.26 -4.58 5.91
CA SER A 316 -28.80 -5.45 4.86
C SER A 316 -29.11 -4.78 3.53
N ASN A 317 -29.00 -5.57 2.47
CA ASN A 317 -29.25 -5.11 1.11
C ASN A 317 -30.34 -5.99 0.49
N PHE A 318 -31.25 -5.37 -0.24
CA PHE A 318 -32.26 -6.15 -0.93
C PHE A 318 -31.69 -6.65 -2.25
N ARG A 319 -32.22 -7.79 -2.70
CA ARG A 319 -31.77 -8.41 -3.95
C ARG A 319 -32.87 -9.37 -4.37
N VAL A 320 -33.39 -9.18 -5.58
CA VAL A 320 -34.32 -10.15 -6.15
C VAL A 320 -33.49 -11.34 -6.64
N GLN A 321 -33.78 -12.51 -6.10
CA GLN A 321 -33.00 -13.65 -6.59
C GLN A 321 -33.52 -14.11 -7.95
N PRO A 322 -32.62 -14.39 -8.89
CA PRO A 322 -33.04 -14.96 -10.18
C PRO A 322 -33.63 -16.35 -9.99
N THR A 323 -34.75 -16.61 -10.68
CA THR A 323 -35.44 -17.89 -10.52
C THR A 323 -35.08 -18.88 -11.62
N GLU A 324 -35.36 -18.55 -12.87
CA GLU A 324 -35.09 -19.44 -13.99
C GLU A 324 -33.76 -19.02 -14.62
N SER A 325 -33.19 -19.90 -15.44
CA SER A 325 -31.88 -19.69 -16.05
C SER A 325 -31.91 -19.88 -17.56
N ILE A 326 -31.33 -18.92 -18.30
CA ILE A 326 -31.30 -18.95 -19.76
C ILE A 326 -29.85 -19.11 -20.20
N VAL A 327 -29.60 -20.11 -21.04
CA VAL A 327 -28.25 -20.43 -21.50
C VAL A 327 -28.18 -20.24 -23.02
N ARG A 328 -28.72 -19.10 -23.48
CA ARG A 328 -29.06 -18.91 -24.88
C ARG A 328 -27.80 -18.75 -25.72
N PHE A 329 -27.64 -19.61 -26.71
CA PHE A 329 -26.52 -19.67 -27.64
C PHE A 329 -27.09 -19.66 -29.05
N PRO A 330 -26.30 -19.28 -30.06
CA PRO A 330 -26.79 -19.40 -31.43
C PRO A 330 -26.83 -20.85 -31.88
N ASN A 331 -27.64 -21.09 -32.92
CA ASN A 331 -27.79 -22.43 -33.48
C ASN A 331 -26.77 -22.69 -34.58
N ILE A 332 -25.90 -23.66 -34.33
CA ILE A 332 -24.88 -24.11 -35.26
C ILE A 332 -24.92 -25.63 -35.27
N THR A 333 -24.86 -26.23 -36.46
CA THR A 333 -25.00 -27.67 -36.59
C THR A 333 -23.70 -28.39 -36.90
N ASN A 334 -22.72 -27.70 -37.48
CA ASN A 334 -21.48 -28.35 -37.88
C ASN A 334 -20.68 -28.78 -36.66
N LEU A 335 -19.85 -29.80 -36.82
CA LEU A 335 -18.97 -30.22 -35.76
C LEU A 335 -17.57 -29.65 -36.03
N CYS A 336 -16.67 -29.83 -35.07
CA CYS A 336 -15.37 -29.19 -35.12
C CYS A 336 -14.30 -30.16 -35.57
N PRO A 337 -13.26 -29.68 -36.30
CA PRO A 337 -12.21 -30.57 -36.81
C PRO A 337 -11.12 -30.83 -35.77
N PHE A 338 -11.56 -31.17 -34.55
CA PHE A 338 -10.61 -31.51 -33.49
C PHE A 338 -9.82 -32.75 -33.84
N GLY A 339 -10.48 -33.81 -34.30
CA GLY A 339 -9.75 -35.00 -34.71
C GLY A 339 -8.81 -34.71 -35.86
N GLU A 340 -9.25 -33.86 -36.79
CA GLU A 340 -8.50 -33.41 -37.96
C GLU A 340 -7.26 -32.58 -37.61
N VAL A 341 -7.21 -31.94 -36.45
CA VAL A 341 -6.00 -31.16 -36.16
C VAL A 341 -5.24 -31.74 -34.97
N PHE A 342 -5.95 -32.31 -34.00
CA PHE A 342 -5.41 -32.81 -32.75
C PHE A 342 -5.06 -34.29 -32.86
N ASN A 343 -6.00 -35.09 -33.38
CA ASN A 343 -5.77 -36.50 -33.65
C ASN A 343 -5.33 -36.71 -35.09
N ALA A 344 -4.68 -35.69 -35.66
CA ALA A 344 -4.26 -35.68 -37.06
C ALA A 344 -3.18 -36.70 -37.38
N THR A 345 -3.21 -37.18 -38.62
CA THR A 345 -2.28 -38.22 -39.04
C THR A 345 -0.85 -37.68 -39.07
N ARG A 346 -0.68 -36.41 -39.44
CA ARG A 346 0.61 -35.78 -39.65
C ARG A 346 0.68 -34.50 -38.82
N PHE A 347 1.84 -34.27 -38.19
CA PHE A 347 2.13 -33.06 -37.44
C PHE A 347 3.24 -32.30 -38.15
N ALA A 348 3.15 -30.96 -38.13
CA ALA A 348 4.16 -30.12 -38.76
C ALA A 348 5.38 -29.94 -37.86
N SER A 349 6.49 -29.50 -38.47
CA SER A 349 7.72 -29.25 -37.73
C SER A 349 7.73 -27.88 -37.07
N VAL A 350 8.67 -27.72 -36.12
CA VAL A 350 8.85 -26.45 -35.43
C VAL A 350 9.31 -25.39 -36.43
N TYR A 351 10.06 -25.79 -37.47
CA TYR A 351 10.46 -24.88 -38.53
C TYR A 351 9.25 -24.23 -39.20
N ALA A 352 8.28 -25.05 -39.59
CA ALA A 352 7.06 -24.55 -40.22
C ALA A 352 5.89 -25.16 -39.47
N TRP A 353 5.55 -24.57 -38.32
CA TRP A 353 4.37 -24.98 -37.57
C TRP A 353 3.11 -24.48 -38.26
N ASN A 354 2.16 -25.39 -38.51
CA ASN A 354 0.96 -25.04 -39.23
C ASN A 354 -0.03 -24.32 -38.34
N ARG A 355 -0.73 -23.35 -38.92
CA ARG A 355 -1.74 -22.55 -38.24
C ARG A 355 -3.03 -22.79 -39.00
N LYS A 356 -4.06 -23.27 -38.29
CA LYS A 356 -5.29 -23.70 -38.94
C LYS A 356 -6.47 -22.90 -38.43
N ARG A 357 -7.27 -22.38 -39.36
CA ARG A 357 -8.51 -21.69 -39.04
C ARG A 357 -9.59 -22.66 -38.58
N ILE A 358 -10.26 -22.33 -37.47
CA ILE A 358 -11.42 -23.09 -36.99
C ILE A 358 -12.57 -22.12 -36.84
N SER A 359 -13.71 -22.46 -37.46
CA SER A 359 -14.86 -21.56 -37.47
C SER A 359 -16.15 -22.37 -37.59
N ASN A 360 -17.25 -21.72 -37.19
CA ASN A 360 -18.66 -22.10 -37.44
C ASN A 360 -18.97 -23.53 -37.01
N CYS A 361 -18.45 -23.92 -35.85
CA CYS A 361 -18.52 -25.30 -35.37
C CYS A 361 -18.72 -25.35 -33.87
N VAL A 362 -19.73 -26.11 -33.43
CA VAL A 362 -19.93 -26.35 -32.01
C VAL A 362 -18.86 -27.32 -31.52
N ALA A 363 -18.24 -27.01 -30.39
CA ALA A 363 -17.05 -27.71 -29.93
C ALA A 363 -17.32 -28.50 -28.66
N ASP A 364 -16.99 -29.80 -28.71
CA ASP A 364 -17.09 -30.68 -27.55
C ASP A 364 -15.74 -30.72 -26.84
N TYR A 365 -15.60 -29.93 -25.78
CA TYR A 365 -14.38 -29.89 -24.98
C TYR A 365 -14.33 -31.01 -23.94
N SER A 366 -15.48 -31.65 -23.69
CA SER A 366 -15.57 -32.77 -22.76
C SER A 366 -14.71 -33.96 -23.18
N VAL A 367 -14.80 -34.37 -24.44
CA VAL A 367 -14.00 -35.50 -24.94
C VAL A 367 -12.49 -35.20 -24.85
N LEU A 368 -12.12 -33.94 -25.09
CA LEU A 368 -10.74 -33.49 -24.88
C LEU A 368 -10.33 -33.54 -23.42
N TYR A 369 -11.21 -33.14 -22.50
CA TYR A 369 -10.77 -33.16 -21.11
C TYR A 369 -10.81 -34.57 -20.51
N ASN A 370 -11.89 -35.33 -20.74
CA ASN A 370 -12.02 -36.64 -20.10
C ASN A 370 -10.98 -37.62 -20.63
N SER A 371 -10.67 -37.54 -21.94
CA SER A 371 -9.68 -38.45 -22.53
C SER A 371 -8.34 -38.30 -21.80
N ALA A 372 -7.78 -39.44 -21.39
CA ALA A 372 -6.59 -39.46 -20.54
C ALA A 372 -5.30 -39.67 -21.30
N SER A 373 -5.34 -39.69 -22.64
CA SER A 373 -4.12 -39.88 -23.41
C SER A 373 -3.16 -38.69 -23.31
N PHE A 374 -3.63 -37.57 -22.76
CA PHE A 374 -2.92 -36.30 -22.82
C PHE A 374 -2.00 -36.22 -21.60
N SER A 375 -0.71 -36.01 -21.83
CA SER A 375 0.24 -36.03 -20.72
C SER A 375 0.20 -34.75 -19.90
N THR A 376 0.40 -33.61 -20.55
CA THR A 376 0.40 -32.31 -19.89
C THR A 376 -0.76 -31.49 -20.41
N PHE A 377 -1.55 -30.91 -19.51
CA PHE A 377 -2.74 -30.21 -19.95
C PHE A 377 -2.84 -28.88 -19.18
N LYS A 378 -1.70 -28.34 -18.79
CA LYS A 378 -1.67 -27.13 -17.98
C LYS A 378 -2.22 -25.96 -18.79
N CYS A 379 -3.17 -25.25 -18.19
CA CYS A 379 -3.87 -24.11 -18.76
C CYS A 379 -3.58 -22.79 -18.06
N TYR A 380 -3.59 -21.70 -18.84
CA TYR A 380 -3.28 -20.36 -18.36
C TYR A 380 -4.47 -19.41 -18.43
N GLY A 381 -5.12 -19.29 -19.58
CA GLY A 381 -6.19 -18.32 -19.73
C GLY A 381 -7.57 -18.80 -19.29
N VAL A 382 -7.74 -20.11 -19.12
CA VAL A 382 -9.03 -20.75 -18.89
C VAL A 382 -8.80 -21.90 -17.91
N SER A 383 -9.81 -22.20 -17.10
CA SER A 383 -9.71 -23.39 -16.26
C SER A 383 -9.71 -24.64 -17.14
N PRO A 384 -8.91 -25.66 -16.79
CA PRO A 384 -9.03 -26.94 -17.50
C PRO A 384 -10.39 -27.59 -17.34
N THR A 385 -10.92 -27.60 -16.10
CA THR A 385 -12.21 -28.23 -15.85
C THR A 385 -13.34 -27.44 -16.50
N LYS A 386 -13.30 -26.12 -16.41
CA LYS A 386 -14.37 -25.26 -16.89
C LYS A 386 -14.18 -24.84 -18.35
N LEU A 387 -13.24 -25.47 -19.06
CA LEU A 387 -13.08 -25.25 -20.50
C LEU A 387 -14.32 -25.60 -21.33
N ASN A 388 -15.35 -26.20 -20.71
CA ASN A 388 -16.54 -26.71 -21.39
C ASN A 388 -17.64 -25.66 -21.58
N ASP A 389 -18.08 -25.03 -20.49
CA ASP A 389 -19.26 -24.16 -20.54
C ASP A 389 -19.06 -22.93 -21.43
N LEU A 390 -17.90 -22.28 -21.35
CA LEU A 390 -17.75 -20.93 -21.86
C LEU A 390 -17.73 -20.93 -23.40
N CYS A 391 -17.98 -19.77 -24.00
CA CYS A 391 -17.91 -19.58 -25.43
C CYS A 391 -16.68 -18.78 -25.78
N PHE A 392 -16.09 -19.09 -26.94
CA PHE A 392 -14.90 -18.41 -27.41
C PHE A 392 -15.13 -17.97 -28.84
N THR A 393 -14.77 -16.72 -29.16
CA THR A 393 -15.03 -16.23 -30.51
C THR A 393 -14.23 -16.99 -31.57
N ASN A 394 -12.90 -17.13 -31.38
CA ASN A 394 -12.05 -17.75 -32.38
C ASN A 394 -10.98 -18.63 -31.73
N VAL A 395 -10.88 -19.87 -32.19
CA VAL A 395 -9.88 -20.83 -31.71
C VAL A 395 -8.90 -21.20 -32.82
N TYR A 396 -7.61 -20.95 -32.59
CA TYR A 396 -6.53 -21.35 -33.48
C TYR A 396 -5.72 -22.48 -32.87
N ALA A 397 -5.44 -23.51 -33.66
CA ALA A 397 -4.68 -24.67 -33.22
C ALA A 397 -3.30 -24.66 -33.84
N ASP A 398 -2.26 -24.75 -33.00
CA ASP A 398 -0.87 -24.77 -33.45
C ASP A 398 -0.28 -26.16 -33.26
N SER A 399 0.42 -26.66 -34.27
CA SER A 399 0.91 -28.04 -34.26
C SER A 399 2.41 -28.09 -34.48
N PHE A 400 3.10 -28.84 -33.61
CA PHE A 400 4.55 -29.10 -33.68
C PHE A 400 4.90 -30.19 -32.67
N VAL A 401 6.14 -30.66 -32.72
CA VAL A 401 6.59 -31.82 -31.95
C VAL A 401 7.84 -31.43 -31.18
N ILE A 402 7.86 -31.74 -29.88
CA ILE A 402 8.93 -31.31 -28.99
C ILE A 402 9.53 -32.45 -28.18
N ARG A 403 10.70 -32.17 -27.63
CA ARG A 403 11.51 -33.09 -26.83
C ARG A 403 10.91 -33.17 -25.42
N GLY A 404 11.69 -33.70 -24.48
CA GLY A 404 11.35 -33.73 -23.08
C GLY A 404 11.47 -32.41 -22.34
N ASP A 405 12.49 -31.60 -22.65
CA ASP A 405 12.67 -30.31 -21.99
C ASP A 405 11.60 -29.28 -22.40
N GLU A 406 11.21 -29.26 -23.68
CA GLU A 406 10.33 -28.19 -24.10
C GLU A 406 8.94 -28.22 -23.44
N VAL A 407 8.52 -29.34 -22.83
CA VAL A 407 7.17 -29.36 -22.24
C VAL A 407 7.03 -28.28 -21.17
N ARG A 408 8.07 -28.08 -20.36
CA ARG A 408 8.20 -26.93 -19.46
C ARG A 408 8.76 -25.69 -20.13
N GLN A 409 9.56 -25.83 -21.19
CA GLN A 409 10.13 -24.64 -21.85
C GLN A 409 9.07 -23.79 -22.57
N ILE A 410 8.07 -24.41 -23.18
CA ILE A 410 7.02 -23.71 -23.94
C ILE A 410 5.92 -23.17 -23.00
N ALA A 411 6.12 -21.94 -22.53
CA ALA A 411 5.28 -21.31 -21.53
C ALA A 411 5.55 -19.80 -21.60
N PRO A 412 4.59 -18.95 -21.20
CA PRO A 412 4.83 -17.50 -21.27
C PRO A 412 5.79 -16.99 -20.21
N GLY A 413 6.78 -16.24 -20.67
CA GLY A 413 7.81 -15.62 -19.87
C GLY A 413 9.02 -16.49 -19.66
N GLN A 414 8.99 -17.73 -20.13
CA GLN A 414 10.11 -18.63 -20.02
C GLN A 414 11.03 -18.37 -21.20
N THR A 415 12.33 -18.51 -20.99
CA THR A 415 13.32 -18.23 -22.03
C THR A 415 14.03 -19.52 -22.40
N GLY A 416 14.28 -19.72 -23.68
CA GLY A 416 15.01 -20.89 -24.10
C GLY A 416 15.44 -20.78 -25.54
N LYS A 417 16.22 -21.77 -25.98
CA LYS A 417 16.68 -21.85 -27.35
C LYS A 417 15.52 -21.87 -28.35
N ILE A 418 14.69 -22.91 -28.28
CA ILE A 418 13.53 -23.02 -29.15
C ILE A 418 12.43 -22.05 -28.76
N ALA A 419 12.28 -21.78 -27.45
CA ALA A 419 11.23 -20.89 -26.96
C ALA A 419 11.39 -19.47 -27.50
N ASP A 420 12.62 -18.98 -27.57
CA ASP A 420 12.83 -17.62 -28.03
C ASP A 420 13.15 -17.59 -29.52
N TYR A 421 14.05 -18.46 -29.98
CA TYR A 421 14.53 -18.41 -31.34
C TYR A 421 13.49 -18.93 -32.35
N ASN A 422 12.59 -19.82 -31.93
CA ASN A 422 11.70 -20.48 -32.87
C ASN A 422 10.25 -20.01 -32.77
N TYR A 423 9.64 -20.15 -31.60
CA TYR A 423 8.20 -19.96 -31.44
C TYR A 423 7.98 -19.35 -30.07
N LYS A 424 7.51 -18.11 -30.03
CA LYS A 424 7.42 -17.36 -28.79
C LYS A 424 5.97 -17.32 -28.36
N LEU A 425 5.73 -17.68 -27.12
CA LEU A 425 4.38 -17.61 -26.62
C LEU A 425 4.13 -16.24 -26.01
N PRO A 426 3.08 -15.53 -26.42
CA PRO A 426 2.78 -14.22 -25.84
C PRO A 426 2.56 -14.29 -24.33
N ASP A 427 3.07 -13.27 -23.62
CA ASP A 427 3.05 -13.31 -22.17
C ASP A 427 1.63 -13.27 -21.60
N ASP A 428 0.68 -12.70 -22.35
CA ASP A 428 -0.72 -12.68 -21.98
C ASP A 428 -1.56 -13.71 -22.73
N PHE A 429 -0.93 -14.79 -23.19
CA PHE A 429 -1.61 -15.86 -23.89
C PHE A 429 -2.73 -16.47 -23.07
N THR A 430 -3.90 -16.56 -23.68
CA THR A 430 -5.09 -17.11 -23.04
C THR A 430 -5.36 -18.45 -23.71
N GLY A 431 -5.05 -19.54 -23.02
CA GLY A 431 -5.28 -20.84 -23.61
C GLY A 431 -4.65 -21.95 -22.81
N CYS A 432 -4.65 -23.13 -23.43
CA CYS A 432 -4.15 -24.37 -22.84
C CYS A 432 -3.07 -24.96 -23.72
N VAL A 433 -1.96 -25.38 -23.12
CA VAL A 433 -0.92 -26.10 -23.84
C VAL A 433 -1.16 -27.58 -23.62
N ILE A 434 -1.23 -28.34 -24.72
CA ILE A 434 -1.60 -29.74 -24.71
C ILE A 434 -0.47 -30.55 -25.31
N ALA A 435 -0.03 -31.59 -24.62
CA ALA A 435 1.04 -32.45 -25.12
C ALA A 435 0.73 -33.90 -24.76
N TRP A 436 1.24 -34.81 -25.57
CA TRP A 436 0.99 -36.23 -25.38
C TRP A 436 2.11 -37.05 -26.03
N ASN A 437 2.09 -38.36 -25.77
CA ASN A 437 3.15 -39.27 -26.21
C ASN A 437 3.26 -39.39 -27.73
N SER A 438 4.51 -39.52 -28.21
CA SER A 438 4.74 -39.67 -29.63
C SER A 438 5.65 -40.86 -29.97
N ASN A 439 5.90 -41.75 -29.03
CA ASN A 439 6.72 -42.92 -29.34
C ASN A 439 6.01 -43.86 -30.30
N ASN A 440 4.68 -43.99 -30.15
CA ASN A 440 3.93 -44.96 -30.96
C ASN A 440 3.94 -44.57 -32.43
N LEU A 441 3.79 -43.27 -32.74
CA LEU A 441 3.76 -42.85 -34.14
C LEU A 441 5.14 -42.50 -34.67
N ASP A 442 5.93 -41.74 -33.92
CA ASP A 442 7.23 -41.29 -34.40
C ASP A 442 8.34 -42.15 -33.80
N SER A 443 9.58 -41.75 -34.06
CA SER A 443 10.80 -42.40 -33.54
C SER A 443 10.84 -43.87 -33.97
N LYS A 444 10.82 -44.07 -35.28
CA LYS A 444 10.90 -45.41 -35.84
C LYS A 444 12.31 -45.75 -36.28
N GLY A 447 15.70 -44.94 -39.12
CA GLY A 447 15.64 -43.78 -38.23
C GLY A 447 14.77 -42.66 -38.78
N ASN A 448 13.86 -42.17 -37.95
CA ASN A 448 12.96 -41.09 -38.36
C ASN A 448 13.70 -39.77 -38.19
N TYR A 449 14.12 -39.18 -39.30
CA TYR A 449 14.91 -37.95 -39.31
C TYR A 449 14.10 -36.73 -39.74
N ASN A 450 12.77 -36.86 -39.76
CA ASN A 450 11.93 -35.87 -40.43
C ASN A 450 11.94 -34.48 -39.79
N TYR A 451 12.08 -34.38 -38.46
CA TYR A 451 11.83 -33.08 -37.87
C TYR A 451 13.04 -32.14 -37.84
N LEU A 452 12.76 -30.83 -37.91
CA LEU A 452 13.74 -29.75 -38.07
C LEU A 452 13.35 -28.60 -37.13
N TYR A 453 14.34 -27.88 -36.57
CA TYR A 453 13.97 -26.85 -35.58
C TYR A 453 14.60 -25.46 -35.70
N ARG A 454 15.67 -25.23 -36.48
CA ARG A 454 16.16 -23.88 -36.84
C ARG A 454 16.55 -23.05 -35.59
N LEU A 455 17.82 -23.11 -35.22
CA LEU A 455 18.24 -22.47 -33.93
C LEU A 455 18.64 -20.99 -34.00
N PHE A 456 19.92 -20.68 -34.21
CA PHE A 456 20.47 -19.29 -34.07
C PHE A 456 19.97 -18.18 -35.01
N ARG A 457 19.41 -18.47 -36.17
CA ARG A 457 19.11 -17.36 -37.14
C ARG A 457 18.14 -16.30 -36.61
N LYS A 458 17.02 -16.68 -35.98
CA LYS A 458 16.03 -15.64 -35.59
C LYS A 458 16.28 -15.12 -34.17
N SER A 459 17.20 -14.15 -34.01
CA SER A 459 17.56 -13.67 -32.66
C SER A 459 16.34 -13.08 -31.96
N ASN A 460 15.54 -12.28 -32.68
CA ASN A 460 14.30 -11.71 -32.10
C ASN A 460 13.12 -12.01 -33.02
N LEU A 461 12.01 -12.49 -32.46
CA LEU A 461 10.78 -12.77 -33.26
C LEU A 461 9.57 -12.24 -32.51
N LYS A 462 8.73 -11.44 -33.16
CA LYS A 462 7.51 -11.01 -32.50
C LYS A 462 6.61 -12.23 -32.31
N PRO A 463 5.66 -12.19 -31.37
CA PRO A 463 4.83 -13.37 -31.11
C PRO A 463 4.03 -13.83 -32.33
N PHE A 464 3.86 -15.16 -32.41
CA PHE A 464 3.06 -15.82 -33.45
C PHE A 464 3.56 -15.50 -34.86
N GLU A 465 4.88 -15.50 -35.05
CA GLU A 465 5.48 -15.20 -36.34
C GLU A 465 6.25 -16.40 -36.86
N ARG A 466 6.13 -16.65 -38.16
CA ARG A 466 6.80 -17.75 -38.83
C ARG A 466 7.95 -17.22 -39.67
N ASP A 467 9.09 -17.89 -39.59
CA ASP A 467 10.27 -17.57 -40.39
C ASP A 467 10.53 -18.71 -41.37
N ILE A 468 10.05 -18.56 -42.61
CA ILE A 468 10.22 -19.62 -43.61
C ILE A 468 11.44 -19.36 -44.49
N SER A 469 12.11 -18.22 -44.30
CA SER A 469 13.36 -17.93 -45.00
C SER A 469 14.47 -18.86 -44.51
N THR A 470 15.13 -19.55 -45.44
CA THR A 470 16.25 -20.40 -45.04
C THR A 470 17.40 -19.58 -44.45
N GLU A 471 17.83 -18.50 -45.12
CA GLU A 471 19.00 -17.68 -44.65
C GLU A 471 20.11 -18.60 -44.10
N ILE A 472 20.99 -19.10 -44.97
CA ILE A 472 22.01 -20.11 -44.54
C ILE A 472 22.99 -19.56 -43.48
N TYR A 473 23.46 -18.32 -43.61
CA TYR A 473 24.48 -17.79 -42.67
C TYR A 473 23.84 -16.86 -41.64
N GLN A 474 24.46 -15.69 -41.39
CA GLN A 474 23.90 -14.64 -40.48
C GLN A 474 24.20 -14.90 -39.00
N ALA A 475 25.09 -15.83 -38.67
CA ALA A 475 25.47 -15.99 -37.23
C ALA A 475 26.16 -14.71 -36.74
N GLY A 476 27.05 -14.12 -37.55
CA GLY A 476 27.68 -12.83 -37.18
C GLY A 476 29.19 -12.82 -37.24
N SER A 477 29.78 -11.86 -37.96
CA SER A 477 31.26 -11.72 -38.16
C SER A 477 31.39 -10.80 -39.37
N THR A 478 32.58 -10.30 -39.71
CA THR A 478 32.57 -9.44 -40.88
C THR A 478 32.62 -10.25 -42.19
N PRO A 479 33.50 -11.25 -42.38
CA PRO A 479 33.46 -12.03 -43.64
C PRO A 479 32.12 -12.73 -43.84
N CYS A 480 31.93 -13.25 -45.05
CA CYS A 480 30.71 -14.00 -45.32
C CYS A 480 30.97 -14.92 -46.51
N ASN A 481 29.88 -15.47 -47.05
CA ASN A 481 29.72 -16.29 -48.25
C ASN A 481 30.20 -17.71 -48.00
N GLY A 482 30.94 -17.96 -46.91
CA GLY A 482 31.19 -19.28 -46.40
C GLY A 482 30.73 -19.33 -44.95
N VAL A 483 30.71 -20.52 -44.38
CA VAL A 483 30.41 -20.65 -42.95
C VAL A 483 31.62 -20.22 -42.11
N GLU A 484 32.79 -20.79 -42.41
CA GLU A 484 34.12 -20.55 -41.81
C GLU A 484 34.02 -21.01 -40.36
N GLY A 485 34.81 -20.43 -39.46
CA GLY A 485 34.80 -20.88 -38.08
C GLY A 485 34.37 -19.82 -37.09
N PHE A 486 33.29 -20.14 -36.36
CA PHE A 486 32.71 -19.19 -35.35
C PHE A 486 32.07 -18.00 -36.06
N ASN A 487 32.52 -17.72 -37.30
CA ASN A 487 31.99 -16.55 -38.05
C ASN A 487 30.50 -16.76 -38.33
N CYS A 488 30.11 -17.96 -38.76
CA CYS A 488 28.69 -18.24 -39.11
C CYS A 488 28.47 -19.75 -38.96
N TYR A 489 27.21 -20.21 -38.94
CA TYR A 489 26.91 -21.68 -38.96
C TYR A 489 25.46 -21.86 -39.44
N PHE A 490 25.09 -23.06 -39.87
CA PHE A 490 23.72 -23.25 -40.43
C PHE A 490 22.70 -23.33 -39.29
N PRO A 491 21.72 -22.41 -39.23
CA PRO A 491 20.67 -22.46 -38.20
C PRO A 491 19.76 -23.68 -38.30
N LEU A 492 19.41 -24.09 -39.51
CA LEU A 492 18.42 -25.19 -39.70
C LEU A 492 18.99 -26.56 -39.31
N GLN A 493 19.12 -26.85 -38.01
CA GLN A 493 19.52 -28.18 -37.59
C GLN A 493 18.26 -29.03 -37.45
N SER A 494 18.40 -30.34 -37.51
CA SER A 494 17.23 -31.20 -37.50
C SER A 494 17.32 -32.19 -36.35
N TYR A 495 16.17 -32.72 -35.94
CA TYR A 495 16.19 -33.71 -34.88
C TYR A 495 16.51 -35.07 -35.48
N GLY A 496 17.33 -35.85 -34.78
CA GLY A 496 17.50 -37.23 -35.17
C GLY A 496 16.81 -38.19 -34.23
N PHE A 497 15.70 -38.77 -34.65
CA PHE A 497 14.96 -39.72 -33.83
C PHE A 497 15.30 -41.12 -34.30
N GLN A 498 15.84 -41.92 -33.41
CA GLN A 498 16.28 -43.28 -33.68
C GLN A 498 15.41 -44.28 -32.92
N PRO A 499 15.22 -45.55 -33.36
CA PRO A 499 14.44 -46.50 -32.55
C PRO A 499 15.10 -46.69 -31.18
N THR A 500 16.29 -46.12 -30.99
CA THR A 500 17.05 -46.27 -29.72
C THR A 500 16.98 -44.99 -28.88
N ASN A 501 16.08 -44.06 -29.21
CA ASN A 501 16.07 -42.75 -28.51
C ASN A 501 15.82 -42.94 -27.00
N GLY A 502 16.59 -42.22 -26.19
CA GLY A 502 16.54 -42.25 -24.70
C GLY A 502 15.32 -41.47 -24.19
N VAL A 503 14.91 -41.71 -22.94
CA VAL A 503 13.71 -41.03 -22.35
C VAL A 503 13.95 -39.53 -22.27
N GLY A 504 15.17 -39.09 -21.95
CA GLY A 504 15.46 -37.65 -21.82
C GLY A 504 15.25 -36.93 -23.13
N TYR A 505 15.69 -37.53 -24.24
CA TYR A 505 15.55 -36.91 -25.57
C TYR A 505 14.33 -37.51 -26.26
N GLN A 506 13.57 -38.34 -25.53
CA GLN A 506 12.37 -38.95 -26.09
C GLN A 506 11.41 -37.89 -26.64
N PRO A 507 10.89 -38.07 -27.85
CA PRO A 507 10.01 -37.05 -28.44
C PRO A 507 8.60 -37.09 -27.86
N TYR A 508 7.96 -35.93 -27.87
CA TYR A 508 6.55 -35.82 -27.50
C TYR A 508 5.81 -34.98 -28.53
N ARG A 509 4.53 -35.28 -28.74
CA ARG A 509 3.68 -34.46 -29.59
C ARG A 509 2.96 -33.44 -28.74
N VAL A 510 2.96 -32.17 -29.19
CA VAL A 510 2.33 -31.07 -28.47
C VAL A 510 1.43 -30.29 -29.42
N VAL A 511 0.22 -29.99 -28.99
CA VAL A 511 -0.66 -29.12 -29.76
C VAL A 511 -1.08 -27.95 -28.89
N VAL A 512 -0.88 -26.74 -29.38
CA VAL A 512 -1.26 -25.56 -28.62
C VAL A 512 -2.47 -24.94 -29.29
N LEU A 513 -3.58 -24.85 -28.56
CA LEU A 513 -4.78 -24.22 -29.07
C LEU A 513 -4.69 -22.78 -28.58
N SER A 514 -4.72 -21.83 -29.50
CA SER A 514 -4.67 -20.41 -29.16
C SER A 514 -6.06 -19.82 -29.18
N PHE A 515 -6.55 -19.40 -28.00
CA PHE A 515 -7.85 -18.78 -27.89
C PHE A 515 -7.59 -17.28 -27.91
N GLU A 516 -8.21 -16.57 -28.82
CA GLU A 516 -8.14 -15.12 -28.83
C GLU A 516 -9.45 -14.62 -28.23
N LEU A 517 -9.38 -14.08 -27.00
CA LEU A 517 -10.57 -13.58 -26.32
C LEU A 517 -10.87 -12.13 -26.67
N LEU A 518 -11.98 -11.92 -27.40
CA LEU A 518 -12.42 -10.61 -27.89
C LEU A 518 -13.94 -10.63 -27.96
N HIS A 519 -14.51 -9.48 -28.31
CA HIS A 519 -15.94 -9.34 -28.56
C HIS A 519 -16.19 -9.28 -30.06
N ALA A 520 -16.82 -10.32 -30.59
CA ALA A 520 -17.08 -10.56 -32.01
C ALA A 520 -18.00 -11.77 -32.11
N PRO A 521 -18.63 -12.06 -33.29
CA PRO A 521 -19.43 -13.29 -33.42
C PRO A 521 -18.70 -14.59 -33.11
N ALA A 522 -19.23 -15.33 -32.14
CA ALA A 522 -18.55 -16.50 -31.59
C ALA A 522 -18.75 -17.69 -32.53
N THR A 523 -17.66 -18.15 -33.14
CA THR A 523 -17.75 -19.30 -34.02
C THR A 523 -17.93 -20.60 -33.25
N VAL A 524 -17.18 -20.79 -32.17
CA VAL A 524 -17.18 -22.04 -31.40
C VAL A 524 -17.85 -21.84 -30.05
N CYS A 525 -18.71 -22.79 -29.69
CA CYS A 525 -19.30 -22.89 -28.36
C CYS A 525 -19.52 -24.36 -28.04
N GLY A 526 -19.94 -24.61 -26.80
CA GLY A 526 -20.05 -25.95 -26.29
C GLY A 526 -21.40 -26.57 -26.53
N PRO A 527 -21.52 -27.88 -26.25
CA PRO A 527 -22.74 -28.66 -26.54
C PRO A 527 -23.80 -28.53 -25.46
N LYS A 528 -24.45 -27.36 -25.40
CA LYS A 528 -25.58 -27.13 -24.52
C LYS A 528 -26.72 -26.58 -25.36
N LYS A 529 -27.84 -27.29 -25.39
CA LYS A 529 -29.08 -26.73 -25.90
C LYS A 529 -29.56 -25.59 -25.01
N SER A 530 -30.45 -24.76 -25.56
CA SER A 530 -30.77 -23.48 -24.97
C SER A 530 -32.28 -23.32 -24.88
N THR A 531 -32.74 -22.68 -23.82
CA THR A 531 -34.15 -22.38 -23.63
C THR A 531 -34.56 -21.19 -24.50
N ASN A 532 -35.88 -21.01 -24.62
CA ASN A 532 -36.42 -19.90 -25.40
C ASN A 532 -36.31 -18.60 -24.58
N LEU A 533 -36.93 -17.53 -25.06
CA LEU A 533 -36.77 -16.23 -24.45
C LEU A 533 -37.91 -15.96 -23.49
N VAL A 534 -37.57 -15.47 -22.29
CA VAL A 534 -38.55 -15.02 -21.30
C VAL A 534 -38.22 -13.59 -20.90
N LYS A 535 -39.22 -12.71 -20.92
CA LYS A 535 -39.00 -11.28 -20.78
C LYS A 535 -39.70 -10.77 -19.53
N ASN A 536 -39.27 -9.59 -19.07
CA ASN A 536 -39.87 -8.87 -17.94
C ASN A 536 -39.84 -9.69 -16.65
N LYS A 537 -38.72 -10.41 -16.45
CA LYS A 537 -38.59 -11.26 -15.28
C LYS A 537 -37.13 -11.29 -14.85
N CYS A 538 -36.90 -11.29 -13.54
CA CYS A 538 -35.55 -11.24 -12.98
C CYS A 538 -34.89 -12.59 -13.21
N VAL A 539 -34.09 -12.68 -14.28
CA VAL A 539 -33.57 -13.96 -14.74
C VAL A 539 -32.06 -13.89 -14.84
N ASN A 540 -31.40 -14.93 -14.37
CA ASN A 540 -29.96 -15.09 -14.57
C ASN A 540 -29.75 -15.44 -16.03
N PHE A 541 -28.92 -14.66 -16.73
CA PHE A 541 -28.81 -14.80 -18.17
C PHE A 541 -27.36 -14.93 -18.59
N ASN A 542 -27.13 -15.72 -19.64
CA ASN A 542 -25.80 -15.81 -20.24
C ASN A 542 -25.99 -15.88 -21.75
N PHE A 543 -25.76 -14.77 -22.44
CA PHE A 543 -26.07 -14.64 -23.87
C PHE A 543 -24.76 -14.62 -24.62
N ASN A 544 -24.59 -15.55 -25.55
CA ASN A 544 -23.33 -15.74 -26.31
C ASN A 544 -22.12 -15.85 -25.37
N GLY A 545 -22.34 -16.31 -24.15
CA GLY A 545 -21.34 -16.29 -23.09
C GLY A 545 -21.02 -14.95 -22.44
N LEU A 546 -21.92 -13.97 -22.49
CA LEU A 546 -21.68 -12.71 -21.80
C LEU A 546 -21.73 -12.89 -20.28
N THR A 547 -22.84 -13.49 -19.78
CA THR A 547 -23.15 -13.86 -18.39
C THR A 547 -23.67 -12.60 -17.68
N GLY A 548 -24.18 -12.73 -16.45
CA GLY A 548 -24.72 -11.64 -15.67
C GLY A 548 -26.15 -11.89 -15.25
N THR A 549 -26.71 -10.92 -14.52
CA THR A 549 -28.09 -10.95 -14.06
C THR A 549 -28.82 -9.69 -14.49
N GLY A 550 -30.01 -9.85 -15.07
CA GLY A 550 -30.76 -8.68 -15.47
C GLY A 550 -32.19 -9.02 -15.86
N VAL A 551 -32.91 -7.97 -16.26
CA VAL A 551 -34.29 -8.05 -16.72
C VAL A 551 -34.31 -7.83 -18.23
N LEU A 552 -34.68 -8.88 -18.97
CA LEU A 552 -34.73 -8.82 -20.43
C LEU A 552 -36.00 -8.12 -20.92
N THR A 553 -35.81 -7.01 -21.63
CA THR A 553 -36.92 -6.27 -22.21
C THR A 553 -36.58 -5.89 -23.65
N GLU A 554 -37.62 -5.70 -24.45
CA GLU A 554 -37.45 -5.24 -25.82
C GLU A 554 -36.90 -3.83 -25.82
N SER A 555 -35.98 -3.55 -26.75
CA SER A 555 -35.32 -2.25 -26.84
C SER A 555 -35.72 -1.54 -28.13
N ASN A 556 -36.17 -0.30 -27.99
CA ASN A 556 -36.51 0.51 -29.15
C ASN A 556 -35.27 0.98 -29.89
N LYS A 557 -34.11 0.97 -29.24
CA LYS A 557 -32.87 1.42 -29.87
C LYS A 557 -32.53 0.55 -31.07
N LYS A 558 -32.08 1.17 -32.14
CA LYS A 558 -31.85 0.49 -33.40
C LYS A 558 -30.35 0.31 -33.61
N PHE A 559 -29.91 -0.93 -33.60
CA PHE A 559 -28.53 -1.23 -33.97
C PHE A 559 -28.30 -0.89 -35.44
N LEU A 560 -27.07 -0.54 -35.76
CA LEU A 560 -26.66 -0.68 -37.15
C LEU A 560 -26.48 -2.16 -37.42
N PRO A 561 -26.71 -2.64 -38.66
CA PRO A 561 -26.79 -4.09 -38.90
C PRO A 561 -25.59 -4.90 -38.44
N PHE A 562 -24.39 -4.33 -38.52
CA PHE A 562 -23.17 -5.06 -38.17
C PHE A 562 -22.99 -5.22 -36.67
N GLN A 563 -23.36 -4.20 -35.88
CA GLN A 563 -23.13 -4.18 -34.43
C GLN A 563 -23.79 -5.35 -33.72
N GLN A 564 -23.17 -5.82 -32.63
CA GLN A 564 -23.68 -6.97 -31.91
C GLN A 564 -23.99 -6.67 -30.43
N PHE A 565 -23.07 -6.05 -29.70
CA PHE A 565 -23.23 -5.82 -28.26
C PHE A 565 -23.32 -4.33 -27.95
N GLY A 566 -24.34 -3.92 -27.20
CA GLY A 566 -24.39 -2.56 -26.71
C GLY A 566 -23.48 -2.37 -25.51
N ARG A 567 -23.33 -1.12 -25.08
CA ARG A 567 -22.59 -0.83 -23.85
C ARG A 567 -23.01 0.53 -23.29
N ASP A 568 -22.55 0.80 -22.07
CA ASP A 568 -22.91 1.96 -21.25
C ASP A 568 -21.77 2.96 -21.20
N ILE A 569 -22.03 4.07 -20.50
CA ILE A 569 -20.99 5.04 -20.20
C ILE A 569 -19.89 4.42 -19.33
N ALA A 570 -20.24 3.47 -18.46
CA ALA A 570 -19.28 2.79 -17.61
C ALA A 570 -18.67 1.55 -18.27
N ASP A 571 -18.93 1.35 -19.56
CA ASP A 571 -18.44 0.21 -20.34
C ASP A 571 -18.89 -1.12 -19.74
N THR A 572 -20.19 -1.22 -19.48
CA THR A 572 -20.83 -2.47 -19.14
C THR A 572 -21.98 -2.75 -20.11
N THR A 573 -22.19 -4.05 -20.38
CA THR A 573 -23.18 -4.53 -21.33
C THR A 573 -24.60 -4.14 -20.95
N ASP A 574 -25.29 -3.46 -21.88
CA ASP A 574 -26.69 -3.09 -21.69
C ASP A 574 -27.60 -3.50 -22.83
N ALA A 575 -27.08 -3.69 -24.03
CA ALA A 575 -27.89 -4.12 -25.16
C ALA A 575 -27.21 -5.30 -25.83
N VAL A 576 -28.01 -6.31 -26.17
CA VAL A 576 -27.50 -7.52 -26.78
C VAL A 576 -28.41 -7.82 -27.96
N ARG A 577 -27.86 -8.46 -28.99
CA ARG A 577 -28.65 -8.98 -30.09
C ARG A 577 -28.84 -10.46 -29.85
N ASP A 578 -30.10 -10.91 -29.89
CA ASP A 578 -30.42 -12.30 -29.65
C ASP A 578 -29.75 -13.10 -30.77
N PRO A 579 -28.90 -14.09 -30.46
CA PRO A 579 -28.18 -14.80 -31.53
C PRO A 579 -29.04 -15.57 -32.51
N GLN A 580 -29.94 -16.43 -32.03
CA GLN A 580 -30.66 -17.33 -32.92
C GLN A 580 -31.64 -16.58 -33.81
N THR A 581 -32.47 -15.72 -33.22
CA THR A 581 -33.41 -14.89 -33.94
C THR A 581 -33.08 -13.41 -33.71
N LEU A 582 -33.10 -12.63 -34.80
CA LEU A 582 -32.54 -11.27 -34.84
C LEU A 582 -33.45 -10.21 -34.17
N GLU A 583 -33.48 -10.25 -32.84
CA GLU A 583 -34.16 -9.26 -32.03
C GLU A 583 -33.17 -8.59 -31.09
N ILE A 584 -33.34 -7.30 -30.86
CA ILE A 584 -32.44 -6.49 -30.06
C ILE A 584 -32.98 -6.45 -28.63
N LEU A 585 -32.18 -6.92 -27.68
CA LEU A 585 -32.59 -7.05 -26.28
C LEU A 585 -31.83 -6.05 -25.41
N ASP A 586 -32.57 -5.33 -24.58
CA ASP A 586 -32.02 -4.41 -23.59
C ASP A 586 -31.80 -5.13 -22.27
N ILE A 587 -30.66 -4.85 -21.64
CA ILE A 587 -30.33 -5.43 -20.34
C ILE A 587 -30.62 -4.36 -19.30
N THR A 588 -31.63 -4.61 -18.46
CA THR A 588 -31.87 -3.80 -17.29
C THR A 588 -31.53 -4.63 -16.07
N PRO A 589 -30.59 -4.20 -15.23
CA PRO A 589 -30.22 -4.98 -14.04
C PRO A 589 -31.40 -5.22 -13.12
N CYS A 590 -31.42 -6.41 -12.51
CA CYS A 590 -32.46 -6.83 -11.59
C CYS A 590 -32.63 -5.83 -10.47
N SER A 591 -33.87 -5.69 -9.99
CA SER A 591 -34.20 -4.62 -9.06
C SER A 591 -33.46 -4.82 -7.74
N PHE A 592 -33.21 -3.72 -7.05
CA PHE A 592 -32.43 -3.74 -5.82
C PHE A 592 -32.63 -2.43 -5.08
N GLY A 593 -32.14 -2.41 -3.85
CA GLY A 593 -32.20 -1.22 -3.05
C GLY A 593 -31.77 -1.50 -1.64
N GLY A 594 -31.59 -0.43 -0.89
CA GLY A 594 -31.19 -0.54 0.49
C GLY A 594 -32.31 -1.05 1.35
N VAL A 595 -31.96 -1.56 2.53
CA VAL A 595 -32.97 -2.01 3.47
C VAL A 595 -32.82 -1.16 4.72
N SER A 596 -33.85 -0.38 5.01
CA SER A 596 -33.90 0.46 6.18
C SER A 596 -35.16 0.11 6.97
N VAL A 597 -35.04 0.07 8.29
CA VAL A 597 -36.17 -0.23 9.14
C VAL A 597 -36.64 1.05 9.84
N ILE A 598 -37.95 1.12 10.09
CA ILE A 598 -38.50 2.25 10.88
C ILE A 598 -38.93 1.63 12.22
N THR A 599 -38.15 1.79 13.29
CA THR A 599 -38.47 1.07 14.55
C THR A 599 -38.66 2.02 15.73
N PRO A 600 -39.74 1.88 16.53
CA PRO A 600 -39.92 2.68 17.75
C PRO A 600 -39.19 2.00 18.92
N GLY A 601 -39.32 2.53 20.13
CA GLY A 601 -38.60 1.98 21.31
C GLY A 601 -39.03 0.56 21.64
N THR A 602 -38.07 -0.31 21.98
CA THR A 602 -38.38 -1.73 22.26
C THR A 602 -39.30 -1.86 23.46
N ASN A 603 -39.10 -1.04 24.49
CA ASN A 603 -39.94 -1.08 25.71
C ASN A 603 -41.38 -0.70 25.37
N THR A 604 -41.59 0.33 24.54
CA THR A 604 -42.96 0.81 24.23
C THR A 604 -43.73 -0.27 23.49
N SER A 605 -43.03 -1.20 22.84
CA SER A 605 -43.62 -2.23 21.99
C SER A 605 -42.53 -2.85 21.11
N ASN A 606 -42.91 -3.91 20.41
CA ASN A 606 -42.04 -4.60 19.47
C ASN A 606 -42.46 -4.42 18.01
N GLN A 607 -43.53 -3.68 17.72
CA GLN A 607 -43.98 -3.57 16.34
C GLN A 607 -43.01 -2.73 15.51
N VAL A 608 -42.82 -3.14 14.26
CA VAL A 608 -41.80 -2.58 13.38
C VAL A 608 -42.37 -2.48 11.97
N ALA A 609 -42.02 -1.42 11.25
CA ALA A 609 -42.41 -1.25 9.85
C ALA A 609 -41.15 -1.09 9.00
N VAL A 610 -41.13 -1.78 7.87
CA VAL A 610 -39.92 -1.96 7.08
C VAL A 610 -39.96 -1.08 5.84
N LEU A 611 -38.82 -0.46 5.51
CA LEU A 611 -38.68 0.34 4.30
C LEU A 611 -37.76 -0.37 3.31
N TYR A 612 -38.32 -0.79 2.18
CA TYR A 612 -37.53 -1.28 1.07
C TYR A 612 -37.17 -0.07 0.21
N GLN A 613 -35.89 0.24 0.13
CA GLN A 613 -35.48 1.49 -0.51
C GLN A 613 -35.49 1.36 -2.03
N ASP A 614 -36.06 2.39 -2.66
CA ASP A 614 -35.96 2.66 -4.09
C ASP A 614 -36.45 1.50 -4.95
N VAL A 615 -37.54 0.86 -4.53
CA VAL A 615 -38.20 -0.16 -5.35
C VAL A 615 -39.68 0.19 -5.37
N ASN A 616 -40.31 0.00 -6.53
CA ASN A 616 -41.72 0.32 -6.66
C ASN A 616 -42.50 -0.86 -6.07
N CYS A 617 -43.72 -0.61 -5.59
CA CYS A 617 -44.45 -1.61 -4.82
C CYS A 617 -45.13 -2.75 -5.59
N THR A 618 -44.36 -3.44 -6.43
CA THR A 618 -44.79 -4.64 -7.14
C THR A 618 -43.80 -5.79 -7.03
N GLU A 619 -42.50 -5.52 -6.97
CA GLU A 619 -41.51 -6.59 -6.92
C GLU A 619 -41.62 -7.38 -5.61
N VAL A 620 -41.92 -6.67 -4.51
CA VAL A 620 -41.95 -7.21 -3.14
C VAL A 620 -42.78 -8.49 -3.01
N ASN A 641 -51.74 -2.60 3.95
CA ASN A 641 -51.05 -1.52 4.64
C ASN A 641 -49.69 -1.22 3.99
N VAL A 642 -49.59 -1.41 2.69
CA VAL A 642 -48.40 -1.09 1.92
C VAL A 642 -48.61 0.28 1.29
N PHE A 643 -47.70 1.21 1.58
CA PHE A 643 -47.80 2.58 1.11
C PHE A 643 -46.62 2.92 0.22
N GLN A 644 -46.91 3.50 -0.94
CA GLN A 644 -45.90 3.85 -1.93
C GLN A 644 -45.55 5.33 -1.82
N THR A 645 -44.29 5.61 -1.48
CA THR A 645 -43.77 6.97 -1.43
C THR A 645 -42.56 7.06 -2.36
N ARG A 646 -42.17 8.30 -2.67
CA ARG A 646 -41.07 8.54 -3.62
C ARG A 646 -39.74 7.97 -3.11
N ALA A 647 -39.58 7.83 -1.79
CA ALA A 647 -38.40 7.16 -1.24
C ALA A 647 -38.35 5.70 -1.65
N GLY A 648 -39.49 5.02 -1.59
CA GLY A 648 -39.54 3.62 -1.96
C GLY A 648 -40.79 2.98 -1.38
N CYS A 649 -40.90 1.68 -1.61
CA CYS A 649 -42.03 0.93 -1.06
C CYS A 649 -41.92 0.82 0.46
N LEU A 650 -43.02 1.06 1.15
CA LEU A 650 -43.05 1.01 2.61
C LEU A 650 -44.11 0.01 3.05
N ILE A 651 -43.70 -0.95 3.88
CA ILE A 651 -44.55 -2.06 4.31
C ILE A 651 -44.72 -2.01 5.82
N GLY A 652 -45.94 -2.26 6.28
CA GLY A 652 -46.22 -2.33 7.70
C GLY A 652 -46.55 -1.01 8.35
N ALA A 653 -46.84 0.02 7.56
CA ALA A 653 -47.17 1.34 8.09
C ALA A 653 -48.49 1.82 7.51
N GLU A 654 -49.21 2.59 8.32
CA GLU A 654 -50.52 3.12 7.95
C GLU A 654 -50.40 4.58 7.59
N HIS A 655 -50.94 4.94 6.43
CA HIS A 655 -50.91 6.32 5.97
C HIS A 655 -51.96 7.13 6.70
N VAL A 656 -51.57 8.33 7.13
CA VAL A 656 -52.51 9.28 7.71
C VAL A 656 -52.23 10.66 7.12
N ASN A 657 -53.31 11.34 6.78
CA ASN A 657 -53.29 12.70 6.26
C ASN A 657 -53.14 13.78 7.33
N ASN A 658 -53.48 13.48 8.58
CA ASN A 658 -53.16 14.38 9.67
C ASN A 658 -51.65 14.54 9.78
N SER A 659 -51.19 15.73 10.12
CA SER A 659 -49.76 15.99 10.15
C SER A 659 -49.28 16.37 11.55
N TYR A 660 -48.04 15.96 11.86
CA TYR A 660 -47.40 16.22 13.14
C TYR A 660 -45.95 16.58 12.89
N GLU A 661 -45.24 16.95 13.97
CA GLU A 661 -43.82 17.26 13.84
C GLU A 661 -43.04 15.98 13.59
N CYS A 662 -42.00 16.07 12.76
CA CYS A 662 -41.23 14.92 12.35
C CYS A 662 -40.55 14.23 13.52
N ASP A 663 -40.63 12.91 13.56
CA ASP A 663 -40.05 12.12 14.63
C ASP A 663 -39.06 11.11 14.07
N ILE A 664 -39.49 10.32 13.08
CA ILE A 664 -38.62 9.43 12.32
C ILE A 664 -38.72 9.73 10.83
N PRO A 665 -37.64 10.24 10.22
CA PRO A 665 -37.71 10.69 8.82
C PRO A 665 -37.44 9.58 7.81
N ILE A 666 -38.34 9.40 6.84
CA ILE A 666 -38.13 8.42 5.77
C ILE A 666 -37.59 9.06 4.50
N GLY A 667 -37.80 10.35 4.30
CA GLY A 667 -37.34 10.99 3.10
C GLY A 667 -38.49 11.28 2.15
N ALA A 668 -38.24 12.21 1.22
CA ALA A 668 -39.24 12.75 0.31
C ALA A 668 -40.43 13.34 1.07
N GLY A 669 -40.14 13.93 2.23
CA GLY A 669 -41.13 14.62 3.03
C GLY A 669 -41.95 13.75 3.94
N ILE A 670 -41.67 12.46 4.04
CA ILE A 670 -42.47 11.53 4.84
C ILE A 670 -41.74 11.21 6.14
N CYS A 671 -42.38 11.48 7.26
CA CYS A 671 -41.86 11.23 8.60
C CYS A 671 -42.82 10.32 9.37
N ALA A 672 -42.23 9.47 10.22
CA ALA A 672 -42.96 8.47 10.97
C ALA A 672 -42.87 8.74 12.46
N SER A 673 -43.91 8.35 13.19
CA SER A 673 -44.00 8.58 14.62
C SER A 673 -44.98 7.57 15.19
N TYR A 674 -44.93 7.39 16.50
CA TYR A 674 -45.69 6.34 17.18
C TYR A 674 -46.87 6.96 17.91
N GLN A 675 -48.08 6.76 17.38
CA GLN A 675 -49.31 7.37 17.87
C GLN A 675 -50.49 6.48 17.47
N THR A 676 -51.63 6.75 18.09
CA THR A 676 -52.89 6.08 17.76
C THR A 676 -53.26 6.24 16.29
N SER A 689 -53.53 0.50 21.16
CA SER A 689 -54.09 1.53 20.30
C SER A 689 -53.01 2.23 19.49
N GLN A 690 -51.76 2.01 19.88
CA GLN A 690 -50.61 2.64 19.25
C GLN A 690 -50.13 1.81 18.08
N SER A 691 -49.59 2.49 17.07
CA SER A 691 -49.02 1.83 15.90
C SER A 691 -48.04 2.79 15.22
N ILE A 692 -47.53 2.38 14.07
CA ILE A 692 -46.59 3.18 13.28
C ILE A 692 -47.34 3.83 12.14
N ILE A 693 -47.26 5.15 12.04
CA ILE A 693 -47.99 5.91 11.04
C ILE A 693 -46.99 6.66 10.17
N ALA A 694 -47.30 6.73 8.88
CA ALA A 694 -46.52 7.49 7.91
C ALA A 694 -47.37 8.61 7.32
N TYR A 695 -46.87 9.83 7.39
CA TYR A 695 -47.65 11.02 7.06
C TYR A 695 -46.74 12.02 6.37
N THR A 696 -47.33 12.90 5.56
CA THR A 696 -46.53 14.00 5.03
C THR A 696 -46.14 14.89 6.20
N MET A 697 -44.85 15.19 6.30
CA MET A 697 -44.31 15.84 7.48
C MET A 697 -44.89 17.26 7.59
N SER A 698 -45.09 17.72 8.83
CA SER A 698 -45.66 19.03 9.05
C SER A 698 -44.57 20.04 9.32
N LEU A 699 -44.71 21.19 8.69
CA LEU A 699 -43.67 22.18 8.59
C LEU A 699 -43.60 23.03 9.86
N GLY A 700 -44.61 22.89 10.71
CA GLY A 700 -44.86 23.74 11.85
C GLY A 700 -46.28 24.26 11.82
N ALA A 701 -46.65 24.90 12.93
CA ALA A 701 -48.00 25.45 13.03
C ALA A 701 -48.11 26.62 12.05
N GLU A 702 -49.17 26.62 11.26
CA GLU A 702 -49.34 27.73 10.32
C GLU A 702 -49.86 28.92 11.10
N ASN A 703 -49.30 30.09 10.81
CA ASN A 703 -49.61 31.28 11.58
C ASN A 703 -49.52 32.44 10.59
N SER A 704 -50.67 32.84 10.05
CA SER A 704 -50.68 34.06 9.26
C SER A 704 -50.68 35.22 10.24
N VAL A 705 -49.92 36.25 9.92
CA VAL A 705 -49.86 37.46 10.72
C VAL A 705 -50.75 38.52 10.09
N ALA A 706 -51.46 39.26 10.94
CA ALA A 706 -52.47 40.22 10.49
C ALA A 706 -51.81 41.54 10.11
N TYR A 707 -50.92 41.45 9.12
CA TYR A 707 -50.18 42.60 8.64
C TYR A 707 -51.11 43.69 8.12
N SER A 708 -50.83 44.92 8.55
CA SER A 708 -51.64 46.08 8.11
C SER A 708 -50.71 47.30 7.98
N ASN A 709 -51.12 48.30 7.20
CA ASN A 709 -50.26 49.50 7.00
C ASN A 709 -50.16 50.29 8.31
N ASN A 710 -51.21 50.28 9.14
CA ASN A 710 -51.17 51.09 10.40
C ASN A 710 -51.47 50.23 11.63
N SER A 711 -50.72 49.15 11.86
CA SER A 711 -50.93 48.37 13.07
C SER A 711 -49.57 47.90 13.56
N ILE A 712 -49.32 48.05 14.85
CA ILE A 712 -48.03 47.69 15.43
C ILE A 712 -48.30 46.80 16.64
N ALA A 713 -47.43 45.81 16.85
CA ALA A 713 -47.49 44.97 18.04
C ALA A 713 -46.24 45.21 18.86
N ILE A 714 -46.42 45.71 20.07
CA ILE A 714 -45.32 45.98 20.99
C ILE A 714 -45.40 44.96 22.12
N PRO A 715 -44.35 44.18 22.36
CA PRO A 715 -44.37 43.26 23.51
C PRO A 715 -44.46 44.01 24.82
N THR A 716 -45.27 43.48 25.75
CA THR A 716 -45.44 44.10 27.05
C THR A 716 -44.84 43.25 28.18
N ASN A 717 -44.09 42.22 27.84
CA ASN A 717 -43.60 41.26 28.82
C ASN A 717 -42.46 40.50 28.18
N PHE A 718 -41.65 39.88 29.02
CA PHE A 718 -40.44 39.21 28.58
C PHE A 718 -40.27 37.93 29.37
N THR A 719 -39.58 36.97 28.77
CA THR A 719 -39.21 35.76 29.47
C THR A 719 -37.73 35.52 29.23
N ILE A 720 -36.98 35.35 30.32
CA ILE A 720 -35.55 35.11 30.25
C ILE A 720 -35.37 33.59 30.26
N SER A 721 -35.12 33.03 29.09
CA SER A 721 -34.99 31.60 28.92
C SER A 721 -33.52 31.27 28.72
N VAL A 722 -33.02 30.30 29.47
CA VAL A 722 -31.65 29.89 29.37
C VAL A 722 -31.61 28.61 28.56
N THR A 723 -30.81 28.60 27.51
CA THR A 723 -30.76 27.49 26.57
C THR A 723 -29.36 26.92 26.60
N THR A 724 -29.25 25.61 26.42
CA THR A 724 -27.98 24.93 26.54
C THR A 724 -27.49 24.59 25.13
N GLU A 725 -26.25 24.98 24.83
CA GLU A 725 -25.65 24.74 23.54
C GLU A 725 -24.29 24.11 23.80
N ILE A 726 -24.06 22.95 23.19
CA ILE A 726 -22.98 22.06 23.59
C ILE A 726 -22.09 21.83 22.38
N LEU A 727 -20.78 22.06 22.54
CA LEU A 727 -19.84 22.07 21.43
C LEU A 727 -18.68 21.16 21.81
N PRO A 728 -18.28 20.24 20.93
CA PRO A 728 -17.05 19.50 21.17
C PRO A 728 -15.83 20.41 21.15
N VAL A 729 -14.85 20.05 21.97
CA VAL A 729 -13.62 20.81 22.10
C VAL A 729 -12.42 19.91 21.87
N SER A 730 -12.44 18.73 22.48
CA SER A 730 -11.30 17.84 22.39
C SER A 730 -11.74 16.41 22.17
N MET A 731 -10.79 15.63 21.66
CA MET A 731 -10.94 14.22 21.39
C MET A 731 -9.83 13.48 22.15
N THR A 732 -9.94 12.16 22.20
CA THR A 732 -8.95 11.38 22.93
C THR A 732 -7.59 11.52 22.23
N LYS A 733 -6.58 11.93 22.98
CA LYS A 733 -5.26 12.09 22.37
C LYS A 733 -4.61 10.73 22.30
N THR A 734 -4.62 10.13 21.11
CA THR A 734 -4.07 8.80 20.92
C THR A 734 -2.86 8.87 20.00
N SER A 735 -1.89 8.01 20.28
CA SER A 735 -0.70 7.84 19.45
C SER A 735 -0.46 6.36 19.28
N VAL A 736 -0.25 5.92 18.04
CA VAL A 736 -0.01 4.51 17.75
C VAL A 736 1.43 4.37 17.27
N ASP A 737 2.13 3.39 17.84
CA ASP A 737 3.52 3.18 17.51
C ASP A 737 3.63 2.55 16.13
N CYS A 738 4.73 2.86 15.44
CA CYS A 738 5.08 2.25 14.17
C CYS A 738 5.09 0.74 14.30
N THR A 739 6.08 0.25 15.05
CA THR A 739 6.43 -1.15 14.90
C THR A 739 5.49 -1.99 15.73
N MET A 740 5.23 -1.59 16.98
CA MET A 740 4.45 -2.43 17.90
C MET A 740 3.08 -2.75 17.31
N TYR A 741 2.42 -1.75 16.70
CA TYR A 741 1.18 -1.99 15.97
C TYR A 741 1.39 -2.84 14.71
N ILE A 742 2.34 -2.46 13.85
CA ILE A 742 2.44 -3.16 12.55
C ILE A 742 2.94 -4.59 12.71
N CYS A 743 4.04 -4.79 13.43
CA CYS A 743 4.67 -6.08 13.68
C CYS A 743 4.71 -6.36 15.17
N GLY A 744 4.13 -7.47 15.59
CA GLY A 744 4.16 -7.83 17.00
C GLY A 744 5.52 -8.28 17.51
N ASP A 745 6.46 -7.31 17.50
CA ASP A 745 7.84 -7.47 17.95
C ASP A 745 8.58 -8.56 17.19
N SER A 746 8.52 -8.48 15.87
CA SER A 746 9.35 -9.27 14.96
C SER A 746 10.35 -8.33 14.30
N THR A 747 11.65 -8.61 14.50
CA THR A 747 12.69 -7.80 13.86
C THR A 747 12.69 -7.92 12.35
N GLU A 748 12.53 -9.15 11.83
CA GLU A 748 12.41 -9.34 10.38
C GLU A 748 11.19 -8.60 9.80
N CYS A 749 10.04 -8.67 10.47
CA CYS A 749 8.87 -7.93 10.02
C CYS A 749 9.14 -6.43 10.07
N SER A 750 9.91 -5.99 11.07
CA SER A 750 10.30 -4.59 11.16
C SER A 750 11.14 -4.22 9.94
N ASN A 751 12.07 -5.09 9.56
CA ASN A 751 12.94 -4.82 8.42
C ASN A 751 12.12 -4.67 7.14
N LEU A 752 11.14 -5.55 6.94
CA LEU A 752 10.24 -5.38 5.81
C LEU A 752 9.49 -4.06 5.90
N LEU A 753 9.08 -3.67 7.11
CA LEU A 753 8.39 -2.38 7.25
C LEU A 753 9.31 -1.19 6.95
N LEU A 754 10.58 -1.26 7.34
CA LEU A 754 11.54 -0.21 7.05
C LEU A 754 11.83 -0.10 5.55
N GLN A 755 11.55 -1.17 4.79
CA GLN A 755 11.74 -1.07 3.34
C GLN A 755 10.80 -0.03 2.75
N TYR A 756 9.56 0.07 3.28
CA TYR A 756 8.59 1.06 2.83
C TYR A 756 9.00 2.48 3.20
N GLY A 757 10.05 2.64 4.00
CA GLY A 757 10.65 3.95 4.22
C GLY A 757 9.96 4.77 5.29
N SER A 758 9.59 6.01 4.95
CA SER A 758 9.17 6.96 5.97
C SER A 758 7.66 7.08 6.13
N PHE A 759 6.91 6.08 5.65
CA PHE A 759 5.47 6.01 5.88
C PHE A 759 5.13 6.16 7.35
N CYS A 760 5.61 5.23 8.19
CA CYS A 760 5.08 5.18 9.54
C CYS A 760 5.59 6.35 10.36
N THR A 761 6.82 6.82 10.09
CA THR A 761 7.36 7.91 10.89
C THR A 761 6.67 9.23 10.54
N GLN A 762 6.19 9.35 9.30
CA GLN A 762 5.34 10.48 8.96
C GLN A 762 3.93 10.30 9.51
N LEU A 763 3.46 9.06 9.57
CA LEU A 763 2.17 8.76 10.20
C LEU A 763 2.16 9.16 11.67
N ASN A 764 3.18 8.70 12.41
CA ASN A 764 3.42 9.10 13.79
C ASN A 764 3.59 10.60 13.93
N ARG A 765 4.23 11.26 12.96
CA ARG A 765 4.42 12.70 13.10
C ARG A 765 3.09 13.42 12.90
N ALA A 766 2.27 12.96 11.95
CA ALA A 766 0.95 13.54 11.74
C ALA A 766 0.07 13.37 12.98
N LEU A 767 0.10 12.18 13.58
CA LEU A 767 -0.68 11.96 14.79
C LEU A 767 -0.12 12.72 15.99
N THR A 768 1.20 12.94 16.04
CA THR A 768 1.78 13.82 17.04
C THR A 768 1.32 15.26 16.82
N GLY A 769 1.27 15.69 15.56
CA GLY A 769 0.78 17.01 15.23
C GLY A 769 -0.64 17.21 15.69
N ILE A 770 -1.48 16.19 15.50
CA ILE A 770 -2.84 16.20 16.02
C ILE A 770 -2.82 16.28 17.54
N ALA A 771 -1.97 15.48 18.19
CA ALA A 771 -2.00 15.40 19.65
C ALA A 771 -1.66 16.76 20.25
N VAL A 772 -0.54 17.36 19.82
CA VAL A 772 -0.16 18.67 20.36
C VAL A 772 -1.17 19.73 19.90
N GLU A 773 -1.76 19.54 18.71
CA GLU A 773 -2.75 20.47 18.19
C GLU A 773 -3.95 20.51 19.09
N GLN A 774 -4.37 19.35 19.59
CA GLN A 774 -5.56 19.30 20.44
C GLN A 774 -5.34 20.09 21.72
N ASP A 775 -4.15 19.93 22.32
CA ASP A 775 -3.79 20.75 23.48
C ASP A 775 -3.72 22.23 23.13
N LYS A 776 -3.47 22.55 21.85
CA LYS A 776 -3.52 23.94 21.43
C LYS A 776 -4.97 24.39 21.34
N ASN A 777 -5.85 23.49 20.89
CA ASN A 777 -7.28 23.78 20.85
C ASN A 777 -7.77 24.14 22.24
N THR A 778 -7.48 23.28 23.22
CA THR A 778 -7.97 23.53 24.58
C THR A 778 -7.33 24.79 25.17
N GLN A 779 -6.09 25.09 24.77
CA GLN A 779 -5.44 26.35 25.11
C GLN A 779 -6.22 27.53 24.56
N GLU A 780 -6.60 27.45 23.29
CA GLU A 780 -7.22 28.58 22.61
C GLU A 780 -8.65 28.78 23.08
N VAL A 781 -9.37 27.69 23.35
CA VAL A 781 -10.77 27.79 23.80
C VAL A 781 -10.84 28.36 25.22
N PHE A 782 -10.00 27.90 26.15
CA PHE A 782 -10.20 28.33 27.53
C PHE A 782 -9.28 29.45 27.96
N ALA A 783 -8.00 29.39 27.61
CA ALA A 783 -7.00 30.32 28.13
C ALA A 783 -6.99 31.73 27.53
N GLN A 784 -8.12 32.43 27.53
CA GLN A 784 -8.17 33.79 26.99
C GLN A 784 -8.07 34.84 28.07
N VAL A 785 -7.85 34.44 29.32
CA VAL A 785 -7.75 35.37 30.44
C VAL A 785 -6.38 35.24 31.07
N LYS A 786 -5.72 36.39 31.27
CA LYS A 786 -4.34 36.45 31.74
C LYS A 786 -4.19 36.19 33.23
N GLN A 787 -5.24 36.36 34.03
CA GLN A 787 -5.16 36.11 35.47
C GLN A 787 -6.31 35.23 35.92
N ILE A 788 -6.11 34.56 37.06
CA ILE A 788 -7.09 33.64 37.62
C ILE A 788 -7.86 34.37 38.71
N TYR A 789 -9.04 34.85 38.37
CA TYR A 789 -9.91 35.49 39.34
C TYR A 789 -10.69 34.44 40.12
N LYS A 790 -11.00 34.77 41.37
CA LYS A 790 -11.90 33.95 42.18
C LYS A 790 -12.95 34.87 42.80
N THR A 791 -14.16 34.33 42.94
CA THR A 791 -15.26 35.10 43.50
C THR A 791 -14.98 35.43 44.97
N PRO A 792 -15.51 36.54 45.48
CA PRO A 792 -15.37 36.86 46.91
C PRO A 792 -16.07 35.84 47.79
N PRO A 793 -15.65 35.70 49.05
CA PRO A 793 -16.21 34.63 49.91
C PRO A 793 -17.72 34.69 50.09
N ILE A 794 -18.29 35.88 50.21
CA ILE A 794 -19.71 36.04 50.52
C ILE A 794 -20.47 36.20 49.21
N LYS A 795 -21.53 35.39 49.05
CA LYS A 795 -22.19 35.27 47.75
C LYS A 795 -23.37 36.24 47.69
N ASP A 796 -23.02 37.53 47.71
CA ASP A 796 -24.01 38.60 47.71
C ASP A 796 -24.12 39.20 46.31
N PHE A 797 -24.93 38.55 45.48
CA PHE A 797 -24.97 38.90 44.06
C PHE A 797 -26.30 39.52 43.66
N GLY A 798 -26.77 40.48 44.45
CA GLY A 798 -27.96 41.26 44.12
C GLY A 798 -29.26 40.48 44.02
N GLY A 799 -29.33 39.28 44.58
CA GLY A 799 -30.51 38.46 44.53
C GLY A 799 -30.37 37.25 43.65
N PHE A 800 -29.45 37.29 42.69
CA PHE A 800 -29.20 36.16 41.81
C PHE A 800 -28.57 35.01 42.58
N ASN A 801 -28.76 33.81 42.06
CA ASN A 801 -28.39 32.55 42.71
C ASN A 801 -27.52 31.83 41.69
N PHE A 802 -26.22 32.07 41.78
CA PHE A 802 -25.23 31.41 40.95
C PHE A 802 -24.61 30.22 41.63
N SER A 803 -25.24 29.71 42.69
CA SER A 803 -24.72 28.56 43.43
C SER A 803 -24.60 27.32 42.56
N GLN A 804 -25.46 27.20 41.55
CA GLN A 804 -25.39 26.09 40.61
C GLN A 804 -24.14 26.14 39.74
N ILE A 805 -23.88 27.28 39.08
CA ILE A 805 -22.77 27.30 38.13
C ILE A 805 -21.44 27.75 38.75
N LEU A 806 -21.46 28.47 39.88
CA LEU A 806 -20.20 28.85 40.48
C LEU A 806 -19.66 27.66 41.29
N PRO A 807 -18.33 27.54 41.45
CA PRO A 807 -17.77 26.37 42.15
C PRO A 807 -18.25 26.24 43.60
N ASP A 808 -18.37 24.99 44.03
CA ASP A 808 -18.85 24.66 45.37
C ASP A 808 -17.74 24.04 46.21
N PRO A 809 -17.29 24.71 47.26
CA PRO A 809 -16.15 24.21 48.07
C PRO A 809 -16.40 22.87 48.73
N SER A 810 -17.64 22.57 49.13
CA SER A 810 -17.94 21.35 49.88
C SER A 810 -17.61 20.10 49.07
N LYS A 811 -17.92 20.11 47.78
CA LYS A 811 -17.60 18.98 46.91
C LYS A 811 -16.08 18.82 46.86
N PRO A 812 -15.54 17.56 46.88
CA PRO A 812 -14.08 17.39 46.99
C PRO A 812 -13.29 18.00 45.85
N SER A 813 -13.59 17.61 44.62
CA SER A 813 -13.02 18.31 43.48
C SER A 813 -13.70 19.66 43.38
N LYS A 814 -12.93 20.74 43.21
CA LYS A 814 -13.54 22.06 43.28
C LYS A 814 -14.43 22.31 42.07
N ARG A 815 -15.59 21.66 42.05
CA ARG A 815 -16.47 21.69 40.89
C ARG A 815 -17.88 22.07 41.28
N SER A 816 -18.55 22.78 40.38
CA SER A 816 -19.93 23.17 40.61
C SER A 816 -20.89 22.04 40.26
N PHE A 817 -22.14 22.19 40.70
CA PHE A 817 -23.16 21.16 40.51
C PHE A 817 -23.46 20.90 39.04
N ILE A 818 -23.60 21.97 38.23
CA ILE A 818 -23.96 21.70 36.84
C ILE A 818 -22.83 21.00 36.09
N GLU A 819 -21.58 21.35 36.40
CA GLU A 819 -20.48 20.65 35.76
C GLU A 819 -20.46 19.20 36.23
N ASP A 820 -20.73 18.98 37.52
CA ASP A 820 -20.70 17.60 38.03
C ASP A 820 -21.82 16.78 37.40
N LEU A 821 -23.00 17.38 37.17
CA LEU A 821 -24.05 16.71 36.39
C LEU A 821 -23.57 16.35 35.00
N LEU A 822 -22.64 17.14 34.44
CA LEU A 822 -22.05 16.73 33.17
C LEU A 822 -21.07 15.57 33.35
N PHE A 823 -20.23 15.64 34.38
CA PHE A 823 -19.24 14.59 34.64
C PHE A 823 -19.90 13.27 35.04
N ASN A 824 -21.15 13.32 35.53
CA ASN A 824 -21.88 12.10 35.84
C ASN A 824 -22.73 11.62 34.65
N LYS A 825 -23.35 12.53 33.90
CA LYS A 825 -24.13 12.12 32.75
C LYS A 825 -23.25 11.52 31.65
N VAL A 826 -22.09 12.14 31.42
CA VAL A 826 -21.17 11.65 30.39
C VAL A 826 -20.25 10.60 31.01
N THR A 827 -20.20 9.44 30.38
CA THR A 827 -19.36 8.33 30.86
C THR A 827 -18.31 7.97 29.82
N LYS A 854 -5.30 -0.61 22.41
CA LYS A 854 -5.30 -0.83 23.85
C LYS A 854 -3.86 -0.91 24.34
N PHE A 855 -3.21 -2.05 24.06
CA PHE A 855 -1.86 -2.37 24.52
C PHE A 855 -1.05 -3.04 23.41
N ASN A 856 -1.36 -2.73 22.16
CA ASN A 856 -0.66 -3.24 20.99
C ASN A 856 0.09 -2.12 20.29
N GLY A 857 0.66 -1.21 21.07
CA GLY A 857 1.25 0.00 20.58
C GLY A 857 0.32 1.19 20.59
N LEU A 858 -0.97 0.96 20.81
CA LEU A 858 -1.95 2.04 20.89
C LEU A 858 -1.80 2.65 22.27
N THR A 859 -1.37 3.90 22.34
CA THR A 859 -1.24 4.61 23.60
C THR A 859 -2.11 5.86 23.61
N VAL A 860 -2.72 6.14 24.75
CA VAL A 860 -3.53 7.34 24.94
C VAL A 860 -2.72 8.30 25.82
N LEU A 861 -2.19 9.34 25.18
CA LEU A 861 -1.44 10.35 25.90
C LEU A 861 -2.37 11.15 26.80
N PRO A 862 -1.89 11.62 27.95
CA PRO A 862 -2.75 12.42 28.81
C PRO A 862 -2.87 13.82 28.24
N PRO A 863 -3.99 14.49 28.50
CA PRO A 863 -4.12 15.90 28.10
C PRO A 863 -3.23 16.78 28.94
N LEU A 864 -2.82 17.90 28.35
CA LEU A 864 -1.94 18.82 29.07
C LEU A 864 -2.71 19.51 30.18
N LEU A 865 -3.97 19.85 29.90
CA LEU A 865 -4.84 20.50 30.88
C LEU A 865 -5.75 19.46 31.52
N THR A 866 -5.50 19.14 32.79
CA THR A 866 -6.33 18.20 33.53
C THR A 866 -7.68 18.83 33.81
N ASP A 867 -8.69 17.98 34.02
CA ASP A 867 -10.05 18.48 34.23
C ASP A 867 -10.18 19.36 35.48
N GLU A 868 -9.27 19.20 36.46
CA GLU A 868 -9.25 20.10 37.61
C GLU A 868 -8.79 21.50 37.20
N MET A 869 -7.65 21.59 36.51
CA MET A 869 -7.12 22.90 36.13
C MET A 869 -8.04 23.57 35.11
N ILE A 870 -8.59 22.78 34.18
CA ILE A 870 -9.62 23.30 33.28
C ILE A 870 -10.77 23.88 34.08
N ALA A 871 -11.22 23.17 35.13
CA ALA A 871 -12.28 23.68 35.98
C ALA A 871 -11.85 24.93 36.74
N GLN A 872 -10.53 25.12 36.92
CA GLN A 872 -10.03 26.34 37.54
C GLN A 872 -10.12 27.51 36.55
N TYR A 873 -9.79 27.26 35.29
CA TYR A 873 -10.05 28.27 34.25
C TYR A 873 -11.53 28.64 34.19
N THR A 874 -12.40 27.65 34.08
CA THR A 874 -13.83 27.93 34.01
C THR A 874 -14.35 28.62 35.28
N SER A 875 -13.70 28.37 36.42
CA SER A 875 -13.97 29.16 37.63
C SER A 875 -13.47 30.59 37.51
N ALA A 876 -12.31 30.78 36.89
CA ALA A 876 -11.75 32.12 36.75
C ALA A 876 -12.62 32.95 35.82
N LEU A 877 -12.94 32.39 34.65
CA LEU A 877 -13.80 33.07 33.69
C LEU A 877 -15.18 33.38 34.27
N LEU A 878 -15.81 32.42 34.98
CA LEU A 878 -17.11 32.73 35.57
C LEU A 878 -17.02 33.79 36.66
N ALA A 879 -15.97 33.75 37.50
CA ALA A 879 -15.84 34.79 38.52
C ALA A 879 -15.60 36.15 37.88
N GLY A 880 -14.83 36.16 36.78
CA GLY A 880 -14.59 37.39 36.07
C GLY A 880 -15.85 37.94 35.47
N THR A 881 -16.66 37.07 34.85
CA THR A 881 -17.88 37.57 34.21
C THR A 881 -18.87 38.09 35.22
N ILE A 882 -18.92 37.45 36.40
CA ILE A 882 -19.92 37.79 37.40
C ILE A 882 -19.49 38.98 38.24
N THR A 883 -18.23 39.36 38.19
CA THR A 883 -17.77 40.44 39.03
C THR A 883 -17.26 41.62 38.23
N SER A 884 -16.94 41.42 36.94
CA SER A 884 -16.37 42.47 36.12
C SER A 884 -17.01 42.66 34.75
N GLY A 885 -18.04 41.88 34.36
CA GLY A 885 -18.62 42.07 33.04
C GLY A 885 -17.60 41.73 31.95
N TRP A 886 -17.50 42.60 30.93
CA TRP A 886 -16.57 42.37 29.83
C TRP A 886 -15.17 42.93 30.08
N THR A 887 -14.97 43.67 31.18
CA THR A 887 -13.73 44.40 31.38
C THR A 887 -12.53 43.47 31.40
N PHE A 888 -12.66 42.27 31.99
CA PHE A 888 -11.47 41.42 32.10
C PHE A 888 -11.05 40.94 30.71
N GLY A 889 -12.01 40.85 29.79
CA GLY A 889 -11.70 40.57 28.40
C GLY A 889 -10.99 41.72 27.73
N ALA A 890 -11.45 42.95 28.01
CA ALA A 890 -10.85 44.11 27.35
C ALA A 890 -9.44 44.39 27.90
N GLY A 891 -9.30 44.43 29.21
CA GLY A 891 -8.06 44.82 29.86
C GLY A 891 -8.09 44.38 31.31
N ALA A 892 -7.66 45.30 32.18
CA ALA A 892 -7.70 45.02 33.64
C ALA A 892 -9.17 44.98 34.07
N ALA A 893 -9.57 43.92 34.77
CA ALA A 893 -10.98 43.79 35.19
C ALA A 893 -11.33 44.95 36.12
N LEU A 894 -12.51 45.55 35.94
CA LEU A 894 -12.96 46.62 36.84
C LEU A 894 -14.19 46.12 37.58
N GLN A 895 -14.20 46.21 38.92
CA GLN A 895 -15.33 45.61 39.67
C GLN A 895 -16.61 46.41 39.38
N ILE A 896 -17.68 45.71 38.98
CA ILE A 896 -18.99 46.36 38.70
C ILE A 896 -20.09 45.53 39.37
N PRO A 897 -21.08 46.13 40.06
CA PRO A 897 -22.19 45.37 40.65
C PRO A 897 -23.00 44.65 39.56
N PHE A 898 -23.48 43.43 39.84
CA PHE A 898 -24.18 42.62 38.81
C PHE A 898 -25.42 43.38 38.30
N ALA A 899 -26.21 43.99 39.19
CA ALA A 899 -27.36 44.77 38.75
C ALA A 899 -26.94 45.70 37.62
N MET A 900 -25.79 46.36 37.79
CA MET A 900 -25.31 47.31 36.80
C MET A 900 -24.89 46.56 35.54
N GLN A 901 -24.18 45.44 35.71
CA GLN A 901 -23.78 44.67 34.53
C GLN A 901 -24.99 44.22 33.71
N MET A 902 -26.06 43.78 34.39
CA MET A 902 -27.30 43.45 33.69
C MET A 902 -27.94 44.67 33.03
N ALA A 903 -27.90 45.83 33.71
CA ALA A 903 -28.43 47.06 33.12
C ALA A 903 -27.63 47.50 31.89
N TYR A 904 -26.31 47.30 31.91
CA TYR A 904 -25.49 47.50 30.71
C TYR A 904 -25.96 46.61 29.58
N ARG A 905 -26.10 45.32 29.85
CA ARG A 905 -26.40 44.36 28.79
C ARG A 905 -27.79 44.60 28.21
N PHE A 906 -28.77 44.95 29.07
CA PHE A 906 -30.07 45.40 28.58
C PHE A 906 -29.93 46.61 27.68
N ASN A 907 -29.16 47.63 28.11
CA ASN A 907 -28.98 48.82 27.27
C ASN A 907 -28.29 48.44 25.96
N GLY A 908 -27.54 47.33 25.98
CA GLY A 908 -26.94 46.80 24.77
C GLY A 908 -27.97 46.26 23.80
N ILE A 909 -28.97 45.54 24.32
CA ILE A 909 -29.96 44.93 23.43
C ILE A 909 -31.12 45.89 23.16
N GLY A 910 -30.97 47.13 23.56
CA GLY A 910 -31.88 48.20 23.20
C GLY A 910 -33.02 48.46 24.16
N VAL A 911 -33.16 47.66 25.22
CA VAL A 911 -34.14 47.98 26.27
C VAL A 911 -33.44 48.84 27.31
N THR A 912 -34.05 49.98 27.62
CA THR A 912 -33.47 50.94 28.54
C THR A 912 -33.32 50.36 29.95
N GLN A 913 -32.49 51.04 30.76
CA GLN A 913 -32.07 50.50 32.05
C GLN A 913 -33.22 50.31 33.04
N ASN A 914 -34.19 51.25 33.08
CA ASN A 914 -35.19 51.23 34.15
C ASN A 914 -36.13 50.03 34.14
N VAL A 915 -36.20 49.27 33.03
CA VAL A 915 -37.01 48.05 33.02
C VAL A 915 -36.50 47.07 34.06
N LEU A 916 -35.18 46.95 34.18
CA LEU A 916 -34.60 46.02 35.12
C LEU A 916 -34.88 46.48 36.53
N TYR A 917 -34.44 47.68 36.87
CA TYR A 917 -34.52 48.17 38.24
C TYR A 917 -35.97 48.22 38.75
N GLU A 918 -36.94 48.47 37.86
CA GLU A 918 -38.33 48.37 38.28
C GLU A 918 -38.76 46.92 38.49
N ASN A 919 -38.30 45.99 37.63
CA ASN A 919 -38.68 44.58 37.72
C ASN A 919 -37.52 43.68 38.15
N GLN A 920 -36.69 44.14 39.09
CA GLN A 920 -35.53 43.37 39.52
C GLN A 920 -35.93 42.08 40.20
N LYS A 921 -36.91 42.13 41.11
CA LYS A 921 -37.28 40.93 41.83
C LYS A 921 -37.78 39.86 40.85
N LEU A 922 -38.63 40.27 39.90
CA LEU A 922 -39.18 39.35 38.92
C LEU A 922 -38.09 38.78 38.03
N ILE A 923 -37.11 39.61 37.63
CA ILE A 923 -35.99 39.10 36.83
C ILE A 923 -35.16 38.12 37.64
N ALA A 924 -34.86 38.46 38.89
CA ALA A 924 -34.03 37.61 39.74
C ALA A 924 -34.66 36.21 39.92
N ASN A 925 -35.94 36.17 40.31
CA ASN A 925 -36.62 34.89 40.46
C ASN A 925 -36.81 34.16 39.15
N GLN A 926 -37.16 34.87 38.06
CA GLN A 926 -37.30 34.23 36.76
C GLN A 926 -35.99 33.64 36.24
N PHE A 927 -34.87 34.30 36.54
CA PHE A 927 -33.57 33.75 36.15
C PHE A 927 -33.20 32.56 37.02
N ASN A 928 -33.46 32.65 38.33
CA ASN A 928 -33.19 31.53 39.22
C ASN A 928 -34.02 30.32 38.81
N SER A 929 -35.29 30.53 38.47
CA SER A 929 -36.14 29.45 37.98
C SER A 929 -35.61 28.89 36.67
N ALA A 930 -35.11 29.76 35.79
CA ALA A 930 -34.54 29.29 34.52
C ALA A 930 -33.31 28.41 34.73
N ILE A 931 -32.46 28.81 35.68
CA ILE A 931 -31.36 27.95 36.14
C ILE A 931 -31.90 26.65 36.72
N GLY A 932 -33.00 26.73 37.47
CA GLY A 932 -33.64 25.53 38.01
C GLY A 932 -34.08 24.59 36.91
N LYS A 933 -34.67 25.13 35.85
CA LYS A 933 -35.07 24.31 34.72
C LYS A 933 -33.85 23.75 34.01
N ILE A 934 -32.73 24.47 34.02
CA ILE A 934 -31.49 23.95 33.46
C ILE A 934 -31.04 22.73 34.26
N GLN A 935 -31.14 22.85 35.59
CA GLN A 935 -30.84 21.75 36.51
C GLN A 935 -31.69 20.53 36.18
N ASP A 936 -33.00 20.73 36.07
CA ASP A 936 -33.92 19.63 35.84
C ASP A 936 -33.71 19.02 34.45
N SER A 937 -33.52 19.86 33.42
CA SER A 937 -33.31 19.39 32.05
C SER A 937 -32.04 18.56 31.91
N LEU A 938 -30.94 18.99 32.54
CA LEU A 938 -29.74 18.17 32.45
C LEU A 938 -29.86 16.92 33.32
N SER A 939 -30.44 17.06 34.52
CA SER A 939 -30.49 15.93 35.45
C SER A 939 -31.37 14.81 34.89
N SER A 940 -32.46 15.17 34.23
CA SER A 940 -33.45 14.20 33.77
C SER A 940 -33.25 13.76 32.32
N THR A 941 -32.92 14.66 31.40
CA THR A 941 -32.89 14.34 29.98
C THR A 941 -31.44 14.23 29.50
N ALA A 942 -31.08 13.05 28.98
CA ALA A 942 -29.75 12.79 28.47
C ALA A 942 -29.61 13.04 26.97
N SER A 943 -30.68 13.42 26.28
CA SER A 943 -30.59 13.71 24.84
C SER A 943 -29.74 14.94 24.54
N ALA A 944 -29.56 15.83 25.52
CA ALA A 944 -28.77 17.04 25.33
C ALA A 944 -27.31 16.73 24.99
N LEU A 945 -26.72 15.77 25.69
CA LEU A 945 -25.30 15.46 25.54
C LEU A 945 -24.99 14.57 24.35
N GLY A 946 -25.89 14.57 23.36
CA GLY A 946 -25.69 13.71 22.21
C GLY A 946 -24.40 13.97 21.46
N LYS A 947 -24.06 15.25 21.26
CA LYS A 947 -22.93 15.56 20.39
C LYS A 947 -21.61 15.07 20.99
N LEU A 948 -21.37 15.38 22.27
CA LEU A 948 -20.16 14.88 22.94
C LEU A 948 -20.16 13.37 23.07
N GLN A 949 -21.32 12.78 23.40
CA GLN A 949 -21.39 11.33 23.45
C GLN A 949 -21.13 10.70 22.08
N ASP A 950 -21.55 11.38 21.01
CA ASP A 950 -21.30 10.90 19.66
C ASP A 950 -19.82 11.00 19.33
N VAL A 951 -19.16 12.06 19.78
CA VAL A 951 -17.71 12.20 19.59
C VAL A 951 -16.95 11.08 20.31
N VAL A 952 -17.31 10.84 21.58
CA VAL A 952 -16.63 9.80 22.36
C VAL A 952 -16.89 8.43 21.78
N ASN A 953 -18.16 8.12 21.48
CA ASN A 953 -18.51 6.81 20.92
C ASN A 953 -17.84 6.60 19.58
N GLN A 954 -17.85 7.63 18.72
CA GLN A 954 -17.22 7.54 17.40
C GLN A 954 -15.72 7.28 17.52
N ASN A 955 -15.05 7.96 18.46
CA ASN A 955 -13.62 7.77 18.62
C ASN A 955 -13.29 6.40 19.19
N ALA A 956 -13.99 5.99 20.25
CA ALA A 956 -13.80 4.67 20.83
C ALA A 956 -14.12 3.56 19.84
N GLN A 957 -15.20 3.71 19.07
CA GLN A 957 -15.53 2.76 18.02
C GLN A 957 -14.49 2.75 16.92
N ALA A 958 -13.83 3.89 16.66
CA ALA A 958 -12.76 3.94 15.68
C ALA A 958 -11.56 3.13 16.16
N LEU A 959 -11.17 3.32 17.43
CA LEU A 959 -10.07 2.54 17.99
C LEU A 959 -10.42 1.06 18.02
N ASN A 960 -11.66 0.74 18.42
CA ASN A 960 -12.09 -0.66 18.50
C ASN A 960 -12.05 -1.30 17.12
N THR A 961 -12.51 -0.57 16.10
CA THR A 961 -12.39 -1.01 14.70
C THR A 961 -10.94 -1.20 14.29
N LEU A 962 -10.04 -0.33 14.79
CA LEU A 962 -8.62 -0.45 14.51
C LEU A 962 -8.05 -1.75 15.07
N VAL A 963 -8.44 -2.10 16.29
CA VAL A 963 -7.97 -3.35 16.88
C VAL A 963 -8.61 -4.53 16.17
N LYS A 964 -9.89 -4.40 15.78
CA LYS A 964 -10.53 -5.47 15.04
C LYS A 964 -9.78 -5.72 13.74
N GLN A 965 -9.33 -4.64 13.07
CA GLN A 965 -8.54 -4.82 11.87
C GLN A 965 -7.19 -5.45 12.18
N LEU A 966 -6.71 -5.27 13.42
CA LEU A 966 -5.45 -5.90 13.80
C LEU A 966 -5.63 -7.41 13.82
N SER A 967 -6.77 -7.85 14.37
CA SER A 967 -7.05 -9.27 14.57
C SER A 967 -7.78 -9.89 13.40
N SER A 968 -7.62 -9.32 12.20
CA SER A 968 -8.20 -9.81 10.96
C SER A 968 -7.10 -10.31 10.04
N ASN A 969 -7.42 -11.37 9.28
CA ASN A 969 -6.42 -12.09 8.50
C ASN A 969 -5.83 -11.30 7.33
N PHE A 970 -6.58 -10.37 6.71
CA PHE A 970 -6.11 -9.62 5.53
C PHE A 970 -5.65 -10.48 4.36
N GLY A 971 -6.33 -11.60 4.12
CA GLY A 971 -5.93 -12.48 3.03
C GLY A 971 -4.59 -13.18 3.14
N ALA A 972 -4.26 -13.69 4.33
CA ALA A 972 -3.04 -14.46 4.57
C ALA A 972 -3.44 -15.82 5.14
N ILE A 973 -2.43 -16.64 5.44
CA ILE A 973 -2.70 -17.97 5.99
C ILE A 973 -3.40 -17.84 7.34
N SER A 974 -2.90 -16.95 8.19
CA SER A 974 -3.47 -16.76 9.52
C SER A 974 -3.23 -15.33 9.95
N SER A 975 -4.11 -14.82 10.81
CA SER A 975 -4.05 -13.43 11.22
C SER A 975 -2.86 -13.16 12.14
N VAL A 976 -2.50 -14.12 12.99
CA VAL A 976 -1.45 -13.90 13.98
C VAL A 976 -0.08 -13.87 13.31
N LEU A 977 0.67 -12.78 13.55
CA LEU A 977 2.00 -12.66 12.99
C LEU A 977 2.90 -13.76 13.51
N ASN A 978 2.81 -14.07 14.81
CA ASN A 978 3.69 -15.10 15.35
C ASN A 978 3.37 -16.45 14.75
N ASP A 979 2.08 -16.68 14.43
CA ASP A 979 1.67 -17.90 13.76
C ASP A 979 2.35 -18.00 12.40
N ILE A 980 2.12 -17.00 11.54
CA ILE A 980 2.67 -17.06 10.17
C ILE A 980 4.19 -17.14 10.19
N LEU A 981 4.82 -16.47 11.16
CA LEU A 981 6.27 -16.56 11.39
C LEU A 981 6.68 -17.99 11.68
N SER A 982 5.97 -18.63 12.62
CA SER A 982 6.39 -19.93 13.11
C SER A 982 6.20 -20.97 12.01
N ARG A 983 5.03 -20.95 11.36
CA ARG A 983 4.70 -21.98 10.40
C ARG A 983 5.50 -21.85 9.11
N LEU A 984 5.76 -20.62 8.62
CA LEU A 984 6.42 -20.49 7.32
C LEU A 984 7.73 -19.73 7.49
N ASP A 985 8.77 -20.19 6.79
CA ASP A 985 10.06 -19.51 6.82
C ASP A 985 10.11 -18.37 5.78
N PRO A 986 11.05 -17.42 5.92
CA PRO A 986 10.97 -16.16 5.13
C PRO A 986 10.90 -16.30 3.61
N PRO A 987 11.63 -17.22 2.92
CA PRO A 987 11.64 -17.14 1.43
C PRO A 987 10.28 -17.19 0.74
N GLU A 988 9.35 -18.02 1.23
CA GLU A 988 7.97 -18.02 0.77
C GLU A 988 7.11 -17.10 1.63
N ALA A 989 7.42 -17.02 2.93
CA ALA A 989 6.58 -16.31 3.88
C ALA A 989 6.53 -14.82 3.61
N GLU A 990 7.60 -14.27 3.02
CA GLU A 990 7.72 -12.83 2.73
C GLU A 990 6.51 -12.27 1.98
N VAL A 991 5.95 -13.02 1.03
CA VAL A 991 4.75 -12.56 0.34
C VAL A 991 3.57 -12.45 1.31
N GLN A 992 3.39 -13.43 2.19
CA GLN A 992 2.29 -13.38 3.16
C GLN A 992 2.49 -12.24 4.15
N ILE A 993 3.73 -12.08 4.64
CA ILE A 993 4.03 -10.98 5.55
C ILE A 993 3.80 -9.65 4.85
N ASP A 994 4.21 -9.53 3.58
CA ASP A 994 3.98 -8.33 2.78
C ASP A 994 2.49 -8.04 2.65
N ARG A 995 1.68 -9.09 2.56
CA ARG A 995 0.24 -8.94 2.46
C ARG A 995 -0.32 -8.41 3.78
N LEU A 996 0.17 -8.95 4.89
CA LEU A 996 -0.24 -8.46 6.21
C LEU A 996 0.21 -7.01 6.44
N ILE A 997 1.42 -6.67 5.98
CA ILE A 997 1.90 -5.29 6.07
C ILE A 997 1.01 -4.35 5.26
N THR A 998 0.74 -4.70 4.00
CA THR A 998 -0.07 -3.85 3.15
C THR A 998 -1.48 -3.68 3.72
N GLY A 999 -2.07 -4.77 4.21
CA GLY A 999 -3.38 -4.68 4.83
C GLY A 999 -3.42 -3.83 6.07
N ARG A 1000 -2.47 -4.05 6.99
CA ARG A 1000 -2.40 -3.26 8.22
C ARG A 1000 -2.09 -1.80 7.93
N LEU A 1001 -1.11 -1.55 7.06
CA LEU A 1001 -0.71 -0.20 6.73
C LEU A 1001 -1.84 0.56 6.04
N GLN A 1002 -2.56 -0.09 5.12
CA GLN A 1002 -3.76 0.50 4.54
C GLN A 1002 -4.85 0.77 5.59
N SER A 1003 -5.03 -0.16 6.54
CA SER A 1003 -6.00 0.05 7.60
C SER A 1003 -5.59 1.20 8.50
N LEU A 1004 -4.29 1.32 8.77
CA LEU A 1004 -3.78 2.43 9.55
C LEU A 1004 -3.91 3.74 8.79
N GLN A 1005 -3.68 3.70 7.46
CA GLN A 1005 -3.89 4.87 6.62
C GLN A 1005 -5.34 5.34 6.69
N THR A 1006 -6.27 4.40 6.59
CA THR A 1006 -7.69 4.73 6.65
C THR A 1006 -8.02 5.32 8.01
N TYR A 1007 -7.50 4.69 9.07
CA TYR A 1007 -7.78 5.14 10.43
C TYR A 1007 -7.20 6.53 10.69
N VAL A 1008 -5.95 6.76 10.28
CA VAL A 1008 -5.32 8.07 10.51
C VAL A 1008 -6.05 9.15 9.69
N THR A 1009 -6.36 8.88 8.42
CA THR A 1009 -7.06 9.87 7.61
C THR A 1009 -8.44 10.18 8.18
N GLN A 1010 -9.13 9.16 8.69
CA GLN A 1010 -10.41 9.37 9.37
C GLN A 1010 -10.23 10.21 10.64
N GLN A 1011 -9.21 9.89 11.46
CA GLN A 1011 -8.95 10.65 12.68
C GLN A 1011 -8.53 12.07 12.36
N LEU A 1012 -7.64 12.23 11.41
CA LEU A 1012 -7.11 13.53 11.01
C LEU A 1012 -8.21 14.45 10.46
N ILE A 1013 -9.08 13.91 9.59
CA ILE A 1013 -10.19 14.72 9.09
C ILE A 1013 -11.15 15.04 10.24
N ARG A 1014 -11.45 14.06 11.10
CA ARG A 1014 -12.35 14.33 12.21
C ARG A 1014 -11.71 15.36 13.12
N ALA A 1015 -10.38 15.33 13.25
CA ALA A 1015 -9.69 16.32 14.04
C ALA A 1015 -9.89 17.68 13.41
N ALA A 1016 -9.87 17.74 12.07
CA ALA A 1016 -10.10 19.02 11.41
C ALA A 1016 -11.51 19.55 11.67
N GLU A 1017 -12.54 18.68 11.61
CA GLU A 1017 -13.89 19.15 11.92
C GLU A 1017 -13.97 19.60 13.38
N ILE A 1018 -13.30 18.87 14.28
CA ILE A 1018 -13.24 19.27 15.68
C ILE A 1018 -12.57 20.62 15.79
N ARG A 1019 -11.46 20.82 15.05
CA ARG A 1019 -10.75 22.10 15.09
C ARG A 1019 -11.66 23.24 14.66
N ALA A 1020 -12.46 23.01 13.61
CA ALA A 1020 -13.45 23.98 13.19
C ALA A 1020 -14.48 24.26 14.29
N SER A 1021 -14.93 23.22 14.98
CA SER A 1021 -15.84 23.41 16.10
C SER A 1021 -15.13 24.08 17.28
N ALA A 1022 -13.85 23.76 17.48
CA ALA A 1022 -13.05 24.35 18.54
C ALA A 1022 -12.87 25.84 18.31
N ASN A 1023 -12.52 26.22 17.08
CA ASN A 1023 -12.39 27.63 16.72
C ASN A 1023 -13.73 28.35 16.84
N LEU A 1024 -14.80 27.70 16.38
CA LEU A 1024 -16.15 28.24 16.56
C LEU A 1024 -16.47 28.44 18.04
N ALA A 1025 -16.08 27.49 18.88
CA ALA A 1025 -16.18 27.65 20.33
C ALA A 1025 -15.28 28.76 20.86
N ALA A 1026 -14.05 28.87 20.36
CA ALA A 1026 -13.14 29.92 20.80
C ALA A 1026 -13.71 31.30 20.50
N THR A 1027 -14.22 31.48 19.28
CA THR A 1027 -14.90 32.71 18.91
C THR A 1027 -16.15 32.90 19.76
N LYS A 1028 -16.91 31.83 19.99
CA LYS A 1028 -18.13 31.93 20.76
C LYS A 1028 -17.83 32.25 22.22
N MET A 1029 -16.71 31.71 22.72
CA MET A 1029 -16.21 31.98 24.05
C MET A 1029 -15.84 33.45 24.23
N SER A 1030 -15.07 33.97 23.27
CA SER A 1030 -14.56 35.33 23.36
C SER A 1030 -15.67 36.33 23.12
N GLU A 1031 -16.47 36.09 22.09
CA GLU A 1031 -17.46 37.05 21.64
C GLU A 1031 -18.75 36.95 22.41
N CYS A 1032 -18.99 35.88 23.15
CA CYS A 1032 -20.26 35.70 23.84
C CYS A 1032 -20.10 35.63 25.36
N VAL A 1033 -19.15 34.83 25.86
CA VAL A 1033 -18.90 34.79 27.30
C VAL A 1033 -18.15 36.03 27.76
N LEU A 1034 -16.99 36.27 27.16
CA LEU A 1034 -16.12 37.37 27.60
C LEU A 1034 -16.82 38.72 27.45
N GLY A 1035 -17.65 38.87 26.42
CA GLY A 1035 -18.36 40.10 26.20
C GLY A 1035 -19.75 39.78 25.68
N GLN A 1036 -20.66 40.74 25.88
CA GLN A 1036 -21.97 40.67 25.26
C GLN A 1036 -21.86 40.79 23.75
N SER A 1037 -22.66 40.00 23.04
CA SER A 1037 -22.63 39.99 21.59
C SER A 1037 -24.00 40.39 21.06
N LYS A 1038 -23.99 41.36 20.16
CA LYS A 1038 -25.20 41.86 19.55
C LYS A 1038 -25.58 41.04 18.32
N ARG A 1039 -24.80 40.00 18.00
CA ARG A 1039 -25.18 39.10 16.92
C ARG A 1039 -26.39 38.25 17.28
N VAL A 1040 -27.29 38.10 16.30
CA VAL A 1040 -28.58 37.46 16.51
C VAL A 1040 -28.48 35.97 16.19
N ASP A 1041 -28.93 35.14 17.14
CA ASP A 1041 -28.95 33.67 17.09
C ASP A 1041 -27.54 33.06 17.05
N PHE A 1042 -26.47 33.85 17.11
CA PHE A 1042 -25.16 33.26 17.31
C PHE A 1042 -25.00 32.71 18.73
N CYS A 1043 -25.84 33.11 19.66
CA CYS A 1043 -25.74 32.73 21.07
C CYS A 1043 -27.11 32.30 21.57
N GLY A 1044 -27.74 31.39 20.85
CA GLY A 1044 -29.05 30.92 21.22
C GLY A 1044 -30.13 31.92 20.81
N LYS A 1045 -31.34 31.39 20.64
CA LYS A 1045 -32.43 32.18 20.07
C LYS A 1045 -32.81 33.31 21.02
N GLY A 1046 -33.07 34.47 20.44
CA GLY A 1046 -33.43 35.66 21.18
C GLY A 1046 -32.25 36.62 21.30
N TYR A 1047 -32.57 37.83 21.76
CA TYR A 1047 -31.53 38.80 22.09
C TYR A 1047 -30.64 38.27 23.21
N HIS A 1048 -29.34 38.46 23.05
CA HIS A 1048 -28.36 37.89 23.97
C HIS A 1048 -28.01 38.85 25.08
N LEU A 1049 -27.92 38.32 26.30
CA LEU A 1049 -27.53 39.09 27.46
C LEU A 1049 -26.15 38.70 27.99
N MET A 1050 -25.91 37.40 28.14
CA MET A 1050 -24.69 36.82 28.70
C MET A 1050 -24.75 35.32 28.59
N SER A 1051 -23.57 34.72 28.60
CA SER A 1051 -23.44 33.28 28.50
C SER A 1051 -22.40 32.81 29.50
N PHE A 1052 -22.55 31.58 29.96
CA PHE A 1052 -21.67 31.03 30.97
C PHE A 1052 -21.02 29.73 30.50
N PRO A 1053 -19.73 29.54 30.78
CA PRO A 1053 -19.08 28.27 30.43
C PRO A 1053 -19.15 27.29 31.59
N GLN A 1054 -19.24 26.02 31.23
CA GLN A 1054 -19.12 24.93 32.18
C GLN A 1054 -18.26 23.86 31.54
N SER A 1055 -17.32 23.33 32.31
CA SER A 1055 -16.43 22.32 31.76
C SER A 1055 -17.16 20.99 31.62
N ALA A 1056 -16.62 20.13 30.77
CA ALA A 1056 -17.25 18.86 30.46
C ALA A 1056 -16.17 17.93 29.91
N PRO A 1057 -16.39 16.59 29.93
CA PRO A 1057 -15.37 15.69 29.39
C PRO A 1057 -15.16 15.90 27.90
N HIS A 1058 -13.97 16.40 27.53
CA HIS A 1058 -13.59 16.63 26.13
C HIS A 1058 -14.57 17.56 25.42
N GLY A 1059 -15.04 18.59 26.12
CA GLY A 1059 -15.96 19.53 25.52
C GLY A 1059 -16.30 20.64 26.50
N VAL A 1060 -17.13 21.57 26.03
CA VAL A 1060 -17.59 22.70 26.84
C VAL A 1060 -19.10 22.81 26.66
N VAL A 1061 -19.80 23.16 27.74
CA VAL A 1061 -21.24 23.32 27.71
C VAL A 1061 -21.55 24.77 28.04
N PHE A 1062 -22.36 25.40 27.19
CA PHE A 1062 -22.74 26.79 27.35
C PHE A 1062 -24.16 26.89 27.89
N LEU A 1063 -24.36 27.84 28.80
CA LEU A 1063 -25.70 28.31 29.15
C LEU A 1063 -25.87 29.67 28.50
N HIS A 1064 -26.89 29.82 27.67
CA HIS A 1064 -27.13 31.07 26.95
C HIS A 1064 -28.32 31.77 27.59
N VAL A 1065 -28.05 32.87 28.30
CA VAL A 1065 -29.09 33.68 28.92
C VAL A 1065 -29.58 34.68 27.89
N THR A 1066 -30.82 34.51 27.45
CA THR A 1066 -31.38 35.26 26.33
C THR A 1066 -32.68 35.93 26.75
N TYR A 1067 -32.98 37.05 26.10
CA TYR A 1067 -34.18 37.83 26.36
C TYR A 1067 -35.18 37.53 25.24
N VAL A 1068 -36.41 37.17 25.62
CA VAL A 1068 -37.43 36.75 24.66
C VAL A 1068 -38.73 37.50 24.93
N PRO A 1069 -39.21 38.31 23.99
CA PRO A 1069 -40.50 39.00 24.17
C PRO A 1069 -41.68 38.03 24.24
N ALA A 1070 -42.65 38.35 25.10
CA ALA A 1070 -43.65 37.37 25.50
C ALA A 1070 -45.08 37.70 25.07
N GLN A 1071 -45.66 38.83 25.50
CA GLN A 1071 -47.07 39.13 25.30
C GLN A 1071 -47.26 40.37 24.43
N GLU A 1072 -48.02 40.23 23.35
CA GLU A 1072 -48.27 41.32 22.42
C GLU A 1072 -49.37 42.24 22.95
N LYS A 1073 -49.51 43.40 22.31
CA LYS A 1073 -50.60 44.34 22.57
C LYS A 1073 -50.86 45.16 21.31
N ASN A 1074 -52.15 45.36 20.98
CA ASN A 1074 -52.51 46.02 19.74
C ASN A 1074 -52.28 47.52 19.90
N PHE A 1075 -51.60 48.16 18.93
CA PHE A 1075 -51.61 49.62 18.80
C PHE A 1075 -51.73 50.06 17.34
N THR A 1076 -52.44 51.17 17.11
CA THR A 1076 -52.34 51.83 15.80
C THR A 1076 -51.06 52.64 15.74
N THR A 1077 -50.53 52.85 14.52
CA THR A 1077 -49.21 53.47 14.40
C THR A 1077 -49.17 54.40 13.19
N ALA A 1078 -48.10 55.20 13.13
CA ALA A 1078 -47.89 56.13 12.03
C ALA A 1078 -46.42 56.48 11.93
N PRO A 1079 -45.87 56.66 10.72
CA PRO A 1079 -44.43 56.92 10.58
C PRO A 1079 -43.92 58.15 11.33
N ALA A 1080 -44.70 59.22 11.34
CA ALA A 1080 -44.26 60.52 11.86
C ALA A 1080 -45.48 61.28 12.37
N ILE A 1081 -45.22 62.41 13.03
CA ILE A 1081 -46.26 63.23 13.63
C ILE A 1081 -46.12 64.69 13.17
N CYS A 1082 -47.23 65.28 12.72
CA CYS A 1082 -47.30 66.70 12.40
C CYS A 1082 -47.93 67.44 13.57
N HIS A 1083 -47.26 68.50 14.04
CA HIS A 1083 -47.81 69.34 15.09
C HIS A 1083 -48.23 70.71 14.60
N ASP A 1084 -47.34 71.43 13.92
CA ASP A 1084 -47.63 72.74 13.36
C ASP A 1084 -47.35 72.77 11.87
N GLY A 1085 -47.57 71.64 11.20
CA GLY A 1085 -47.12 71.46 9.83
C GLY A 1085 -45.72 70.91 9.71
N LYS A 1086 -44.94 70.97 10.79
CA LYS A 1086 -43.61 70.38 10.83
C LYS A 1086 -43.70 68.94 11.30
N ALA A 1087 -43.04 68.04 10.58
CA ALA A 1087 -43.10 66.61 10.84
C ALA A 1087 -42.08 66.20 11.89
N HIS A 1088 -42.52 65.42 12.87
CA HIS A 1088 -41.67 64.99 13.99
C HIS A 1088 -41.40 63.50 13.86
N PHE A 1089 -40.11 63.12 13.94
CA PHE A 1089 -39.73 61.73 13.90
C PHE A 1089 -39.16 61.30 15.25
N PRO A 1090 -39.25 60.02 15.62
CA PRO A 1090 -38.71 59.60 16.92
C PRO A 1090 -37.19 59.45 16.87
N ARG A 1091 -36.50 59.97 17.88
CA ARG A 1091 -35.09 59.63 18.02
C ARG A 1091 -34.93 58.14 18.30
N GLU A 1092 -35.69 57.62 19.26
CA GLU A 1092 -35.68 56.22 19.62
C GLU A 1092 -37.11 55.77 19.89
N GLY A 1093 -37.49 54.63 19.34
CA GLY A 1093 -38.82 54.09 19.54
C GLY A 1093 -39.80 54.37 18.43
N VAL A 1094 -41.07 54.15 18.75
CA VAL A 1094 -42.15 54.09 17.76
C VAL A 1094 -43.34 54.91 18.24
N PHE A 1095 -44.04 55.52 17.29
CA PHE A 1095 -45.27 56.25 17.54
C PHE A 1095 -46.39 55.21 17.64
N VAL A 1096 -46.98 55.09 18.83
CA VAL A 1096 -48.06 54.12 19.03
C VAL A 1096 -49.25 54.81 19.69
N SER A 1097 -50.45 54.48 19.20
CA SER A 1097 -51.69 54.98 19.77
C SER A 1097 -52.57 53.83 20.21
N ASN A 1098 -53.05 53.88 21.45
CA ASN A 1098 -54.03 52.91 21.92
C ASN A 1098 -55.46 53.19 21.43
N GLY A 1099 -55.63 54.05 20.43
CA GLY A 1099 -56.91 54.36 19.86
C GLY A 1099 -57.41 55.77 20.09
N THR A 1100 -57.12 56.34 21.26
CA THR A 1100 -57.57 57.69 21.61
C THR A 1100 -56.45 58.66 21.99
N HIS A 1101 -55.23 58.19 22.22
CA HIS A 1101 -54.11 59.04 22.57
C HIS A 1101 -52.84 58.48 21.97
N TRP A 1102 -51.82 59.32 21.87
CA TRP A 1102 -50.59 58.96 21.17
C TRP A 1102 -49.42 58.95 22.12
N PHE A 1103 -48.67 57.86 22.09
CA PHE A 1103 -47.54 57.62 22.98
C PHE A 1103 -46.35 57.16 22.14
N VAL A 1104 -45.17 57.25 22.74
CA VAL A 1104 -43.95 56.71 22.16
C VAL A 1104 -43.46 55.59 23.06
N THR A 1105 -43.10 54.47 22.45
CA THR A 1105 -42.67 53.31 23.22
C THR A 1105 -41.37 52.78 22.65
N GLN A 1106 -40.55 52.23 23.55
CA GLN A 1106 -39.33 51.51 23.21
C GLN A 1106 -39.63 50.25 22.41
N ARG A 1107 -38.66 49.84 21.61
CA ARG A 1107 -38.95 48.96 20.48
C ARG A 1107 -39.24 47.54 20.94
N ASN A 1108 -38.52 47.05 21.96
CA ASN A 1108 -38.60 45.66 22.37
C ASN A 1108 -39.37 45.47 23.68
N PHE A 1109 -39.95 46.53 24.24
CA PHE A 1109 -40.70 46.42 25.48
C PHE A 1109 -41.70 47.56 25.59
N TYR A 1110 -42.92 47.24 26.05
CA TYR A 1110 -43.99 48.24 26.11
C TYR A 1110 -43.82 49.08 27.37
N GLU A 1111 -43.25 50.28 27.18
CA GLU A 1111 -43.09 51.28 28.23
C GLU A 1111 -43.59 52.59 27.65
N PRO A 1112 -44.91 52.81 27.62
CA PRO A 1112 -45.46 53.99 26.95
C PRO A 1112 -44.99 55.28 27.60
N GLN A 1113 -44.64 56.25 26.77
CA GLN A 1113 -44.31 57.58 27.26
C GLN A 1113 -45.01 58.62 26.41
N ILE A 1114 -45.41 59.70 27.05
CA ILE A 1114 -46.12 60.78 26.38
C ILE A 1114 -45.16 61.48 25.42
N ILE A 1115 -45.68 61.94 24.29
CA ILE A 1115 -44.83 62.51 23.25
C ILE A 1115 -44.33 63.87 23.72
N THR A 1116 -43.01 64.06 23.68
CA THR A 1116 -42.43 65.36 23.97
C THR A 1116 -41.37 65.72 22.94
N THR A 1117 -40.94 66.98 22.98
CA THR A 1117 -39.87 67.45 22.12
C THR A 1117 -38.51 66.86 22.49
N ASP A 1118 -38.36 66.31 23.69
CA ASP A 1118 -37.10 65.68 24.06
C ASP A 1118 -36.90 64.30 23.45
N ASN A 1119 -37.96 63.58 23.13
CA ASN A 1119 -37.81 62.29 22.47
C ASN A 1119 -37.90 62.35 20.95
N THR A 1120 -38.30 63.48 20.38
CA THR A 1120 -38.57 63.58 18.94
C THR A 1120 -37.81 64.78 18.38
N PHE A 1121 -37.31 64.62 17.16
CA PHE A 1121 -36.62 65.67 16.44
C PHE A 1121 -37.42 66.10 15.22
N VAL A 1122 -37.49 67.40 14.99
CA VAL A 1122 -38.36 67.96 13.97
C VAL A 1122 -37.62 67.93 12.63
N SER A 1123 -38.35 67.74 11.54
CA SER A 1123 -37.78 67.78 10.20
C SER A 1123 -38.86 67.99 9.16
N GLY A 1124 -38.62 68.89 8.21
CA GLY A 1124 -39.40 69.06 6.99
C GLY A 1124 -40.83 69.51 7.23
N ASN A 1125 -41.70 69.15 6.29
CA ASN A 1125 -43.13 69.44 6.37
C ASN A 1125 -43.97 68.20 6.06
N CYS A 1126 -45.28 68.36 6.25
CA CYS A 1126 -46.22 67.23 6.27
C CYS A 1126 -46.28 66.53 4.91
N ASP A 1127 -46.37 67.31 3.83
CA ASP A 1127 -46.81 66.83 2.52
C ASP A 1127 -46.00 65.63 2.00
N VAL A 1128 -44.69 65.64 2.22
CA VAL A 1128 -43.84 64.64 1.58
C VAL A 1128 -44.07 63.25 2.17
N VAL A 1129 -44.22 63.15 3.48
CA VAL A 1129 -44.29 61.85 4.16
C VAL A 1129 -45.68 61.25 4.01
N ILE A 1130 -45.73 60.04 3.48
CA ILE A 1130 -46.99 59.31 3.29
C ILE A 1130 -47.37 58.59 4.58
N GLY A 1131 -48.66 58.61 4.89
CA GLY A 1131 -49.25 57.94 6.04
C GLY A 1131 -49.18 58.66 7.36
N ILE A 1132 -48.68 59.90 7.39
CA ILE A 1132 -48.57 60.64 8.63
C ILE A 1132 -49.97 60.94 9.16
N VAL A 1133 -50.10 60.96 10.48
CA VAL A 1133 -51.35 61.33 11.15
C VAL A 1133 -51.19 62.67 11.82
N ASN A 1134 -52.32 63.26 12.22
CA ASN A 1134 -52.33 64.53 12.91
C ASN A 1134 -52.26 64.22 14.41
N ASN A 1135 -51.27 64.76 15.13
CA ASN A 1135 -51.20 64.54 16.58
C ASN A 1135 -50.52 65.69 17.31
N THR A 1136 -51.13 66.20 18.39
CA THR A 1136 -50.50 67.25 19.18
C THR A 1136 -49.19 66.74 19.78
N VAL A 1137 -48.13 67.53 19.68
CA VAL A 1137 -46.86 67.24 20.35
C VAL A 1137 -46.67 68.18 21.53
N TYR A 1138 -46.43 67.62 22.71
CA TYR A 1138 -46.29 68.38 23.94
C TYR A 1138 -44.84 68.83 24.07
N ASP A 1139 -44.62 70.03 24.58
CA ASP A 1139 -43.27 70.56 24.76
C ASP A 1139 -42.99 70.70 26.24
N PRO A 1140 -42.07 69.92 26.84
CA PRO A 1140 -41.85 70.01 28.30
C PRO A 1140 -41.42 71.39 28.77
N LEU A 1141 -40.79 72.16 27.89
CA LEU A 1141 -40.29 73.48 28.25
C LEU A 1141 -41.43 74.46 28.46
N GLN A 1142 -42.49 74.32 27.66
CA GLN A 1142 -43.60 75.27 27.68
C GLN A 1142 -44.28 75.43 29.05
N PRO A 1143 -44.70 74.37 29.77
CA PRO A 1143 -45.28 74.60 31.11
C PRO A 1143 -44.30 75.21 32.11
N GLU A 1144 -43.00 75.00 31.90
CA GLU A 1144 -41.98 75.62 32.73
C GLU A 1144 -41.87 77.12 32.46
N LEU A 1145 -42.00 77.52 31.20
CA LEU A 1145 -42.03 78.95 30.92
C LEU A 1145 -43.37 79.59 31.24
N ASP A 1146 -44.47 78.83 31.12
CA ASP A 1146 -45.78 79.34 31.52
C ASP A 1146 -45.85 79.56 33.02
N SER A 1147 -45.27 78.66 33.80
CA SER A 1147 -45.24 78.80 35.25
C SER A 1147 -44.12 79.73 35.69
N ALA B 27 46.76 2.54 31.03
CA ALA B 27 46.17 3.85 31.28
C ALA B 27 44.93 4.06 30.41
N TYR B 28 44.12 5.05 30.78
CA TYR B 28 42.89 5.35 30.07
C TYR B 28 42.80 6.84 29.80
N THR B 29 42.28 7.21 28.62
CA THR B 29 42.04 8.62 28.31
C THR B 29 40.67 8.74 27.64
N ASN B 30 40.26 9.99 27.44
CA ASN B 30 38.96 10.32 26.86
C ASN B 30 39.11 10.55 25.37
N SER B 31 38.46 9.71 24.56
CA SER B 31 38.41 9.92 23.10
C SER B 31 37.31 10.94 22.82
N PHE B 32 37.69 12.22 22.97
CA PHE B 32 36.76 13.35 22.91
C PHE B 32 35.88 13.36 21.66
N THR B 33 36.47 13.46 20.48
CA THR B 33 35.68 13.53 19.24
C THR B 33 36.26 12.73 18.07
N ARG B 34 37.52 12.33 18.12
CA ARG B 34 38.20 11.73 16.97
C ARG B 34 37.61 10.38 16.57
N GLY B 35 37.66 10.10 15.26
CA GLY B 35 37.36 8.76 14.79
C GLY B 35 36.38 8.60 13.64
N VAL B 36 35.72 9.67 13.20
CA VAL B 36 34.73 9.57 12.13
C VAL B 36 35.44 9.55 10.78
N TYR B 37 34.99 8.65 9.89
CA TYR B 37 35.59 8.48 8.57
C TYR B 37 34.52 8.51 7.50
N TYR B 38 34.91 8.99 6.30
CA TYR B 38 34.06 9.11 5.12
C TYR B 38 33.47 7.75 4.77
N PRO B 39 32.16 7.55 4.97
CA PRO B 39 31.58 6.20 4.82
C PRO B 39 31.63 5.65 3.39
N ASP B 40 31.48 6.47 2.36
CA ASP B 40 31.38 5.96 1.00
C ASP B 40 31.95 7.00 0.03
N LYS B 41 31.68 6.83 -1.28
CA LYS B 41 32.20 7.72 -2.32
C LYS B 41 31.04 8.62 -2.73
N VAL B 42 30.93 9.79 -2.10
CA VAL B 42 29.83 10.73 -2.33
C VAL B 42 30.35 12.15 -2.18
N PHE B 43 29.56 13.11 -2.65
CA PHE B 43 29.90 14.52 -2.46
C PHE B 43 28.68 15.36 -2.06
N ARG B 44 27.92 14.94 -1.03
CA ARG B 44 26.82 15.83 -0.60
C ARG B 44 27.36 17.17 -0.12
N SER B 45 26.67 18.23 -0.51
CA SER B 45 27.08 19.61 -0.20
C SER B 45 26.03 20.25 0.69
N SER B 46 26.44 20.60 1.91
CA SER B 46 25.58 21.18 2.95
C SER B 46 24.36 20.32 3.24
N VAL B 47 24.57 19.00 3.27
CA VAL B 47 23.52 18.02 3.50
C VAL B 47 23.86 17.23 4.77
N LEU B 48 22.90 17.11 5.67
CA LEU B 48 23.05 16.28 6.87
C LEU B 48 22.61 14.85 6.56
N HIS B 49 23.56 13.94 6.44
CA HIS B 49 23.29 12.54 6.12
C HIS B 49 23.49 11.62 7.31
N SER B 50 22.50 10.77 7.58
CA SER B 50 22.58 9.76 8.64
C SER B 50 22.99 8.42 8.02
N THR B 51 24.01 7.79 8.59
CA THR B 51 24.50 6.51 8.10
C THR B 51 24.75 5.56 9.26
N GLN B 52 24.67 4.27 8.98
CA GLN B 52 24.95 3.20 9.94
C GLN B 52 26.23 2.47 9.55
N ASP B 53 27.22 2.49 10.43
CA ASP B 53 28.48 1.78 10.21
C ASP B 53 29.21 1.66 11.55
N LEU B 54 30.24 0.82 11.56
CA LEU B 54 31.10 0.59 12.73
C LEU B 54 31.93 1.84 13.00
N PHE B 55 31.51 2.65 13.97
CA PHE B 55 32.21 3.88 14.34
C PHE B 55 32.63 3.81 15.81
N LEU B 56 33.63 4.61 16.15
CA LEU B 56 34.02 4.82 17.54
C LEU B 56 33.05 5.76 18.24
N PRO B 57 32.38 5.31 19.31
CA PRO B 57 31.50 6.21 20.07
C PRO B 57 32.27 7.39 20.67
N PHE B 58 31.64 8.55 20.64
CA PHE B 58 32.20 9.76 21.22
C PHE B 58 32.33 9.66 22.74
N PHE B 59 33.36 10.33 23.27
CA PHE B 59 33.68 10.41 24.69
C PHE B 59 33.73 9.05 25.40
N SER B 60 34.34 8.08 24.73
CA SER B 60 34.50 6.75 25.29
C SER B 60 35.86 6.64 25.98
N ASN B 61 36.21 5.43 26.42
CA ASN B 61 37.48 5.17 27.11
C ASN B 61 38.36 4.34 26.18
N VAL B 62 39.07 5.05 25.30
CA VAL B 62 40.04 4.41 24.43
C VAL B 62 41.24 4.01 25.29
N THR B 63 41.64 2.74 25.19
CA THR B 63 42.81 2.25 25.89
C THR B 63 44.07 2.96 25.40
N TRP B 64 44.76 3.62 26.34
CA TRP B 64 45.89 4.49 26.04
C TRP B 64 47.20 3.82 26.44
N PHE B 65 47.83 3.16 25.47
CA PHE B 65 49.08 2.44 25.68
C PHE B 65 50.26 3.33 25.36
N HIS B 66 51.31 3.25 26.16
CA HIS B 66 52.43 4.17 26.00
C HIS B 66 53.60 3.46 25.36
N ALA B 67 54.43 4.24 24.66
CA ALA B 67 55.72 3.80 24.16
C ALA B 67 56.79 4.73 24.71
N ILE B 68 56.70 5.03 26.01
CA ILE B 68 57.53 6.04 26.62
C ILE B 68 58.14 5.40 27.88
N HIS B 69 58.73 6.24 28.76
CA HIS B 69 59.41 5.92 30.04
C HIS B 69 59.58 4.46 30.44
N ARG B 78 61.41 -1.14 30.34
CA ARG B 78 61.91 -0.44 29.16
C ARG B 78 60.75 -0.38 28.15
N PHE B 79 59.68 -1.11 28.50
CA PHE B 79 58.40 -1.20 27.79
C PHE B 79 58.49 -2.04 26.52
N ASP B 80 57.33 -2.30 25.92
CA ASP B 80 57.20 -3.16 24.76
C ASP B 80 55.89 -2.84 24.05
N ASN B 81 55.67 -3.49 22.90
CA ASN B 81 54.44 -3.32 22.12
C ASN B 81 53.61 -4.61 22.06
N PRO B 82 52.90 -4.91 23.15
CA PRO B 82 52.24 -6.22 23.30
C PRO B 82 51.13 -6.45 22.28
N VAL B 83 50.84 -7.73 22.03
CA VAL B 83 49.74 -8.09 21.15
C VAL B 83 48.41 -7.74 21.81
N LEU B 84 47.51 -7.17 21.03
CA LEU B 84 46.19 -6.79 21.49
C LEU B 84 45.10 -7.49 20.68
N PRO B 85 43.96 -7.85 21.29
CA PRO B 85 42.89 -8.46 20.50
C PRO B 85 42.29 -7.51 19.46
N PHE B 86 42.02 -8.06 18.28
CA PHE B 86 41.15 -7.41 17.31
C PHE B 86 39.69 -7.73 17.68
N ASN B 87 38.76 -7.22 16.88
CA ASN B 87 37.32 -7.17 17.10
C ASN B 87 36.73 -6.72 15.77
N ASP B 88 35.39 -6.60 15.74
CA ASP B 88 34.66 -6.05 14.58
C ASP B 88 35.31 -4.78 14.00
N GLY B 89 35.97 -3.98 14.85
CA GLY B 89 36.79 -2.88 14.39
C GLY B 89 37.68 -2.40 15.51
N VAL B 90 38.67 -1.58 15.15
CA VAL B 90 39.62 -1.02 16.10
C VAL B 90 39.92 0.41 15.68
N TYR B 91 40.03 1.31 16.64
CA TYR B 91 40.47 2.67 16.38
C TYR B 91 41.93 2.79 16.79
N PHE B 92 42.80 3.20 15.86
CA PHE B 92 44.23 3.31 16.10
C PHE B 92 44.74 4.71 15.77
N ALA B 93 45.09 5.46 16.81
CA ALA B 93 45.70 6.78 16.68
C ALA B 93 47.12 6.71 17.22
N SER B 94 48.08 7.10 16.39
CA SER B 94 49.50 6.97 16.71
C SER B 94 50.16 8.34 16.64
N THR B 95 50.91 8.68 17.70
CA THR B 95 51.60 9.96 17.79
C THR B 95 53.06 9.79 17.41
N GLU B 96 53.59 10.75 16.65
CA GLU B 96 54.90 10.60 16.05
C GLU B 96 55.68 11.91 16.19
N LYS B 97 56.99 11.78 16.41
CA LYS B 97 57.92 12.85 16.08
C LYS B 97 58.99 12.40 15.10
N SER B 98 59.34 11.11 15.11
CA SER B 98 60.40 10.56 14.27
C SER B 98 59.95 9.29 13.55
N ASN B 99 58.63 9.09 13.40
CA ASN B 99 58.04 8.09 12.50
C ASN B 99 58.47 6.68 12.90
N ILE B 100 58.46 6.42 14.22
CA ILE B 100 59.04 5.20 14.77
C ILE B 100 58.26 3.96 14.35
N ILE B 101 56.93 3.98 14.43
CA ILE B 101 56.14 2.82 14.04
C ILE B 101 56.28 2.60 12.53
N ARG B 102 56.54 1.34 12.14
CA ARG B 102 56.91 1.00 10.78
C ARG B 102 56.12 -0.16 10.18
N GLY B 103 55.16 -0.72 10.90
CA GLY B 103 54.52 -1.93 10.42
C GLY B 103 53.26 -2.25 11.18
N TRP B 104 52.55 -3.26 10.69
CA TRP B 104 51.35 -3.79 11.31
C TRP B 104 51.15 -5.24 10.90
N ILE B 105 50.31 -5.94 11.65
CA ILE B 105 49.90 -7.31 11.34
C ILE B 105 48.40 -7.43 11.58
N PHE B 106 47.72 -8.18 10.71
CA PHE B 106 46.29 -8.48 10.81
C PHE B 106 46.12 -9.92 10.37
N GLY B 107 46.09 -10.81 11.36
CA GLY B 107 45.97 -12.23 11.11
C GLY B 107 44.99 -12.85 12.08
N THR B 108 44.47 -14.01 11.68
CA THR B 108 43.63 -14.79 12.58
C THR B 108 44.43 -15.45 13.69
N THR B 109 45.60 -16.00 13.38
CA THR B 109 46.35 -16.73 14.39
C THR B 109 47.68 -16.11 14.76
N LEU B 110 48.42 -15.53 13.81
CA LEU B 110 49.76 -14.94 14.05
C LEU B 110 50.77 -15.98 14.49
N ASP B 111 50.61 -17.22 14.01
CA ASP B 111 51.52 -18.30 14.33
C ASP B 111 51.82 -19.13 13.09
N SER B 112 51.64 -18.53 11.90
CA SER B 112 51.81 -19.13 10.58
C SER B 112 50.82 -20.28 10.40
N LYS B 113 49.57 -19.93 10.13
CA LYS B 113 48.52 -20.92 9.91
C LYS B 113 47.55 -20.37 8.87
N THR B 114 47.03 -19.17 9.13
CA THR B 114 46.14 -18.51 8.18
C THR B 114 46.96 -17.55 7.33
N GLN B 115 46.33 -16.53 6.76
CA GLN B 115 47.02 -15.57 5.93
C GLN B 115 47.22 -14.31 6.76
N SER B 116 48.31 -14.25 7.52
CA SER B 116 48.56 -13.05 8.31
C SER B 116 49.14 -11.98 7.40
N LEU B 117 48.37 -10.94 7.13
CA LEU B 117 48.84 -9.85 6.28
C LEU B 117 49.81 -8.95 7.04
N LEU B 118 50.80 -8.42 6.33
CA LEU B 118 51.76 -7.49 6.89
C LEU B 118 51.81 -6.29 5.97
N ILE B 119 51.87 -5.09 6.55
CA ILE B 119 52.07 -3.86 5.79
C ILE B 119 53.20 -3.06 6.44
N VAL B 120 54.26 -2.78 5.66
CA VAL B 120 55.43 -2.04 6.11
C VAL B 120 55.84 -1.06 5.01
N ASN B 121 56.23 0.14 5.41
CA ASN B 121 56.64 1.20 4.50
C ASN B 121 58.15 1.37 4.56
N ASN B 122 58.87 0.86 3.56
CA ASN B 122 60.32 1.04 3.48
C ASN B 122 60.62 2.34 2.75
N ALA B 123 61.02 3.37 3.52
CA ALA B 123 61.35 4.70 3.01
C ALA B 123 60.22 5.28 2.15
N THR B 124 60.35 5.20 0.82
CA THR B 124 59.37 5.82 -0.07
C THR B 124 58.44 4.83 -0.76
N ASN B 125 58.41 3.56 -0.33
CA ASN B 125 57.57 2.57 -1.00
C ASN B 125 56.65 1.90 0.01
N VAL B 126 55.37 1.84 -0.31
CA VAL B 126 54.37 1.15 0.50
C VAL B 126 54.09 -0.21 -0.13
N VAL B 127 54.28 -1.28 0.63
CA VAL B 127 54.11 -2.64 0.14
C VAL B 127 53.06 -3.34 0.99
N ILE B 128 52.18 -4.10 0.34
CA ILE B 128 51.19 -4.92 1.00
C ILE B 128 51.35 -6.33 0.44
N LYS B 129 51.67 -7.29 1.31
CA LYS B 129 51.94 -8.66 0.90
C LYS B 129 51.28 -9.60 1.90
N VAL B 130 50.88 -10.78 1.42
CA VAL B 130 50.20 -11.75 2.28
C VAL B 130 50.75 -13.18 2.28
N CYS B 131 52.07 -13.34 2.36
CA CYS B 131 52.66 -14.68 2.32
C CYS B 131 53.02 -15.14 3.73
N GLU B 132 54.08 -15.94 3.89
CA GLU B 132 54.44 -16.46 5.22
C GLU B 132 55.90 -16.12 5.56
N PHE B 133 56.19 -14.82 5.63
CA PHE B 133 57.52 -14.40 6.05
C PHE B 133 57.48 -14.49 7.56
N GLN B 134 58.30 -15.39 8.12
CA GLN B 134 58.28 -15.64 9.55
C GLN B 134 58.73 -14.44 10.38
N PHE B 135 57.77 -13.77 10.99
CA PHE B 135 58.03 -12.64 11.86
C PHE B 135 58.51 -13.19 13.20
N CYS B 136 59.51 -12.54 13.78
CA CYS B 136 60.00 -12.90 15.09
C CYS B 136 58.94 -12.70 16.16
N ASN B 137 59.04 -13.48 17.25
CA ASN B 137 58.13 -13.38 18.39
C ASN B 137 58.13 -11.97 18.96
N ASP B 138 59.28 -11.29 18.93
CA ASP B 138 59.42 -9.87 19.21
C ASP B 138 59.69 -9.25 17.84
N PRO B 139 58.64 -8.97 17.06
CA PRO B 139 58.82 -8.50 15.67
C PRO B 139 59.21 -7.03 15.59
N PHE B 140 60.47 -6.79 15.23
CA PHE B 140 61.00 -5.44 15.17
C PHE B 140 61.87 -5.31 13.92
N LEU B 141 61.93 -4.09 13.40
CA LEU B 141 62.74 -3.78 12.21
C LEU B 141 63.93 -2.95 12.65
N GLY B 142 65.12 -3.56 12.61
CA GLY B 142 66.31 -2.88 13.09
C GLY B 142 66.75 -1.78 12.15
N VAL B 143 67.40 -0.77 12.71
CA VAL B 143 67.92 0.35 11.94
C VAL B 143 69.20 -0.06 11.22
N ASN B 165 53.11 -18.16 0.42
CA ASN B 165 51.94 -18.13 -0.42
C ASN B 165 50.98 -16.95 -0.21
N CYS B 166 50.76 -16.23 -1.29
CA CYS B 166 50.02 -14.98 -1.35
C CYS B 166 48.76 -15.10 -2.18
N THR B 167 48.13 -13.95 -2.35
CA THR B 167 46.91 -13.62 -3.09
C THR B 167 47.22 -12.24 -3.64
N PHE B 168 46.19 -11.46 -3.98
CA PHE B 168 46.43 -10.13 -4.55
C PHE B 168 47.38 -9.32 -3.67
N GLU B 169 48.62 -9.19 -4.14
CA GLU B 169 49.65 -8.36 -3.54
C GLU B 169 49.58 -6.97 -4.15
N TYR B 170 49.92 -5.96 -3.35
CA TYR B 170 49.94 -4.58 -3.82
C TYR B 170 51.27 -3.90 -3.48
N VAL B 171 52.13 -3.78 -4.48
CA VAL B 171 53.40 -3.07 -4.35
C VAL B 171 53.17 -1.69 -4.96
N SER B 172 53.99 -0.72 -4.57
CA SER B 172 53.95 0.58 -5.21
C SER B 172 55.30 1.00 -5.78
N PHE B 186 53.81 17.02 18.71
CA PHE B 186 53.69 16.06 17.62
C PHE B 186 53.20 16.76 16.37
N LYS B 187 53.91 16.59 15.25
CA LYS B 187 53.62 17.39 14.07
C LYS B 187 52.81 16.61 13.04
N ASN B 188 52.71 15.30 13.19
CA ASN B 188 51.85 14.46 12.38
C ASN B 188 51.04 13.60 13.33
N LEU B 189 49.72 13.57 13.13
CA LEU B 189 48.83 12.73 13.92
C LEU B 189 48.22 11.75 12.94
N ARG B 190 48.81 10.55 12.87
CA ARG B 190 48.45 9.58 11.84
C ARG B 190 47.38 8.63 12.37
N GLU B 191 46.17 9.16 12.51
CA GLU B 191 45.06 8.35 12.98
C GLU B 191 44.74 7.36 11.88
N PHE B 192 44.43 6.12 12.24
CA PHE B 192 44.14 5.09 11.25
C PHE B 192 42.99 4.19 11.64
N VAL B 193 42.16 3.90 10.64
CA VAL B 193 41.10 2.90 10.73
C VAL B 193 41.32 1.82 9.66
N PHE B 194 42.22 0.88 9.95
CA PHE B 194 42.52 -0.19 9.00
C PHE B 194 41.28 -1.07 8.98
N LYS B 195 40.46 -0.95 7.93
CA LYS B 195 39.20 -1.68 7.93
C LYS B 195 39.09 -2.68 6.81
N ASN B 196 38.51 -3.83 7.13
CA ASN B 196 38.22 -4.85 6.13
C ASN B 196 36.71 -5.05 6.02
N ILE B 197 36.16 -4.87 4.82
CA ILE B 197 34.73 -4.98 4.60
C ILE B 197 34.53 -5.72 3.29
N ASP B 198 33.42 -6.46 3.18
CA ASP B 198 32.91 -7.12 1.97
C ASP B 198 34.02 -7.66 1.07
N GLY B 199 34.96 -8.37 1.69
CA GLY B 199 36.08 -8.94 0.95
C GLY B 199 37.12 -7.94 0.50
N TYR B 200 37.08 -6.71 1.00
CA TYR B 200 38.03 -5.64 0.64
C TYR B 200 38.71 -5.14 1.90
N PHE B 201 39.98 -4.78 1.78
CA PHE B 201 40.78 -4.28 2.89
C PHE B 201 41.14 -2.81 2.63
N LYS B 202 40.53 -1.89 3.38
CA LYS B 202 40.65 -0.46 3.12
C LYS B 202 41.48 0.23 4.19
N ILE B 203 42.23 1.25 3.76
CA ILE B 203 43.14 2.02 4.60
C ILE B 203 42.77 3.49 4.55
N TYR B 204 42.89 4.18 5.68
CA TYR B 204 42.62 5.60 5.86
C TYR B 204 43.85 6.29 6.46
N SER B 205 43.85 7.62 6.39
CA SER B 205 45.03 8.41 6.76
C SER B 205 44.59 9.82 7.13
N LYS B 206 45.47 10.52 7.85
CA LYS B 206 45.39 11.95 8.15
C LYS B 206 46.70 12.37 8.81
N HIS B 207 47.10 13.63 8.60
CA HIS B 207 48.38 14.14 9.04
C HIS B 207 48.23 15.51 9.72
N THR B 208 47.32 15.58 10.69
CA THR B 208 47.02 16.84 11.37
C THR B 208 48.18 17.31 12.22
N PRO B 209 48.59 18.58 12.13
CA PRO B 209 49.60 19.11 13.07
C PRO B 209 48.97 19.67 14.34
N ILE B 210 49.61 19.34 15.47
CA ILE B 210 49.14 19.68 16.81
C ILE B 210 50.30 20.26 17.61
N ASN B 211 49.99 21.18 18.52
CA ASN B 211 50.97 21.72 19.45
C ASN B 211 50.75 21.25 20.88
N LEU B 212 49.62 20.62 21.20
CA LEU B 212 49.36 20.06 22.52
C LEU B 212 49.87 18.62 22.55
N VAL B 213 50.99 18.41 23.24
CA VAL B 213 51.63 17.10 23.32
C VAL B 213 50.99 16.19 24.38
N ARG B 214 50.28 16.75 25.35
CA ARG B 214 49.81 16.00 26.51
C ARG B 214 48.85 14.86 26.14
N ASP B 215 47.80 15.17 25.39
CA ASP B 215 46.69 14.21 25.27
C ASP B 215 45.96 14.50 23.96
N LEU B 216 44.85 13.80 23.74
CA LEU B 216 44.14 13.88 22.47
C LEU B 216 43.48 15.26 22.35
N PRO B 217 43.69 15.96 21.24
CA PRO B 217 43.12 17.30 21.09
C PRO B 217 41.64 17.26 20.75
N GLN B 218 40.90 18.21 21.32
CA GLN B 218 39.52 18.41 20.88
C GLN B 218 39.58 18.95 19.46
N GLY B 219 38.74 18.42 18.60
CA GLY B 219 38.85 18.76 17.20
C GLY B 219 38.18 17.70 16.33
N PHE B 220 38.27 17.92 15.02
CA PHE B 220 37.60 17.08 14.04
C PHE B 220 38.48 16.93 12.80
N SER B 221 39.09 15.76 12.67
CA SER B 221 39.75 15.37 11.43
C SER B 221 39.00 14.19 10.84
N ALA B 222 38.45 14.37 9.65
CA ALA B 222 37.85 13.24 8.95
C ALA B 222 38.93 12.35 8.38
N LEU B 223 38.56 11.10 8.08
CA LEU B 223 39.54 10.12 7.59
C LEU B 223 39.14 9.76 6.18
N GLU B 224 39.96 10.15 5.21
CA GLU B 224 39.61 9.78 3.84
C GLU B 224 40.05 8.35 3.56
N PRO B 225 39.35 7.64 2.67
CA PRO B 225 39.82 6.29 2.29
C PRO B 225 41.03 6.38 1.38
N LEU B 226 42.21 6.06 1.93
CA LEU B 226 43.45 6.20 1.20
C LEU B 226 43.53 5.24 0.01
N VAL B 227 43.41 3.94 0.28
CA VAL B 227 43.50 2.91 -0.74
C VAL B 227 42.43 1.87 -0.46
N ASP B 228 42.00 1.17 -1.51
CA ASP B 228 41.09 0.04 -1.39
C ASP B 228 41.74 -1.17 -2.04
N LEU B 229 41.64 -2.33 -1.38
CA LEU B 229 42.27 -3.52 -1.93
C LEU B 229 41.47 -4.74 -1.49
N PRO B 230 41.25 -5.71 -2.38
CA PRO B 230 40.32 -6.83 -2.06
C PRO B 230 40.96 -8.03 -1.37
N ILE B 231 41.26 -7.89 -0.08
CA ILE B 231 41.96 -8.97 0.61
C ILE B 231 40.97 -9.98 1.21
N GLY B 232 40.09 -9.51 2.09
CA GLY B 232 39.05 -10.37 2.64
C GLY B 232 39.44 -11.50 3.58
N ILE B 233 39.91 -11.21 4.81
CA ILE B 233 40.29 -12.27 5.73
C ILE B 233 39.51 -12.12 7.04
N ASN B 234 39.20 -13.26 7.66
CA ASN B 234 38.56 -13.35 8.97
C ASN B 234 39.58 -13.05 10.08
N ILE B 235 39.93 -11.77 10.19
CA ILE B 235 41.03 -11.33 11.03
C ILE B 235 40.54 -11.26 12.48
N THR B 236 41.31 -11.82 13.42
CA THR B 236 40.93 -11.83 14.83
C THR B 236 41.93 -11.21 15.80
N ARG B 237 43.18 -10.98 15.40
CA ARG B 237 44.21 -10.45 16.30
C ARG B 237 44.93 -9.27 15.64
N PHE B 238 45.85 -8.65 16.40
CA PHE B 238 46.37 -7.32 16.08
C PHE B 238 47.65 -7.05 16.85
N GLN B 239 48.69 -6.59 16.14
CA GLN B 239 49.92 -6.14 16.76
C GLN B 239 50.58 -5.05 15.91
N THR B 240 51.35 -4.19 16.57
CA THR B 240 52.07 -3.07 15.97
C THR B 240 53.56 -3.30 16.07
N LEU B 241 54.31 -2.65 15.19
CA LEU B 241 55.77 -2.82 15.11
C LEU B 241 56.46 -1.48 15.35
N LEU B 242 57.33 -1.44 16.37
CA LEU B 242 57.96 -0.22 16.81
C LEU B 242 59.44 -0.30 16.46
N ALA B 243 60.00 0.79 15.95
CA ALA B 243 61.43 0.84 15.65
C ALA B 243 62.27 0.98 16.91
N LEU B 244 63.23 0.08 17.09
CA LEU B 244 64.02 0.03 18.31
C LEU B 244 65.42 0.55 17.97
N HIS B 245 65.87 1.54 18.72
CA HIS B 245 67.22 2.07 18.57
C HIS B 245 68.20 1.35 19.48
N ALA B 263 55.93 8.33 22.29
CA ALA B 263 55.15 8.00 21.10
C ALA B 263 54.00 7.05 21.47
N ALA B 264 53.14 7.51 22.37
CA ALA B 264 52.01 6.72 22.82
C ALA B 264 51.00 6.52 21.69
N TYR B 265 50.33 5.38 21.72
CA TYR B 265 49.33 5.04 20.72
C TYR B 265 48.07 4.56 21.41
N TYR B 266 46.92 4.79 20.77
CA TYR B 266 45.65 4.46 21.38
C TYR B 266 44.98 3.30 20.64
N VAL B 267 44.25 2.48 21.39
CA VAL B 267 43.47 1.38 20.83
C VAL B 267 42.06 1.47 21.41
N GLY B 268 41.07 1.64 20.54
CA GLY B 268 39.69 1.63 20.96
C GLY B 268 38.90 0.75 20.00
N TYR B 269 37.73 0.30 20.45
CA TYR B 269 36.98 -0.67 19.67
C TYR B 269 35.70 -0.03 19.12
N LEU B 270 35.49 -0.14 17.82
CA LEU B 270 34.33 0.47 17.19
C LEU B 270 33.08 -0.35 17.48
N GLN B 271 31.93 0.30 17.42
CA GLN B 271 30.66 -0.32 17.72
C GLN B 271 29.67 0.04 16.63
N PRO B 272 28.63 -0.79 16.43
CA PRO B 272 27.69 -0.51 15.32
C PRO B 272 26.66 0.52 15.73
N ARG B 273 27.10 1.77 15.81
CA ARG B 273 26.24 2.91 16.10
C ARG B 273 25.81 3.59 14.82
N THR B 274 24.89 4.55 14.96
CA THR B 274 24.38 5.39 13.89
C THR B 274 24.87 6.81 14.08
N PHE B 275 25.40 7.41 13.01
CA PHE B 275 25.97 8.75 13.08
C PHE B 275 25.30 9.64 12.05
N LEU B 276 25.22 10.93 12.38
CA LEU B 276 24.76 11.96 11.46
C LEU B 276 25.97 12.82 11.17
N LEU B 277 26.45 12.79 9.92
CA LEU B 277 27.66 13.49 9.51
C LEU B 277 27.30 14.79 8.80
N LYS B 278 27.90 15.89 9.25
CA LYS B 278 27.59 17.21 8.70
C LYS B 278 28.60 17.52 7.60
N TYR B 279 28.21 17.23 6.37
CA TYR B 279 29.03 17.59 5.22
C TYR B 279 28.94 19.10 5.03
N ASN B 280 30.04 19.73 4.63
CA ASN B 280 29.96 21.18 4.52
C ASN B 280 29.55 21.50 3.08
N GLU B 281 29.55 22.78 2.68
CA GLU B 281 29.21 23.08 1.30
C GLU B 281 30.28 22.57 0.34
N ASN B 282 31.50 23.04 0.53
CA ASN B 282 32.63 22.74 -0.35
C ASN B 282 33.18 21.33 -0.09
N GLY B 283 32.68 20.63 0.94
CA GLY B 283 32.86 19.20 1.09
C GLY B 283 33.59 18.64 2.31
N THR B 284 34.23 19.45 3.14
CA THR B 284 34.89 18.89 4.32
C THR B 284 33.84 18.42 5.33
N ILE B 285 34.05 17.26 5.93
CA ILE B 285 33.16 16.81 7.00
C ILE B 285 33.54 17.56 8.26
N THR B 286 32.64 18.41 8.75
CA THR B 286 32.95 19.29 9.87
C THR B 286 32.42 18.85 11.22
N ASP B 287 31.25 18.21 11.30
CA ASP B 287 30.68 17.81 12.58
C ASP B 287 29.98 16.46 12.47
N ALA B 288 29.81 15.82 13.62
CA ALA B 288 29.02 14.59 13.71
C ALA B 288 28.43 14.47 15.10
N VAL B 289 27.32 13.72 15.20
CA VAL B 289 26.63 13.45 16.46
C VAL B 289 26.42 11.95 16.63
N ASP B 290 26.75 11.44 17.83
CA ASP B 290 26.59 10.02 18.15
C ASP B 290 25.14 9.83 18.58
N CYS B 291 24.35 9.12 17.76
CA CYS B 291 22.89 9.06 17.95
C CYS B 291 22.44 8.47 19.28
N ALA B 292 23.27 7.68 19.96
CA ALA B 292 22.85 7.09 21.22
C ALA B 292 23.65 7.59 22.42
N LEU B 293 24.44 8.65 22.22
CA LEU B 293 25.29 9.16 23.29
C LEU B 293 24.48 9.67 24.48
N ASP B 294 23.49 10.53 24.23
CA ASP B 294 22.69 11.11 25.30
C ASP B 294 21.36 11.58 24.73
N PRO B 295 20.34 11.81 25.59
CA PRO B 295 19.00 12.18 25.10
C PRO B 295 18.99 13.37 24.16
N LEU B 296 19.89 14.33 24.35
CA LEU B 296 20.05 15.40 23.37
C LEU B 296 20.41 14.81 22.01
N SER B 297 21.34 13.86 21.99
CA SER B 297 21.83 13.35 20.72
C SER B 297 20.76 12.54 19.98
N GLU B 298 19.91 11.79 20.70
CA GLU B 298 18.80 11.14 19.99
C GLU B 298 17.89 12.19 19.33
N THR B 299 17.68 13.32 20.00
CA THR B 299 16.87 14.39 19.43
C THR B 299 17.53 14.92 18.17
N LYS B 300 18.84 15.16 18.23
CA LYS B 300 19.54 15.71 17.08
C LYS B 300 19.44 14.78 15.87
N CYS B 301 19.59 13.47 16.11
CA CYS B 301 19.46 12.51 15.01
C CYS B 301 18.04 12.44 14.48
N THR B 302 17.03 12.36 15.35
CA THR B 302 15.64 12.24 14.87
C THR B 302 15.21 13.50 14.11
N LEU B 303 15.58 14.68 14.60
CA LEU B 303 15.30 15.93 13.90
C LEU B 303 16.10 16.09 12.62
N LYS B 304 17.22 15.35 12.47
CA LYS B 304 18.14 15.46 11.33
C LYS B 304 18.72 16.88 11.23
N SER B 305 18.95 17.50 12.38
CA SER B 305 19.57 18.82 12.43
C SER B 305 20.50 18.88 13.63
N PHE B 306 21.60 19.59 13.48
CA PHE B 306 22.56 19.68 14.58
C PHE B 306 22.08 20.65 15.66
N THR B 307 21.45 21.74 15.25
CA THR B 307 20.83 22.65 16.19
C THR B 307 19.42 22.16 16.50
N VAL B 308 19.08 22.14 17.78
CA VAL B 308 17.75 21.72 18.22
C VAL B 308 17.13 22.85 19.01
N GLU B 309 15.99 23.33 18.53
CA GLU B 309 15.34 24.49 19.13
C GLU B 309 14.44 24.05 20.29
N LYS B 310 13.94 25.06 21.01
CA LYS B 310 13.11 24.91 22.19
C LYS B 310 11.94 23.96 21.96
N GLY B 311 11.67 23.09 22.93
CA GLY B 311 10.50 22.25 22.86
C GLY B 311 10.73 20.86 23.41
N ILE B 312 9.70 20.03 23.27
CA ILE B 312 9.71 18.62 23.65
C ILE B 312 9.69 17.77 22.38
N TYR B 313 10.58 16.79 22.31
CA TYR B 313 10.70 15.97 21.11
C TYR B 313 10.63 14.49 21.46
N GLN B 314 9.76 13.78 20.76
CA GLN B 314 9.78 12.32 20.77
C GLN B 314 10.84 11.82 19.80
N THR B 315 11.72 10.94 20.30
CA THR B 315 12.80 10.42 19.49
C THR B 315 12.61 8.93 19.21
N SER B 316 12.53 8.13 20.26
CA SER B 316 12.50 6.68 20.17
C SER B 316 11.35 6.22 21.05
N ASN B 317 11.14 4.91 21.10
CA ASN B 317 10.02 4.35 21.85
C ASN B 317 10.61 3.47 22.94
N PHE B 318 10.23 3.73 24.18
CA PHE B 318 10.71 2.89 25.27
C PHE B 318 10.06 1.52 25.14
N ARG B 319 10.77 0.50 25.61
CA ARG B 319 10.29 -0.86 25.48
C ARG B 319 10.93 -1.65 26.62
N VAL B 320 10.20 -2.61 27.18
CA VAL B 320 10.77 -3.50 28.16
C VAL B 320 10.98 -4.83 27.47
N GLN B 321 12.23 -5.26 27.38
CA GLN B 321 12.56 -6.46 26.62
C GLN B 321 12.15 -7.70 27.42
N PRO B 322 11.55 -8.69 26.78
CA PRO B 322 11.20 -9.94 27.48
C PRO B 322 12.44 -10.61 28.04
N THR B 323 12.42 -10.85 29.35
CA THR B 323 13.63 -11.24 30.07
C THR B 323 13.77 -12.76 30.11
N GLU B 324 12.83 -13.45 30.72
CA GLU B 324 12.83 -14.91 30.72
C GLU B 324 11.86 -15.38 29.64
N SER B 325 11.61 -16.68 29.59
CA SER B 325 10.57 -17.23 28.73
C SER B 325 9.87 -18.36 29.46
N ILE B 326 8.59 -18.55 29.12
CA ILE B 326 7.78 -19.62 29.68
C ILE B 326 7.07 -20.32 28.53
N VAL B 327 7.07 -21.65 28.56
CA VAL B 327 6.24 -22.47 27.68
C VAL B 327 5.49 -23.46 28.56
N ARG B 328 4.19 -23.63 28.28
CA ARG B 328 3.31 -24.41 29.14
C ARG B 328 2.40 -25.24 28.26
N PHE B 329 1.85 -26.29 28.86
CA PHE B 329 1.03 -27.38 28.31
C PHE B 329 0.46 -28.12 29.51
N PRO B 330 -0.79 -28.56 29.43
CA PRO B 330 -1.44 -29.12 30.62
C PRO B 330 -0.94 -30.50 30.97
N ASN B 331 -0.73 -30.72 32.27
CA ASN B 331 -0.43 -32.08 32.73
C ASN B 331 -1.63 -32.97 32.47
N ILE B 332 -1.36 -34.24 32.24
CA ILE B 332 -2.41 -35.21 31.93
C ILE B 332 -2.12 -36.55 32.59
N THR B 333 -3.19 -37.26 32.93
CA THR B 333 -3.11 -38.57 33.56
C THR B 333 -3.12 -39.74 32.56
N ASN B 334 -3.01 -39.45 31.26
CA ASN B 334 -3.08 -40.50 30.24
C ASN B 334 -1.71 -41.13 30.02
N LEU B 335 -1.25 -41.86 31.04
CA LEU B 335 0.05 -42.50 30.91
C LEU B 335 -0.08 -43.70 30.00
N CYS B 336 0.93 -43.89 29.14
CA CYS B 336 0.92 -45.02 28.22
C CYS B 336 0.97 -46.34 28.97
N PRO B 337 0.15 -47.32 28.57
CA PRO B 337 0.18 -48.62 29.24
C PRO B 337 1.23 -49.56 28.68
N PHE B 338 2.21 -49.02 27.94
CA PHE B 338 3.21 -49.85 27.28
C PHE B 338 3.95 -50.73 28.28
N GLY B 339 4.29 -50.18 29.46
CA GLY B 339 4.96 -50.97 30.48
C GLY B 339 4.12 -52.17 30.90
N GLU B 340 2.81 -51.95 31.05
CA GLU B 340 1.89 -53.03 31.39
C GLU B 340 1.84 -54.05 30.27
N VAL B 341 1.88 -53.59 29.02
CA VAL B 341 1.83 -54.51 27.89
C VAL B 341 3.08 -55.38 27.86
N PHE B 342 4.25 -54.76 28.05
CA PHE B 342 5.51 -55.51 27.98
C PHE B 342 5.66 -56.45 29.18
N ASN B 343 5.16 -56.08 30.35
CA ASN B 343 5.38 -56.89 31.53
C ASN B 343 4.29 -57.92 31.75
N ALA B 344 3.38 -58.09 30.78
CA ALA B 344 2.38 -59.14 30.83
C ALA B 344 3.06 -60.51 30.87
N THR B 345 2.52 -61.41 31.71
CA THR B 345 3.17 -62.70 31.94
C THR B 345 3.28 -63.53 30.66
N ARG B 346 2.22 -63.58 29.85
CA ARG B 346 2.21 -64.38 28.63
C ARG B 346 1.91 -63.54 27.40
N PHE B 347 2.79 -63.59 26.40
CA PHE B 347 2.43 -63.06 25.10
C PHE B 347 1.84 -64.15 24.23
N ALA B 348 1.04 -63.74 23.25
CA ALA B 348 0.46 -64.72 22.35
C ALA B 348 1.51 -65.19 21.35
N SER B 349 1.20 -66.29 20.67
CA SER B 349 2.09 -66.86 19.66
C SER B 349 2.25 -65.92 18.46
N VAL B 350 3.32 -66.15 17.70
CA VAL B 350 3.64 -65.28 16.57
C VAL B 350 2.54 -65.29 15.51
N TYR B 351 1.92 -66.46 15.27
CA TYR B 351 0.82 -66.50 14.29
C TYR B 351 -0.39 -65.72 14.79
N ALA B 352 -0.69 -65.80 16.09
CA ALA B 352 -1.80 -65.05 16.67
C ALA B 352 -1.22 -63.77 17.26
N TRP B 353 -0.98 -62.81 16.37
CA TRP B 353 -0.45 -61.51 16.75
C TRP B 353 -1.57 -60.63 17.30
N ASN B 354 -1.46 -60.28 18.58
CA ASN B 354 -2.46 -59.42 19.21
C ASN B 354 -2.32 -58.01 18.66
N ARG B 355 -3.43 -57.45 18.21
CA ARG B 355 -3.47 -56.08 17.69
C ARG B 355 -4.07 -55.18 18.76
N LYS B 356 -3.27 -54.28 19.28
CA LYS B 356 -3.71 -53.36 20.33
C LYS B 356 -3.80 -51.97 19.74
N ARG B 357 -4.94 -51.32 19.92
CA ARG B 357 -5.10 -49.97 19.40
C ARG B 357 -4.56 -49.03 20.45
N ILE B 358 -3.82 -48.01 20.02
CA ILE B 358 -3.20 -47.09 20.95
C ILE B 358 -3.79 -45.72 20.69
N SER B 359 -4.36 -45.13 21.74
CA SER B 359 -4.95 -43.80 21.66
C SER B 359 -5.06 -43.25 23.07
N ASN B 360 -5.15 -41.91 23.15
CA ASN B 360 -5.42 -41.19 24.40
C ASN B 360 -4.48 -41.61 25.52
N CYS B 361 -3.19 -41.60 25.20
CA CYS B 361 -2.15 -41.89 26.17
C CYS B 361 -0.89 -41.20 25.69
N VAL B 362 -0.01 -40.89 26.63
CA VAL B 362 1.26 -40.23 26.32
C VAL B 362 2.37 -41.25 26.16
N ALA B 363 3.08 -41.16 25.03
CA ALA B 363 4.14 -42.09 24.66
C ALA B 363 5.43 -41.29 24.67
N ASP B 364 6.41 -41.76 25.44
CA ASP B 364 7.73 -41.13 25.46
C ASP B 364 8.69 -41.85 24.51
N TYR B 365 8.57 -41.52 23.22
CA TYR B 365 9.47 -42.09 22.22
C TYR B 365 10.93 -41.74 22.51
N SER B 366 11.18 -40.54 23.03
CA SER B 366 12.56 -40.15 23.33
C SER B 366 13.16 -41.06 24.41
N VAL B 367 12.38 -41.34 25.46
CA VAL B 367 12.79 -42.27 26.51
C VAL B 367 13.00 -43.66 25.94
N LEU B 368 12.13 -44.07 25.01
CA LEU B 368 12.31 -45.31 24.25
C LEU B 368 13.67 -45.37 23.54
N TYR B 369 14.03 -44.30 22.84
CA TYR B 369 15.34 -44.23 22.17
C TYR B 369 16.51 -44.19 23.14
N ASN B 370 16.44 -43.36 24.19
CA ASN B 370 17.56 -43.23 25.11
C ASN B 370 17.75 -44.49 25.96
N SER B 371 16.65 -45.13 26.34
CA SER B 371 16.69 -46.39 27.07
C SER B 371 17.34 -47.45 26.20
N ALA B 372 18.25 -48.22 26.77
CA ALA B 372 19.06 -49.14 25.99
C ALA B 372 18.74 -50.59 26.27
N SER B 373 17.79 -50.85 27.18
CA SER B 373 17.34 -52.22 27.40
C SER B 373 16.71 -52.77 26.13
N PHE B 374 16.08 -51.89 25.34
CA PHE B 374 15.50 -52.28 24.06
C PHE B 374 16.66 -52.50 23.10
N SER B 375 16.80 -53.74 22.59
CA SER B 375 18.02 -54.07 21.86
C SER B 375 18.12 -53.35 20.51
N THR B 376 17.06 -53.37 19.69
CA THR B 376 17.10 -52.66 18.41
C THR B 376 16.03 -51.58 18.33
N PHE B 377 16.44 -50.34 18.12
CA PHE B 377 15.52 -49.23 17.89
C PHE B 377 15.79 -48.60 16.52
N LYS B 378 16.02 -49.41 15.48
CA LYS B 378 16.23 -48.90 14.11
C LYS B 378 15.19 -47.82 13.76
N CYS B 379 15.65 -46.75 13.12
CA CYS B 379 14.77 -45.64 12.71
C CYS B 379 15.13 -45.07 11.35
N TYR B 380 14.15 -44.97 10.46
CA TYR B 380 14.26 -44.19 9.22
C TYR B 380 13.42 -42.91 9.21
N GLY B 381 12.13 -43.01 9.53
CA GLY B 381 11.19 -41.94 9.22
C GLY B 381 11.45 -40.59 9.89
N VAL B 382 11.63 -40.59 11.21
CA VAL B 382 11.70 -39.33 11.97
C VAL B 382 12.83 -39.43 12.99
N SER B 383 13.53 -38.31 13.18
CA SER B 383 14.63 -38.20 14.13
C SER B 383 14.17 -38.44 15.56
N PRO B 384 14.87 -39.30 16.32
CA PRO B 384 14.38 -39.71 17.65
C PRO B 384 14.29 -38.57 18.63
N THR B 385 15.15 -37.54 18.52
CA THR B 385 15.05 -36.41 19.43
C THR B 385 13.73 -35.68 19.20
N LYS B 386 13.37 -35.43 17.94
CA LYS B 386 12.12 -34.73 17.66
C LYS B 386 10.91 -35.63 17.86
N LEU B 387 11.13 -36.96 18.05
CA LEU B 387 10.01 -37.91 18.14
C LEU B 387 9.06 -37.54 19.27
N ASN B 388 9.62 -37.11 20.42
CA ASN B 388 8.81 -36.70 21.56
C ASN B 388 7.87 -35.58 21.15
N ASP B 389 8.36 -34.66 20.31
CA ASP B 389 7.55 -33.54 19.83
C ASP B 389 6.44 -34.03 18.91
N LEU B 390 6.78 -34.91 17.97
CA LEU B 390 5.86 -35.24 16.89
C LEU B 390 4.83 -36.29 17.32
N CYS B 391 3.58 -36.06 16.94
CA CYS B 391 2.42 -36.79 17.42
C CYS B 391 1.49 -37.13 16.27
N PHE B 392 1.00 -38.36 16.21
CA PHE B 392 0.05 -38.81 15.19
C PHE B 392 -1.25 -39.26 15.85
N THR B 393 -2.29 -39.42 15.02
CA THR B 393 -3.63 -39.73 15.52
C THR B 393 -3.82 -41.20 15.88
N ASN B 394 -3.56 -42.10 14.94
CA ASN B 394 -3.88 -43.52 15.10
C ASN B 394 -2.60 -44.35 15.12
N VAL B 395 -2.45 -45.16 16.16
CA VAL B 395 -1.34 -46.09 16.28
C VAL B 395 -1.87 -47.48 16.56
N TYR B 396 -1.43 -48.46 15.77
CA TYR B 396 -1.74 -49.87 16.00
C TYR B 396 -0.42 -50.55 16.28
N ALA B 397 -0.33 -51.24 17.41
CA ALA B 397 0.89 -51.89 17.83
C ALA B 397 0.75 -53.41 17.83
N ASP B 398 1.77 -54.10 17.34
CA ASP B 398 1.78 -55.55 17.21
C ASP B 398 2.79 -56.17 18.17
N SER B 399 2.37 -57.24 18.84
CA SER B 399 3.16 -57.92 19.87
C SER B 399 3.22 -59.41 19.58
N PHE B 400 4.44 -59.96 19.61
CA PHE B 400 4.68 -61.39 19.41
C PHE B 400 6.14 -61.67 19.72
N VAL B 401 6.47 -62.96 19.73
CA VAL B 401 7.76 -63.47 20.19
C VAL B 401 8.31 -64.39 19.10
N ILE B 402 9.62 -64.28 18.84
CA ILE B 402 10.30 -65.07 17.83
C ILE B 402 11.72 -65.38 18.27
N ARG B 403 12.40 -66.21 17.49
CA ARG B 403 13.77 -66.64 17.76
C ARG B 403 14.74 -65.51 17.46
N GLY B 404 16.00 -65.73 17.88
CA GLY B 404 17.05 -64.75 17.63
C GLY B 404 17.39 -64.68 16.16
N ASP B 405 17.52 -65.84 15.53
CA ASP B 405 17.75 -65.88 14.09
C ASP B 405 16.59 -65.24 13.35
N GLU B 406 15.36 -65.43 13.83
CA GLU B 406 14.26 -64.83 13.11
C GLU B 406 14.19 -63.33 13.35
N VAL B 407 14.65 -62.86 14.52
CA VAL B 407 14.83 -61.42 14.79
C VAL B 407 15.82 -60.81 13.80
N ARG B 408 16.87 -61.55 13.44
CA ARG B 408 17.77 -61.07 12.38
C ARG B 408 17.08 -61.12 11.02
N GLN B 409 16.26 -62.14 10.82
CA GLN B 409 15.59 -62.36 9.54
C GLN B 409 14.48 -61.35 9.28
N ILE B 410 13.86 -60.82 10.33
CA ILE B 410 12.76 -59.86 10.18
C ILE B 410 13.41 -58.48 10.10
N ALA B 411 13.85 -58.16 8.90
CA ALA B 411 14.57 -56.94 8.59
C ALA B 411 14.19 -56.51 7.18
N PRO B 412 14.21 -55.22 6.88
CA PRO B 412 13.77 -54.76 5.56
C PRO B 412 14.71 -55.21 4.46
N GLY B 413 14.12 -55.41 3.29
CA GLY B 413 14.87 -55.84 2.12
C GLY B 413 15.57 -57.18 2.24
N GLN B 414 14.95 -58.14 2.92
CA GLN B 414 15.54 -59.45 3.14
C GLN B 414 14.49 -60.51 2.84
N THR B 415 14.95 -61.64 2.31
CA THR B 415 14.10 -62.75 1.89
C THR B 415 14.33 -64.00 2.73
N GLY B 416 13.25 -64.59 3.24
CA GLY B 416 13.39 -65.80 4.03
C GLY B 416 12.05 -66.35 4.48
N LYS B 417 12.14 -67.47 5.19
CA LYS B 417 10.99 -68.24 5.68
C LYS B 417 10.03 -67.58 6.66
N ILE B 418 10.46 -67.31 7.90
CA ILE B 418 9.57 -66.69 8.88
C ILE B 418 9.18 -65.27 8.50
N ALA B 419 10.04 -64.54 7.77
CA ALA B 419 9.82 -63.11 7.53
C ALA B 419 8.48 -62.87 6.84
N ASP B 420 8.06 -63.80 5.98
CA ASP B 420 6.94 -63.61 5.08
C ASP B 420 5.79 -64.58 5.38
N TYR B 421 6.10 -65.84 5.74
CA TYR B 421 5.11 -66.91 5.66
C TYR B 421 3.93 -66.73 6.61
N ASN B 422 4.18 -66.32 7.86
CA ASN B 422 3.10 -66.37 8.84
C ASN B 422 2.64 -65.03 9.38
N TYR B 423 3.54 -64.07 9.56
CA TYR B 423 3.15 -62.74 9.97
C TYR B 423 3.99 -61.75 9.17
N LYS B 424 3.35 -60.95 8.35
CA LYS B 424 4.07 -60.11 7.42
C LYS B 424 4.15 -58.67 7.90
N LEU B 425 5.34 -58.09 7.72
CA LEU B 425 5.50 -56.67 7.94
C LEU B 425 5.63 -56.11 6.53
N PRO B 426 4.75 -55.22 6.11
CA PRO B 426 4.89 -54.62 4.78
C PRO B 426 6.10 -53.72 4.67
N ASP B 427 6.65 -53.65 3.46
CA ASP B 427 7.76 -52.75 3.19
C ASP B 427 7.40 -51.30 3.51
N ASP B 428 6.14 -50.92 3.33
CA ASP B 428 5.81 -49.50 3.18
C ASP B 428 5.57 -48.76 4.49
N PHE B 429 5.22 -49.46 5.60
CA PHE B 429 4.62 -48.76 6.74
C PHE B 429 5.64 -47.82 7.38
N THR B 430 5.16 -46.74 7.98
CA THR B 430 6.01 -45.92 8.83
C THR B 430 5.80 -46.34 10.27
N GLY B 431 6.78 -47.03 10.84
CA GLY B 431 6.66 -47.56 12.18
C GLY B 431 7.94 -48.17 12.77
N CYS B 432 8.36 -47.65 13.92
CA CYS B 432 9.57 -48.14 14.59
C CYS B 432 9.47 -49.61 14.98
N VAL B 433 10.53 -50.37 14.72
CA VAL B 433 10.62 -51.77 15.10
C VAL B 433 11.48 -51.87 16.35
N ILE B 434 10.89 -52.35 17.45
CA ILE B 434 11.55 -52.41 18.75
C ILE B 434 11.64 -53.87 19.21
N ALA B 435 12.87 -54.35 19.43
CA ALA B 435 13.07 -55.72 19.87
C ALA B 435 14.02 -55.78 21.08
N TRP B 436 13.73 -56.67 22.04
CA TRP B 436 14.59 -56.83 23.21
C TRP B 436 14.64 -58.30 23.62
N ASN B 437 15.58 -58.60 24.53
CA ASN B 437 15.82 -59.97 24.99
C ASN B 437 14.64 -60.54 25.79
N SER B 438 14.37 -61.85 25.60
CA SER B 438 13.16 -62.47 26.14
C SER B 438 13.44 -63.79 26.85
N ASN B 439 14.70 -64.06 27.17
CA ASN B 439 15.10 -65.39 27.66
C ASN B 439 14.43 -65.75 28.99
N ASN B 440 14.37 -64.80 29.92
CA ASN B 440 13.98 -65.08 31.30
C ASN B 440 12.52 -65.50 31.48
N LEU B 441 11.60 -65.17 30.56
CA LEU B 441 10.22 -65.58 30.81
C LEU B 441 9.93 -67.03 30.41
N ASP B 442 10.63 -67.58 29.41
CA ASP B 442 10.17 -68.81 28.78
C ASP B 442 11.38 -69.73 28.62
N SER B 443 11.26 -70.67 27.66
CA SER B 443 12.24 -71.74 27.36
C SER B 443 12.28 -72.83 28.45
N LYS B 444 11.12 -73.38 28.81
CA LYS B 444 11.13 -74.42 29.85
C LYS B 444 11.82 -75.68 29.32
N GLY B 447 11.41 -78.36 25.99
CA GLY B 447 11.39 -77.06 25.35
C GLY B 447 10.00 -76.49 25.15
N ASN B 448 9.85 -75.17 25.26
CA ASN B 448 8.57 -74.55 25.04
C ASN B 448 8.10 -74.67 23.59
N TYR B 449 6.83 -75.02 23.43
CA TYR B 449 6.18 -75.17 22.14
C TYR B 449 5.03 -74.19 21.99
N ASN B 450 5.03 -73.11 22.78
CA ASN B 450 3.95 -72.13 22.76
C ASN B 450 3.89 -71.42 21.42
N TYR B 451 5.03 -71.13 20.82
CA TYR B 451 5.08 -70.26 19.65
C TYR B 451 5.25 -71.12 18.41
N LEU B 452 4.35 -70.93 17.44
CA LEU B 452 4.26 -71.80 16.28
C LEU B 452 4.62 -71.00 15.04
N TYR B 453 5.50 -71.54 14.19
CA TYR B 453 5.98 -70.73 13.03
C TYR B 453 5.09 -70.81 11.78
N ARG B 454 4.22 -71.82 11.62
CA ARG B 454 3.24 -71.80 10.50
C ARG B 454 3.93 -71.45 9.17
N LEU B 455 5.01 -72.14 8.79
CA LEU B 455 5.75 -71.69 7.59
C LEU B 455 5.42 -72.44 6.29
N PHE B 456 5.26 -73.76 6.32
CA PHE B 456 5.14 -74.52 5.04
C PHE B 456 3.91 -74.18 4.16
N ARG B 457 2.70 -74.15 4.71
CA ARG B 457 1.49 -73.96 3.86
C ARG B 457 1.34 -72.56 3.26
N LYS B 458 1.64 -71.51 4.02
CA LYS B 458 1.33 -70.12 3.56
C LYS B 458 2.07 -69.67 2.29
N SER B 459 3.37 -69.92 2.17
CA SER B 459 4.15 -69.40 1.02
C SER B 459 3.89 -67.90 0.80
N ASN B 460 3.52 -67.47 -0.43
CA ASN B 460 3.29 -66.08 -0.73
C ASN B 460 2.02 -65.57 -0.08
N LEU B 461 2.07 -64.35 0.46
CA LEU B 461 0.90 -63.72 1.06
C LEU B 461 0.97 -62.23 0.74
N LYS B 462 -0.21 -61.59 0.59
CA LYS B 462 -0.19 -60.17 0.25
C LYS B 462 0.08 -59.29 1.48
N PRO B 463 0.76 -58.15 1.30
CA PRO B 463 0.97 -57.21 2.41
C PRO B 463 -0.34 -56.67 2.98
N PHE B 464 -0.34 -56.43 4.30
CA PHE B 464 -1.54 -56.11 5.10
C PHE B 464 -2.70 -57.08 4.88
N GLU B 465 -2.43 -58.39 4.99
CA GLU B 465 -3.50 -59.35 5.22
C GLU B 465 -2.91 -60.62 5.82
N ARG B 466 -3.71 -61.27 6.66
CA ARG B 466 -3.36 -62.45 7.43
C ARG B 466 -4.19 -63.67 7.03
N ASP B 467 -3.79 -64.82 7.55
CA ASP B 467 -4.56 -66.06 7.44
C ASP B 467 -4.27 -66.85 8.71
N ILE B 468 -5.23 -66.87 9.64
CA ILE B 468 -4.98 -67.47 10.96
C ILE B 468 -5.58 -68.87 11.12
N SER B 469 -6.48 -69.29 10.21
CA SER B 469 -7.24 -70.52 10.37
C SER B 469 -6.34 -71.74 10.57
N THR B 470 -6.69 -72.59 11.54
CA THR B 470 -5.93 -73.81 11.79
C THR B 470 -5.92 -74.75 10.58
N GLU B 471 -7.08 -74.95 9.91
CA GLU B 471 -7.24 -75.62 8.61
C GLU B 471 -6.46 -76.94 8.49
N ILE B 472 -6.91 -77.94 9.24
CA ILE B 472 -6.10 -78.85 10.07
C ILE B 472 -4.71 -79.19 9.52
N TYR B 473 -4.65 -79.69 8.28
CA TYR B 473 -3.40 -80.00 7.60
C TYR B 473 -3.50 -79.54 6.15
N GLN B 474 -2.47 -78.87 5.64
CA GLN B 474 -2.66 -78.13 4.39
C GLN B 474 -1.77 -78.56 3.23
N ALA B 475 -0.43 -78.56 3.39
CA ALA B 475 0.51 -78.06 2.37
C ALA B 475 0.07 -78.30 0.95
N GLY B 476 -0.09 -79.56 0.57
CA GLY B 476 -0.92 -79.87 -0.58
C GLY B 476 -0.90 -81.29 -1.06
N SER B 477 -2.11 -81.87 -1.21
CA SER B 477 -2.52 -82.97 -2.07
C SER B 477 -3.97 -83.30 -1.74
N THR B 478 -4.66 -84.01 -2.64
CA THR B 478 -6.06 -84.35 -2.40
C THR B 478 -6.24 -85.28 -1.19
N PRO B 479 -5.50 -86.40 -1.04
CA PRO B 479 -5.56 -87.16 0.23
C PRO B 479 -5.07 -86.35 1.42
N CYS B 480 -5.68 -86.60 2.58
CA CYS B 480 -5.25 -85.96 3.82
C CYS B 480 -5.06 -86.96 4.95
N ASN B 481 -4.87 -86.44 6.17
CA ASN B 481 -4.64 -87.08 7.48
C ASN B 481 -3.25 -87.64 7.75
N GLY B 482 -2.28 -87.54 6.85
CA GLY B 482 -0.93 -87.96 7.21
C GLY B 482 0.11 -87.34 6.33
N VAL B 483 1.34 -87.26 6.86
CA VAL B 483 2.45 -86.60 6.16
C VAL B 483 3.09 -87.55 5.13
N GLU B 484 2.46 -88.73 4.94
CA GLU B 484 3.13 -89.97 4.54
C GLU B 484 4.20 -89.82 3.46
N GLY B 485 3.77 -89.34 2.29
CA GLY B 485 4.57 -89.39 1.08
C GLY B 485 4.83 -88.03 0.46
N PHE B 486 5.18 -87.03 1.29
CA PHE B 486 5.15 -85.58 0.98
C PHE B 486 3.72 -85.06 0.90
N ASN B 487 2.77 -85.77 1.51
CA ASN B 487 1.36 -85.43 1.41
C ASN B 487 1.02 -84.13 2.15
N CYS B 488 1.15 -84.08 3.47
CA CYS B 488 0.32 -83.14 4.25
C CYS B 488 1.10 -82.03 4.91
N TYR B 489 2.07 -82.32 5.79
CA TYR B 489 2.92 -81.29 6.41
C TYR B 489 2.09 -80.19 7.08
N PHE B 490 1.47 -80.56 8.21
CA PHE B 490 0.82 -79.63 9.15
C PHE B 490 1.66 -78.35 9.24
N PRO B 491 1.08 -77.21 8.85
CA PRO B 491 1.90 -76.00 8.71
C PRO B 491 2.38 -75.44 10.02
N LEU B 492 1.64 -75.61 11.11
CA LEU B 492 2.02 -75.02 12.39
C LEU B 492 3.10 -75.86 13.07
N GLN B 493 4.34 -75.79 12.53
CA GLN B 493 5.43 -76.38 13.30
C GLN B 493 5.83 -75.44 14.44
N SER B 494 6.58 -75.97 15.40
CA SER B 494 6.92 -75.29 16.65
C SER B 494 8.38 -74.87 16.78
N TYR B 495 8.61 -73.61 17.16
CA TYR B 495 9.84 -73.20 17.82
C TYR B 495 10.17 -74.08 19.02
N GLY B 496 11.43 -74.50 19.10
CA GLY B 496 11.98 -75.10 20.30
C GLY B 496 12.85 -74.14 21.11
N PHE B 497 12.39 -73.74 22.29
CA PHE B 497 13.10 -72.83 23.18
C PHE B 497 13.66 -73.59 24.37
N GLN B 498 14.97 -73.43 24.62
CA GLN B 498 15.67 -74.02 25.75
C GLN B 498 16.87 -73.13 26.04
N PRO B 499 17.23 -72.91 27.30
CA PRO B 499 18.38 -72.03 27.59
C PRO B 499 19.69 -72.51 26.98
N THR B 500 19.89 -73.83 26.80
CA THR B 500 21.07 -74.23 26.04
C THR B 500 20.91 -73.93 24.56
N ASN B 501 19.68 -73.74 24.08
CA ASN B 501 19.43 -73.37 22.69
C ASN B 501 19.56 -71.85 22.64
N VAL B 503 22.41 -71.73 21.03
CA VAL B 503 22.32 -70.35 21.49
C VAL B 503 21.86 -69.54 20.26
N GLY B 504 22.08 -70.09 19.07
CA GLY B 504 21.43 -69.53 17.87
C GLY B 504 19.91 -69.49 17.94
N TYR B 505 19.30 -70.35 18.75
CA TYR B 505 17.85 -70.42 18.91
C TYR B 505 17.35 -69.58 20.08
N GLN B 506 18.17 -68.64 20.55
CA GLN B 506 17.85 -67.84 21.73
C GLN B 506 16.71 -66.86 21.43
N PRO B 507 15.61 -66.90 22.18
CA PRO B 507 14.45 -66.04 21.87
C PRO B 507 14.70 -64.56 22.15
N TYR B 508 14.33 -63.71 21.18
CA TYR B 508 14.36 -62.27 21.35
C TYR B 508 12.96 -61.73 21.04
N ARG B 509 12.49 -60.81 21.87
CA ARG B 509 11.12 -60.31 21.82
C ARG B 509 11.00 -59.00 21.06
N VAL B 510 10.12 -58.96 20.05
CA VAL B 510 9.98 -57.82 19.15
C VAL B 510 8.56 -57.28 19.26
N VAL B 511 8.43 -55.96 19.32
CA VAL B 511 7.15 -55.24 19.26
C VAL B 511 7.16 -54.34 18.03
N VAL B 512 6.08 -54.36 17.26
CA VAL B 512 5.96 -53.55 16.06
C VAL B 512 4.90 -52.49 16.32
N LEU B 513 5.29 -51.24 16.11
CA LEU B 513 4.43 -50.06 16.15
C LEU B 513 4.16 -49.56 14.74
N SER B 514 2.91 -49.20 14.46
CA SER B 514 2.54 -48.58 13.19
C SER B 514 2.01 -47.17 13.42
N PHE B 515 2.55 -46.20 12.69
CA PHE B 515 2.35 -44.78 12.93
C PHE B 515 1.64 -44.17 11.73
N GLU B 516 0.47 -43.56 11.96
CA GLU B 516 -0.34 -43.03 10.88
C GLU B 516 -1.23 -41.92 11.44
N LEU B 517 -1.55 -40.94 10.62
CA LEU B 517 -2.45 -39.85 11.02
C LEU B 517 -3.52 -39.62 9.97
N LEU B 518 -4.78 -39.58 10.40
CA LEU B 518 -5.95 -39.34 9.55
C LEU B 518 -6.98 -38.49 10.28
N HIS B 519 -6.88 -37.16 10.11
CA HIS B 519 -7.91 -36.17 10.45
C HIS B 519 -8.57 -36.38 11.81
N ALA B 520 -7.74 -36.53 12.84
CA ALA B 520 -8.23 -36.76 14.19
C ALA B 520 -7.28 -36.10 15.17
N PRO B 521 -7.71 -35.86 16.42
CA PRO B 521 -6.77 -35.36 17.42
C PRO B 521 -5.61 -36.33 17.60
N ALA B 522 -4.41 -35.80 17.78
CA ALA B 522 -3.26 -36.68 18.02
C ALA B 522 -3.46 -37.33 19.39
N THR B 523 -3.97 -38.56 19.36
CA THR B 523 -4.25 -39.31 20.58
C THR B 523 -2.98 -39.82 21.25
N VAL B 524 -1.93 -40.02 20.49
CA VAL B 524 -0.58 -40.21 21.01
C VAL B 524 0.05 -38.83 21.17
N CYS B 525 0.76 -38.61 22.26
CA CYS B 525 1.30 -37.30 22.55
C CYS B 525 2.67 -37.41 23.21
N GLY B 526 3.36 -36.28 23.22
CA GLY B 526 4.60 -36.10 23.94
C GLY B 526 4.46 -35.08 25.05
N PRO B 527 4.91 -35.41 26.25
CA PRO B 527 4.68 -34.52 27.39
C PRO B 527 5.62 -33.32 27.36
N LYS B 528 5.16 -32.24 27.98
CA LYS B 528 6.00 -31.08 28.24
C LYS B 528 5.84 -30.67 29.69
N LYS B 529 6.96 -30.49 30.38
CA LYS B 529 6.92 -30.24 31.81
C LYS B 529 6.48 -28.81 32.09
N SER B 530 5.99 -28.59 33.30
CA SER B 530 5.67 -27.23 33.73
C SER B 530 6.94 -26.46 34.03
N THR B 531 7.02 -25.25 33.52
CA THR B 531 8.04 -24.29 33.92
C THR B 531 7.44 -23.33 34.92
N ASN B 532 8.20 -23.06 35.99
CA ASN B 532 7.76 -22.16 37.05
C ASN B 532 7.38 -20.79 36.49
N LEU B 533 6.19 -20.34 36.87
CA LEU B 533 5.71 -19.04 36.42
C LEU B 533 6.31 -17.92 37.25
N VAL B 534 6.75 -16.86 36.55
CA VAL B 534 7.35 -15.71 37.22
C VAL B 534 6.37 -14.54 37.13
N LYS B 535 5.58 -14.38 38.18
CA LYS B 535 4.58 -13.32 38.21
C LYS B 535 5.22 -11.97 38.46
N ASN B 536 4.49 -10.91 38.07
CA ASN B 536 4.88 -9.52 38.26
C ASN B 536 6.19 -9.18 37.56
N LYS B 537 6.49 -9.87 36.47
CA LYS B 537 7.71 -9.64 35.73
C LYS B 537 7.46 -9.85 34.24
N CYS B 538 8.10 -9.02 33.41
CA CYS B 538 7.99 -9.09 31.96
C CYS B 538 8.60 -10.39 31.45
N VAL B 539 7.74 -11.35 31.13
CA VAL B 539 8.20 -12.66 30.67
C VAL B 539 7.35 -13.07 29.47
N ASN B 540 8.02 -13.58 28.44
CA ASN B 540 7.31 -14.27 27.36
C ASN B 540 6.67 -15.54 27.89
N PHE B 541 5.40 -15.74 27.57
CA PHE B 541 4.59 -16.80 28.14
C PHE B 541 3.95 -17.56 26.98
N ASN B 542 3.63 -18.84 27.23
CA ASN B 542 2.98 -19.64 26.20
C ASN B 542 2.08 -20.65 26.90
N PHE B 543 0.78 -20.34 26.95
CA PHE B 543 -0.22 -21.23 27.53
C PHE B 543 -0.98 -21.90 26.39
N ASN B 544 -0.66 -23.16 26.12
CA ASN B 544 -1.34 -23.99 25.10
C ASN B 544 -1.41 -23.34 23.72
N GLY B 545 -0.30 -22.74 23.30
CA GLY B 545 -0.19 -22.14 21.98
C GLY B 545 -0.57 -20.68 21.82
N LEU B 546 -1.06 -20.01 22.88
CA LEU B 546 -1.37 -18.58 22.76
C LEU B 546 -0.13 -17.75 22.49
N THR B 547 0.99 -18.10 23.12
CA THR B 547 2.30 -17.41 23.05
C THR B 547 2.10 -15.98 23.52
N GLY B 548 2.79 -15.00 22.93
CA GLY B 548 2.63 -13.62 23.35
C GLY B 548 3.41 -13.31 24.62
N THR B 549 3.33 -12.04 25.02
CA THR B 549 4.06 -11.53 26.17
C THR B 549 3.12 -10.77 27.09
N GLY B 550 3.35 -10.89 28.39
CA GLY B 550 2.52 -10.17 29.35
C GLY B 550 3.05 -10.35 30.76
N VAL B 551 2.42 -9.62 31.68
CA VAL B 551 2.69 -9.70 33.11
C VAL B 551 1.59 -10.52 33.78
N LEU B 552 1.93 -11.73 34.22
CA LEU B 552 0.96 -12.61 34.87
C LEU B 552 0.68 -12.13 36.28
N THR B 553 -0.60 -12.00 36.63
CA THR B 553 -0.99 -11.38 37.88
C THR B 553 -2.16 -12.17 38.48
N GLU B 554 -2.28 -12.13 39.82
CA GLU B 554 -3.38 -12.79 40.51
C GLU B 554 -4.71 -12.22 40.08
N SER B 555 -5.69 -13.10 39.92
CA SER B 555 -7.00 -12.76 39.36
C SER B 555 -8.10 -13.01 40.39
N ASN B 556 -9.04 -12.07 40.47
CA ASN B 556 -10.24 -12.24 41.28
C ASN B 556 -11.44 -12.72 40.48
N LYS B 557 -11.30 -12.91 39.17
CA LYS B 557 -12.43 -13.32 38.34
C LYS B 557 -12.64 -14.82 38.43
N LYS B 558 -13.91 -15.22 38.35
CA LYS B 558 -14.31 -16.62 38.43
C LYS B 558 -14.72 -17.12 37.05
N PHE B 559 -13.92 -18.01 36.48
CA PHE B 559 -14.32 -18.70 35.25
C PHE B 559 -15.40 -19.74 35.56
N LEU B 560 -16.13 -20.14 34.52
CA LEU B 560 -16.87 -21.39 34.53
C LEU B 560 -15.95 -22.58 34.27
N PRO B 561 -16.30 -23.78 34.80
CA PRO B 561 -15.37 -24.92 34.71
C PRO B 561 -14.98 -25.35 33.30
N PHE B 562 -15.95 -25.41 32.38
CA PHE B 562 -15.67 -25.86 31.02
C PHE B 562 -14.83 -24.86 30.25
N GLN B 563 -14.87 -23.60 30.66
CA GLN B 563 -14.15 -22.53 29.99
C GLN B 563 -12.64 -22.68 30.17
N GLN B 564 -11.90 -22.23 29.15
CA GLN B 564 -10.45 -22.38 29.13
C GLN B 564 -9.69 -21.08 28.93
N PHE B 565 -10.29 -20.08 28.27
CA PHE B 565 -9.57 -18.89 27.85
C PHE B 565 -10.34 -17.62 28.21
N GLY B 566 -9.62 -16.52 28.29
CA GLY B 566 -10.17 -15.20 28.62
C GLY B 566 -10.16 -14.31 27.39
N ARG B 567 -11.20 -13.49 27.22
CA ARG B 567 -11.22 -12.52 26.14
C ARG B 567 -11.64 -11.15 26.66
N ASP B 568 -11.44 -10.14 25.80
CA ASP B 568 -11.82 -8.76 26.08
C ASP B 568 -12.63 -8.25 24.88
N ILE B 569 -13.19 -7.05 25.03
CA ILE B 569 -13.97 -6.42 23.96
C ILE B 569 -13.13 -6.23 22.69
N ALA B 570 -11.85 -5.87 22.85
CA ALA B 570 -10.96 -5.71 21.71
C ALA B 570 -10.61 -7.02 21.02
N ASP B 571 -10.98 -8.16 21.61
CA ASP B 571 -10.82 -9.55 21.16
C ASP B 571 -9.41 -10.07 21.41
N THR B 572 -8.59 -9.35 22.18
CA THR B 572 -7.30 -9.87 22.58
C THR B 572 -7.44 -10.72 23.84
N THR B 573 -6.60 -11.74 23.95
CA THR B 573 -6.59 -12.55 25.16
C THR B 573 -6.03 -11.76 26.33
N ASP B 574 -6.67 -11.92 27.49
CA ASP B 574 -6.17 -11.28 28.70
C ASP B 574 -6.37 -12.12 29.96
N ALA B 575 -6.86 -13.35 29.84
CA ALA B 575 -7.02 -14.21 31.00
C ALA B 575 -6.95 -15.68 30.57
N VAL B 576 -6.49 -16.53 31.49
CA VAL B 576 -6.19 -17.93 31.22
C VAL B 576 -6.53 -18.73 32.47
N ARG B 577 -6.48 -20.04 32.33
CA ARG B 577 -6.67 -20.99 33.42
C ARG B 577 -5.37 -21.76 33.53
N ASP B 578 -4.74 -21.73 34.72
CA ASP B 578 -3.46 -22.37 34.89
C ASP B 578 -3.64 -23.88 34.78
N PRO B 579 -2.92 -24.53 33.88
CA PRO B 579 -3.17 -25.97 33.62
C PRO B 579 -2.77 -26.98 34.70
N GLN B 580 -1.51 -26.96 35.15
CA GLN B 580 -1.05 -27.94 36.15
C GLN B 580 -1.78 -27.80 37.49
N THR B 581 -2.02 -26.57 37.93
CA THR B 581 -2.79 -26.31 39.14
C THR B 581 -3.90 -25.35 38.76
N LEU B 582 -5.15 -25.74 39.04
CA LEU B 582 -6.30 -24.99 38.55
C LEU B 582 -6.35 -23.63 39.24
N GLU B 583 -5.90 -22.60 38.53
CA GLU B 583 -5.80 -21.26 39.07
C GLU B 583 -6.18 -20.31 37.93
N ILE B 584 -6.61 -19.10 38.30
CA ILE B 584 -7.07 -18.09 37.34
C ILE B 584 -6.02 -16.99 37.23
N LEU B 585 -5.48 -16.78 36.02
CA LEU B 585 -4.40 -15.83 35.80
C LEU B 585 -4.81 -14.74 34.83
N ASP B 586 -4.43 -13.51 35.18
CA ASP B 586 -4.67 -12.31 34.38
C ASP B 586 -3.39 -11.92 33.67
N ILE B 587 -3.50 -11.60 32.38
CA ILE B 587 -2.36 -11.18 31.57
C ILE B 587 -2.52 -9.70 31.28
N THR B 588 -1.45 -8.94 31.50
CA THR B 588 -1.42 -7.54 31.12
C THR B 588 -0.09 -7.28 30.42
N PRO B 589 -0.11 -6.68 29.24
CA PRO B 589 1.10 -6.57 28.42
C PRO B 589 2.19 -5.74 29.10
N CYS B 590 3.44 -6.09 28.79
CA CYS B 590 4.59 -5.41 29.35
C CYS B 590 4.58 -3.93 28.97
N SER B 591 5.00 -3.09 29.92
CA SER B 591 4.88 -1.64 29.79
C SER B 591 5.71 -1.11 28.64
N PHE B 592 5.23 -0.03 28.03
CA PHE B 592 5.88 0.57 26.87
C PHE B 592 5.36 1.99 26.71
N GLY B 593 6.26 2.91 26.36
CA GLY B 593 5.87 4.29 26.12
C GLY B 593 6.83 4.96 25.17
N GLY B 594 6.47 6.16 24.76
CA GLY B 594 7.37 6.98 23.99
C GLY B 594 8.48 7.58 24.84
N VAL B 595 9.57 7.96 24.19
CA VAL B 595 10.69 8.60 24.86
C VAL B 595 10.69 10.06 24.46
N SER B 596 10.57 10.94 25.43
CA SER B 596 10.56 12.37 25.20
C SER B 596 11.80 12.98 25.84
N VAL B 597 12.39 13.94 25.15
CA VAL B 597 13.57 14.63 25.65
C VAL B 597 13.17 16.05 25.99
N ILE B 598 13.03 16.34 27.28
CA ILE B 598 12.84 17.72 27.68
C ILE B 598 14.18 18.39 27.45
N THR B 599 14.23 19.35 26.54
CA THR B 599 15.47 20.04 26.28
C THR B 599 15.25 21.54 26.25
N PRO B 600 16.08 22.30 26.95
CA PRO B 600 16.23 23.71 26.64
C PRO B 600 16.92 23.89 25.29
N GLY B 601 16.72 25.07 24.72
CA GLY B 601 17.26 25.43 23.43
C GLY B 601 18.76 25.22 23.45
N THR B 602 19.32 24.56 22.42
CA THR B 602 20.70 24.07 22.45
C THR B 602 21.69 25.19 22.76
N ASN B 603 21.34 26.42 22.40
CA ASN B 603 22.26 27.53 22.39
C ASN B 603 22.68 27.94 23.79
N THR B 604 21.81 27.74 24.80
CA THR B 604 22.17 28.10 26.17
C THR B 604 22.98 27.03 26.90
N SER B 605 22.63 25.75 26.73
CA SER B 605 23.30 24.64 27.40
C SER B 605 23.05 23.33 26.65
N ASN B 606 23.86 22.33 26.96
CA ASN B 606 23.71 20.98 26.41
C ASN B 606 23.00 20.02 27.35
N GLN B 607 22.75 20.43 28.61
CA GLN B 607 22.06 19.56 29.56
C GLN B 607 20.59 19.36 29.18
N VAL B 608 20.12 18.12 29.38
CA VAL B 608 18.75 17.70 29.05
C VAL B 608 18.20 16.85 30.18
N ALA B 609 16.88 16.63 30.14
CA ALA B 609 16.19 15.70 31.02
C ALA B 609 15.28 14.80 30.19
N VAL B 610 15.32 13.49 30.48
CA VAL B 610 14.68 12.47 29.63
C VAL B 610 13.35 12.07 30.24
N LEU B 611 12.33 11.95 29.39
CA LEU B 611 10.99 11.58 29.82
C LEU B 611 10.61 10.20 29.26
N TYR B 612 10.21 9.31 30.16
CA TYR B 612 9.64 8.01 29.81
C TYR B 612 8.13 8.09 30.01
N GLN B 613 7.35 7.70 29.01
CA GLN B 613 5.90 7.88 29.02
C GLN B 613 5.18 6.71 29.68
N ASP B 614 4.27 7.07 30.61
CA ASP B 614 3.18 6.26 31.21
C ASP B 614 3.67 4.98 31.89
N VAL B 615 4.79 5.07 32.60
CA VAL B 615 5.25 4.01 33.50
C VAL B 615 5.71 4.59 34.84
N ASN B 616 5.43 3.89 35.93
CA ASN B 616 6.05 4.32 37.18
C ASN B 616 7.56 4.05 37.22
N CYS B 617 8.23 4.87 38.02
CA CYS B 617 9.69 4.91 38.08
C CYS B 617 10.28 3.73 38.84
N THR B 618 9.98 2.52 38.39
CA THR B 618 10.62 1.32 38.89
C THR B 618 11.25 0.48 37.79
N GLU B 619 10.57 0.32 36.65
CA GLU B 619 11.03 -0.57 35.58
C GLU B 619 12.36 -0.12 34.98
N VAL B 620 12.64 1.18 35.04
CA VAL B 620 13.80 1.81 34.41
C VAL B 620 15.10 1.26 34.99
N ASN B 641 18.05 11.72 40.60
CA ASN B 641 17.33 12.99 40.56
C ASN B 641 16.04 12.77 39.77
N VAL B 642 15.26 11.79 40.21
CA VAL B 642 14.11 11.28 39.48
C VAL B 642 12.84 11.86 40.07
N PHE B 643 11.90 12.26 39.20
CA PHE B 643 10.60 12.77 39.62
C PHE B 643 9.50 11.99 38.95
N GLN B 644 8.48 11.63 39.73
CA GLN B 644 7.38 10.80 39.26
C GLN B 644 6.16 11.66 38.99
N THR B 645 5.57 11.51 37.80
CA THR B 645 4.34 12.18 37.44
C THR B 645 3.33 11.21 36.84
N ARG B 646 2.12 11.72 36.64
CA ARG B 646 1.07 10.95 35.97
C ARG B 646 1.39 10.72 34.51
N ALA B 647 2.16 11.61 33.90
CA ALA B 647 2.61 11.43 32.52
C ALA B 647 3.52 10.21 32.39
N GLY B 648 4.42 10.00 33.34
CA GLY B 648 5.36 8.91 33.24
C GLY B 648 6.54 9.12 34.17
N CYS B 649 7.61 8.40 33.89
CA CYS B 649 8.85 8.60 34.63
C CYS B 649 9.64 9.77 34.05
N LEU B 650 10.02 10.70 34.91
CA LEU B 650 10.78 11.89 34.50
C LEU B 650 12.14 11.86 35.18
N ILE B 651 13.21 11.75 34.39
CA ILE B 651 14.56 11.58 34.90
C ILE B 651 15.39 12.78 34.50
N GLY B 652 16.13 13.35 35.46
CA GLY B 652 17.01 14.47 35.21
C GLY B 652 16.40 15.84 35.39
N ALA B 653 15.21 15.95 35.98
CA ALA B 653 14.58 17.23 36.25
C ALA B 653 14.23 17.31 37.73
N GLU B 654 14.45 18.48 38.32
CA GLU B 654 14.28 18.66 39.76
C GLU B 654 12.91 19.25 40.03
N HIS B 655 12.10 18.52 40.80
CA HIS B 655 10.79 19.05 41.18
C HIS B 655 10.92 20.20 42.16
N VAL B 656 9.97 21.14 42.04
CA VAL B 656 9.81 22.26 42.98
C VAL B 656 8.31 22.41 43.19
N ASN B 657 7.95 22.78 44.41
CA ASN B 657 6.58 23.11 44.75
C ASN B 657 6.15 24.46 44.16
N ASN B 658 7.07 25.43 44.08
CA ASN B 658 6.77 26.74 43.51
C ASN B 658 6.29 26.58 42.07
N SER B 659 5.32 27.40 41.66
CA SER B 659 4.75 27.35 40.32
C SER B 659 5.15 28.55 39.44
N TYR B 660 5.25 28.30 38.13
CA TYR B 660 5.59 29.33 37.14
C TYR B 660 4.71 29.15 35.90
N GLU B 661 4.88 30.06 34.94
CA GLU B 661 4.19 29.94 33.66
C GLU B 661 4.70 28.74 32.88
N CYS B 662 3.79 28.07 32.15
CA CYS B 662 4.17 26.90 31.37
C CYS B 662 5.16 27.26 30.26
N ASP B 663 6.26 26.50 30.20
CA ASP B 663 7.33 26.80 29.26
C ASP B 663 7.57 25.64 28.30
N ILE B 664 7.82 24.43 28.82
CA ILE B 664 7.92 23.24 28.00
C ILE B 664 6.93 22.21 28.56
N PRO B 665 5.96 21.76 27.77
CA PRO B 665 4.86 20.92 28.30
C PRO B 665 5.24 19.45 28.46
N ILE B 666 5.08 18.93 29.67
CA ILE B 666 5.10 17.48 29.89
C ILE B 666 3.72 16.86 29.76
N GLY B 667 2.70 17.52 30.27
CA GLY B 667 1.38 16.93 30.26
C GLY B 667 0.90 16.64 31.68
N ALA B 668 -0.41 16.48 31.80
CA ALA B 668 -1.10 16.27 33.08
C ALA B 668 -0.83 17.38 34.08
N GLY B 669 -0.61 18.60 33.58
CA GLY B 669 -0.52 19.76 34.43
C GLY B 669 0.86 20.16 34.89
N ILE B 670 1.92 19.54 34.36
CA ILE B 670 3.29 19.91 34.68
C ILE B 670 3.99 20.38 33.42
N CYS B 671 4.63 21.55 33.52
CA CYS B 671 5.42 22.14 32.45
C CYS B 671 6.81 22.43 32.98
N ALA B 672 7.80 22.30 32.11
CA ALA B 672 9.21 22.42 32.49
C ALA B 672 9.82 23.67 31.88
N SER B 673 10.90 24.14 32.50
CA SER B 673 11.48 25.42 32.10
C SER B 673 12.95 25.46 32.49
N TYR B 674 13.66 26.38 31.84
CA TYR B 674 15.05 26.67 32.13
C TYR B 674 15.10 28.00 32.86
N GLN B 675 15.53 28.00 34.12
CA GLN B 675 15.52 29.21 34.92
C GLN B 675 16.50 29.04 36.07
N THR B 676 16.90 30.17 36.65
CA THR B 676 17.74 30.18 37.85
C THR B 676 17.12 29.50 39.06
N SER B 689 23.69 28.44 37.85
CA SER B 689 22.70 28.12 38.86
C SER B 689 21.38 27.72 38.21
N GLN B 690 21.31 27.87 36.89
CA GLN B 690 20.11 27.55 36.13
C GLN B 690 20.16 26.11 35.63
N SER B 691 19.00 25.46 35.62
CA SER B 691 18.84 24.09 35.18
C SER B 691 17.41 23.90 34.68
N ILE B 692 17.02 22.64 34.48
CA ILE B 692 15.67 22.28 34.04
C ILE B 692 14.90 21.81 35.26
N ILE B 693 13.75 22.46 35.48
CA ILE B 693 12.89 22.18 36.62
C ILE B 693 11.50 21.79 36.10
N ALA B 694 10.86 20.85 36.79
CA ALA B 694 9.50 20.43 36.52
C ALA B 694 8.62 20.78 37.70
N TYR B 695 7.53 21.50 37.46
CA TYR B 695 6.75 22.11 38.53
C TYR B 695 5.26 22.01 38.24
N THR B 696 4.46 22.09 39.30
CA THR B 696 3.02 22.19 39.17
C THR B 696 2.69 23.52 38.51
N MET B 697 1.72 23.48 37.60
CA MET B 697 1.39 24.62 36.76
C MET B 697 0.92 25.83 37.58
N SER B 698 1.27 27.02 37.09
CA SER B 698 0.70 28.27 37.55
C SER B 698 -0.26 28.73 36.47
N LEU B 699 -1.52 28.94 36.83
CA LEU B 699 -2.47 29.28 35.80
C LEU B 699 -2.49 30.78 35.50
N GLY B 700 -1.57 31.52 36.12
CA GLY B 700 -1.47 32.96 35.97
C GLY B 700 -1.53 33.47 37.39
N ALA B 701 -1.12 34.72 37.61
CA ALA B 701 -1.12 35.25 38.98
C ALA B 701 -2.53 35.28 39.53
N GLU B 702 -2.66 34.86 40.79
CA GLU B 702 -3.96 34.89 41.44
C GLU B 702 -4.33 36.33 41.75
N ASN B 703 -5.58 36.68 41.45
CA ASN B 703 -6.03 38.07 41.56
C ASN B 703 -7.52 38.01 41.89
N SER B 704 -7.84 38.05 43.18
CA SER B 704 -9.22 38.21 43.58
C SER B 704 -9.60 39.67 43.43
N VAL B 705 -10.87 39.89 43.08
CA VAL B 705 -11.37 41.23 42.83
C VAL B 705 -12.17 41.72 44.04
N ALA B 706 -12.03 43.01 44.36
CA ALA B 706 -12.87 43.57 45.44
C ALA B 706 -14.28 43.79 44.87
N TYR B 707 -15.02 42.71 44.60
CA TYR B 707 -16.42 42.87 44.11
C TYR B 707 -17.22 43.58 45.20
N SER B 708 -17.97 44.61 44.80
CA SER B 708 -18.78 45.37 45.78
C SER B 708 -20.18 45.64 45.21
N ASN B 709 -21.19 45.60 46.08
CA ASN B 709 -22.58 45.86 45.65
C ASN B 709 -22.78 47.37 45.43
N ASN B 710 -21.81 48.20 45.83
CA ASN B 710 -21.90 49.66 45.57
C ASN B 710 -20.53 50.28 45.25
N SER B 711 -19.67 49.60 44.49
CA SER B 711 -18.39 50.27 44.08
C SER B 711 -18.05 50.09 42.59
N ILE B 712 -17.39 51.09 42.00
CA ILE B 712 -17.00 51.04 40.56
C ILE B 712 -15.59 51.63 40.35
N ALA B 713 -14.73 50.92 39.63
CA ALA B 713 -13.39 51.33 39.29
C ALA B 713 -13.54 51.79 37.85
N ILE B 714 -13.27 53.07 37.63
CA ILE B 714 -13.41 53.72 36.33
C ILE B 714 -12.01 54.04 35.84
N PRO B 715 -11.62 53.61 34.65
CA PRO B 715 -10.31 54.01 34.14
C PRO B 715 -10.24 55.51 33.93
N THR B 716 -9.06 56.06 34.17
CA THR B 716 -8.75 57.47 34.01
C THR B 716 -7.70 57.69 32.94
N ASN B 717 -6.74 56.78 32.81
CA ASN B 717 -5.72 56.88 31.78
C ASN B 717 -5.88 55.66 30.90
N PHE B 718 -5.46 55.78 29.65
CA PHE B 718 -5.51 54.65 28.73
C PHE B 718 -4.19 54.57 27.97
N THR B 719 -3.91 53.38 27.46
CA THR B 719 -2.72 53.13 26.66
C THR B 719 -3.20 52.42 25.41
N ILE B 720 -2.88 52.97 24.25
CA ILE B 720 -3.22 52.34 22.99
C ILE B 720 -2.12 51.34 22.65
N SER B 721 -2.42 50.06 22.82
CA SER B 721 -1.43 49.02 22.56
C SER B 721 -1.83 48.34 21.27
N VAL B 722 -0.88 48.20 20.37
CA VAL B 722 -1.07 47.54 19.09
C VAL B 722 -0.36 46.19 19.14
N THR B 723 -1.10 45.15 18.77
CA THR B 723 -0.58 43.79 18.81
C THR B 723 -0.54 43.24 17.40
N THR B 724 0.15 42.12 17.25
CA THR B 724 0.38 41.54 15.93
C THR B 724 -0.33 40.20 15.86
N GLU B 725 -1.09 39.99 14.80
CA GLU B 725 -1.78 38.74 14.56
C GLU B 725 -1.41 38.29 13.16
N ILE B 726 -0.93 37.07 13.04
CA ILE B 726 -0.33 36.57 11.82
C ILE B 726 -1.11 35.34 11.38
N LEU B 727 -1.48 35.29 10.09
CA LEU B 727 -2.30 34.21 9.57
C LEU B 727 -1.73 33.71 8.24
N PRO B 728 -1.72 32.39 8.04
CA PRO B 728 -1.43 31.85 6.72
C PRO B 728 -2.54 32.19 5.73
N VAL B 729 -2.15 32.38 4.48
CA VAL B 729 -3.08 32.70 3.40
C VAL B 729 -2.95 31.71 2.26
N SER B 730 -1.70 31.41 1.88
CA SER B 730 -1.46 30.50 0.79
C SER B 730 -0.24 29.66 1.08
N MET B 731 -0.13 28.57 0.35
CA MET B 731 0.97 27.63 0.45
C MET B 731 1.54 27.44 -0.95
N THR B 732 2.74 26.87 -1.01
CA THR B 732 3.52 26.80 -2.24
C THR B 732 2.74 26.09 -3.34
N LYS B 733 2.51 26.79 -4.45
CA LYS B 733 1.79 26.16 -5.55
C LYS B 733 2.73 25.17 -6.23
N THR B 734 2.56 23.90 -5.92
CA THR B 734 3.39 22.84 -6.45
C THR B 734 2.53 21.97 -7.35
N SER B 735 3.11 21.49 -8.44
CA SER B 735 2.41 20.54 -9.31
C SER B 735 3.34 19.37 -9.57
N VAL B 736 2.86 18.17 -9.30
CA VAL B 736 3.63 16.95 -9.47
C VAL B 736 2.94 16.11 -10.54
N ASP B 737 3.64 15.93 -11.66
CA ASP B 737 3.08 15.12 -12.74
C ASP B 737 2.98 13.67 -12.29
N CYS B 738 1.86 13.03 -12.62
CA CYS B 738 1.68 11.60 -12.46
C CYS B 738 2.82 10.90 -13.19
N THR B 739 2.83 11.00 -14.52
CA THR B 739 3.62 10.06 -15.31
C THR B 739 5.10 10.33 -15.05
N MET B 740 5.49 11.61 -14.96
CA MET B 740 6.86 11.97 -14.63
C MET B 740 7.31 11.55 -13.23
N TYR B 741 6.46 11.76 -12.21
CA TYR B 741 6.93 11.42 -10.87
C TYR B 741 7.06 9.91 -10.72
N ILE B 742 6.00 9.17 -11.04
CA ILE B 742 6.05 7.72 -10.85
C ILE B 742 7.01 7.07 -11.84
N CYS B 743 6.97 7.50 -13.11
CA CYS B 743 7.73 6.88 -14.19
C CYS B 743 8.79 7.81 -14.79
N GLY B 744 10.05 7.47 -14.62
CA GLY B 744 11.14 8.25 -15.19
C GLY B 744 11.30 8.08 -16.69
N ASP B 745 10.30 8.53 -17.46
CA ASP B 745 10.32 8.55 -18.94
C ASP B 745 10.44 7.14 -19.52
N SER B 746 9.79 6.17 -18.88
CA SER B 746 9.73 4.80 -19.37
C SER B 746 8.35 4.53 -19.96
N THR B 747 8.30 4.23 -21.26
CA THR B 747 7.04 3.82 -21.88
C THR B 747 6.47 2.57 -21.22
N GLU B 748 7.33 1.65 -20.79
CA GLU B 748 6.90 0.47 -20.03
C GLU B 748 6.23 0.88 -18.72
N CYS B 749 6.82 1.85 -18.01
CA CYS B 749 6.19 2.28 -16.77
C CYS B 749 4.89 3.01 -17.08
N SER B 750 4.88 3.79 -18.16
CA SER B 750 3.71 4.55 -18.54
C SER B 750 2.52 3.64 -18.84
N ASN B 751 2.69 2.65 -19.73
CA ASN B 751 1.56 1.78 -20.08
C ASN B 751 1.15 0.90 -18.88
N LEU B 752 2.12 0.44 -18.07
CA LEU B 752 1.74 -0.28 -16.85
C LEU B 752 0.92 0.60 -15.91
N LEU B 753 1.29 1.88 -15.73
CA LEU B 753 0.44 2.75 -14.94
C LEU B 753 -0.88 3.01 -15.64
N LEU B 754 -0.86 3.01 -16.98
CA LEU B 754 -2.04 3.27 -17.80
C LEU B 754 -3.10 2.21 -17.56
N GLN B 755 -2.65 0.99 -17.23
CA GLN B 755 -3.57 -0.11 -17.01
C GLN B 755 -4.48 0.18 -15.82
N TYR B 756 -3.94 0.85 -14.80
CA TYR B 756 -4.76 1.31 -13.66
C TYR B 756 -5.74 2.40 -14.05
N GLY B 757 -5.67 2.92 -15.28
CA GLY B 757 -6.71 3.79 -15.80
C GLY B 757 -6.56 5.23 -15.35
N SER B 758 -7.65 5.79 -14.85
CA SER B 758 -7.79 7.23 -14.58
C SER B 758 -7.56 7.56 -13.12
N PHE B 759 -6.95 6.64 -12.37
CA PHE B 759 -6.64 6.85 -10.96
C PHE B 759 -5.89 8.15 -10.69
N CYS B 760 -4.90 8.50 -11.54
CA CYS B 760 -4.02 9.62 -11.22
C CYS B 760 -4.19 10.84 -12.11
N THR B 761 -5.09 10.79 -13.09
CA THR B 761 -5.52 12.04 -13.71
C THR B 761 -6.38 12.86 -12.77
N GLN B 762 -7.17 12.21 -11.91
CA GLN B 762 -7.93 12.99 -10.94
C GLN B 762 -7.01 13.54 -9.86
N LEU B 763 -5.99 12.79 -9.44
CA LEU B 763 -4.99 13.32 -8.51
C LEU B 763 -4.30 14.55 -9.07
N ASN B 764 -3.89 14.50 -10.34
CA ASN B 764 -3.29 15.67 -11.00
C ASN B 764 -4.26 16.84 -11.11
N ARG B 765 -5.50 16.59 -11.53
CA ARG B 765 -6.46 17.67 -11.68
C ARG B 765 -6.88 18.24 -10.33
N ALA B 766 -7.11 17.39 -9.33
CA ALA B 766 -7.50 17.88 -8.00
C ALA B 766 -6.39 18.73 -7.39
N LEU B 767 -5.13 18.31 -7.56
CA LEU B 767 -4.03 19.12 -7.04
C LEU B 767 -3.86 20.43 -7.83
N THR B 768 -4.13 20.41 -9.14
CA THR B 768 -4.15 21.66 -9.89
C THR B 768 -5.30 22.55 -9.40
N GLY B 769 -6.44 21.91 -9.11
CA GLY B 769 -7.58 22.61 -8.54
C GLY B 769 -7.24 23.28 -7.22
N ILE B 770 -6.40 22.62 -6.41
CA ILE B 770 -5.92 23.24 -5.18
C ILE B 770 -5.09 24.47 -5.52
N ALA B 771 -4.20 24.37 -6.52
CA ALA B 771 -3.34 25.51 -6.84
C ALA B 771 -4.18 26.71 -7.29
N VAL B 772 -5.12 26.46 -8.20
CA VAL B 772 -5.99 27.52 -8.72
C VAL B 772 -6.84 28.09 -7.59
N GLU B 773 -7.39 27.21 -6.75
CA GLU B 773 -8.14 27.63 -5.59
C GLU B 773 -7.29 28.52 -4.68
N GLN B 774 -5.98 28.23 -4.61
CA GLN B 774 -5.10 28.96 -3.70
C GLN B 774 -4.93 30.38 -4.22
N ASP B 775 -4.89 30.49 -5.55
CA ASP B 775 -4.89 31.82 -6.16
C ASP B 775 -6.21 32.51 -5.91
N LYS B 776 -7.32 31.75 -5.90
CA LYS B 776 -8.62 32.36 -5.58
C LYS B 776 -8.62 32.86 -4.13
N ASN B 777 -7.84 32.20 -3.27
CA ASN B 777 -7.71 32.61 -1.88
C ASN B 777 -7.06 33.97 -1.82
N THR B 778 -5.92 34.11 -2.50
CA THR B 778 -5.25 35.40 -2.44
C THR B 778 -6.05 36.49 -3.14
N GLN B 779 -6.83 36.12 -4.17
CA GLN B 779 -7.83 37.02 -4.76
C GLN B 779 -8.81 37.52 -3.72
N GLU B 780 -9.44 36.60 -2.98
CA GLU B 780 -10.51 36.99 -2.08
C GLU B 780 -9.97 37.77 -0.89
N VAL B 781 -8.77 37.43 -0.40
CA VAL B 781 -8.25 38.14 0.76
C VAL B 781 -7.76 39.54 0.37
N PHE B 782 -6.98 39.68 -0.72
CA PHE B 782 -6.43 41.00 -0.97
C PHE B 782 -7.21 41.80 -2.02
N ALA B 783 -7.58 41.18 -3.13
CA ALA B 783 -8.20 41.90 -4.25
C ALA B 783 -9.68 42.14 -4.01
N GLN B 784 -10.02 42.75 -2.89
CA GLN B 784 -11.41 43.03 -2.54
C GLN B 784 -11.82 44.48 -2.86
N VAL B 785 -10.88 45.31 -3.30
CA VAL B 785 -11.13 46.73 -3.51
C VAL B 785 -11.08 47.03 -5.00
N LYS B 786 -12.11 47.73 -5.48
CA LYS B 786 -12.31 47.99 -6.90
C LYS B 786 -11.38 49.07 -7.45
N GLN B 787 -10.89 49.98 -6.61
CA GLN B 787 -10.00 51.00 -7.11
C GLN B 787 -8.70 51.02 -6.30
N ILE B 788 -7.62 51.36 -6.98
CA ILE B 788 -6.29 51.36 -6.40
C ILE B 788 -5.91 52.75 -5.91
N TYR B 789 -6.08 52.98 -4.62
CA TYR B 789 -5.76 54.26 -4.05
C TYR B 789 -4.26 54.36 -3.81
N LYS B 790 -3.72 55.57 -3.92
CA LYS B 790 -2.37 55.90 -3.50
C LYS B 790 -2.41 57.04 -2.51
N THR B 791 -1.49 57.00 -1.55
CA THR B 791 -1.41 58.06 -0.56
C THR B 791 -1.02 59.39 -1.22
N PRO B 792 -1.45 60.52 -0.65
CA PRO B 792 -1.01 61.81 -1.18
C PRO B 792 0.48 61.97 -1.03
N PRO B 793 1.12 62.75 -1.93
CA PRO B 793 2.60 62.86 -1.92
C PRO B 793 3.17 63.35 -0.61
N ILE B 794 2.49 64.27 0.08
CA ILE B 794 2.98 64.87 1.30
C ILE B 794 2.37 64.13 2.50
N LYS B 795 3.23 63.71 3.43
CA LYS B 795 2.83 62.82 4.51
C LYS B 795 2.54 63.67 5.74
N ASP B 796 1.38 64.33 5.71
CA ASP B 796 0.90 65.15 6.82
C ASP B 796 -0.31 64.41 7.37
N PHE B 797 -0.10 63.64 8.42
CA PHE B 797 -1.16 62.77 8.94
C PHE B 797 -1.53 63.11 10.38
N GLY B 798 -1.78 64.39 10.65
CA GLY B 798 -2.28 64.82 11.95
C GLY B 798 -1.40 64.59 13.16
N GLY B 799 -0.12 64.31 12.95
CA GLY B 799 0.82 64.11 14.04
C GLY B 799 1.33 62.68 14.12
N PHE B 800 0.60 61.73 13.57
CA PHE B 800 1.02 60.34 13.53
C PHE B 800 2.14 60.18 12.52
N ASN B 801 2.95 59.13 12.71
CA ASN B 801 4.12 58.88 11.87
C ASN B 801 3.97 57.48 11.30
N PHE B 802 3.40 57.42 10.10
CA PHE B 802 3.18 56.21 9.34
C PHE B 802 4.33 55.85 8.40
N SER B 803 5.52 56.43 8.62
CA SER B 803 6.66 56.15 7.73
C SER B 803 7.03 54.67 7.73
N GLN B 804 6.71 53.98 8.83
CA GLN B 804 6.96 52.54 8.93
C GLN B 804 6.06 51.76 7.98
N ILE B 805 4.74 51.99 8.04
CA ILE B 805 3.79 51.20 7.27
C ILE B 805 3.53 51.69 5.84
N LEU B 806 3.83 52.95 5.53
CA LEU B 806 3.70 53.36 4.14
C LEU B 806 4.90 52.91 3.31
N PRO B 807 4.67 52.59 2.02
CA PRO B 807 5.78 52.19 1.16
C PRO B 807 6.80 53.30 1.03
N ASP B 808 8.06 52.92 0.93
CA ASP B 808 9.15 53.89 0.80
C ASP B 808 9.74 53.82 -0.59
N PRO B 809 9.62 54.89 -1.38
CA PRO B 809 10.11 54.88 -2.77
C PRO B 809 11.60 54.64 -2.92
N SER B 810 12.42 55.06 -1.95
CA SER B 810 13.87 54.97 -2.08
C SER B 810 14.31 53.51 -2.20
N LYS B 811 13.70 52.63 -1.41
CA LYS B 811 13.98 51.21 -1.54
C LYS B 811 13.46 50.73 -2.90
N PRO B 812 14.19 49.82 -3.57
CA PRO B 812 13.77 49.41 -4.93
C PRO B 812 12.39 48.80 -5.03
N SER B 813 12.09 47.77 -4.23
CA SER B 813 10.75 47.23 -4.17
C SER B 813 9.87 48.15 -3.32
N LYS B 814 8.67 48.46 -3.82
CA LYS B 814 7.80 49.42 -3.15
C LYS B 814 7.18 48.78 -1.91
N ARG B 815 8.04 48.45 -0.95
CA ARG B 815 7.68 47.76 0.27
C ARG B 815 7.95 48.64 1.48
N SER B 816 7.01 48.62 2.43
CA SER B 816 7.18 49.42 3.63
C SER B 816 8.23 48.78 4.54
N PHE B 817 8.65 49.56 5.54
CA PHE B 817 9.70 49.13 6.46
C PHE B 817 9.34 47.82 7.17
N ILE B 818 8.12 47.76 7.74
CA ILE B 818 7.72 46.55 8.45
C ILE B 818 7.55 45.39 7.49
N GLU B 819 7.01 45.65 6.29
CA GLU B 819 6.91 44.60 5.28
C GLU B 819 8.29 44.07 4.90
N ASP B 820 9.31 44.92 4.92
CA ASP B 820 10.63 44.46 4.56
C ASP B 820 11.26 43.67 5.70
N LEU B 821 10.92 44.01 6.95
CA LEU B 821 11.31 43.15 8.07
C LEU B 821 10.69 41.76 7.93
N LEU B 822 9.41 41.69 7.55
CA LEU B 822 8.77 40.39 7.34
C LEU B 822 9.45 39.63 6.20
N PHE B 823 9.69 40.31 5.08
CA PHE B 823 10.21 39.65 3.90
C PHE B 823 11.66 39.22 4.07
N ASN B 824 12.39 39.83 4.99
CA ASN B 824 13.75 39.35 5.25
C ASN B 824 13.78 38.30 6.36
N LYS B 825 12.98 38.47 7.42
CA LYS B 825 12.96 37.47 8.49
C LYS B 825 12.46 36.13 7.98
N VAL B 826 11.43 36.12 7.13
CA VAL B 826 10.91 34.89 6.57
C VAL B 826 11.72 34.54 5.33
N THR B 827 12.25 33.31 5.29
CA THR B 827 13.04 32.86 4.16
C THR B 827 12.49 31.55 3.60
N LYS B 854 12.44 18.45 -7.12
CA LYS B 854 13.31 19.42 -7.76
C LYS B 854 13.28 19.23 -9.27
N PHE B 855 13.81 18.10 -9.73
CA PHE B 855 13.90 17.80 -11.17
C PHE B 855 13.32 16.44 -11.51
N ASN B 856 12.41 15.93 -10.68
CA ASN B 856 11.88 14.57 -10.80
C ASN B 856 10.40 14.58 -11.14
N GLY B 857 9.98 15.58 -11.92
CA GLY B 857 8.57 15.80 -12.18
C GLY B 857 7.95 16.76 -11.20
N LEU B 858 8.71 17.19 -10.20
CA LEU B 858 8.26 18.09 -9.16
C LEU B 858 8.35 19.51 -9.69
N THR B 859 7.21 20.13 -9.98
CA THR B 859 7.16 21.47 -10.54
C THR B 859 6.49 22.40 -9.55
N VAL B 860 7.09 23.56 -9.32
CA VAL B 860 6.54 24.59 -8.45
C VAL B 860 5.98 25.70 -9.32
N LEU B 861 4.66 25.83 -9.32
CA LEU B 861 4.03 26.87 -10.11
C LEU B 861 4.26 28.23 -9.47
N PRO B 862 4.38 29.28 -10.27
CA PRO B 862 4.50 30.62 -9.70
C PRO B 862 3.15 31.13 -9.27
N PRO B 863 3.09 31.97 -8.24
CA PRO B 863 1.79 32.52 -7.83
C PRO B 863 1.27 33.52 -8.84
N LEU B 864 -0.06 33.67 -8.85
CA LEU B 864 -0.67 34.58 -9.81
C LEU B 864 -0.40 36.03 -9.44
N LEU B 865 -0.48 36.35 -8.15
CA LEU B 865 -0.22 37.69 -7.66
C LEU B 865 1.22 37.79 -7.18
N THR B 866 2.05 38.49 -7.95
CA THR B 866 3.44 38.68 -7.57
C THR B 866 3.55 39.59 -6.35
N ASP B 867 4.68 39.47 -5.65
CA ASP B 867 4.88 40.18 -4.40
C ASP B 867 4.82 41.69 -4.54
N GLU B 868 5.19 42.23 -5.72
CA GLU B 868 5.05 43.67 -5.96
C GLU B 868 3.60 44.10 -5.96
N MET B 869 2.74 43.39 -6.70
CA MET B 869 1.34 43.78 -6.73
C MET B 869 0.68 43.53 -5.38
N ILE B 870 1.01 42.41 -4.71
CA ILE B 870 0.40 42.16 -3.42
C ILE B 870 0.74 43.31 -2.46
N ALA B 871 2.00 43.76 -2.47
CA ALA B 871 2.36 44.92 -1.66
C ALA B 871 1.66 46.19 -2.15
N GLN B 872 1.25 46.23 -3.42
CA GLN B 872 0.50 47.36 -3.93
C GLN B 872 -0.92 47.36 -3.41
N TYR B 873 -1.57 46.19 -3.39
CA TYR B 873 -2.86 46.05 -2.74
C TYR B 873 -2.80 46.45 -1.28
N THR B 874 -1.86 45.88 -0.52
CA THR B 874 -1.75 46.23 0.90
C THR B 874 -1.44 47.72 1.11
N SER B 875 -0.77 48.34 0.13
CA SER B 875 -0.65 49.79 0.09
C SER B 875 -1.98 50.48 -0.17
N ALA B 876 -2.75 49.97 -1.13
CA ALA B 876 -4.04 50.58 -1.44
C ALA B 876 -4.97 50.51 -0.24
N LEU B 877 -5.12 49.31 0.33
CA LEU B 877 -5.98 49.12 1.50
C LEU B 877 -5.51 49.94 2.71
N LEU B 878 -4.20 50.10 2.89
CA LEU B 878 -3.73 50.94 3.98
C LEU B 878 -3.94 52.44 3.70
N ALA B 879 -3.64 52.89 2.49
CA ALA B 879 -3.78 54.29 2.15
C ALA B 879 -5.24 54.69 2.17
N GLY B 880 -6.09 53.77 1.69
CA GLY B 880 -7.51 54.00 1.71
C GLY B 880 -8.04 54.10 3.13
N THR B 881 -7.51 53.27 4.05
CA THR B 881 -8.00 53.36 5.41
C THR B 881 -7.61 54.70 6.02
N ILE B 882 -6.39 55.17 5.70
CA ILE B 882 -5.87 56.43 6.24
C ILE B 882 -6.60 57.63 5.66
N THR B 883 -7.23 57.48 4.51
CA THR B 883 -7.77 58.65 3.84
C THR B 883 -9.28 58.58 3.70
N SER B 884 -9.89 57.42 3.97
CA SER B 884 -11.32 57.26 3.79
C SER B 884 -12.05 56.53 4.91
N GLY B 885 -11.37 55.94 5.91
CA GLY B 885 -12.10 55.15 6.90
C GLY B 885 -12.75 53.94 6.24
N TRP B 886 -14.02 53.68 6.59
CA TRP B 886 -14.73 52.54 6.03
C TRP B 886 -15.31 52.80 4.65
N THR B 887 -15.35 54.06 4.22
CA THR B 887 -16.19 54.45 3.09
C THR B 887 -15.78 53.73 1.82
N PHE B 888 -14.46 53.54 1.58
CA PHE B 888 -14.05 52.95 0.31
C PHE B 888 -14.44 51.48 0.27
N GLY B 889 -14.58 50.86 1.44
CA GLY B 889 -15.12 49.52 1.52
C GLY B 889 -16.59 49.50 1.20
N ALA B 890 -17.33 50.51 1.70
CA ALA B 890 -18.77 50.53 1.47
C ALA B 890 -19.09 50.84 0.00
N GLY B 891 -18.42 51.82 -0.58
CA GLY B 891 -18.72 52.25 -1.93
C GLY B 891 -17.59 53.13 -2.43
N ALA B 892 -17.95 54.22 -3.11
CA ALA B 892 -16.94 55.18 -3.55
C ALA B 892 -16.31 55.81 -2.31
N ALA B 893 -14.99 56.02 -2.36
CA ALA B 893 -14.25 56.51 -1.21
C ALA B 893 -14.58 57.98 -0.91
N LEU B 894 -14.65 58.31 0.38
CA LEU B 894 -14.98 59.67 0.80
C LEU B 894 -13.75 60.12 1.59
N GLN B 895 -13.11 61.21 1.20
CA GLN B 895 -11.98 61.69 1.99
C GLN B 895 -12.41 62.18 3.36
N ILE B 896 -11.56 61.93 4.37
CA ILE B 896 -11.72 62.33 5.78
C ILE B 896 -10.36 62.36 6.49
N PRO B 897 -10.05 63.45 7.21
CA PRO B 897 -8.81 63.52 7.98
C PRO B 897 -8.72 62.46 9.07
N PHE B 898 -7.47 62.04 9.34
CA PHE B 898 -7.20 60.91 10.22
C PHE B 898 -7.70 61.20 11.65
N ALA B 899 -7.57 62.45 12.11
CA ALA B 899 -8.12 62.85 13.40
C ALA B 899 -9.63 62.60 13.43
N MET B 900 -10.32 62.95 12.34
CA MET B 900 -11.76 62.73 12.24
C MET B 900 -12.06 61.24 12.28
N GLN B 901 -11.25 60.43 11.57
CA GLN B 901 -11.46 58.98 11.56
C GLN B 901 -11.28 58.38 12.96
N MET B 902 -10.26 58.81 13.71
CA MET B 902 -10.14 58.34 15.10
C MET B 902 -11.34 58.78 15.93
N ALA B 903 -11.85 59.99 15.70
CA ALA B 903 -13.00 60.42 16.48
C ALA B 903 -14.25 59.60 16.18
N TYR B 904 -14.37 59.13 14.93
CA TYR B 904 -15.37 58.11 14.59
C TYR B 904 -15.13 56.83 15.38
N ARG B 905 -13.90 56.35 15.41
CA ARG B 905 -13.62 55.05 16.01
C ARG B 905 -13.86 55.07 17.52
N PHE B 906 -13.43 56.15 18.18
CA PHE B 906 -13.73 56.37 19.59
C PHE B 906 -15.23 56.44 19.83
N ASN B 907 -15.96 57.19 18.99
CA ASN B 907 -17.41 57.27 19.16
C ASN B 907 -18.04 55.90 18.96
N GLY B 908 -17.38 55.05 18.16
CA GLY B 908 -17.85 53.69 17.97
C GLY B 908 -17.74 52.83 19.21
N ILE B 909 -16.64 52.94 19.94
CA ILE B 909 -16.49 52.05 21.10
C ILE B 909 -17.14 52.70 22.34
N GLY B 910 -17.85 53.80 22.14
CA GLY B 910 -18.65 54.33 23.22
C GLY B 910 -17.99 55.40 24.06
N VAL B 911 -16.75 55.77 23.75
CA VAL B 911 -16.07 56.85 24.45
C VAL B 911 -16.25 58.12 23.62
N THR B 912 -16.72 59.17 24.28
CA THR B 912 -17.00 60.42 23.59
C THR B 912 -15.72 61.04 22.99
N GLN B 913 -15.94 61.87 21.97
CA GLN B 913 -14.88 62.35 21.09
C GLN B 913 -13.77 63.12 21.81
N ASN B 914 -14.12 63.89 22.85
CA ASN B 914 -13.19 64.86 23.43
C ASN B 914 -11.91 64.27 24.02
N VAL B 915 -11.91 62.98 24.38
CA VAL B 915 -10.70 62.34 24.88
C VAL B 915 -9.59 62.40 23.83
N LEU B 916 -9.95 62.20 22.56
CA LEU B 916 -8.99 62.28 21.46
C LEU B 916 -8.40 63.68 21.41
N TYR B 917 -9.24 64.66 21.09
CA TYR B 917 -8.77 66.00 20.79
C TYR B 917 -8.03 66.61 21.97
N GLU B 918 -8.41 66.23 23.20
CA GLU B 918 -7.70 66.70 24.38
C GLU B 918 -6.36 65.98 24.56
N ASN B 919 -6.19 64.77 24.00
CA ASN B 919 -4.99 63.96 24.23
C ASN B 919 -4.27 63.58 22.94
N GLN B 920 -4.40 64.38 21.86
CA GLN B 920 -3.86 63.96 20.57
C GLN B 920 -2.34 63.79 20.59
N LYS B 921 -1.62 64.70 21.26
CA LYS B 921 -0.17 64.56 21.38
C LYS B 921 0.21 63.22 22.01
N LEU B 922 -0.41 62.91 23.14
CA LEU B 922 -0.17 61.67 23.87
C LEU B 922 -0.54 60.44 23.04
N ILE B 923 -1.62 60.52 22.27
CA ILE B 923 -2.05 59.39 21.44
C ILE B 923 -1.14 59.21 20.23
N ALA B 924 -0.73 60.31 19.59
CA ALA B 924 0.24 60.25 18.50
C ALA B 924 1.56 59.65 18.97
N ASN B 925 2.08 60.14 20.10
CA ASN B 925 3.34 59.62 20.64
C ASN B 925 3.22 58.17 21.08
N GLN B 926 2.10 57.81 21.73
CA GLN B 926 1.83 56.44 22.12
C GLN B 926 1.79 55.52 20.91
N PHE B 927 1.13 55.95 19.83
CA PHE B 927 1.01 55.10 18.65
C PHE B 927 2.36 54.97 17.96
N ASN B 928 3.10 56.06 17.82
CA ASN B 928 4.41 56.02 17.18
C ASN B 928 5.36 55.12 17.97
N SER B 929 5.38 55.26 19.30
CA SER B 929 6.18 54.38 20.14
C SER B 929 5.73 52.93 20.04
N ALA B 930 4.42 52.68 19.99
CA ALA B 930 3.90 51.32 19.86
C ALA B 930 4.32 50.68 18.54
N ILE B 931 4.27 51.44 17.45
CA ILE B 931 4.82 50.99 16.17
C ILE B 931 6.33 50.75 16.33
N GLY B 932 7.00 51.61 17.10
CA GLY B 932 8.42 51.41 17.36
C GLY B 932 8.66 50.09 18.07
N LYS B 933 7.78 49.74 18.99
CA LYS B 933 7.91 48.46 19.69
C LYS B 933 7.72 47.33 18.69
N ILE B 934 6.80 47.50 17.73
CA ILE B 934 6.61 46.49 16.68
C ILE B 934 7.90 46.33 15.88
N GLN B 935 8.55 47.46 15.60
CA GLN B 935 9.86 47.49 14.95
C GLN B 935 10.87 46.65 15.72
N ASP B 936 11.01 46.93 17.02
CA ASP B 936 12.03 46.25 17.83
C ASP B 936 11.70 44.75 17.98
N SER B 937 10.41 44.44 18.20
CA SER B 937 9.96 43.06 18.34
C SER B 937 10.19 42.24 17.07
N LEU B 938 9.93 42.82 15.90
CA LEU B 938 10.21 42.06 14.69
C LEU B 938 11.71 42.06 14.39
N SER B 939 12.43 43.12 14.77
CA SER B 939 13.84 43.22 14.46
C SER B 939 14.63 42.14 15.18
N SER B 940 14.31 41.92 16.45
CA SER B 940 15.14 41.05 17.29
C SER B 940 14.62 39.63 17.41
N THR B 941 13.31 39.44 17.60
CA THR B 941 12.74 38.12 17.86
C THR B 941 11.96 37.64 16.65
N ALA B 942 12.22 36.38 16.24
CA ALA B 942 11.49 35.74 15.17
C ALA B 942 10.37 34.83 15.68
N SER B 943 10.13 34.82 17.00
CA SER B 943 9.10 33.98 17.60
C SER B 943 7.70 34.32 17.11
N ALA B 944 7.46 35.57 16.71
CA ALA B 944 6.15 35.95 16.17
C ALA B 944 5.85 35.23 14.86
N LEU B 945 6.83 35.11 13.97
CA LEU B 945 6.66 34.51 12.64
C LEU B 945 6.61 33.00 12.67
N GLY B 946 6.38 32.38 13.83
CA GLY B 946 6.37 30.93 13.89
C GLY B 946 5.33 30.28 13.00
N LYS B 947 4.15 30.88 12.87
CA LYS B 947 3.02 30.17 12.24
C LYS B 947 3.26 29.96 10.74
N LEU B 948 3.71 31.00 10.03
CA LEU B 948 4.03 30.83 8.62
C LEU B 948 5.25 29.94 8.43
N GLN B 949 6.26 30.08 9.28
CA GLN B 949 7.42 29.22 9.15
C GLN B 949 7.03 27.76 9.37
N ASP B 950 6.07 27.51 10.28
CA ASP B 950 5.56 26.16 10.49
C ASP B 950 4.86 25.65 9.24
N VAL B 951 4.05 26.49 8.60
CA VAL B 951 3.36 26.08 7.37
C VAL B 951 4.37 25.75 6.27
N VAL B 952 5.40 26.58 6.14
CA VAL B 952 6.44 26.35 5.14
C VAL B 952 7.19 25.06 5.45
N ASN B 953 7.55 24.86 6.73
CA ASN B 953 8.30 23.67 7.13
C ASN B 953 7.48 22.42 6.85
N GLN B 954 6.21 22.42 7.29
CA GLN B 954 5.35 21.25 7.13
C GLN B 954 5.19 20.88 5.66
N ASN B 955 4.95 21.87 4.81
CA ASN B 955 4.81 21.60 3.38
C ASN B 955 6.12 21.14 2.75
N ALA B 956 7.22 21.86 3.02
CA ALA B 956 8.53 21.49 2.50
C ALA B 956 8.97 20.11 2.98
N GLN B 957 8.77 19.80 4.26
CA GLN B 957 9.14 18.49 4.78
C GLN B 957 8.25 17.39 4.20
N ALA B 958 6.96 17.68 3.98
CA ALA B 958 6.10 16.69 3.35
C ALA B 958 6.58 16.41 1.92
N LEU B 959 6.94 17.46 1.19
CA LEU B 959 7.46 17.30 -0.15
C LEU B 959 8.80 16.56 -0.13
N ASN B 960 9.65 16.87 0.86
CA ASN B 960 10.91 16.17 1.06
C ASN B 960 10.67 14.69 1.30
N THR B 961 9.64 14.35 2.09
CA THR B 961 9.25 12.95 2.28
C THR B 961 8.78 12.34 0.97
N LEU B 962 8.08 13.13 0.16
CA LEU B 962 7.59 12.67 -1.14
C LEU B 962 8.75 12.28 -2.04
N VAL B 963 9.72 13.18 -2.19
CA VAL B 963 10.88 12.90 -3.04
C VAL B 963 11.75 11.80 -2.42
N LYS B 964 11.80 11.73 -1.09
CA LYS B 964 12.55 10.69 -0.38
C LYS B 964 12.01 9.32 -0.74
N GLN B 965 10.70 9.22 -0.91
CA GLN B 965 10.09 7.94 -1.25
C GLN B 965 10.64 7.38 -2.57
N LEU B 966 11.19 8.24 -3.45
CA LEU B 966 11.82 7.73 -4.65
C LEU B 966 13.01 6.88 -4.26
N SER B 967 13.77 7.35 -3.27
CA SER B 967 14.94 6.62 -2.82
C SER B 967 14.55 5.40 -2.01
N SER B 968 13.31 5.35 -1.51
CA SER B 968 12.91 4.21 -0.69
C SER B 968 12.66 3.03 -1.63
N ASN B 969 13.08 1.84 -1.20
CA ASN B 969 13.08 0.68 -2.08
C ASN B 969 11.68 0.14 -2.37
N PHE B 970 10.76 0.21 -1.39
CA PHE B 970 9.42 -0.41 -1.46
C PHE B 970 9.46 -1.91 -1.72
N GLY B 971 10.45 -2.62 -1.18
CA GLY B 971 10.47 -4.06 -1.35
C GLY B 971 10.66 -4.55 -2.77
N ALA B 972 11.58 -3.96 -3.51
CA ALA B 972 11.92 -4.41 -4.86
C ALA B 972 13.43 -4.65 -4.95
N ILE B 973 13.86 -5.18 -6.09
CA ILE B 973 15.26 -5.51 -6.26
C ILE B 973 16.11 -4.24 -6.27
N SER B 974 15.60 -3.17 -6.87
CA SER B 974 16.30 -1.89 -6.88
C SER B 974 15.30 -0.74 -6.87
N SER B 975 15.66 0.35 -6.18
CA SER B 975 14.75 1.48 -6.07
C SER B 975 14.70 2.34 -7.33
N VAL B 976 15.79 2.39 -8.10
CA VAL B 976 15.84 3.23 -9.30
C VAL B 976 15.06 2.59 -10.44
N LEU B 977 14.10 3.36 -10.99
CA LEU B 977 13.23 2.81 -12.03
C LEU B 977 14.00 2.49 -13.30
N ASN B 978 14.95 3.36 -13.68
CA ASN B 978 15.72 3.09 -14.89
C ASN B 978 16.53 1.82 -14.68
N ASP B 979 17.05 1.64 -13.47
CA ASP B 979 17.76 0.42 -13.10
C ASP B 979 16.84 -0.80 -13.17
N ILE B 980 15.52 -0.62 -13.02
CA ILE B 980 14.56 -1.71 -13.22
C ILE B 980 14.34 -1.98 -14.71
N LEU B 981 14.32 -0.94 -15.53
CA LEU B 981 14.25 -1.15 -16.98
C LEU B 981 15.50 -1.88 -17.46
N SER B 982 16.66 -1.50 -16.95
CA SER B 982 17.88 -2.29 -17.05
C SER B 982 17.82 -3.44 -16.04
N ARG B 983 18.86 -4.27 -16.02
CA ARG B 983 19.08 -5.33 -15.03
C ARG B 983 18.05 -6.47 -15.14
N LEU B 984 17.03 -6.34 -15.98
CA LEU B 984 16.13 -7.44 -16.33
C LEU B 984 15.08 -7.15 -17.40
N ASP B 985 14.70 -8.21 -18.12
CA ASP B 985 13.75 -8.18 -19.22
C ASP B 985 12.32 -7.93 -18.73
N PRO B 986 11.45 -7.43 -19.62
CA PRO B 986 10.07 -7.09 -19.21
C PRO B 986 9.25 -8.26 -18.68
N PRO B 987 9.23 -9.48 -19.30
CA PRO B 987 8.21 -10.48 -18.89
C PRO B 987 8.22 -10.84 -17.41
N GLU B 988 9.41 -10.91 -16.82
CA GLU B 988 9.51 -11.04 -15.37
C GLU B 988 9.45 -9.67 -14.71
N ALA B 989 9.99 -8.64 -15.38
CA ALA B 989 10.10 -7.29 -14.80
C ALA B 989 8.75 -6.66 -14.42
N GLU B 990 7.62 -7.08 -15.05
CA GLU B 990 6.34 -6.46 -14.67
C GLU B 990 6.02 -6.60 -13.19
N VAL B 991 6.33 -7.75 -12.57
CA VAL B 991 6.02 -7.91 -11.15
C VAL B 991 6.81 -6.91 -10.28
N GLN B 992 8.10 -6.70 -10.57
CA GLN B 992 8.89 -5.71 -9.85
C GLN B 992 8.39 -4.30 -10.09
N ILE B 993 8.07 -3.99 -11.36
CA ILE B 993 7.54 -2.66 -11.68
C ILE B 993 6.20 -2.46 -11.00
N ASP B 994 5.31 -3.46 -11.05
CA ASP B 994 3.99 -3.37 -10.45
C ASP B 994 4.08 -3.13 -8.94
N ARG B 995 5.03 -3.80 -8.26
CA ARG B 995 5.21 -3.53 -6.83
C ARG B 995 5.70 -2.10 -6.62
N LEU B 996 6.56 -1.62 -7.51
CA LEU B 996 6.99 -0.23 -7.41
C LEU B 996 5.82 0.70 -7.66
N ILE B 997 4.99 0.38 -8.65
CA ILE B 997 3.87 1.25 -9.05
C ILE B 997 2.90 1.38 -7.89
N THR B 998 2.48 0.24 -7.31
CA THR B 998 1.53 0.28 -6.21
C THR B 998 2.10 1.02 -5.01
N GLY B 999 3.40 0.84 -4.73
CA GLY B 999 4.00 1.57 -3.63
C GLY B 999 4.05 3.08 -3.84
N ARG B 1000 4.53 3.50 -5.02
CA ARG B 1000 4.60 4.93 -5.30
C ARG B 1000 3.23 5.56 -5.38
N LEU B 1001 2.29 4.91 -6.08
CA LEU B 1001 0.93 5.42 -6.16
C LEU B 1001 0.30 5.57 -4.78
N GLN B 1002 0.54 4.60 -3.87
CA GLN B 1002 0.01 4.79 -2.52
C GLN B 1002 0.71 5.95 -1.82
N SER B 1003 1.99 6.18 -2.16
CA SER B 1003 2.72 7.30 -1.58
C SER B 1003 2.08 8.61 -2.02
N LEU B 1004 1.70 8.68 -3.31
CA LEU B 1004 0.99 9.85 -3.80
C LEU B 1004 -0.35 10.00 -3.09
N GLN B 1005 -1.09 8.90 -2.93
CA GLN B 1005 -2.37 8.94 -2.22
C GLN B 1005 -2.23 9.58 -0.85
N THR B 1006 -1.18 9.20 -0.12
CA THR B 1006 -0.91 9.80 1.18
C THR B 1006 -0.55 11.28 1.03
N TYR B 1007 0.37 11.59 0.11
CA TYR B 1007 0.85 12.97 -0.01
C TYR B 1007 -0.26 13.90 -0.49
N VAL B 1008 -1.00 13.49 -1.52
CA VAL B 1008 -2.10 14.31 -2.04
C VAL B 1008 -3.17 14.50 -0.97
N THR B 1009 -3.62 13.41 -0.32
CA THR B 1009 -4.66 13.55 0.70
C THR B 1009 -4.20 14.47 1.82
N GLN B 1010 -2.90 14.43 2.12
CA GLN B 1010 -2.31 15.37 3.06
C GLN B 1010 -2.41 16.79 2.52
N GLN B 1011 -2.16 16.96 1.22
CA GLN B 1011 -2.23 18.29 0.63
C GLN B 1011 -3.65 18.84 0.74
N LEU B 1012 -4.64 18.07 0.31
CA LEU B 1012 -6.04 18.52 0.37
C LEU B 1012 -6.46 18.89 1.80
N ILE B 1013 -6.16 18.04 2.79
CA ILE B 1013 -6.55 18.37 4.16
C ILE B 1013 -5.79 19.60 4.69
N ARG B 1014 -4.49 19.71 4.42
CA ARG B 1014 -3.76 20.89 4.87
C ARG B 1014 -4.23 22.13 4.10
N ALA B 1015 -4.58 21.97 2.84
CA ALA B 1015 -5.14 23.07 2.06
C ALA B 1015 -6.49 23.48 2.63
N ALA B 1016 -7.29 22.51 3.11
CA ALA B 1016 -8.54 22.86 3.76
C ALA B 1016 -8.28 23.65 5.03
N GLU B 1017 -7.24 23.26 5.77
CA GLU B 1017 -6.84 24.00 6.97
C GLU B 1017 -6.47 25.44 6.59
N ILE B 1018 -5.64 25.57 5.55
CA ILE B 1018 -5.20 26.87 5.08
C ILE B 1018 -6.39 27.68 4.60
N ARG B 1019 -7.28 27.05 3.83
CA ARG B 1019 -8.45 27.73 3.29
C ARG B 1019 -9.39 28.22 4.37
N ALA B 1020 -9.55 27.45 5.46
CA ALA B 1020 -10.29 27.93 6.60
C ALA B 1020 -9.60 29.13 7.23
N SER B 1021 -8.28 29.09 7.27
CA SER B 1021 -7.52 30.23 7.76
C SER B 1021 -7.62 31.40 6.79
N ALA B 1022 -7.65 31.12 5.49
CA ALA B 1022 -7.80 32.14 4.45
C ALA B 1022 -9.13 32.84 4.56
N ASN B 1023 -10.22 32.07 4.71
CA ASN B 1023 -11.54 32.65 4.93
C ASN B 1023 -11.58 33.46 6.22
N LEU B 1024 -10.90 32.97 7.25
CA LEU B 1024 -10.74 33.75 8.47
C LEU B 1024 -9.94 35.03 8.21
N ALA B 1025 -8.89 34.94 7.39
CA ALA B 1025 -8.12 36.12 7.01
C ALA B 1025 -8.97 37.10 6.24
N ALA B 1026 -9.77 36.59 5.30
CA ALA B 1026 -10.69 37.39 4.51
C ALA B 1026 -11.71 38.13 5.38
N THR B 1027 -12.36 37.40 6.30
CA THR B 1027 -13.29 38.06 7.22
C THR B 1027 -12.55 39.09 8.09
N LYS B 1028 -11.32 38.74 8.47
CA LYS B 1028 -10.50 39.65 9.31
C LYS B 1028 -10.28 40.95 8.52
N MET B 1029 -9.80 40.84 7.28
CA MET B 1029 -9.48 42.07 6.51
C MET B 1029 -10.77 42.86 6.36
N SER B 1030 -11.87 42.17 6.07
CA SER B 1030 -13.16 42.86 5.81
C SER B 1030 -13.68 43.58 7.05
N GLU B 1031 -13.62 42.97 8.23
CA GLU B 1031 -14.26 43.64 9.40
C GLU B 1031 -13.24 44.22 10.39
N CYS B 1032 -11.95 44.00 10.20
CA CYS B 1032 -10.98 44.67 11.11
C CYS B 1032 -10.38 45.90 10.42
N VAL B 1033 -9.94 45.75 9.16
CA VAL B 1033 -9.26 46.89 8.48
C VAL B 1033 -10.27 47.72 7.69
N LEU B 1034 -11.24 47.07 7.04
CA LEU B 1034 -12.17 47.84 6.17
C LEU B 1034 -13.22 48.52 7.05
N GLY B 1035 -13.17 48.28 8.37
CA GLY B 1035 -14.06 49.01 9.24
C GLY B 1035 -13.81 48.63 10.67
N GLN B 1036 -14.26 49.49 11.57
CA GLN B 1036 -14.25 49.15 12.98
C GLN B 1036 -15.21 47.99 13.26
N SER B 1037 -14.81 47.12 14.18
CA SER B 1037 -15.62 45.98 14.57
C SER B 1037 -15.94 46.10 16.05
N LYS B 1038 -17.22 46.02 16.39
CA LYS B 1038 -17.60 46.06 17.78
C LYS B 1038 -17.63 44.66 18.38
N ARG B 1039 -17.28 43.65 17.60
CA ARG B 1039 -17.18 42.30 18.11
C ARG B 1039 -15.93 42.17 18.98
N VAL B 1040 -16.12 41.71 20.22
CA VAL B 1040 -15.06 41.66 21.21
C VAL B 1040 -14.10 40.51 20.92
N ASP B 1041 -12.79 40.81 20.93
CA ASP B 1041 -11.66 39.88 20.87
C ASP B 1041 -11.53 39.20 19.50
N PHE B 1042 -12.34 39.57 18.50
CA PHE B 1042 -12.13 39.00 17.18
C PHE B 1042 -10.96 39.68 16.48
N CYS B 1043 -10.79 40.98 16.69
CA CYS B 1043 -9.69 41.75 16.11
C CYS B 1043 -8.83 42.28 17.25
N GLY B 1044 -7.92 41.45 17.74
CA GLY B 1044 -6.98 41.90 18.75
C GLY B 1044 -7.53 41.99 20.16
N LYS B 1045 -6.66 41.80 21.16
CA LYS B 1045 -7.09 41.89 22.55
C LYS B 1045 -7.55 43.30 22.88
N GLY B 1046 -8.67 43.38 23.59
CA GLY B 1046 -9.19 44.67 24.02
C GLY B 1046 -10.12 45.29 23.01
N TYR B 1047 -10.55 46.50 23.33
CA TYR B 1047 -11.42 47.27 22.44
C TYR B 1047 -10.68 47.63 21.16
N HIS B 1048 -11.33 47.42 20.02
CA HIS B 1048 -10.69 47.54 18.73
C HIS B 1048 -10.97 48.91 18.11
N LEU B 1049 -9.93 49.52 17.55
CA LEU B 1049 -10.07 50.75 16.79
C LEU B 1049 -9.91 50.53 15.30
N MET B 1050 -8.78 49.93 14.89
CA MET B 1050 -8.42 49.78 13.48
C MET B 1050 -7.25 48.81 13.35
N SER B 1051 -7.06 48.35 12.13
CA SER B 1051 -6.11 47.30 11.81
C SER B 1051 -5.38 47.68 10.53
N PHE B 1052 -4.12 47.29 10.43
CA PHE B 1052 -3.32 47.55 9.25
C PHE B 1052 -2.78 46.24 8.69
N PRO B 1053 -2.97 45.97 7.40
CA PRO B 1053 -2.36 44.79 6.79
C PRO B 1053 -0.95 45.06 6.29
N GLN B 1054 -0.10 44.05 6.43
CA GLN B 1054 1.23 44.03 5.84
C GLN B 1054 1.45 42.70 5.15
N SER B 1055 1.94 42.73 3.92
CA SER B 1055 2.17 41.50 3.19
C SER B 1055 3.36 40.75 3.77
N ALA B 1056 3.28 39.43 3.72
CA ALA B 1056 4.35 38.56 4.19
C ALA B 1056 4.37 37.35 3.28
N PRO B 1057 5.51 36.67 3.16
CA PRO B 1057 5.60 35.51 2.25
C PRO B 1057 4.57 34.44 2.57
N HIS B 1058 3.66 34.22 1.62
CA HIS B 1058 2.58 33.23 1.72
C HIS B 1058 1.67 33.46 2.93
N GLY B 1059 1.43 34.73 3.27
CA GLY B 1059 0.60 35.03 4.43
C GLY B 1059 0.32 36.51 4.51
N VAL B 1060 -0.43 36.88 5.54
CA VAL B 1060 -0.76 38.28 5.82
C VAL B 1060 -0.51 38.53 7.29
N VAL B 1061 0.03 39.70 7.60
CA VAL B 1061 0.30 40.10 8.98
C VAL B 1061 -0.54 41.33 9.30
N PHE B 1062 -1.29 41.25 10.39
CA PHE B 1062 -2.16 42.34 10.83
C PHE B 1062 -1.50 43.04 12.01
N LEU B 1063 -1.61 44.36 12.03
CA LEU B 1063 -1.34 45.15 13.22
C LEU B 1063 -2.68 45.66 13.74
N HIS B 1064 -3.14 45.08 14.85
CA HIS B 1064 -4.42 45.46 15.44
C HIS B 1064 -4.17 46.57 16.44
N VAL B 1065 -4.69 47.76 16.15
CA VAL B 1065 -4.58 48.90 17.05
C VAL B 1065 -5.77 48.87 17.99
N THR B 1066 -5.49 48.78 19.28
CA THR B 1066 -6.50 48.51 20.29
C THR B 1066 -6.40 49.55 21.40
N TYR B 1067 -7.52 49.73 22.09
CA TYR B 1067 -7.63 50.66 23.21
C TYR B 1067 -7.66 49.85 24.50
N VAL B 1068 -6.70 50.11 25.39
CA VAL B 1068 -6.56 49.32 26.62
C VAL B 1068 -6.57 50.26 27.83
N PRO B 1069 -7.58 50.17 28.69
CA PRO B 1069 -7.64 51.08 29.85
C PRO B 1069 -6.59 50.69 30.90
N ALA B 1070 -5.76 51.66 31.29
CA ALA B 1070 -4.60 51.32 32.10
C ALA B 1070 -4.82 51.51 33.60
N GLN B 1071 -4.96 52.76 34.04
CA GLN B 1071 -5.08 53.07 35.46
C GLN B 1071 -6.56 53.16 35.83
N GLU B 1072 -6.90 52.75 37.05
CA GLU B 1072 -8.27 52.83 37.53
C GLU B 1072 -8.29 53.35 38.97
N LYS B 1073 -9.49 53.77 39.41
CA LYS B 1073 -9.69 54.25 40.77
C LYS B 1073 -11.07 53.85 41.26
N ASN B 1074 -11.12 53.39 42.51
CA ASN B 1074 -12.38 53.00 43.16
C ASN B 1074 -13.31 54.20 43.34
N PHE B 1075 -14.57 54.03 42.94
CA PHE B 1075 -15.59 55.06 43.17
C PHE B 1075 -16.89 54.39 43.59
N THR B 1076 -17.50 54.91 44.64
CA THR B 1076 -18.85 54.49 45.01
C THR B 1076 -19.86 54.78 43.90
N THR B 1077 -20.72 53.80 43.60
CA THR B 1077 -21.68 53.91 42.51
C THR B 1077 -23.08 53.65 43.06
N ALA B 1078 -24.10 54.05 42.29
CA ALA B 1078 -25.50 53.85 42.65
C ALA B 1078 -26.32 53.56 41.41
N PRO B 1079 -27.30 52.65 41.51
CA PRO B 1079 -28.11 52.31 40.32
C PRO B 1079 -28.85 53.49 39.73
N ALA B 1080 -29.36 54.38 40.57
CA ALA B 1080 -30.19 55.49 40.12
C ALA B 1080 -30.11 56.56 41.18
N ILE B 1081 -30.65 57.73 40.88
CA ILE B 1081 -30.59 58.85 41.80
C ILE B 1081 -32.04 59.36 41.97
N CYS B 1082 -32.50 59.42 43.21
CA CYS B 1082 -33.77 60.06 43.51
C CYS B 1082 -33.55 61.56 43.69
N HIS B 1083 -34.42 62.39 43.10
CA HIS B 1083 -34.34 63.82 43.34
C HIS B 1083 -35.59 64.42 43.99
N ASP B 1084 -36.77 64.30 43.38
CA ASP B 1084 -38.02 64.77 43.98
C ASP B 1084 -39.07 63.67 43.99
N GLY B 1085 -38.68 62.46 44.33
CA GLY B 1085 -39.58 61.34 44.25
C GLY B 1085 -39.69 60.70 42.88
N LYS B 1086 -38.90 61.16 41.91
CA LYS B 1086 -38.86 60.56 40.59
C LYS B 1086 -37.47 59.99 40.36
N ALA B 1087 -37.40 58.71 39.95
CA ALA B 1087 -36.10 58.09 39.73
C ALA B 1087 -35.47 58.63 38.46
N HIS B 1088 -34.16 58.84 38.51
CA HIS B 1088 -33.40 59.33 37.36
C HIS B 1088 -32.36 58.30 36.96
N PHE B 1089 -32.31 57.99 35.67
CA PHE B 1089 -31.33 57.07 35.11
C PHE B 1089 -30.47 57.77 34.07
N PRO B 1090 -29.18 57.44 33.99
CA PRO B 1090 -28.28 58.18 33.07
C PRO B 1090 -28.50 57.80 31.61
N ARG B 1091 -28.52 58.83 30.76
CA ARG B 1091 -28.61 58.62 29.30
C ARG B 1091 -27.48 57.73 28.80
N GLU B 1092 -26.25 58.02 29.24
CA GLU B 1092 -25.06 57.24 28.94
C GLU B 1092 -24.12 57.36 30.12
N GLY B 1093 -23.44 56.26 30.45
CA GLY B 1093 -22.60 56.25 31.62
C GLY B 1093 -23.35 55.94 32.91
N VAL B 1094 -22.62 56.04 34.02
CA VAL B 1094 -23.10 55.62 35.33
C VAL B 1094 -22.78 56.68 36.37
N PHE B 1095 -23.49 56.58 37.49
CA PHE B 1095 -23.36 57.51 38.59
C PHE B 1095 -22.14 57.10 39.42
N VAL B 1096 -21.26 58.05 39.70
CA VAL B 1096 -20.06 57.79 40.49
C VAL B 1096 -19.92 58.84 41.56
N SER B 1097 -19.50 58.41 42.76
CA SER B 1097 -19.27 59.30 43.88
C SER B 1097 -17.82 59.25 44.30
N ASN B 1098 -17.19 60.43 44.41
CA ASN B 1098 -15.84 60.54 44.93
C ASN B 1098 -15.79 60.55 46.45
N GLY B 1099 -16.89 60.18 47.11
CA GLY B 1099 -16.97 60.09 48.55
C GLY B 1099 -17.90 61.11 49.19
N THR B 1100 -18.04 62.29 48.56
CA THR B 1100 -18.92 63.34 49.06
C THR B 1100 -19.86 63.93 48.02
N HIS B 1101 -19.59 63.73 46.73
CA HIS B 1101 -20.38 64.33 45.66
C HIS B 1101 -20.60 63.29 44.58
N TRP B 1102 -21.72 63.40 43.87
CA TRP B 1102 -22.14 62.41 42.89
C TRP B 1102 -22.03 62.99 41.48
N PHE B 1103 -21.33 62.27 40.61
CA PHE B 1103 -21.09 62.69 39.24
C PHE B 1103 -21.52 61.58 38.30
N VAL B 1104 -21.70 61.94 37.04
CA VAL B 1104 -21.87 60.97 35.95
C VAL B 1104 -20.67 61.05 35.02
N THR B 1105 -20.09 59.89 34.72
CA THR B 1105 -18.92 59.78 33.88
C THR B 1105 -19.16 58.71 32.83
N GLN B 1106 -18.50 58.87 31.67
CA GLN B 1106 -18.66 57.92 30.59
C GLN B 1106 -18.11 56.55 30.99
N ARG B 1107 -18.48 55.55 30.21
CA ARG B 1107 -18.40 54.16 30.64
C ARG B 1107 -16.94 53.70 30.76
N ASN B 1108 -16.12 54.00 29.76
CA ASN B 1108 -14.79 53.44 29.66
C ASN B 1108 -13.69 54.47 29.89
N PHE B 1109 -14.03 55.65 30.43
CA PHE B 1109 -13.05 56.69 30.72
C PHE B 1109 -13.58 57.55 31.87
N TYR B 1110 -12.66 58.02 32.72
CA TYR B 1110 -13.07 58.84 33.86
C TYR B 1110 -13.19 60.28 33.40
N GLU B 1111 -14.42 60.72 33.14
CA GLU B 1111 -14.72 62.08 32.73
C GLU B 1111 -15.89 62.55 33.59
N PRO B 1112 -15.66 62.81 34.88
CA PRO B 1112 -16.77 63.13 35.78
C PRO B 1112 -17.41 64.46 35.40
N GLN B 1113 -18.73 64.51 35.49
CA GLN B 1113 -19.49 65.70 35.13
C GLN B 1113 -20.78 65.72 35.92
N ILE B 1114 -21.23 66.95 36.21
CA ILE B 1114 -22.28 67.19 37.19
C ILE B 1114 -23.57 66.57 36.65
N ILE B 1115 -24.40 66.02 37.54
CA ILE B 1115 -25.65 65.41 37.10
C ILE B 1115 -26.53 66.47 36.47
N THR B 1116 -27.05 66.17 35.27
CA THR B 1116 -27.99 67.04 34.59
C THR B 1116 -29.09 66.20 33.96
N THR B 1117 -30.22 66.86 33.62
CA THR B 1117 -31.26 66.21 32.83
C THR B 1117 -30.79 65.91 31.41
N ASP B 1118 -29.71 66.53 30.95
CA ASP B 1118 -29.18 66.14 29.66
C ASP B 1118 -28.51 64.79 29.81
N ASN B 1119 -27.81 64.59 30.92
CA ASN B 1119 -27.16 63.32 31.20
C ASN B 1119 -28.14 62.25 31.70
N THR B 1120 -29.25 62.65 32.33
CA THR B 1120 -30.13 61.70 33.00
C THR B 1120 -31.54 61.80 32.42
N PHE B 1121 -32.17 60.65 32.21
CA PHE B 1121 -33.57 60.59 31.80
C PHE B 1121 -34.41 60.05 32.95
N VAL B 1122 -35.48 60.76 33.27
CA VAL B 1122 -36.30 60.40 34.42
C VAL B 1122 -37.20 59.24 34.02
N SER B 1123 -37.44 58.32 34.96
CA SER B 1123 -38.39 57.23 34.75
C SER B 1123 -38.93 56.75 36.08
N GLY B 1124 -40.25 56.53 36.15
CA GLY B 1124 -40.86 55.85 37.28
C GLY B 1124 -40.76 56.61 38.59
N ASN B 1125 -40.61 55.84 39.67
CA ASN B 1125 -40.69 56.37 41.02
C ASN B 1125 -39.58 55.78 41.87
N CYS B 1126 -39.23 56.52 42.93
CA CYS B 1126 -38.04 56.24 43.73
C CYS B 1126 -38.17 54.89 44.45
N ASP B 1127 -39.35 54.60 45.01
CA ASP B 1127 -39.50 53.53 46.00
C ASP B 1127 -39.17 52.15 45.43
N VAL B 1128 -39.58 51.88 44.17
CA VAL B 1128 -39.50 50.52 43.63
C VAL B 1128 -38.05 50.06 43.47
N VAL B 1129 -37.16 50.92 42.96
CA VAL B 1129 -35.77 50.55 42.75
C VAL B 1129 -35.09 50.34 44.12
N ILE B 1130 -34.15 49.40 44.15
CA ILE B 1130 -33.39 49.08 45.35
C ILE B 1130 -31.95 49.58 45.22
N GLY B 1131 -31.44 50.14 46.32
CA GLY B 1131 -30.11 50.71 46.38
C GLY B 1131 -29.99 52.16 45.97
N ILE B 1132 -31.09 52.81 45.58
CA ILE B 1132 -31.06 54.21 45.19
C ILE B 1132 -30.74 55.08 46.40
N VAL B 1133 -30.02 56.18 46.16
CA VAL B 1133 -29.55 57.03 47.24
C VAL B 1133 -30.09 58.43 47.01
N ASN B 1134 -30.43 59.12 48.11
CA ASN B 1134 -30.86 60.51 48.01
C ASN B 1134 -29.70 61.42 47.59
N ASN B 1135 -30.01 62.40 46.74
CA ASN B 1135 -29.13 63.52 46.38
C ASN B 1135 -29.97 64.52 45.60
N THR B 1136 -29.31 65.55 45.09
CA THR B 1136 -29.93 66.57 44.25
C THR B 1136 -29.44 66.41 42.82
N VAL B 1137 -30.34 66.68 41.87
CA VAL B 1137 -30.03 66.62 40.45
C VAL B 1137 -30.05 68.04 39.90
N TYR B 1138 -28.86 68.54 39.55
CA TYR B 1138 -28.75 69.87 38.97
C TYR B 1138 -29.42 69.81 37.60
N ASP B 1139 -30.12 70.88 37.25
CA ASP B 1139 -30.89 70.97 36.02
C ASP B 1139 -30.29 72.06 35.13
N PRO B 1140 -29.90 71.75 33.88
CA PRO B 1140 -29.27 72.77 33.03
C PRO B 1140 -30.17 73.97 32.80
N LEU B 1141 -31.47 73.72 32.64
CA LEU B 1141 -32.44 74.74 32.24
C LEU B 1141 -32.52 75.84 33.28
N GLN B 1142 -32.48 75.46 34.55
CA GLN B 1142 -32.81 76.32 35.67
C GLN B 1142 -31.91 77.57 35.82
N PRO B 1143 -30.56 77.51 35.75
CA PRO B 1143 -29.81 78.79 35.83
C PRO B 1143 -30.07 79.82 34.73
N GLU B 1144 -30.18 79.44 33.46
CA GLU B 1144 -30.61 80.42 32.45
C GLU B 1144 -32.04 80.89 32.69
N LEU B 1145 -32.93 80.00 33.14
CA LEU B 1145 -34.27 80.43 33.51
C LEU B 1145 -34.26 81.47 34.63
N ASP B 1146 -33.43 81.25 35.67
CA ASP B 1146 -33.35 82.22 36.75
C ASP B 1146 -32.71 83.52 36.30
N SER B 1147 -31.65 83.44 35.50
CA SER B 1147 -30.95 84.62 35.02
C SER B 1147 -31.67 85.22 33.82
N ALA C 27 -0.35 15.22 -57.75
CA ALA C 27 -1.11 16.31 -57.17
C ALA C 27 -1.57 15.95 -55.75
N TYR C 28 -1.76 16.97 -54.92
CA TYR C 28 -2.10 16.78 -53.52
C TYR C 28 -3.23 17.70 -53.12
N THR C 29 -4.08 17.19 -52.22
CA THR C 29 -5.15 17.97 -51.59
C THR C 29 -5.42 17.39 -50.22
N ASN C 30 -6.13 18.14 -49.39
CA ASN C 30 -6.41 17.73 -48.03
C ASN C 30 -7.80 17.10 -47.94
N SER C 31 -7.96 16.18 -46.99
CA SER C 31 -9.24 15.49 -46.84
C SER C 31 -10.28 16.40 -46.19
N PHE C 32 -9.85 17.20 -45.21
CA PHE C 32 -10.61 18.16 -44.41
C PHE C 32 -11.51 17.56 -43.33
N THR C 33 -11.99 16.32 -43.51
CA THR C 33 -12.76 15.65 -42.45
C THR C 33 -12.51 14.15 -42.39
N ARG C 34 -12.16 13.55 -43.52
CA ARG C 34 -12.53 12.17 -43.77
C ARG C 34 -11.59 11.19 -43.07
N GLY C 35 -11.99 9.93 -43.05
CA GLY C 35 -11.21 8.86 -42.46
C GLY C 35 -11.68 8.32 -41.13
N VAL C 36 -12.88 8.68 -40.67
CA VAL C 36 -13.38 8.22 -39.37
C VAL C 36 -14.25 6.97 -39.58
N TYR C 37 -13.88 5.88 -38.90
CA TYR C 37 -14.56 4.60 -39.01
C TYR C 37 -14.88 4.06 -37.62
N TYR C 38 -15.82 3.12 -37.56
CA TYR C 38 -16.23 2.46 -36.32
C TYR C 38 -15.10 1.56 -35.84
N PRO C 39 -14.41 1.89 -34.75
CA PRO C 39 -13.18 1.15 -34.41
C PRO C 39 -13.41 -0.22 -33.75
N ASP C 40 -14.47 -0.32 -32.96
CA ASP C 40 -14.72 -1.51 -32.15
C ASP C 40 -16.12 -2.04 -32.43
N LYS C 41 -16.39 -3.23 -31.91
CA LYS C 41 -17.50 -4.08 -32.32
C LYS C 41 -18.65 -3.94 -31.32
N VAL C 42 -19.11 -2.70 -31.15
CA VAL C 42 -20.09 -2.36 -30.13
C VAL C 42 -21.05 -1.30 -30.66
N PHE C 43 -22.06 -1.01 -29.85
CA PHE C 43 -22.98 0.10 -30.02
C PHE C 43 -22.78 1.00 -28.81
N ARG C 44 -22.63 2.30 -29.04
CA ARG C 44 -22.55 3.25 -27.94
C ARG C 44 -23.44 4.44 -28.25
N SER C 45 -24.19 4.89 -27.25
CA SER C 45 -25.16 5.96 -27.42
C SER C 45 -24.65 7.18 -26.68
N SER C 46 -24.40 8.27 -27.42
CA SER C 46 -24.05 9.58 -26.89
C SER C 46 -22.85 9.51 -25.94
N VAL C 47 -21.82 8.79 -26.36
CA VAL C 47 -20.63 8.55 -25.53
C VAL C 47 -19.42 9.09 -26.29
N LEU C 48 -18.65 9.93 -25.62
CA LEU C 48 -17.39 10.45 -26.17
C LEU C 48 -16.26 9.52 -25.73
N HIS C 49 -15.88 8.59 -26.60
CA HIS C 49 -14.95 7.52 -26.27
C HIS C 49 -13.70 7.65 -27.12
N SER C 50 -12.54 7.71 -26.46
CA SER C 50 -11.27 7.98 -27.13
C SER C 50 -10.48 6.69 -27.28
N THR C 51 -10.06 6.38 -28.50
CA THR C 51 -9.37 5.15 -28.82
C THR C 51 -8.08 5.44 -29.58
N GLN C 52 -7.10 4.55 -29.44
CA GLN C 52 -5.84 4.67 -30.16
C GLN C 52 -5.80 3.57 -31.21
N ASP C 53 -5.65 3.95 -32.47
CA ASP C 53 -5.67 3.02 -33.60
C ASP C 53 -5.15 3.76 -34.82
N LEU C 54 -4.83 3.00 -35.87
CA LEU C 54 -4.43 3.56 -37.16
C LEU C 54 -5.56 4.41 -37.72
N PHE C 55 -5.22 5.60 -38.21
CA PHE C 55 -6.22 6.54 -38.68
C PHE C 55 -5.61 7.46 -39.73
N LEU C 56 -6.46 7.97 -40.61
CA LEU C 56 -6.04 9.02 -41.52
C LEU C 56 -6.05 10.36 -40.80
N PRO C 57 -4.90 11.03 -40.69
CA PRO C 57 -4.86 12.30 -39.95
C PRO C 57 -5.71 13.39 -40.59
N PHE C 58 -6.33 14.20 -39.74
CA PHE C 58 -7.10 15.34 -40.21
C PHE C 58 -6.16 16.34 -40.90
N PHE C 59 -6.67 16.97 -41.96
CA PHE C 59 -6.02 18.13 -42.59
C PHE C 59 -4.63 17.78 -43.09
N SER C 60 -4.53 16.63 -43.73
CA SER C 60 -3.28 16.06 -44.24
C SER C 60 -3.41 15.86 -45.74
N ASN C 61 -2.27 15.84 -46.44
CA ASN C 61 -2.28 15.62 -47.87
C ASN C 61 -2.79 14.23 -48.20
N VAL C 62 -3.71 14.17 -49.17
CA VAL C 62 -4.12 12.91 -49.79
C VAL C 62 -3.72 13.00 -51.26
N THR C 63 -2.98 11.99 -51.73
CA THR C 63 -2.43 12.03 -53.08
C THR C 63 -3.51 11.93 -54.15
N TRP C 64 -3.37 12.72 -55.22
CA TRP C 64 -4.37 12.82 -56.27
C TRP C 64 -3.73 12.53 -57.63
N PHE C 65 -4.34 11.59 -58.35
CA PHE C 65 -3.86 11.07 -59.63
C PHE C 65 -4.98 11.15 -60.66
N HIS C 66 -4.61 11.15 -61.93
CA HIS C 66 -5.56 10.89 -63.00
C HIS C 66 -5.08 9.69 -63.82
N ALA C 67 -6.05 8.99 -64.42
CA ALA C 67 -5.79 8.01 -65.48
C ALA C 67 -6.90 8.04 -66.53
N ILE C 68 -6.77 8.91 -67.54
CA ILE C 68 -7.76 9.04 -68.61
C ILE C 68 -7.01 9.38 -69.88
N HIS C 69 -7.63 9.04 -71.01
CA HIS C 69 -7.10 9.24 -72.38
C HIS C 69 -5.69 8.65 -72.52
N ARG C 78 -0.92 7.53 -72.38
CA ARG C 78 -2.25 6.94 -72.30
C ARG C 78 -2.73 7.10 -70.85
N PHE C 79 -1.84 7.59 -70.00
CA PHE C 79 -2.11 7.84 -68.57
C PHE C 79 -2.63 6.58 -67.89
N ASP C 80 -1.69 5.64 -67.70
CA ASP C 80 -1.93 4.42 -66.93
C ASP C 80 -1.82 4.69 -65.43
N ASN C 81 -2.06 3.65 -64.64
CA ASN C 81 -2.07 3.73 -63.18
C ASN C 81 -0.86 3.04 -62.54
N PRO C 82 -0.18 3.73 -61.63
CA PRO C 82 0.99 3.17 -60.95
C PRO C 82 0.65 2.41 -59.68
N VAL C 83 1.64 1.64 -59.22
CA VAL C 83 1.59 1.02 -57.90
C VAL C 83 1.96 2.03 -56.83
N LEU C 84 1.45 1.81 -55.62
CA LEU C 84 1.69 2.72 -54.51
C LEU C 84 2.26 2.01 -53.29
N PRO C 85 3.01 2.74 -52.44
CA PRO C 85 3.52 2.18 -51.16
C PRO C 85 2.46 2.05 -50.07
N PHE C 86 2.00 0.83 -49.78
CA PHE C 86 0.92 0.62 -48.82
C PHE C 86 1.24 1.15 -47.42
N ASN C 87 2.46 0.90 -46.93
CA ASN C 87 2.91 1.34 -45.58
C ASN C 87 1.98 0.74 -44.53
N ASP C 88 1.67 1.49 -43.46
CA ASP C 88 0.82 0.96 -42.39
C ASP C 88 -0.65 0.87 -42.81
N GLY C 89 -1.16 1.85 -43.54
CA GLY C 89 -2.55 1.82 -43.93
C GLY C 89 -2.81 2.67 -45.16
N VAL C 90 -4.02 2.52 -45.73
CA VAL C 90 -4.41 3.23 -46.92
C VAL C 90 -5.82 3.81 -46.75
N TYR C 91 -6.01 5.04 -47.24
CA TYR C 91 -7.33 5.63 -47.41
C TYR C 91 -7.57 5.77 -48.92
N PHE C 92 -8.65 5.15 -49.39
CA PHE C 92 -9.00 5.14 -50.82
C PHE C 92 -10.38 5.76 -51.04
N ALA C 93 -10.46 6.72 -51.96
CA ALA C 93 -11.73 7.35 -52.32
C ALA C 93 -11.86 7.34 -53.83
N SER C 94 -13.03 6.95 -54.34
CA SER C 94 -13.25 6.80 -55.77
C SER C 94 -14.45 7.61 -56.23
N THR C 95 -14.28 8.33 -57.33
CA THR C 95 -15.38 8.94 -58.08
C THR C 95 -15.55 8.22 -59.42
N GLU C 96 -16.61 7.41 -59.56
CA GLU C 96 -16.79 6.64 -60.78
C GLU C 96 -18.24 6.73 -61.26
N LYS C 97 -18.41 7.03 -62.55
CA LYS C 97 -19.74 7.06 -63.16
C LYS C 97 -20.16 5.72 -63.77
N SER C 98 -19.23 5.00 -64.38
CA SER C 98 -19.52 3.73 -65.02
C SER C 98 -18.62 2.64 -64.49
N ASN C 99 -18.42 2.65 -63.16
CA ASN C 99 -17.62 1.68 -62.38
C ASN C 99 -16.33 1.26 -63.08
N ILE C 100 -15.59 2.27 -63.55
CA ILE C 100 -14.30 2.02 -64.19
C ILE C 100 -13.33 1.38 -63.20
N ILE C 101 -13.30 1.88 -61.97
CA ILE C 101 -12.50 1.23 -60.93
C ILE C 101 -13.17 -0.10 -60.59
N ARG C 102 -12.42 -1.19 -60.71
CA ARG C 102 -13.01 -2.51 -60.56
C ARG C 102 -12.23 -3.43 -59.63
N GLY C 103 -11.00 -3.07 -59.25
CA GLY C 103 -10.18 -4.02 -58.52
C GLY C 103 -9.17 -3.36 -57.61
N TRP C 104 -8.63 -4.17 -56.70
CA TRP C 104 -7.64 -3.74 -55.74
C TRP C 104 -6.74 -4.95 -55.51
N ILE C 105 -5.45 -4.69 -55.32
CA ILE C 105 -4.51 -5.74 -54.95
C ILE C 105 -3.56 -5.21 -53.88
N PHE C 106 -3.11 -6.12 -53.02
CA PHE C 106 -2.28 -5.77 -51.87
C PHE C 106 -1.16 -6.81 -51.84
N GLY C 107 -0.16 -6.67 -52.71
CA GLY C 107 0.80 -7.72 -52.95
C GLY C 107 2.24 -7.29 -52.75
N THR C 108 3.09 -8.26 -52.42
CA THR C 108 4.53 -8.06 -52.29
C THR C 108 5.29 -8.23 -53.60
N THR C 109 5.11 -9.36 -54.29
CA THR C 109 5.81 -9.59 -55.55
C THR C 109 4.92 -9.87 -56.75
N LEU C 110 3.66 -10.29 -56.55
CA LEU C 110 2.63 -10.33 -57.60
C LEU C 110 2.93 -11.37 -58.68
N ASP C 111 3.58 -12.48 -58.33
CA ASP C 111 4.04 -13.38 -59.38
C ASP C 111 3.86 -14.86 -59.10
N SER C 112 2.92 -15.24 -58.22
CA SER C 112 2.61 -16.60 -57.73
C SER C 112 3.61 -17.09 -56.70
N LYS C 113 4.69 -16.36 -56.41
CA LYS C 113 5.59 -16.77 -55.34
C LYS C 113 4.90 -16.66 -53.98
N THR C 114 4.21 -15.55 -53.73
CA THR C 114 3.62 -15.28 -52.42
C THR C 114 2.14 -15.00 -52.57
N GLN C 115 1.42 -15.17 -51.46
CA GLN C 115 -0.04 -15.14 -51.45
C GLN C 115 -0.59 -13.79 -51.88
N SER C 116 -1.56 -13.82 -52.80
CA SER C 116 -2.13 -12.59 -53.34
C SER C 116 -3.66 -12.66 -53.31
N LEU C 117 -4.26 -11.57 -52.85
CA LEU C 117 -5.70 -11.39 -52.76
C LEU C 117 -6.24 -10.64 -53.97
N LEU C 118 -7.40 -11.06 -54.45
CA LEU C 118 -8.10 -10.40 -55.55
C LEU C 118 -9.48 -9.98 -55.06
N ILE C 119 -9.77 -8.69 -55.18
CA ILE C 119 -11.11 -8.13 -55.01
C ILE C 119 -11.53 -7.53 -56.33
N VAL C 120 -12.60 -8.07 -56.91
CA VAL C 120 -13.22 -7.53 -58.10
C VAL C 120 -14.73 -7.48 -57.89
N ASN C 121 -15.35 -6.39 -58.33
CA ASN C 121 -16.79 -6.19 -58.22
C ASN C 121 -17.37 -6.01 -59.62
N ASN C 122 -17.70 -7.12 -60.23
CA ASN C 122 -18.36 -7.16 -61.52
C ASN C 122 -19.89 -7.21 -61.37
N ALA C 123 -20.57 -7.08 -62.52
CA ALA C 123 -21.85 -6.38 -62.64
C ALA C 123 -22.84 -6.53 -61.48
N THR C 124 -23.27 -7.74 -61.13
CA THR C 124 -24.22 -7.87 -60.03
C THR C 124 -23.68 -8.64 -58.84
N ASN C 125 -22.48 -9.22 -58.95
CA ASN C 125 -21.94 -10.09 -57.91
C ASN C 125 -20.65 -9.50 -57.34
N VAL C 126 -20.56 -9.41 -56.02
CA VAL C 126 -19.31 -9.02 -55.35
C VAL C 126 -18.64 -10.32 -54.90
N VAL C 127 -17.59 -10.72 -55.64
CA VAL C 127 -16.90 -11.98 -55.40
C VAL C 127 -15.51 -11.64 -54.84
N ILE C 128 -15.16 -12.28 -53.73
CA ILE C 128 -13.88 -12.08 -53.05
C ILE C 128 -13.05 -13.38 -53.04
N LYS C 129 -11.96 -13.41 -53.81
CA LYS C 129 -11.10 -14.58 -53.87
C LYS C 129 -9.74 -14.19 -53.32
N VAL C 130 -9.32 -14.86 -52.26
CA VAL C 130 -8.01 -14.64 -51.68
C VAL C 130 -7.26 -15.95 -51.95
N CYS C 131 -7.41 -16.43 -53.17
CA CYS C 131 -6.72 -17.64 -53.59
C CYS C 131 -5.42 -17.25 -54.25
N GLU C 132 -4.45 -18.14 -54.18
CA GLU C 132 -3.18 -17.90 -54.85
C GLU C 132 -3.40 -17.95 -56.37
N PHE C 133 -3.21 -16.82 -57.03
CA PHE C 133 -3.48 -16.67 -58.45
C PHE C 133 -2.23 -16.18 -59.17
N GLN C 134 -2.12 -16.52 -60.44
CA GLN C 134 -1.10 -15.94 -61.30
C GLN C 134 -1.69 -14.71 -61.97
N PHE C 135 -1.11 -13.56 -61.67
CA PHE C 135 -1.59 -12.28 -62.19
C PHE C 135 -0.65 -11.75 -63.26
N CYS C 136 -1.23 -11.23 -64.34
CA CYS C 136 -0.44 -10.53 -65.33
C CYS C 136 0.04 -9.20 -64.73
N ASN C 137 1.20 -8.73 -65.20
CA ASN C 137 1.81 -7.54 -64.62
C ASN C 137 0.93 -6.30 -64.81
N ASP C 138 0.30 -6.16 -65.98
CA ASP C 138 -0.65 -5.07 -66.18
C ASP C 138 -2.04 -5.64 -66.43
N PRO C 139 -2.83 -5.83 -65.37
CA PRO C 139 -4.19 -6.39 -65.53
C PRO C 139 -5.21 -5.30 -65.83
N PHE C 140 -5.98 -5.51 -66.91
CA PHE C 140 -6.98 -4.54 -67.32
C PHE C 140 -8.15 -5.27 -67.97
N LEU C 141 -9.30 -4.57 -68.01
CA LEU C 141 -10.52 -5.09 -68.60
C LEU C 141 -10.95 -4.21 -69.75
N GLY C 142 -11.22 -4.82 -70.91
CA GLY C 142 -11.71 -4.08 -72.05
C GLY C 142 -13.21 -3.86 -71.99
N VAL C 143 -13.63 -2.65 -72.35
CA VAL C 143 -15.05 -2.28 -72.29
C VAL C 143 -15.84 -2.99 -73.38
N ASN C 165 -3.39 -23.11 -50.64
CA ASN C 165 -2.94 -21.94 -51.39
C ASN C 165 -4.10 -20.95 -51.39
N CYS C 166 -5.19 -21.40 -50.77
CA CYS C 166 -6.45 -20.67 -50.78
C CYS C 166 -7.35 -21.11 -49.64
N THR C 167 -7.74 -20.14 -48.82
CA THR C 167 -8.55 -20.32 -47.63
C THR C 167 -9.96 -19.94 -48.06
N PHE C 168 -10.78 -19.39 -47.17
CA PHE C 168 -12.18 -19.12 -47.43
C PHE C 168 -12.33 -18.25 -48.69
N GLU C 169 -13.46 -18.41 -49.37
CA GLU C 169 -13.73 -17.67 -50.59
C GLU C 169 -15.10 -17.04 -50.38
N TYR C 170 -15.26 -15.78 -50.77
CA TYR C 170 -16.54 -15.08 -50.67
C TYR C 170 -17.13 -14.70 -52.01
N VAL C 171 -18.45 -14.85 -52.10
CA VAL C 171 -19.27 -14.49 -53.25
C VAL C 171 -20.46 -13.73 -52.66
N SER C 172 -21.14 -12.95 -53.49
CA SER C 172 -22.37 -12.27 -53.06
C SER C 172 -23.52 -12.48 -54.05
N PHE C 186 -20.02 14.35 -60.98
CA PHE C 186 -20.10 13.31 -59.97
C PHE C 186 -21.28 13.54 -59.03
N LYS C 187 -22.21 12.59 -59.01
CA LYS C 187 -23.32 12.63 -58.06
C LYS C 187 -23.12 11.70 -56.87
N ASN C 188 -22.28 10.68 -56.98
CA ASN C 188 -22.11 9.73 -55.88
C ASN C 188 -20.62 9.59 -55.55
N LEU C 189 -20.33 9.49 -54.26
CA LEU C 189 -18.98 9.25 -53.74
C LEU C 189 -18.92 7.92 -53.01
N ARG C 190 -17.98 7.07 -53.38
CA ARG C 190 -17.74 5.81 -52.67
C ARG C 190 -16.38 5.88 -51.99
N GLU C 191 -16.38 5.66 -50.68
CA GLU C 191 -15.19 5.73 -49.83
C GLU C 191 -14.88 4.37 -49.24
N PHE C 192 -13.67 3.85 -49.48
CA PHE C 192 -13.23 2.54 -48.99
C PHE C 192 -11.94 2.68 -48.18
N VAL C 193 -11.93 2.09 -46.99
CA VAL C 193 -10.73 1.95 -46.18
C VAL C 193 -10.40 0.46 -46.04
N PHE C 194 -9.28 0.04 -46.62
CA PHE C 194 -8.84 -1.36 -46.54
C PHE C 194 -7.73 -1.49 -45.51
N LYS C 195 -7.91 -2.41 -44.56
CA LYS C 195 -6.96 -2.53 -43.45
C LYS C 195 -6.86 -3.99 -43.03
N ASN C 196 -5.67 -4.41 -42.62
CA ASN C 196 -5.42 -5.79 -42.20
C ASN C 196 -4.87 -5.75 -40.77
N ILE C 197 -5.57 -6.39 -39.84
CA ILE C 197 -5.24 -6.38 -38.42
C ILE C 197 -5.34 -7.81 -37.92
N ASP C 198 -4.35 -8.24 -37.12
CA ASP C 198 -4.39 -9.50 -36.37
C ASP C 198 -4.66 -10.71 -37.27
N GLY C 199 -4.13 -10.67 -38.49
CA GLY C 199 -4.41 -11.70 -39.46
C GLY C 199 -5.76 -11.59 -40.13
N TYR C 200 -6.53 -10.54 -39.82
CA TYR C 200 -7.84 -10.30 -40.42
C TYR C 200 -7.88 -9.04 -41.27
N PHE C 201 -8.45 -9.17 -42.46
CA PHE C 201 -8.62 -8.11 -43.43
C PHE C 201 -10.05 -7.59 -43.32
N LYS C 202 -10.20 -6.31 -43.06
CA LYS C 202 -11.51 -5.74 -42.83
C LYS C 202 -11.71 -4.66 -43.88
N ILE C 203 -12.87 -4.68 -44.53
CA ILE C 203 -13.18 -3.74 -45.58
C ILE C 203 -14.24 -2.78 -45.06
N TYR C 204 -13.95 -1.49 -45.20
CA TYR C 204 -14.88 -0.44 -44.81
C TYR C 204 -15.44 0.24 -46.05
N SER C 205 -16.74 0.51 -46.03
CA SER C 205 -17.42 1.05 -47.20
C SER C 205 -18.30 2.21 -46.75
N LYS C 206 -18.55 3.14 -47.67
CA LYS C 206 -19.58 4.16 -47.47
C LYS C 206 -19.89 4.81 -48.80
N HIS C 207 -21.18 4.95 -49.11
CA HIS C 207 -21.65 5.58 -50.34
C HIS C 207 -22.36 6.86 -49.94
N THR C 208 -21.89 7.99 -50.46
CA THR C 208 -22.46 9.29 -50.11
C THR C 208 -22.75 10.12 -51.36
N PRO C 209 -23.97 10.62 -51.53
CA PRO C 209 -24.25 11.51 -52.66
C PRO C 209 -23.67 12.89 -52.40
N ILE C 210 -23.01 13.45 -53.42
CA ILE C 210 -22.35 14.75 -53.31
C ILE C 210 -22.65 15.56 -54.57
N ASN C 211 -22.77 16.88 -54.37
CA ASN C 211 -22.86 17.81 -55.50
C ASN C 211 -21.53 18.47 -55.84
N LEU C 212 -20.53 18.40 -54.98
CA LEU C 212 -19.24 19.06 -55.23
C LEU C 212 -18.40 18.17 -56.14
N VAL C 213 -18.56 18.39 -57.45
CA VAL C 213 -17.87 17.57 -58.45
C VAL C 213 -16.35 17.74 -58.38
N ARG C 214 -15.86 18.92 -57.98
CA ARG C 214 -14.42 19.18 -58.10
C ARG C 214 -13.61 18.39 -57.09
N ASP C 215 -13.95 18.49 -55.81
CA ASP C 215 -13.10 17.99 -54.73
C ASP C 215 -13.96 17.45 -53.61
N LEU C 216 -13.29 16.93 -52.58
CA LEU C 216 -13.97 16.30 -51.45
C LEU C 216 -14.78 17.34 -50.68
N PRO C 217 -16.04 17.08 -50.38
CA PRO C 217 -16.80 17.98 -49.49
C PRO C 217 -16.28 17.92 -48.06
N GLN C 218 -16.49 19.01 -47.33
CA GLN C 218 -16.11 19.08 -45.92
C GLN C 218 -17.23 18.53 -45.04
N GLY C 219 -17.44 17.22 -45.18
CA GLY C 219 -18.47 16.54 -44.41
C GLY C 219 -17.92 15.27 -43.79
N PHE C 220 -18.60 14.83 -42.73
CA PHE C 220 -18.18 13.68 -41.95
C PHE C 220 -18.95 12.45 -42.38
N SER C 221 -18.22 11.40 -42.75
CA SER C 221 -18.81 10.15 -43.19
C SER C 221 -18.22 9.02 -42.34
N ALA C 222 -19.06 8.08 -41.94
CA ALA C 222 -18.63 6.93 -41.15
C ALA C 222 -18.70 5.69 -42.01
N LEU C 223 -17.63 4.91 -42.00
CA LEU C 223 -17.52 3.71 -42.83
C LEU C 223 -17.77 2.48 -41.97
N GLU C 224 -18.83 1.75 -42.27
CA GLU C 224 -19.10 0.56 -41.49
C GLU C 224 -18.14 -0.55 -41.91
N PRO C 225 -17.78 -1.45 -40.99
CA PRO C 225 -17.04 -2.65 -41.39
C PRO C 225 -17.98 -3.63 -42.07
N LEU C 226 -17.74 -3.89 -43.36
CA LEU C 226 -18.66 -4.70 -44.15
C LEU C 226 -18.52 -6.17 -43.79
N VAL C 227 -17.32 -6.71 -43.93
CA VAL C 227 -17.05 -8.14 -43.77
C VAL C 227 -15.67 -8.16 -43.12
N ASP C 228 -15.34 -9.29 -42.48
CA ASP C 228 -14.03 -9.51 -41.89
C ASP C 228 -13.39 -10.72 -42.54
N LEU C 229 -12.11 -10.61 -42.92
CA LEU C 229 -11.54 -11.62 -43.79
C LEU C 229 -10.17 -12.08 -43.31
N PRO C 230 -9.95 -13.39 -43.15
CA PRO C 230 -8.65 -13.90 -42.65
C PRO C 230 -7.60 -14.10 -43.74
N ILE C 231 -6.86 -13.07 -44.13
CA ILE C 231 -5.88 -13.24 -45.20
C ILE C 231 -4.47 -13.52 -44.66
N GLY C 232 -3.96 -12.72 -43.71
CA GLY C 232 -2.62 -12.86 -43.19
C GLY C 232 -1.49 -12.68 -44.19
N ILE C 233 -1.20 -11.47 -44.68
CA ILE C 233 -0.13 -11.33 -45.67
C ILE C 233 0.83 -10.23 -45.20
N ASN C 234 2.03 -10.24 -45.80
CA ASN C 234 3.02 -9.15 -45.74
C ASN C 234 2.73 -8.08 -46.82
N ILE C 235 1.65 -7.33 -46.62
CA ILE C 235 1.26 -6.33 -47.60
C ILE C 235 2.24 -5.16 -47.60
N THR C 236 2.74 -4.81 -48.79
CA THR C 236 3.59 -3.63 -48.96
C THR C 236 3.19 -2.72 -50.11
N ARG C 237 2.48 -3.19 -51.12
CA ARG C 237 2.12 -2.37 -52.27
C ARG C 237 0.63 -2.45 -52.56
N PHE C 238 0.17 -1.53 -53.42
CA PHE C 238 -1.24 -1.25 -53.65
C PHE C 238 -1.40 -0.91 -55.14
N GLN C 239 -2.47 -1.42 -55.77
CA GLN C 239 -2.81 -0.94 -57.10
C GLN C 239 -4.32 -1.02 -57.31
N THR C 240 -4.79 -0.20 -58.25
CA THR C 240 -6.18 -0.06 -58.67
C THR C 240 -6.34 -0.58 -60.09
N LEU C 241 -7.47 -1.22 -60.35
CA LEU C 241 -7.76 -1.81 -61.65
C LEU C 241 -8.78 -0.95 -62.39
N LEU C 242 -8.47 -0.62 -63.65
CA LEU C 242 -9.29 0.32 -64.40
C LEU C 242 -9.63 -0.23 -65.79
N ALA C 243 -10.80 0.19 -66.28
CA ALA C 243 -11.27 -0.21 -67.60
C ALA C 243 -10.57 0.59 -68.71
N LEU C 244 -10.25 -0.10 -69.80
CA LEU C 244 -9.54 0.50 -70.92
C LEU C 244 -10.39 0.36 -72.17
N HIS C 245 -10.48 1.43 -72.96
CA HIS C 245 -11.19 1.37 -74.23
C HIS C 245 -10.24 1.01 -75.36
N ALA C 263 -10.01 7.91 -64.13
CA ALA C 263 -10.66 8.64 -63.05
C ALA C 263 -9.64 9.27 -62.11
N ALA C 264 -10.10 9.67 -60.93
CA ALA C 264 -9.25 10.16 -59.87
C ALA C 264 -9.47 9.33 -58.61
N TYR C 265 -8.37 8.93 -57.97
CA TYR C 265 -8.46 8.17 -56.73
C TYR C 265 -7.50 8.77 -55.71
N TYR C 266 -7.87 8.69 -54.44
CA TYR C 266 -7.15 9.38 -53.38
C TYR C 266 -6.38 8.35 -52.55
N VAL C 267 -5.17 8.69 -52.14
CA VAL C 267 -4.31 7.81 -51.34
C VAL C 267 -3.75 8.57 -50.16
N GLY C 268 -3.91 8.02 -48.96
CA GLY C 268 -3.24 8.55 -47.78
C GLY C 268 -2.85 7.40 -46.88
N TYR C 269 -1.90 7.66 -45.98
CA TYR C 269 -1.34 6.58 -45.17
C TYR C 269 -1.73 6.72 -43.72
N LEU C 270 -2.26 5.64 -43.14
CA LEU C 270 -2.74 5.72 -41.76
C LEU C 270 -1.56 5.77 -40.80
N GLN C 271 -1.74 6.46 -39.68
CA GLN C 271 -0.68 6.56 -38.70
C GLN C 271 -1.37 6.44 -37.35
N PRO C 272 -0.69 5.95 -36.29
CA PRO C 272 -1.38 5.80 -35.00
C PRO C 272 -1.69 7.12 -34.32
N ARG C 273 -2.99 7.43 -34.20
CA ARG C 273 -3.48 8.64 -33.54
C ARG C 273 -4.75 8.32 -32.77
N THR C 274 -5.11 9.26 -31.90
CA THR C 274 -6.26 9.16 -31.02
C THR C 274 -7.37 10.06 -31.55
N PHE C 275 -8.56 9.49 -31.69
CA PHE C 275 -9.73 10.26 -32.08
C PHE C 275 -10.72 10.23 -30.92
N LEU C 276 -11.48 11.30 -30.79
CA LEU C 276 -12.59 11.36 -29.84
C LEU C 276 -13.86 11.35 -30.67
N LEU C 277 -14.63 10.27 -30.59
CA LEU C 277 -15.76 10.02 -31.46
C LEU C 277 -17.06 10.40 -30.77
N LYS C 278 -17.92 11.14 -31.47
CA LYS C 278 -19.23 11.53 -30.95
C LYS C 278 -20.27 10.64 -31.59
N TYR C 279 -20.86 9.75 -30.79
CA TYR C 279 -21.99 8.95 -31.25
C TYR C 279 -23.26 9.73 -30.95
N ASN C 280 -24.28 9.55 -31.78
CA ASN C 280 -25.56 10.18 -31.52
C ASN C 280 -26.37 9.37 -30.52
N GLU C 281 -27.64 9.72 -30.37
CA GLU C 281 -28.60 8.83 -29.71
C GLU C 281 -28.82 7.56 -30.53
N ASN C 282 -28.98 7.71 -31.84
CA ASN C 282 -29.20 6.60 -32.74
C ASN C 282 -27.90 5.86 -33.12
N GLY C 283 -26.74 6.39 -32.69
CA GLY C 283 -25.46 5.77 -32.93
C GLY C 283 -24.72 6.16 -34.19
N THR C 284 -25.28 7.00 -35.07
CA THR C 284 -24.49 7.49 -36.20
C THR C 284 -23.35 8.37 -35.72
N ILE C 285 -22.18 8.20 -36.34
CA ILE C 285 -21.00 8.96 -35.96
C ILE C 285 -21.08 10.32 -36.64
N THR C 286 -21.69 11.30 -35.96
CA THR C 286 -21.89 12.61 -36.59
C THR C 286 -20.58 13.37 -36.76
N ASP C 287 -19.74 13.42 -35.72
CA ASP C 287 -18.55 14.25 -35.78
C ASP C 287 -17.47 13.65 -34.90
N ALA C 288 -16.21 13.91 -35.27
CA ALA C 288 -15.07 13.45 -34.50
C ALA C 288 -13.99 14.53 -34.48
N VAL C 289 -13.19 14.54 -33.42
CA VAL C 289 -12.11 15.50 -33.24
C VAL C 289 -10.78 14.76 -33.02
N ASP C 290 -9.73 15.22 -33.71
CA ASP C 290 -8.41 14.65 -33.57
C ASP C 290 -7.80 15.06 -32.23
N CYS C 291 -6.76 14.34 -31.80
CA CYS C 291 -6.10 14.60 -30.53
C CYS C 291 -4.71 15.21 -30.64
N ALA C 292 -4.12 15.22 -31.84
CA ALA C 292 -2.80 15.81 -32.02
C ALA C 292 -2.78 16.89 -33.10
N LEU C 293 -3.93 17.19 -33.69
CA LEU C 293 -4.00 18.05 -34.87
C LEU C 293 -3.51 19.47 -34.59
N ASP C 294 -3.96 20.06 -33.49
CA ASP C 294 -3.62 21.44 -33.15
C ASP C 294 -3.99 21.70 -31.68
N PRO C 295 -3.44 22.78 -31.07
CA PRO C 295 -3.59 22.98 -29.62
C PRO C 295 -5.02 22.98 -29.12
N LEU C 296 -5.96 23.45 -29.94
CA LEU C 296 -7.36 23.31 -29.59
C LEU C 296 -7.74 21.83 -29.46
N SER C 297 -7.23 21.00 -30.39
CA SER C 297 -7.60 19.59 -30.39
C SER C 297 -7.06 18.85 -29.17
N GLU C 298 -5.81 19.13 -28.76
CA GLU C 298 -5.36 18.46 -27.52
C GLU C 298 -6.21 18.86 -26.31
N THR C 299 -6.72 20.08 -26.30
CA THR C 299 -7.61 20.50 -25.21
C THR C 299 -8.95 19.78 -25.29
N LYS C 300 -9.48 19.63 -26.51
CA LYS C 300 -10.74 18.93 -26.67
C LYS C 300 -10.62 17.48 -26.21
N CYS C 301 -9.52 16.82 -26.59
CA CYS C 301 -9.31 15.43 -26.17
C CYS C 301 -9.12 15.29 -24.66
N THR C 302 -8.36 16.20 -24.04
CA THR C 302 -8.17 16.08 -22.59
C THR C 302 -9.47 16.35 -21.84
N LEU C 303 -10.21 17.41 -22.22
CA LEU C 303 -11.49 17.71 -21.60
C LEU C 303 -12.55 16.65 -21.90
N LYS C 304 -12.35 15.87 -22.97
CA LYS C 304 -13.29 14.84 -23.42
C LYS C 304 -14.65 15.42 -23.79
N SER C 305 -14.64 16.58 -24.44
CA SER C 305 -15.85 17.19 -24.96
C SER C 305 -15.51 17.94 -26.23
N PHE C 306 -16.53 18.12 -27.09
CA PHE C 306 -16.31 18.93 -28.29
C PHE C 306 -16.27 20.41 -27.97
N THR C 307 -17.11 20.86 -27.05
CA THR C 307 -17.15 22.26 -26.64
C THR C 307 -16.17 22.47 -25.49
N VAL C 308 -15.30 23.45 -25.64
CA VAL C 308 -14.32 23.81 -24.62
C VAL C 308 -14.59 25.24 -24.19
N GLU C 309 -14.77 25.44 -22.88
CA GLU C 309 -15.09 26.76 -22.37
C GLU C 309 -13.81 27.56 -22.16
N LYS C 310 -14.00 28.84 -21.84
CA LYS C 310 -12.90 29.74 -21.55
C LYS C 310 -12.09 29.22 -20.37
N GLY C 311 -10.78 29.30 -20.48
CA GLY C 311 -9.91 29.05 -19.33
C GLY C 311 -8.60 28.43 -19.76
N ILE C 312 -7.75 28.19 -18.77
CA ILE C 312 -6.48 27.50 -18.96
C ILE C 312 -6.69 26.02 -18.76
N TYR C 313 -6.15 25.20 -19.65
CA TYR C 313 -6.23 23.76 -19.48
C TYR C 313 -4.83 23.19 -19.68
N GLN C 314 -4.39 22.37 -18.74
CA GLN C 314 -3.19 21.56 -18.93
C GLN C 314 -3.53 20.33 -19.75
N THR C 315 -2.74 20.08 -20.79
CA THR C 315 -3.08 19.00 -21.72
C THR C 315 -2.05 17.89 -21.74
N SER C 316 -0.77 18.24 -21.75
CA SER C 316 0.29 17.25 -21.90
C SER C 316 1.50 17.76 -21.13
N ASN C 317 2.67 17.18 -21.41
CA ASN C 317 3.93 17.57 -20.79
C ASN C 317 4.94 17.92 -21.87
N PHE C 318 5.61 19.05 -21.72
CA PHE C 318 6.73 19.36 -22.59
C PHE C 318 7.91 18.47 -22.24
N ARG C 319 8.66 18.06 -23.26
CA ARG C 319 9.80 17.18 -23.01
C ARG C 319 10.79 17.29 -24.14
N VAL C 320 12.03 17.64 -23.82
CA VAL C 320 13.09 17.70 -24.82
C VAL C 320 13.50 16.26 -25.08
N GLN C 321 13.45 15.86 -26.32
CA GLN C 321 13.81 14.48 -26.59
C GLN C 321 15.33 14.37 -26.72
N PRO C 322 15.92 13.32 -26.15
CA PRO C 322 17.38 13.12 -26.32
C PRO C 322 17.72 12.85 -27.77
N THR C 323 18.80 13.46 -28.24
CA THR C 323 19.22 13.38 -29.63
C THR C 323 20.36 12.41 -29.83
N GLU C 324 21.48 12.64 -29.15
CA GLU C 324 22.66 11.81 -29.29
C GLU C 324 22.61 10.75 -28.19
N SER C 325 23.63 9.91 -28.08
CA SER C 325 23.71 8.91 -27.02
C SER C 325 25.16 8.75 -26.58
N ILE C 326 25.40 8.88 -25.27
CA ILE C 326 26.73 8.73 -24.71
C ILE C 326 26.85 7.31 -24.19
N VAL C 327 27.94 6.64 -24.54
CA VAL C 327 28.17 5.24 -24.18
C VAL C 327 29.53 5.23 -23.46
N ARG C 328 29.80 6.28 -22.67
CA ARG C 328 31.10 6.43 -22.04
C ARG C 328 31.33 5.33 -21.01
N PHE C 329 32.31 4.47 -21.27
CA PHE C 329 32.79 3.48 -20.33
C PHE C 329 34.30 3.63 -20.16
N PRO C 330 34.85 3.15 -19.04
CA PRO C 330 36.32 3.13 -18.91
C PRO C 330 36.94 2.12 -19.86
N ASN C 331 38.20 2.38 -20.23
CA ASN C 331 38.97 1.51 -21.11
C ASN C 331 40.00 0.70 -20.31
N ILE C 332 39.86 -0.62 -20.36
CA ILE C 332 40.73 -1.55 -19.66
C ILE C 332 41.19 -2.60 -20.67
N THR C 333 42.50 -2.87 -20.70
CA THR C 333 43.03 -3.85 -21.64
C THR C 333 42.66 -5.28 -21.25
N ASN C 334 42.72 -5.60 -19.95
CA ASN C 334 42.61 -6.98 -19.44
C ASN C 334 41.31 -7.65 -19.87
N LEU C 335 41.43 -8.92 -20.27
CA LEU C 335 40.26 -9.73 -20.60
C LEU C 335 39.78 -10.55 -19.40
N CYS C 336 38.58 -11.10 -19.55
CA CYS C 336 37.97 -11.90 -18.49
C CYS C 336 38.69 -13.23 -18.29
N PRO C 337 39.04 -13.59 -17.04
CA PRO C 337 39.50 -14.96 -16.77
C PRO C 337 38.34 -15.93 -16.58
N PHE C 338 37.15 -15.52 -17.05
CA PHE C 338 35.98 -16.38 -16.98
C PHE C 338 36.19 -17.65 -17.77
N GLY C 339 36.73 -17.53 -18.99
CA GLY C 339 36.95 -18.72 -19.82
C GLY C 339 37.87 -19.74 -19.17
N GLU C 340 38.97 -19.26 -18.56
CA GLU C 340 39.90 -20.17 -17.88
C GLU C 340 39.26 -20.81 -16.66
N VAL C 341 38.50 -20.04 -15.87
CA VAL C 341 37.83 -20.62 -14.71
C VAL C 341 36.79 -21.65 -15.15
N PHE C 342 35.96 -21.29 -16.13
CA PHE C 342 34.86 -22.14 -16.57
C PHE C 342 35.35 -23.44 -17.20
N ASN C 343 36.40 -23.40 -18.01
CA ASN C 343 36.89 -24.64 -18.60
C ASN C 343 38.14 -25.17 -17.88
N ALA C 344 38.28 -24.81 -16.61
CA ALA C 344 39.36 -25.33 -15.77
C ALA C 344 39.22 -26.83 -15.58
N THR C 345 40.35 -27.51 -15.49
CA THR C 345 40.36 -28.97 -15.38
C THR C 345 39.72 -29.44 -14.08
N ARG C 346 39.94 -28.71 -12.99
CA ARG C 346 39.55 -29.13 -11.66
C ARG C 346 38.75 -28.04 -10.97
N PHE C 347 37.67 -28.44 -10.29
CA PHE C 347 36.92 -27.56 -9.41
C PHE C 347 36.93 -28.16 -8.00
N ALA C 348 36.91 -27.29 -6.99
CA ALA C 348 36.95 -27.75 -5.62
C ALA C 348 35.61 -28.36 -5.19
N SER C 349 35.66 -29.15 -4.12
CA SER C 349 34.48 -29.75 -3.53
C SER C 349 33.62 -28.73 -2.77
N VAL C 350 32.37 -29.13 -2.54
CA VAL C 350 31.37 -28.22 -2.00
C VAL C 350 31.71 -27.80 -0.57
N TYR C 351 32.28 -28.71 0.25
CA TYR C 351 32.54 -28.37 1.64
C TYR C 351 33.58 -27.27 1.73
N ALA C 352 34.51 -27.26 0.79
CA ALA C 352 35.49 -26.19 0.62
C ALA C 352 35.44 -25.77 -0.84
N TRP C 353 34.51 -24.89 -1.17
CA TRP C 353 34.34 -24.39 -2.54
C TRP C 353 35.29 -23.22 -2.70
N ASN C 354 36.03 -23.19 -3.80
CA ASN C 354 36.99 -22.12 -4.01
C ASN C 354 36.30 -20.83 -4.44
N ARG C 355 36.74 -19.73 -3.85
CA ARG C 355 36.26 -18.39 -4.18
C ARG C 355 37.31 -17.69 -5.02
N LYS C 356 36.92 -17.24 -6.21
CA LYS C 356 37.83 -16.59 -7.15
C LYS C 356 37.41 -15.15 -7.35
N ARG C 357 38.36 -14.22 -7.20
CA ARG C 357 38.10 -12.80 -7.33
C ARG C 357 38.29 -12.35 -8.78
N ILE C 358 37.28 -11.65 -9.31
CA ILE C 358 37.36 -11.07 -10.64
C ILE C 358 37.39 -9.56 -10.49
N SER C 359 38.44 -8.92 -11.03
CA SER C 359 38.53 -7.46 -10.96
C SER C 359 39.45 -6.95 -12.05
N ASN C 360 39.24 -5.67 -12.40
CA ASN C 360 40.10 -4.89 -13.31
C ASN C 360 40.27 -5.56 -14.68
N CYS C 361 39.20 -6.14 -15.20
CA CYS C 361 39.26 -6.73 -16.53
C CYS C 361 37.97 -6.48 -17.29
N VAL C 362 38.09 -6.38 -18.62
CA VAL C 362 36.92 -6.33 -19.49
C VAL C 362 36.38 -7.73 -19.67
N ALA C 363 35.10 -7.92 -19.38
CA ALA C 363 34.45 -9.22 -19.43
C ALA C 363 33.33 -9.23 -20.46
N ASP C 364 33.34 -10.22 -21.34
CA ASP C 364 32.27 -10.43 -22.31
C ASP C 364 31.46 -11.67 -21.96
N TYR C 365 30.16 -11.48 -21.78
CA TYR C 365 29.22 -12.53 -21.42
C TYR C 365 28.43 -13.00 -22.64
N SER C 366 28.67 -12.41 -23.82
CA SER C 366 28.09 -12.90 -25.06
C SER C 366 28.54 -14.31 -25.40
N VAL C 367 29.83 -14.62 -25.20
CA VAL C 367 30.35 -15.97 -25.43
C VAL C 367 29.61 -16.98 -24.56
N LEU C 368 29.41 -16.62 -23.29
CA LEU C 368 28.66 -17.46 -22.36
C LEU C 368 27.24 -17.67 -22.82
N TYR C 369 26.58 -16.61 -23.34
CA TYR C 369 25.22 -16.83 -23.84
C TYR C 369 25.25 -17.75 -25.07
N ASN C 370 26.21 -17.54 -25.97
CA ASN C 370 26.19 -18.23 -27.25
C ASN C 370 26.41 -19.72 -27.12
N SER C 371 27.32 -20.14 -26.22
CA SER C 371 27.60 -21.57 -26.10
C SER C 371 26.35 -22.36 -25.73
N ALA C 372 26.11 -23.45 -26.46
CA ALA C 372 24.94 -24.31 -26.23
C ALA C 372 25.23 -25.55 -25.41
N SER C 373 26.47 -25.75 -24.95
CA SER C 373 26.77 -26.90 -24.11
C SER C 373 26.13 -26.79 -22.72
N PHE C 374 25.78 -25.57 -22.31
CA PHE C 374 25.26 -25.30 -20.98
C PHE C 374 23.84 -25.81 -20.84
N SER C 375 23.64 -26.81 -19.98
CA SER C 375 22.32 -27.38 -19.75
C SER C 375 21.39 -26.42 -19.02
N THR C 376 21.92 -25.68 -18.04
CA THR C 376 21.09 -24.82 -17.20
C THR C 376 21.65 -23.41 -17.15
N PHE C 377 20.81 -22.42 -17.49
CA PHE C 377 21.20 -21.01 -17.43
C PHE C 377 20.26 -20.15 -16.59
N LYS C 378 19.59 -20.70 -15.56
CA LYS C 378 18.59 -19.90 -14.86
C LYS C 378 19.25 -18.76 -14.09
N CYS C 379 18.75 -17.54 -14.28
CA CYS C 379 19.30 -16.33 -13.70
C CYS C 379 18.21 -15.57 -12.97
N TYR C 380 18.54 -15.10 -11.77
CA TYR C 380 17.59 -14.46 -10.87
C TYR C 380 17.75 -12.95 -10.84
N GLY C 381 18.95 -12.47 -10.46
CA GLY C 381 19.17 -11.05 -10.34
C GLY C 381 19.11 -10.31 -11.67
N VAL C 382 19.54 -10.97 -12.75
CA VAL C 382 19.67 -10.36 -14.06
C VAL C 382 19.00 -11.29 -15.08
N SER C 383 18.36 -10.70 -16.07
CA SER C 383 17.80 -11.51 -17.15
C SER C 383 18.92 -12.10 -18.00
N PRO C 384 18.79 -13.36 -18.42
CA PRO C 384 19.92 -14.04 -19.09
C PRO C 384 20.37 -13.37 -20.38
N THR C 385 19.46 -12.82 -21.18
CA THR C 385 19.90 -12.22 -22.43
C THR C 385 20.75 -10.96 -22.19
N LYS C 386 20.38 -10.16 -21.19
CA LYS C 386 20.97 -8.83 -20.94
C LYS C 386 22.19 -8.79 -20.02
N LEU C 387 22.72 -9.92 -19.54
CA LEU C 387 23.83 -9.85 -18.59
C LEU C 387 25.02 -9.09 -19.18
N ASN C 388 25.35 -9.37 -20.45
CA ASN C 388 26.52 -8.79 -21.11
C ASN C 388 26.45 -7.28 -21.24
N ASP C 389 25.24 -6.71 -21.24
CA ASP C 389 25.06 -5.27 -21.40
C ASP C 389 25.52 -4.51 -20.17
N LEU C 390 25.27 -5.05 -18.98
CA LEU C 390 25.38 -4.27 -17.76
C LEU C 390 26.85 -4.19 -17.34
N CYS C 391 27.13 -3.32 -16.36
CA CYS C 391 28.44 -3.22 -15.76
C CYS C 391 28.33 -3.63 -14.30
N PHE C 392 29.32 -4.37 -13.83
CA PHE C 392 29.32 -4.88 -12.46
C PHE C 392 30.56 -4.35 -11.77
N THR C 393 30.42 -3.88 -10.53
CA THR C 393 31.59 -3.50 -9.75
C THR C 393 32.44 -4.71 -9.40
N ASN C 394 31.83 -5.83 -9.07
CA ASN C 394 32.61 -6.97 -8.61
C ASN C 394 31.86 -8.25 -8.96
N VAL C 395 32.65 -9.28 -9.25
CA VAL C 395 32.14 -10.61 -9.55
C VAL C 395 32.80 -11.58 -8.57
N TYR C 396 32.00 -12.43 -7.96
CA TYR C 396 32.53 -13.52 -7.14
C TYR C 396 32.25 -14.80 -7.92
N ALA C 397 33.27 -15.65 -8.06
CA ALA C 397 33.11 -16.91 -8.76
C ALA C 397 33.21 -18.06 -7.76
N ASP C 398 32.16 -18.88 -7.70
CA ASP C 398 32.13 -20.04 -6.83
C ASP C 398 32.03 -21.28 -7.70
N SER C 399 32.92 -22.25 -7.45
CA SER C 399 32.93 -23.48 -8.22
C SER C 399 32.80 -24.66 -7.28
N PHE C 400 31.98 -25.63 -7.68
CA PHE C 400 31.77 -26.90 -6.99
C PHE C 400 31.00 -27.85 -7.90
N VAL C 401 30.95 -29.12 -7.52
CA VAL C 401 30.34 -30.19 -8.32
C VAL C 401 29.15 -30.76 -7.55
N ILE C 402 28.02 -30.94 -8.27
CA ILE C 402 26.80 -31.46 -7.67
C ILE C 402 26.17 -32.57 -8.54
N ARG C 403 25.38 -33.42 -7.89
CA ARG C 403 24.60 -34.48 -8.49
C ARG C 403 23.42 -33.88 -9.28
N GLY C 404 22.82 -34.72 -10.14
CA GLY C 404 21.74 -34.25 -11.01
C GLY C 404 20.48 -33.79 -10.31
N ASP C 405 20.00 -34.55 -9.32
CA ASP C 405 18.72 -34.23 -8.68
C ASP C 405 18.77 -32.95 -7.85
N GLU C 406 19.94 -32.55 -7.37
CA GLU C 406 20.09 -31.40 -6.48
C GLU C 406 20.15 -30.06 -7.22
N VAL C 407 20.33 -30.06 -8.54
CA VAL C 407 20.48 -28.82 -9.30
C VAL C 407 19.27 -27.88 -9.17
N ARG C 408 18.04 -28.39 -9.22
CA ARG C 408 16.89 -27.50 -8.94
C ARG C 408 16.92 -26.98 -7.51
N GLN C 409 17.44 -27.79 -6.57
CA GLN C 409 17.51 -27.43 -5.16
C GLN C 409 18.57 -26.36 -4.90
N ILE C 410 19.57 -26.22 -5.77
CA ILE C 410 20.59 -25.19 -5.60
C ILE C 410 20.04 -23.88 -6.20
N ALA C 411 19.28 -23.14 -5.40
CA ALA C 411 18.55 -21.96 -5.85
C ALA C 411 18.28 -21.07 -4.63
N PRO C 412 17.97 -19.78 -4.82
CA PRO C 412 17.63 -18.93 -3.66
C PRO C 412 16.35 -19.37 -2.97
N GLY C 413 16.44 -19.46 -1.65
CA GLY C 413 15.38 -19.84 -0.72
C GLY C 413 14.72 -21.19 -0.85
N GLN C 414 15.49 -22.24 -1.18
CA GLN C 414 15.02 -23.63 -1.25
C GLN C 414 15.79 -24.37 -0.18
N THR C 415 15.11 -25.21 0.59
CA THR C 415 15.74 -25.91 1.70
C THR C 415 15.87 -27.40 1.37
N GLY C 416 17.08 -27.91 1.59
CA GLY C 416 17.40 -29.30 1.31
C GLY C 416 18.66 -29.69 2.04
N LYS C 417 19.04 -30.96 1.84
CA LYS C 417 20.22 -31.51 2.50
C LYS C 417 21.49 -30.78 2.09
N ILE C 418 21.75 -30.66 0.80
CA ILE C 418 23.00 -30.02 0.38
C ILE C 418 22.87 -28.50 0.45
N ALA C 419 21.66 -27.96 0.23
CA ALA C 419 21.45 -26.52 0.24
C ALA C 419 21.68 -25.94 1.63
N ASP C 420 21.10 -26.55 2.66
CA ASP C 420 21.20 -25.97 3.99
C ASP C 420 22.57 -26.19 4.61
N TYR C 421 23.23 -27.31 4.28
CA TYR C 421 24.45 -27.64 4.98
C TYR C 421 25.69 -27.12 4.28
N ASN C 422 25.74 -27.10 2.95
CA ASN C 422 27.01 -26.89 2.27
C ASN C 422 27.12 -25.49 1.68
N TYR C 423 26.22 -25.15 0.77
CA TYR C 423 26.30 -23.91 0.01
C TYR C 423 24.88 -23.38 -0.15
N LYS C 424 24.58 -22.27 0.49
CA LYS C 424 23.22 -21.74 0.49
C LYS C 424 23.22 -20.39 -0.20
N LEU C 425 22.31 -20.22 -1.09
CA LEU C 425 22.24 -18.96 -1.79
C LEU C 425 21.29 -18.03 -1.05
N PRO C 426 21.70 -16.80 -0.75
CA PRO C 426 20.77 -15.79 -0.23
C PRO C 426 19.64 -15.51 -1.20
N ASP C 427 18.43 -15.31 -0.65
CA ASP C 427 17.25 -15.11 -1.48
C ASP C 427 17.38 -13.91 -2.42
N ASP C 428 18.12 -12.88 -2.02
CA ASP C 428 18.14 -11.63 -2.76
C ASP C 428 19.32 -11.50 -3.73
N PHE C 429 20.22 -12.48 -3.78
CA PHE C 429 21.53 -12.27 -4.39
C PHE C 429 21.38 -12.08 -5.90
N THR C 430 22.16 -11.16 -6.46
CA THR C 430 22.05 -10.85 -7.88
C THR C 430 23.09 -11.69 -8.63
N GLY C 431 22.65 -12.78 -9.25
CA GLY C 431 23.60 -13.67 -9.89
C GLY C 431 22.91 -14.70 -10.76
N CYS C 432 23.72 -15.62 -11.29
CA CYS C 432 23.29 -16.66 -12.20
C CYS C 432 23.84 -18.02 -11.80
N VAL C 433 23.05 -19.07 -12.02
CA VAL C 433 23.45 -20.44 -11.73
C VAL C 433 23.64 -21.12 -13.08
N ILE C 434 24.85 -21.65 -13.31
CA ILE C 434 25.25 -22.21 -14.59
C ILE C 434 25.64 -23.67 -14.39
N ALA C 435 25.03 -24.58 -15.17
CA ALA C 435 25.22 -26.01 -14.97
C ALA C 435 25.39 -26.74 -16.31
N TRP C 436 26.26 -27.75 -16.32
CA TRP C 436 26.42 -28.62 -17.49
C TRP C 436 26.89 -30.00 -17.03
N ASN C 437 26.78 -30.96 -17.95
CA ASN C 437 27.06 -32.37 -17.65
C ASN C 437 28.53 -32.56 -17.29
N SER C 438 28.79 -33.56 -16.43
CA SER C 438 30.13 -33.92 -16.01
C SER C 438 30.57 -35.32 -16.43
N ASN C 439 29.79 -36.03 -17.26
CA ASN C 439 30.20 -37.37 -17.70
C ASN C 439 31.48 -37.36 -18.52
N ASN C 440 31.73 -36.27 -19.26
CA ASN C 440 32.96 -36.18 -20.04
C ASN C 440 34.21 -36.10 -19.15
N LEU C 441 34.22 -35.20 -18.17
CA LEU C 441 35.43 -34.95 -17.39
C LEU C 441 35.55 -35.83 -16.15
N ASP C 442 34.47 -36.48 -15.72
CA ASP C 442 34.45 -37.28 -14.50
C ASP C 442 33.65 -38.55 -14.76
N SER C 443 33.24 -39.22 -13.67
CA SER C 443 32.46 -40.47 -13.67
C SER C 443 33.26 -41.64 -14.23
N LYS C 444 34.44 -41.88 -13.66
CA LYS C 444 35.28 -43.00 -14.10
C LYS C 444 34.91 -44.25 -13.31
N GLY C 447 34.79 -46.12 -10.58
CA GLY C 447 33.88 -45.13 -10.02
C GLY C 447 34.61 -43.94 -9.43
N ASN C 448 34.08 -42.75 -9.68
CA ASN C 448 34.68 -41.52 -9.16
C ASN C 448 34.04 -41.18 -7.82
N TYR C 449 34.86 -41.15 -6.77
CA TYR C 449 34.43 -40.85 -5.41
C TYR C 449 35.05 -39.56 -4.86
N ASN C 450 35.62 -38.71 -5.73
CA ASN C 450 36.36 -37.55 -5.24
C ASN C 450 35.47 -36.53 -4.53
N TYR C 451 34.20 -36.44 -4.88
CA TYR C 451 33.37 -35.32 -4.34
C TYR C 451 32.79 -35.61 -2.96
N LEU C 452 33.03 -34.71 -1.99
CA LEU C 452 32.54 -34.90 -0.60
C LEU C 452 31.53 -33.82 -0.26
N TYR C 453 30.38 -34.18 0.32
CA TYR C 453 29.40 -33.17 0.77
C TYR C 453 29.19 -33.31 2.29
N ARG C 454 29.29 -32.20 3.04
CA ARG C 454 29.13 -32.22 4.53
C ARG C 454 27.65 -32.33 4.89
N LEU C 455 27.31 -33.04 5.98
CA LEU C 455 25.87 -33.28 6.29
C LEU C 455 25.43 -32.85 7.70
N PHE C 456 25.52 -33.74 8.69
CA PHE C 456 24.93 -33.46 10.04
C PHE C 456 25.81 -32.61 10.96
N ARG C 457 27.00 -32.18 10.54
CA ARG C 457 27.92 -31.46 11.47
C ARG C 457 27.27 -30.18 11.99
N LYS C 458 26.57 -29.43 11.14
CA LYS C 458 26.01 -28.12 11.57
C LYS C 458 24.48 -28.22 11.62
N SER C 459 23.86 -27.77 12.72
CA SER C 459 22.38 -27.75 12.80
C SER C 459 21.81 -26.80 11.74
N ASN C 460 22.43 -25.63 11.58
CA ASN C 460 22.01 -24.66 10.53
C ASN C 460 23.29 -23.95 10.09
N LEU C 461 23.20 -22.86 9.33
CA LEU C 461 24.43 -22.28 8.82
C LEU C 461 24.15 -20.93 8.16
N LYS C 462 24.95 -19.91 8.47
CA LYS C 462 24.73 -18.60 7.86
C LYS C 462 25.17 -18.59 6.39
N PRO C 463 24.52 -17.75 5.56
CA PRO C 463 24.85 -17.70 4.11
C PRO C 463 26.26 -17.20 3.81
N PHE C 464 26.82 -17.74 2.71
CA PHE C 464 28.10 -17.29 2.12
C PHE C 464 29.25 -17.23 3.11
N GLU C 465 29.48 -18.35 3.79
CA GLU C 465 30.75 -18.61 4.44
C GLU C 465 31.20 -20.00 4.00
N ARG C 466 32.51 -20.18 3.90
CA ARG C 466 33.06 -21.51 3.62
C ARG C 466 33.41 -22.15 4.97
N ASP C 467 32.93 -23.37 5.17
CA ASP C 467 33.06 -24.08 6.44
C ASP C 467 33.86 -25.36 6.24
N ILE C 468 35.05 -25.39 6.84
CA ILE C 468 36.01 -26.47 6.71
C ILE C 468 36.21 -27.20 8.03
N SER C 469 35.52 -26.75 9.09
CA SER C 469 35.74 -27.28 10.43
C SER C 469 35.33 -28.73 10.52
N THR C 470 36.20 -29.55 11.12
CA THR C 470 35.96 -31.00 11.15
C THR C 470 34.84 -31.36 12.12
N GLU C 471 34.87 -30.80 13.33
CA GLU C 471 33.80 -30.90 14.33
C GLU C 471 33.49 -32.36 14.65
N ILE C 472 34.49 -33.02 15.26
CA ILE C 472 34.90 -34.39 15.02
C ILE C 472 33.71 -35.35 14.96
N TYR C 473 32.99 -35.47 16.07
CA TYR C 473 31.77 -36.27 16.14
C TYR C 473 30.79 -35.45 16.96
N GLN C 474 29.79 -34.84 16.32
CA GLN C 474 28.95 -33.91 17.05
C GLN C 474 27.50 -34.34 17.27
N ALA C 475 26.80 -34.81 16.21
CA ALA C 475 25.39 -34.46 15.97
C ALA C 475 24.46 -34.42 17.17
N GLY C 476 24.14 -35.57 17.77
CA GLY C 476 23.44 -35.58 19.04
C GLY C 476 23.60 -36.88 19.80
N SER C 477 24.11 -36.86 21.04
CA SER C 477 24.46 -38.12 21.69
C SER C 477 24.84 -37.85 23.14
N THR C 478 24.90 -38.94 23.93
CA THR C 478 25.46 -38.81 25.28
C THR C 478 26.98 -39.05 25.30
N PRO C 479 27.55 -40.09 24.67
CA PRO C 479 29.01 -40.11 24.55
C PRO C 479 29.49 -39.17 23.44
N CYS C 480 30.74 -38.71 23.58
CA CYS C 480 31.29 -37.72 22.67
C CYS C 480 32.79 -37.93 22.54
N ASN C 481 33.32 -37.40 21.43
CA ASN C 481 34.74 -37.11 21.15
C ASN C 481 35.63 -38.36 21.16
N GLY C 482 35.27 -39.30 20.30
CA GLY C 482 36.05 -40.50 20.12
C GLY C 482 35.74 -41.17 18.80
N VAL C 483 35.91 -42.49 18.77
CA VAL C 483 35.51 -43.30 17.63
C VAL C 483 34.14 -43.85 18.02
N GLU C 484 33.07 -43.28 17.46
CA GLU C 484 31.72 -43.60 17.90
C GLU C 484 30.86 -44.12 16.77
N GLY C 485 30.06 -45.14 17.08
CA GLY C 485 29.20 -45.81 16.13
C GLY C 485 27.77 -45.31 15.98
N PHE C 486 27.28 -44.51 16.92
CA PHE C 486 25.89 -44.06 16.88
C PHE C 486 25.75 -42.56 17.01
N ASN C 487 25.10 -41.96 16.01
CA ASN C 487 24.48 -40.64 15.96
C ASN C 487 25.36 -39.46 16.37
N CYS C 488 26.65 -39.67 16.59
CA CYS C 488 27.56 -38.53 16.63
C CYS C 488 27.91 -38.09 15.21
N TYR C 489 28.53 -38.98 14.43
CA TYR C 489 28.72 -38.80 12.99
C TYR C 489 29.79 -37.79 12.55
N PHE C 490 30.58 -38.20 11.56
CA PHE C 490 31.46 -37.29 10.84
C PHE C 490 30.79 -37.25 9.48
N PRO C 491 30.38 -36.10 8.99
CA PRO C 491 29.43 -36.08 7.88
C PRO C 491 29.91 -35.83 6.46
N LEU C 492 31.18 -35.96 6.12
CA LEU C 492 31.62 -35.63 4.76
C LEU C 492 31.29 -36.75 3.77
N GLN C 493 29.99 -36.98 3.57
CA GLN C 493 29.54 -38.10 2.69
C GLN C 493 30.06 -37.91 1.26
N SER C 494 30.04 -38.96 0.44
CA SER C 494 30.64 -38.86 -0.91
C SER C 494 29.59 -38.81 -2.00
N TYR C 495 29.75 -37.91 -2.97
CA TYR C 495 28.84 -37.88 -4.14
C TYR C 495 29.39 -38.90 -5.14
N GLY C 496 29.22 -40.19 -4.86
CA GLY C 496 29.81 -41.22 -5.75
C GLY C 496 29.20 -41.14 -7.14
N PHE C 497 30.05 -41.17 -8.17
CA PHE C 497 29.54 -41.05 -9.57
C PHE C 497 30.04 -42.25 -10.38
N GLN C 498 29.13 -42.94 -11.06
CA GLN C 498 29.50 -44.10 -11.91
C GLN C 498 28.79 -43.96 -13.27
N PRO C 499 29.35 -44.52 -14.37
CA PRO C 499 28.67 -44.48 -15.66
C PRO C 499 27.21 -44.97 -15.55
N THR C 500 26.95 -45.94 -14.66
CA THR C 500 25.58 -46.44 -14.49
C THR C 500 24.66 -45.40 -13.87
N ASN C 501 25.16 -44.65 -12.88
CA ASN C 501 24.37 -43.69 -12.11
C ASN C 501 23.68 -42.61 -12.94
N VAL C 503 20.41 -41.31 -14.61
CA VAL C 503 20.27 -39.95 -15.09
C VAL C 503 20.21 -38.99 -13.90
N GLY C 504 19.27 -39.24 -13.00
CA GLY C 504 19.14 -38.44 -11.79
C GLY C 504 20.40 -38.39 -10.95
N TYR C 505 21.16 -39.47 -10.92
CA TYR C 505 22.39 -39.53 -10.15
C TYR C 505 23.63 -39.24 -10.99
N GLN C 506 23.46 -38.90 -12.27
CA GLN C 506 24.60 -38.56 -13.09
C GLN C 506 25.23 -37.24 -12.61
N PRO C 507 26.56 -37.12 -12.69
CA PRO C 507 27.21 -35.87 -12.27
C PRO C 507 27.04 -34.72 -13.26
N TYR C 508 26.74 -33.54 -12.71
CA TYR C 508 26.58 -32.29 -13.47
C TYR C 508 27.54 -31.27 -12.87
N ARG C 509 28.46 -30.74 -13.68
CA ARG C 509 29.23 -29.60 -13.21
C ARG C 509 28.34 -28.36 -13.18
N VAL C 510 28.34 -27.67 -12.05
CA VAL C 510 27.59 -26.43 -11.90
C VAL C 510 28.53 -25.34 -11.39
N VAL C 511 28.50 -24.18 -12.02
CA VAL C 511 29.21 -23.01 -11.52
C VAL C 511 28.19 -21.92 -11.24
N VAL C 512 28.28 -21.30 -10.07
CA VAL C 512 27.34 -20.28 -9.66
C VAL C 512 28.11 -18.98 -9.54
N LEU C 513 27.66 -17.98 -10.28
CA LEU C 513 28.30 -16.67 -10.24
C LEU C 513 27.47 -15.76 -9.34
N SER C 514 28.13 -15.18 -8.34
CA SER C 514 27.50 -14.20 -7.48
C SER C 514 28.16 -12.87 -7.80
N PHE C 515 27.35 -11.91 -8.24
CA PHE C 515 27.87 -10.59 -8.54
C PHE C 515 27.57 -9.64 -7.39
N GLU C 516 28.53 -8.79 -7.06
CA GLU C 516 28.26 -7.73 -6.11
C GLU C 516 28.10 -6.46 -6.92
N LEU C 517 26.94 -5.83 -6.80
CA LEU C 517 26.57 -4.65 -7.58
C LEU C 517 26.35 -3.49 -6.64
N LEU C 518 27.00 -2.36 -6.95
CA LEU C 518 27.01 -1.20 -6.09
C LEU C 518 27.33 -0.01 -6.98
N HIS C 519 27.08 1.19 -6.47
CA HIS C 519 27.49 2.40 -7.19
C HIS C 519 28.94 2.73 -6.81
N ALA C 520 29.85 2.05 -7.50
CA ALA C 520 31.28 2.14 -7.24
C ALA C 520 31.98 1.98 -8.58
N PRO C 521 33.35 2.22 -8.64
CA PRO C 521 34.07 1.95 -9.89
C PRO C 521 33.90 0.53 -10.42
N ALA C 522 33.24 0.39 -11.57
CA ALA C 522 32.90 -0.94 -12.08
C ALA C 522 34.14 -1.57 -12.69
N THR C 523 34.66 -2.60 -12.01
CA THR C 523 35.85 -3.30 -12.46
C THR C 523 35.63 -4.00 -13.81
N VAL C 524 34.48 -4.63 -13.99
CA VAL C 524 34.18 -5.42 -15.18
C VAL C 524 33.04 -4.76 -15.94
N CYS C 525 33.21 -4.67 -17.26
CA CYS C 525 32.15 -4.24 -18.17
C CYS C 525 32.27 -5.00 -19.48
N GLY C 526 31.17 -4.97 -20.23
CA GLY C 526 31.12 -5.58 -21.54
C GLY C 526 31.84 -4.76 -22.58
N PRO C 527 31.92 -5.32 -23.79
CA PRO C 527 32.68 -4.69 -24.89
C PRO C 527 31.86 -3.66 -25.69
N LYS C 528 31.71 -2.48 -25.09
CA LYS C 528 30.95 -1.40 -25.69
C LYS C 528 31.90 -0.23 -25.90
N LYS C 529 31.91 0.29 -27.13
CA LYS C 529 32.77 1.39 -27.52
C LYS C 529 32.45 2.65 -26.71
N SER C 530 33.42 3.57 -26.68
CA SER C 530 33.25 4.84 -26.00
C SER C 530 33.16 5.94 -27.05
N THR C 531 32.13 6.77 -26.94
CA THR C 531 31.97 7.91 -27.83
C THR C 531 32.69 9.12 -27.27
N ASN C 532 32.77 10.17 -28.10
CA ASN C 532 33.35 11.43 -27.67
C ASN C 532 32.34 12.14 -26.79
N LEU C 533 32.84 13.00 -25.90
CA LEU C 533 31.96 13.69 -24.95
C LEU C 533 31.34 14.90 -25.61
N VAL C 534 30.04 15.09 -25.36
CA VAL C 534 29.29 16.24 -25.84
C VAL C 534 28.61 16.90 -24.65
N LYS C 535 28.72 18.23 -24.58
CA LYS C 535 28.25 18.97 -23.42
C LYS C 535 27.20 19.98 -23.85
N ASN C 536 26.45 20.47 -22.85
CA ASN C 536 25.41 21.49 -23.03
C ASN C 536 24.35 21.06 -24.05
N LYS C 537 23.96 19.79 -23.99
CA LYS C 537 23.03 19.24 -24.97
C LYS C 537 22.31 18.05 -24.38
N CYS C 538 21.03 17.91 -24.72
CA CYS C 538 20.17 16.84 -24.20
C CYS C 538 20.59 15.51 -24.82
N VAL C 539 21.28 14.68 -24.04
CA VAL C 539 21.82 13.41 -24.50
C VAL C 539 21.49 12.34 -23.47
N ASN C 540 21.12 11.16 -23.96
CA ASN C 540 20.99 9.97 -23.12
C ASN C 540 22.39 9.43 -22.87
N PHE C 541 22.74 9.23 -21.59
CA PHE C 541 24.09 8.92 -21.20
C PHE C 541 24.09 7.79 -20.20
N ASN C 542 25.17 7.00 -20.20
CA ASN C 542 25.46 6.12 -19.08
C ASN C 542 26.94 6.13 -18.74
N PHE C 543 27.26 6.54 -17.52
CA PHE C 543 28.63 6.54 -17.04
C PHE C 543 28.74 5.34 -16.12
N ASN C 544 29.70 4.44 -16.41
CA ASN C 544 29.89 3.20 -15.66
C ASN C 544 28.60 2.38 -15.57
N GLY C 545 27.70 2.54 -16.53
CA GLY C 545 26.41 1.86 -16.53
C GLY C 545 25.35 2.49 -15.66
N LEU C 546 25.53 3.75 -15.24
CA LEU C 546 24.57 4.42 -14.35
C LEU C 546 23.20 4.58 -15.02
N THR C 547 23.20 5.00 -16.31
CA THR C 547 22.06 5.25 -17.21
C THR C 547 21.44 6.61 -16.85
N GLY C 548 20.52 7.11 -17.65
CA GLY C 548 19.89 8.39 -17.40
C GLY C 548 20.04 9.35 -18.57
N THR C 549 19.27 10.44 -18.47
CA THR C 549 19.27 11.51 -19.46
C THR C 549 19.49 12.84 -18.76
N GLY C 550 20.34 13.69 -19.34
CA GLY C 550 20.60 14.98 -18.73
C GLY C 550 21.48 15.85 -19.60
N VAL C 551 21.83 17.01 -19.04
CA VAL C 551 22.68 18.00 -19.69
C VAL C 551 24.04 17.99 -19.01
N LEU C 552 25.06 17.61 -19.77
CA LEU C 552 26.42 17.52 -19.23
C LEU C 552 27.05 18.91 -19.25
N THR C 553 27.42 19.40 -18.06
CA THR C 553 28.08 20.70 -17.92
C THR C 553 29.29 20.55 -17.02
N GLU C 554 30.28 21.41 -17.25
CA GLU C 554 31.46 21.44 -16.40
C GLU C 554 31.12 21.97 -15.01
N SER C 555 31.76 21.41 -13.99
CA SER C 555 31.47 21.70 -12.60
C SER C 555 32.69 22.31 -11.93
N ASN C 556 32.47 23.37 -11.15
CA ASN C 556 33.58 23.96 -10.41
C ASN C 556 33.89 23.19 -9.14
N LYS C 557 32.96 22.35 -8.68
CA LYS C 557 33.17 21.59 -7.45
C LYS C 557 34.31 20.60 -7.64
N LYS C 558 35.15 20.50 -6.61
CA LYS C 558 36.37 19.71 -6.67
C LYS C 558 36.14 18.44 -5.84
N PHE C 559 35.99 17.31 -6.51
CA PHE C 559 35.84 16.06 -5.78
C PHE C 559 37.12 15.72 -5.05
N LEU C 560 36.98 15.01 -3.93
CA LEU C 560 38.13 14.39 -3.32
C LEU C 560 38.56 13.18 -4.16
N PRO C 561 39.86 12.82 -4.12
CA PRO C 561 40.41 11.85 -5.10
C PRO C 561 39.69 10.51 -5.14
N PHE C 562 39.21 10.03 -3.98
CA PHE C 562 38.58 8.72 -3.93
C PHE C 562 37.20 8.75 -4.59
N GLN C 563 36.46 9.84 -4.42
CA GLN C 563 35.08 9.89 -4.88
C GLN C 563 34.98 9.80 -6.39
N GLN C 564 33.89 9.22 -6.85
CA GLN C 564 33.57 9.14 -8.27
C GLN C 564 32.19 9.71 -8.60
N PHE C 565 31.16 9.40 -7.81
CA PHE C 565 29.80 9.84 -8.07
C PHE C 565 29.40 10.87 -7.01
N GLY C 566 28.88 12.01 -7.47
CA GLY C 566 28.19 12.90 -6.57
C GLY C 566 26.70 12.61 -6.54
N ARG C 567 26.01 13.12 -5.52
CA ARG C 567 24.58 12.94 -5.39
C ARG C 567 23.95 14.19 -4.79
N ASP C 568 22.63 14.28 -4.93
CA ASP C 568 21.88 15.45 -4.51
C ASP C 568 21.30 15.13 -3.12
N ILE C 569 20.43 16.01 -2.60
CA ILE C 569 19.79 15.79 -1.30
C ILE C 569 18.92 14.54 -1.35
N ALA C 570 18.16 14.37 -2.44
CA ALA C 570 17.26 13.24 -2.64
C ALA C 570 17.96 11.94 -3.05
N ASP C 571 19.29 11.86 -2.87
CA ASP C 571 20.10 10.71 -3.28
C ASP C 571 19.92 10.41 -4.77
N THR C 572 19.80 11.46 -5.57
CA THR C 572 19.73 11.35 -7.02
C THR C 572 21.03 11.87 -7.62
N THR C 573 21.58 11.13 -8.57
CA THR C 573 22.86 11.48 -9.18
C THR C 573 22.80 12.82 -9.89
N ASP C 574 23.58 13.78 -9.41
CA ASP C 574 23.68 15.10 -9.99
C ASP C 574 25.06 15.44 -10.53
N ALA C 575 26.11 14.83 -10.01
CA ALA C 575 27.47 15.11 -10.44
C ALA C 575 28.21 13.79 -10.59
N VAL C 576 29.04 13.68 -11.63
CA VAL C 576 29.80 12.46 -11.89
C VAL C 576 31.22 12.84 -12.27
N ARG C 577 32.13 11.87 -12.09
CA ARG C 577 33.51 12.00 -12.54
C ARG C 577 33.67 11.19 -13.81
N ASP C 578 34.09 11.85 -14.89
CA ASP C 578 34.16 11.23 -16.21
C ASP C 578 35.16 10.08 -16.20
N PRO C 579 34.79 8.89 -16.68
CA PRO C 579 35.71 7.74 -16.63
C PRO C 579 37.00 7.93 -17.40
N GLN C 580 36.91 8.28 -18.70
CA GLN C 580 38.08 8.27 -19.56
C GLN C 580 39.07 9.37 -19.16
N THR C 581 38.58 10.59 -18.98
CA THR C 581 39.40 11.72 -18.57
C THR C 581 38.92 12.20 -17.20
N LEU C 582 39.85 12.38 -16.26
CA LEU C 582 39.49 12.67 -14.87
C LEU C 582 38.93 14.09 -14.79
N GLU C 583 37.69 14.23 -15.25
CA GLU C 583 36.96 15.49 -15.27
C GLU C 583 35.63 15.30 -14.56
N ILE C 584 35.21 16.31 -13.80
CA ILE C 584 34.03 16.22 -12.94
C ILE C 584 32.87 16.89 -13.67
N LEU C 585 31.86 16.10 -14.03
CA LEU C 585 30.73 16.55 -14.84
C LEU C 585 29.45 16.59 -14.01
N ASP C 586 28.74 17.71 -14.09
CA ASP C 586 27.42 17.81 -13.50
C ASP C 586 26.38 17.16 -14.40
N ILE C 587 25.38 16.54 -13.78
CA ILE C 587 24.19 16.07 -14.49
C ILE C 587 23.07 17.05 -14.18
N THR C 588 22.63 17.79 -15.19
CA THR C 588 21.41 18.58 -15.05
C THR C 588 20.33 17.97 -15.93
N PRO C 589 19.21 17.54 -15.35
CA PRO C 589 18.15 16.91 -16.16
C PRO C 589 17.63 17.84 -17.24
N CYS C 590 17.27 17.23 -18.37
CA CYS C 590 16.77 17.97 -19.53
C CYS C 590 15.55 18.82 -19.17
N SER C 591 15.40 19.93 -19.89
CA SER C 591 14.39 20.92 -19.54
C SER C 591 12.99 20.33 -19.78
N PHE C 592 12.04 20.76 -18.96
CA PHE C 592 10.67 20.28 -19.10
C PHE C 592 9.73 21.18 -18.31
N GLY C 593 8.44 20.99 -18.56
CA GLY C 593 7.41 21.74 -17.88
C GLY C 593 6.06 21.34 -18.46
N GLY C 594 5.02 21.80 -17.77
CA GLY C 594 3.67 21.51 -18.20
C GLY C 594 3.31 22.32 -19.44
N VAL C 595 2.40 21.77 -20.24
CA VAL C 595 1.94 22.44 -21.45
C VAL C 595 0.50 22.87 -21.18
N SER C 596 0.30 24.18 -21.05
CA SER C 596 -1.00 24.76 -20.82
C SER C 596 -1.49 25.43 -22.10
N VAL C 597 -2.77 25.28 -22.40
CA VAL C 597 -3.40 25.87 -23.56
C VAL C 597 -4.26 27.03 -23.13
N ILE C 598 -4.04 28.20 -23.71
CA ILE C 598 -4.88 29.36 -23.46
C ILE C 598 -5.92 29.41 -24.56
N THR C 599 -7.21 29.39 -24.19
CA THR C 599 -8.25 29.48 -25.20
C THR C 599 -9.51 30.25 -24.81
N PRO C 600 -9.99 31.14 -25.68
CA PRO C 600 -11.37 31.60 -25.61
C PRO C 600 -12.35 30.52 -26.05
N GLY C 601 -13.62 30.71 -25.67
CA GLY C 601 -14.70 29.76 -25.91
C GLY C 601 -14.77 29.38 -27.38
N THR C 602 -15.00 28.09 -27.66
CA THR C 602 -15.01 27.61 -29.04
C THR C 602 -16.06 28.26 -29.93
N ASN C 603 -17.21 28.72 -29.38
CA ASN C 603 -18.11 29.49 -30.24
C ASN C 603 -17.46 30.78 -30.74
N THR C 604 -16.59 31.39 -29.94
CA THR C 604 -16.08 32.70 -30.30
C THR C 604 -15.00 32.58 -31.38
N SER C 605 -14.02 31.68 -31.19
CA SER C 605 -12.93 31.56 -32.15
C SER C 605 -12.24 30.23 -31.98
N ASN C 606 -11.41 29.90 -32.96
CA ASN C 606 -10.56 28.71 -32.96
C ASN C 606 -9.08 29.07 -32.80
N GLN C 607 -8.75 30.35 -32.67
CA GLN C 607 -7.37 30.75 -32.45
C GLN C 607 -6.94 30.38 -31.04
N VAL C 608 -5.65 30.06 -30.89
CA VAL C 608 -5.16 29.44 -29.68
C VAL C 608 -3.74 29.91 -29.40
N ALA C 609 -3.39 30.01 -28.11
CA ALA C 609 -2.05 30.36 -27.67
C ALA C 609 -1.58 29.31 -26.68
N VAL C 610 -0.32 28.90 -26.81
CA VAL C 610 0.25 27.78 -26.06
C VAL C 610 1.20 28.35 -25.03
N LEU C 611 1.12 27.85 -23.79
CA LEU C 611 1.99 28.29 -22.71
C LEU C 611 2.93 27.16 -22.32
N TYR C 612 4.22 27.33 -22.64
CA TYR C 612 5.30 26.44 -22.19
C TYR C 612 5.85 26.91 -20.86
N GLN C 613 5.69 26.08 -19.82
CA GLN C 613 6.05 26.49 -18.47
C GLN C 613 7.55 26.41 -18.22
N ASP C 614 8.11 27.48 -17.64
CA ASP C 614 9.43 27.49 -16.97
C ASP C 614 10.58 27.15 -17.92
N VAL C 615 10.46 27.48 -19.20
CA VAL C 615 11.53 27.27 -20.16
C VAL C 615 11.85 28.57 -20.90
N ASN C 616 13.13 28.80 -21.19
CA ASN C 616 13.46 29.97 -22.00
C ASN C 616 12.97 29.74 -23.42
N CYS C 617 12.68 30.84 -24.11
CA CYS C 617 12.13 30.82 -25.46
C CYS C 617 13.22 30.59 -26.50
N THR C 618 14.03 29.56 -26.29
CA THR C 618 15.05 29.02 -27.18
C THR C 618 14.93 27.51 -27.35
N GLU C 619 14.58 26.79 -26.27
CA GLU C 619 14.56 25.33 -26.31
C GLU C 619 13.44 24.78 -27.17
N VAL C 620 12.39 25.57 -27.41
CA VAL C 620 11.21 25.16 -28.15
C VAL C 620 11.54 24.73 -29.57
N ASN C 641 5.42 35.69 -32.53
CA ASN C 641 4.71 36.26 -31.40
C ASN C 641 5.25 35.70 -30.09
N VAL C 642 6.49 35.22 -30.12
CA VAL C 642 7.07 34.52 -28.97
C VAL C 642 7.37 35.54 -27.87
N PHE C 643 6.73 35.36 -26.71
CA PHE C 643 6.88 36.26 -25.57
C PHE C 643 7.36 35.49 -24.35
N GLN C 644 8.37 36.03 -23.68
CA GLN C 644 8.98 35.39 -22.52
C GLN C 644 8.52 36.10 -21.25
N THR C 645 7.96 35.33 -20.32
CA THR C 645 7.60 35.82 -18.99
C THR C 645 8.05 34.81 -17.94
N ARG C 646 8.03 35.25 -16.68
CA ARG C 646 8.53 34.43 -15.57
C ARG C 646 7.72 33.15 -15.39
N ALA C 647 6.46 33.14 -15.82
CA ALA C 647 5.69 31.89 -15.84
C ALA C 647 6.32 30.89 -16.80
N GLY C 648 6.76 31.35 -17.96
CA GLY C 648 7.39 30.49 -18.93
C GLY C 648 7.31 31.11 -20.31
N CYS C 649 7.74 30.33 -21.29
CA CYS C 649 7.63 30.74 -22.68
C CYS C 649 6.19 30.69 -23.17
N LEU C 650 5.74 31.79 -23.77
CA LEU C 650 4.37 31.91 -24.26
C LEU C 650 4.43 32.16 -25.75
N ILE C 651 3.79 31.29 -26.54
CA ILE C 651 3.85 31.33 -27.99
C ILE C 651 2.44 31.56 -28.54
N GLY C 652 2.35 32.30 -29.65
CA GLY C 652 1.06 32.53 -30.25
C GLY C 652 0.24 33.64 -29.64
N ALA C 653 0.83 34.46 -28.77
CA ALA C 653 0.13 35.57 -28.15
C ALA C 653 0.88 36.85 -28.42
N GLU C 654 0.15 37.94 -28.64
CA GLU C 654 0.80 39.26 -28.88
C GLU C 654 0.91 40.04 -27.58
N HIS C 655 2.13 40.23 -27.09
CA HIS C 655 2.32 40.99 -25.82
C HIS C 655 1.93 42.45 -26.00
N VAL C 656 1.23 43.03 -25.03
CA VAL C 656 0.88 44.49 -25.08
C VAL C 656 1.24 45.10 -23.73
N ASN C 657 1.73 46.35 -23.71
CA ASN C 657 2.00 47.01 -22.41
C ASN C 657 0.79 47.84 -21.96
N ASN C 658 -0.30 47.81 -22.72
CA ASN C 658 -1.54 48.52 -22.29
C ASN C 658 -2.12 47.75 -21.10
N SER C 659 -2.83 48.43 -20.19
CA SER C 659 -3.33 47.75 -18.96
C SER C 659 -4.84 47.51 -19.05
N TYR C 660 -5.29 46.28 -18.77
CA TYR C 660 -6.73 45.95 -18.79
C TYR C 660 -7.04 45.01 -17.62
N GLU C 661 -8.31 44.85 -17.25
CA GLU C 661 -8.66 43.88 -16.22
C GLU C 661 -8.37 42.45 -16.69
N CYS C 662 -8.04 41.58 -15.72
CA CYS C 662 -7.67 40.21 -16.04
C CYS C 662 -8.88 39.39 -16.46
N ASP C 663 -8.75 38.65 -17.55
CA ASP C 663 -9.80 37.79 -18.05
C ASP C 663 -9.37 36.33 -17.96
N ILE C 664 -8.22 35.98 -18.53
CA ILE C 664 -7.66 34.65 -18.38
C ILE C 664 -6.25 34.80 -17.81
N PRO C 665 -5.95 34.20 -16.66
CA PRO C 665 -4.67 34.43 -15.99
C PRO C 665 -3.55 33.55 -16.58
N ILE C 666 -2.41 34.16 -16.87
CA ILE C 666 -1.24 33.41 -17.32
C ILE C 666 -0.28 33.07 -16.18
N GLY C 667 -0.34 33.80 -15.08
CA GLY C 667 0.63 33.65 -14.02
C GLY C 667 1.80 34.61 -14.20
N ALA C 668 2.53 34.81 -13.09
CA ALA C 668 3.63 35.78 -13.02
C ALA C 668 3.16 37.19 -13.44
N GLY C 669 1.90 37.50 -13.13
CA GLY C 669 1.33 38.80 -13.38
C GLY C 669 0.80 39.03 -14.77
N ILE C 670 0.85 38.03 -15.63
CA ILE C 670 0.40 38.16 -17.01
C ILE C 670 -1.01 37.59 -17.11
N CYS C 671 -1.88 38.31 -17.83
CA CYS C 671 -3.26 37.86 -18.05
C CYS C 671 -3.59 37.97 -19.53
N ALA C 672 -4.48 37.10 -19.98
CA ALA C 672 -4.85 36.97 -21.38
C ALA C 672 -6.33 37.26 -21.58
N SER C 673 -6.65 37.83 -22.73
CA SER C 673 -8.02 38.17 -23.06
C SER C 673 -8.13 38.25 -24.57
N TYR C 674 -9.37 38.18 -25.06
CA TYR C 674 -9.64 38.19 -26.49
C TYR C 674 -10.15 39.59 -26.83
N GLN C 675 -9.41 40.29 -27.68
CA GLN C 675 -9.68 41.70 -27.93
C GLN C 675 -8.98 42.08 -29.23
N THR C 676 -9.40 43.19 -29.82
CA THR C 676 -8.79 43.72 -31.03
C THR C 676 -7.37 44.20 -30.76
N SER C 689 -10.25 40.59 -36.30
CA SER C 689 -9.50 41.68 -35.69
C SER C 689 -9.09 41.34 -34.27
N GLN C 690 -9.88 40.48 -33.63
CA GLN C 690 -9.62 40.06 -32.26
C GLN C 690 -8.67 38.88 -32.25
N SER C 691 -7.77 38.86 -31.27
CA SER C 691 -6.80 37.80 -31.12
C SER C 691 -6.49 37.62 -29.64
N ILE C 692 -5.47 36.82 -29.33
CA ILE C 692 -5.06 36.57 -27.96
C ILE C 692 -3.91 37.50 -27.63
N ILE C 693 -4.06 38.24 -26.54
CA ILE C 693 -3.07 39.20 -26.09
C ILE C 693 -2.60 38.81 -24.70
N ALA C 694 -1.31 38.99 -24.44
CA ALA C 694 -0.71 38.79 -23.13
C ALA C 694 -0.21 40.12 -22.59
N TYR C 695 -0.71 40.49 -21.41
CA TYR C 695 -0.43 41.82 -20.89
C TYR C 695 -0.21 41.73 -19.39
N THR C 696 0.41 42.76 -18.83
CA THR C 696 0.55 42.80 -17.35
C THR C 696 -0.83 43.09 -16.77
N MET C 697 -1.28 42.31 -15.78
CA MET C 697 -2.65 42.48 -15.25
C MET C 697 -2.77 43.87 -14.63
N SER C 698 -3.91 44.54 -14.84
CA SER C 698 -4.13 45.86 -14.18
C SER C 698 -4.90 45.62 -12.90
N LEU C 699 -4.32 46.01 -11.76
CA LEU C 699 -4.98 45.73 -10.46
C LEU C 699 -6.32 46.46 -10.45
N GLY C 700 -6.30 47.72 -10.86
CA GLY C 700 -7.55 48.51 -10.94
C GLY C 700 -7.25 49.87 -11.53
N ALA C 701 -8.28 50.66 -11.83
CA ALA C 701 -8.01 52.04 -12.30
C ALA C 701 -7.38 52.81 -11.14
N GLU C 702 -6.38 53.65 -11.43
CA GLU C 702 -5.75 54.48 -10.37
C GLU C 702 -6.76 55.52 -9.90
N ASN C 703 -6.75 55.84 -8.61
CA ASN C 703 -7.67 56.83 -8.02
C ASN C 703 -6.98 57.36 -6.77
N SER C 704 -6.27 58.48 -6.92
CA SER C 704 -5.74 59.15 -5.74
C SER C 704 -6.85 59.87 -4.98
N VAL C 705 -6.61 60.07 -3.70
CA VAL C 705 -7.57 60.71 -2.80
C VAL C 705 -7.09 62.12 -2.51
N ALA C 706 -8.02 63.09 -2.59
CA ALA C 706 -7.70 64.49 -2.30
C ALA C 706 -7.68 64.71 -0.78
N TYR C 707 -6.75 64.02 -0.12
CA TYR C 707 -6.65 64.11 1.33
C TYR C 707 -6.11 65.47 1.76
N SER C 708 -6.60 65.96 2.90
CA SER C 708 -6.09 67.16 3.55
C SER C 708 -6.57 67.17 4.99
N ASN C 709 -6.07 68.16 5.74
CA ASN C 709 -6.37 68.29 7.16
C ASN C 709 -7.79 68.75 7.45
N ASN C 710 -8.53 69.29 6.47
CA ASN C 710 -9.84 69.83 6.80
C ASN C 710 -10.92 69.66 5.73
N SER C 711 -10.89 68.58 4.96
CA SER C 711 -11.83 68.41 3.87
C SER C 711 -12.54 67.07 4.03
N ILE C 712 -13.87 67.12 4.01
CA ILE C 712 -14.75 65.95 4.12
C ILE C 712 -15.62 65.93 2.88
N ALA C 713 -15.85 64.73 2.35
CA ALA C 713 -16.74 64.53 1.23
C ALA C 713 -17.92 63.78 1.82
N ILE C 714 -19.12 64.33 1.63
CA ILE C 714 -20.33 63.76 2.19
C ILE C 714 -21.23 63.39 1.02
N PRO C 715 -21.70 62.15 0.91
CA PRO C 715 -22.61 61.82 -0.19
C PRO C 715 -23.92 62.58 -0.04
N THR C 716 -24.51 62.94 -1.17
CA THR C 716 -25.77 63.66 -1.18
C THR C 716 -26.92 62.83 -1.73
N ASN C 717 -26.63 61.60 -2.14
CA ASN C 717 -27.60 60.74 -2.81
C ASN C 717 -27.06 59.32 -2.73
N PHE C 718 -27.95 58.37 -2.96
CA PHE C 718 -27.62 56.97 -2.73
C PHE C 718 -28.32 56.13 -3.79
N THR C 719 -27.79 54.93 -3.97
CA THR C 719 -28.43 53.95 -4.84
C THR C 719 -28.58 52.71 -3.98
N ILE C 720 -29.81 52.24 -3.84
CA ILE C 720 -30.08 51.03 -3.08
C ILE C 720 -29.88 49.89 -4.06
N SER C 721 -28.72 49.24 -3.94
CA SER C 721 -28.31 48.21 -4.86
C SER C 721 -28.49 46.86 -4.18
N VAL C 722 -29.04 45.91 -4.92
CA VAL C 722 -29.21 44.55 -4.44
C VAL C 722 -28.25 43.69 -5.25
N THR C 723 -27.32 43.06 -4.54
CA THR C 723 -26.28 42.25 -5.14
C THR C 723 -26.60 40.81 -4.76
N THR C 724 -26.08 39.88 -5.54
CA THR C 724 -26.42 38.48 -5.42
C THR C 724 -25.22 37.71 -4.90
N GLU C 725 -25.44 36.91 -3.87
CA GLU C 725 -24.40 36.06 -3.29
C GLU C 725 -24.95 34.65 -3.30
N ILE C 726 -24.17 33.73 -3.83
CA ILE C 726 -24.63 32.38 -4.09
C ILE C 726 -23.78 31.45 -3.24
N LEU C 727 -24.42 30.51 -2.53
CA LEU C 727 -23.69 29.57 -1.70
C LEU C 727 -24.21 28.15 -1.84
N PRO C 728 -23.32 27.16 -1.90
CA PRO C 728 -23.76 25.77 -1.76
C PRO C 728 -24.23 25.48 -0.35
N VAL C 729 -25.22 24.59 -0.24
CA VAL C 729 -25.79 24.18 1.04
C VAL C 729 -25.71 22.68 1.24
N SER C 730 -26.06 21.92 0.22
CA SER C 730 -26.05 20.47 0.31
C SER C 730 -25.52 19.91 -0.99
N MET C 731 -25.19 18.63 -0.94
CA MET C 731 -24.71 17.88 -2.07
C MET C 731 -25.52 16.60 -2.21
N THR C 732 -25.49 16.03 -3.41
CA THR C 732 -26.33 14.89 -3.74
C THR C 732 -26.04 13.73 -2.80
N LYS C 733 -27.08 13.21 -2.17
CA LYS C 733 -26.90 12.10 -1.25
C LYS C 733 -26.77 10.82 -2.06
N THR C 734 -25.58 10.23 -2.04
CA THR C 734 -25.37 8.97 -2.75
C THR C 734 -24.87 7.93 -1.77
N SER C 735 -25.28 6.68 -2.01
CA SER C 735 -24.86 5.54 -1.22
C SER C 735 -24.34 4.46 -2.15
N VAL C 736 -23.13 3.99 -1.88
CA VAL C 736 -22.48 2.97 -2.70
C VAL C 736 -22.31 1.75 -1.82
N ASP C 737 -22.98 0.65 -2.17
CA ASP C 737 -22.93 -0.51 -1.31
C ASP C 737 -21.65 -1.28 -1.57
N CYS C 738 -20.99 -1.68 -0.48
CA CYS C 738 -19.69 -2.34 -0.58
C CYS C 738 -19.77 -3.65 -1.34
N THR C 739 -20.72 -4.52 -1.00
CA THR C 739 -20.60 -5.87 -1.54
C THR C 739 -21.10 -5.96 -2.96
N MET C 740 -22.28 -5.43 -3.25
CA MET C 740 -22.80 -5.44 -4.62
C MET C 740 -21.86 -4.63 -5.53
N TYR C 741 -21.37 -3.47 -5.04
CA TYR C 741 -20.49 -2.64 -5.87
C TYR C 741 -19.16 -3.34 -6.17
N ILE C 742 -18.45 -3.80 -5.14
CA ILE C 742 -17.13 -4.37 -5.37
C ILE C 742 -17.23 -5.72 -6.08
N CYS C 743 -18.22 -6.53 -5.72
CA CYS C 743 -18.43 -7.85 -6.30
C CYS C 743 -19.77 -7.88 -7.02
N GLY C 744 -19.75 -8.29 -8.29
CA GLY C 744 -20.97 -8.33 -9.07
C GLY C 744 -21.83 -9.52 -8.71
N ASP C 745 -22.35 -9.49 -7.48
CA ASP C 745 -23.27 -10.49 -6.93
C ASP C 745 -22.65 -11.90 -6.96
N SER C 746 -21.39 -11.99 -6.55
CA SER C 746 -20.66 -13.26 -6.53
C SER C 746 -20.36 -13.65 -5.08
N THR C 747 -20.76 -14.87 -4.71
CA THR C 747 -20.48 -15.39 -3.37
C THR C 747 -18.99 -15.59 -3.12
N GLU C 748 -18.27 -16.13 -4.12
CA GLU C 748 -16.82 -16.29 -4.00
C GLU C 748 -16.13 -14.95 -3.77
N CYS C 749 -16.57 -13.92 -4.49
CA CYS C 749 -16.00 -12.60 -4.32
C CYS C 749 -16.33 -12.07 -2.94
N SER C 750 -17.57 -12.28 -2.49
CA SER C 750 -18.00 -11.78 -1.20
C SER C 750 -17.18 -12.42 -0.07
N ASN C 751 -16.92 -13.73 -0.19
CA ASN C 751 -16.09 -14.43 0.79
C ASN C 751 -14.67 -13.87 0.80
N LEU C 752 -14.15 -13.54 -0.39
CA LEU C 752 -12.88 -12.81 -0.48
C LEU C 752 -12.97 -11.45 0.18
N LEU C 753 -14.09 -10.76 0.01
CA LEU C 753 -14.22 -9.43 0.59
C LEU C 753 -14.29 -9.49 2.11
N LEU C 754 -15.04 -10.46 2.64
CA LEU C 754 -15.15 -10.62 4.09
C LEU C 754 -13.81 -11.00 4.69
N GLN C 755 -12.91 -11.60 3.89
CA GLN C 755 -11.60 -11.96 4.41
C GLN C 755 -10.83 -10.72 4.88
N TYR C 756 -10.90 -9.62 4.13
CA TYR C 756 -10.28 -8.35 4.52
C TYR C 756 -10.91 -7.70 5.75
N GLY C 757 -12.01 -8.24 6.26
CA GLY C 757 -12.56 -7.81 7.53
C GLY C 757 -13.49 -6.60 7.46
N SER C 758 -13.16 -5.51 8.17
CA SER C 758 -14.13 -4.45 8.43
C SER C 758 -13.85 -3.15 7.67
N PHE C 759 -13.09 -3.20 6.57
CA PHE C 759 -12.93 -2.01 5.72
C PHE C 759 -14.26 -1.43 5.26
N CYS C 760 -15.01 -2.15 4.46
CA CYS C 760 -16.08 -1.39 3.83
C CYS C 760 -17.31 -1.24 4.71
N THR C 761 -17.44 -2.00 5.81
CA THR C 761 -18.55 -1.68 6.70
C THR C 761 -18.34 -0.32 7.38
N GLN C 762 -17.09 0.12 7.55
CA GLN C 762 -16.91 1.49 8.00
C GLN C 762 -17.01 2.45 6.83
N LEU C 763 -16.67 2.00 5.62
CA LEU C 763 -16.92 2.85 4.45
C LEU C 763 -18.42 3.13 4.30
N ASN C 764 -19.25 2.10 4.39
CA ASN C 764 -20.70 2.25 4.31
C ASN C 764 -21.25 3.10 5.46
N ARG C 765 -20.71 2.94 6.67
CA ARG C 765 -21.23 3.77 7.76
C ARG C 765 -20.79 5.22 7.59
N ALA C 766 -19.54 5.45 7.18
CA ALA C 766 -19.05 6.80 6.95
C ALA C 766 -19.81 7.49 5.83
N LEU C 767 -20.08 6.78 4.74
CA LEU C 767 -20.86 7.36 3.65
C LEU C 767 -22.33 7.56 4.03
N THR C 768 -22.88 6.74 4.93
CA THR C 768 -24.19 7.06 5.49
C THR C 768 -24.11 8.34 6.32
N GLY C 769 -23.04 8.47 7.10
CA GLY C 769 -22.81 9.68 7.87
C GLY C 769 -22.71 10.91 6.98
N ILE C 770 -22.02 10.78 5.85
CA ILE C 770 -21.98 11.92 4.89
C ILE C 770 -23.42 12.32 4.57
N ALA C 771 -24.26 11.33 4.23
CA ALA C 771 -25.64 11.65 3.80
C ALA C 771 -26.43 12.35 4.90
N VAL C 772 -26.34 11.86 6.15
CA VAL C 772 -27.18 12.44 7.23
C VAL C 772 -26.78 13.90 7.42
N GLU C 773 -25.47 14.21 7.29
CA GLU C 773 -25.00 15.59 7.53
C GLU C 773 -25.68 16.52 6.52
N GLN C 774 -25.83 16.09 5.27
CA GLN C 774 -26.41 17.02 4.27
C GLN C 774 -27.84 17.40 4.68
N ASP C 775 -28.62 16.42 5.15
CA ASP C 775 -29.99 16.73 5.63
C ASP C 775 -29.88 17.64 6.85
N LYS C 776 -28.94 17.33 7.74
CA LYS C 776 -28.76 18.16 8.96
C LYS C 776 -28.44 19.58 8.50
N ASN C 777 -27.65 19.71 7.42
CA ASN C 777 -27.28 21.03 6.94
C ASN C 777 -28.54 21.81 6.62
N THR C 778 -29.43 21.18 5.83
CA THR C 778 -30.64 21.87 5.41
C THR C 778 -31.57 22.12 6.60
N GLN C 779 -31.50 21.27 7.64
CA GLN C 779 -32.17 21.61 8.89
C GLN C 779 -31.58 22.87 9.51
N GLU C 780 -30.24 22.96 9.56
CA GLU C 780 -29.60 24.08 10.26
C GLU C 780 -29.82 25.38 9.51
N VAL C 781 -29.75 25.35 8.18
CA VAL C 781 -29.91 26.57 7.40
C VAL C 781 -31.38 26.99 7.35
N PHE C 782 -32.31 26.10 6.97
CA PHE C 782 -33.67 26.57 6.71
C PHE C 782 -34.54 26.40 7.95
N ALA C 783 -34.51 25.24 8.60
CA ALA C 783 -35.45 24.97 9.67
C ALA C 783 -35.07 25.71 10.96
N GLN C 784 -34.90 27.02 10.85
CA GLN C 784 -34.55 27.87 11.98
C GLN C 784 -35.80 28.61 12.47
N VAL C 785 -36.95 28.34 11.86
CA VAL C 785 -38.20 29.00 12.21
C VAL C 785 -39.20 27.95 12.71
N LYS C 786 -39.82 28.25 13.85
CA LYS C 786 -40.69 27.28 14.52
C LYS C 786 -42.06 27.17 13.85
N GLN C 787 -42.57 28.27 13.28
CA GLN C 787 -43.89 28.28 12.66
C GLN C 787 -43.84 28.79 11.23
N ILE C 788 -44.57 28.12 10.34
CA ILE C 788 -44.49 28.37 8.89
C ILE C 788 -45.48 29.47 8.57
N TYR C 789 -45.00 30.71 8.58
CA TYR C 789 -45.85 31.87 8.32
C TYR C 789 -46.28 31.89 6.85
N LYS C 790 -47.41 32.54 6.59
CA LYS C 790 -47.85 32.80 5.24
C LYS C 790 -48.14 34.29 5.06
N THR C 791 -47.87 34.79 3.86
CA THR C 791 -48.06 36.19 3.57
C THR C 791 -49.55 36.53 3.54
N PRO C 792 -49.92 37.77 3.86
CA PRO C 792 -51.32 38.19 3.74
C PRO C 792 -51.76 38.23 2.29
N PRO C 793 -53.07 38.16 2.02
CA PRO C 793 -53.52 38.14 0.61
C PRO C 793 -53.22 39.41 -0.15
N ILE C 794 -53.46 40.57 0.44
CA ILE C 794 -53.44 41.85 -0.26
C ILE C 794 -52.06 42.48 -0.12
N LYS C 795 -51.45 42.83 -1.25
CA LYS C 795 -50.03 43.15 -1.30
C LYS C 795 -49.85 44.68 -1.23
N ASP C 796 -50.23 45.22 -0.06
CA ASP C 796 -50.16 46.66 0.19
C ASP C 796 -48.93 46.90 1.08
N PHE C 797 -47.78 47.02 0.43
CA PHE C 797 -46.52 47.04 1.15
C PHE C 797 -45.84 48.40 1.09
N GLY C 798 -46.62 49.45 1.33
CA GLY C 798 -46.10 50.81 1.36
C GLY C 798 -45.61 51.33 0.04
N GLY C 799 -46.10 50.79 -1.07
CA GLY C 799 -45.75 51.22 -2.40
C GLY C 799 -44.73 50.34 -3.08
N PHE C 800 -44.00 49.53 -2.30
CA PHE C 800 -43.01 48.61 -2.84
C PHE C 800 -43.72 47.47 -3.58
N ASN C 801 -42.95 46.78 -4.42
CA ASN C 801 -43.45 45.70 -5.27
C ASN C 801 -42.60 44.47 -5.02
N PHE C 802 -42.97 43.71 -4.00
CA PHE C 802 -42.28 42.46 -3.70
C PHE C 802 -42.96 41.26 -4.35
N SER C 803 -43.83 41.50 -5.35
CA SER C 803 -44.60 40.43 -5.98
C SER C 803 -43.73 39.39 -6.66
N GLN C 804 -42.48 39.74 -6.97
CA GLN C 804 -41.60 38.86 -7.71
C GLN C 804 -41.02 37.79 -6.81
N ILE C 805 -40.62 38.17 -5.60
CA ILE C 805 -39.98 37.24 -4.67
C ILE C 805 -40.99 36.48 -3.82
N LEU C 806 -42.22 36.97 -3.72
CA LEU C 806 -43.27 36.27 -3.01
C LEU C 806 -43.85 35.16 -3.90
N PRO C 807 -44.45 34.13 -3.30
CA PRO C 807 -45.04 33.05 -4.10
C PRO C 807 -46.15 33.51 -5.02
N ASP C 808 -46.21 32.90 -6.20
CA ASP C 808 -47.25 33.18 -7.18
C ASP C 808 -48.12 31.94 -7.39
N PRO C 809 -49.42 32.07 -7.12
CA PRO C 809 -50.32 30.90 -7.15
C PRO C 809 -50.45 30.22 -8.50
N SER C 810 -50.24 30.95 -9.61
CA SER C 810 -50.49 30.41 -10.94
C SER C 810 -49.61 29.21 -11.26
N LYS C 811 -48.33 29.27 -10.91
CA LYS C 811 -47.44 28.14 -11.16
C LYS C 811 -47.90 26.95 -10.33
N PRO C 812 -47.92 25.73 -10.89
CA PRO C 812 -48.42 24.57 -10.12
C PRO C 812 -47.68 24.29 -8.82
N SER C 813 -46.35 24.24 -8.83
CA SER C 813 -45.60 24.19 -7.59
C SER C 813 -45.56 25.57 -6.96
N LYS C 814 -45.81 25.65 -5.65
CA LYS C 814 -45.92 26.95 -4.99
C LYS C 814 -44.55 27.61 -4.88
N ARG C 815 -44.02 28.04 -6.02
CA ARG C 815 -42.66 28.55 -6.14
C ARG C 815 -42.69 29.97 -6.65
N SER C 816 -41.89 30.84 -6.05
CA SER C 816 -41.82 32.23 -6.47
C SER C 816 -41.11 32.32 -7.82
N PHE C 817 -41.29 33.47 -8.47
CA PHE C 817 -40.78 33.73 -9.81
C PHE C 817 -39.27 33.56 -9.92
N ILE C 818 -38.50 34.10 -8.96
CA ILE C 818 -37.05 33.95 -9.04
C ILE C 818 -36.59 32.49 -8.85
N GLU C 819 -37.24 31.72 -7.96
CA GLU C 819 -36.93 30.28 -7.90
C GLU C 819 -37.28 29.58 -9.19
N ASP C 820 -38.39 29.96 -9.82
CA ASP C 820 -38.72 29.33 -11.10
C ASP C 820 -37.71 29.70 -12.17
N LEU C 821 -37.16 30.91 -12.10
CA LEU C 821 -36.07 31.31 -12.98
C LEU C 821 -34.83 30.44 -12.77
N LEU C 822 -34.46 30.17 -11.51
CA LEU C 822 -33.33 29.26 -11.30
C LEU C 822 -33.69 27.84 -11.72
N PHE C 823 -34.84 27.33 -11.29
CA PHE C 823 -35.21 25.95 -11.53
C PHE C 823 -35.41 25.63 -13.02
N ASN C 824 -35.53 26.65 -13.87
CA ASN C 824 -35.41 26.47 -15.32
C ASN C 824 -34.00 26.75 -15.85
N LYS C 825 -33.29 27.72 -15.29
CA LYS C 825 -31.94 28.05 -15.75
C LYS C 825 -30.94 26.94 -15.41
N VAL C 826 -31.00 26.43 -14.19
CA VAL C 826 -30.15 25.33 -13.73
C VAL C 826 -30.73 24.02 -14.23
N THR C 827 -29.90 23.23 -14.90
CA THR C 827 -30.30 21.92 -15.40
C THR C 827 -29.41 20.83 -14.82
N LYS C 854 -25.00 4.61 -11.84
CA LYS C 854 -26.34 4.25 -12.29
C LYS C 854 -26.83 3.00 -11.55
N PHE C 855 -26.50 1.82 -12.09
CA PHE C 855 -27.00 0.54 -11.63
C PHE C 855 -25.86 -0.39 -11.25
N ASN C 856 -24.77 0.19 -10.76
CA ASN C 856 -23.56 -0.53 -10.38
C ASN C 856 -23.24 -0.34 -8.91
N GLY C 857 -24.29 -0.27 -8.09
CA GLY C 857 -24.17 -0.01 -6.68
C GLY C 857 -24.31 1.45 -6.30
N LEU C 858 -24.35 2.33 -7.29
CA LEU C 858 -24.55 3.75 -7.03
C LEU C 858 -26.05 3.95 -6.84
N THR C 859 -26.45 4.42 -5.66
CA THR C 859 -27.84 4.76 -5.39
C THR C 859 -27.88 6.22 -4.97
N VAL C 860 -28.86 6.97 -5.49
CA VAL C 860 -29.04 8.36 -5.10
C VAL C 860 -30.20 8.39 -4.11
N LEU C 861 -29.89 8.54 -2.84
CA LEU C 861 -30.93 8.65 -1.83
C LEU C 861 -31.65 9.98 -2.03
N PRO C 862 -32.98 10.01 -1.94
CA PRO C 862 -33.68 11.29 -2.07
C PRO C 862 -33.42 12.16 -0.86
N PRO C 863 -33.44 13.48 -1.02
CA PRO C 863 -33.24 14.35 0.13
C PRO C 863 -34.46 14.33 1.05
N LEU C 864 -34.22 14.71 2.31
CA LEU C 864 -35.30 14.71 3.28
C LEU C 864 -36.32 15.78 2.93
N LEU C 865 -35.85 16.97 2.61
CA LEU C 865 -36.71 18.10 2.30
C LEU C 865 -36.81 18.27 0.79
N THR C 866 -37.96 17.92 0.23
CA THR C 866 -38.17 18.03 -1.20
C THR C 866 -38.31 19.51 -1.61
N ASP C 867 -38.15 19.76 -2.91
CA ASP C 867 -38.00 21.14 -3.37
C ASP C 867 -39.20 22.05 -3.05
N GLU C 868 -40.43 21.52 -3.12
CA GLU C 868 -41.60 22.31 -2.69
C GLU C 868 -41.58 22.65 -1.20
N MET C 869 -41.26 21.69 -0.33
CA MET C 869 -41.22 21.99 1.10
C MET C 869 -40.14 23.02 1.39
N ILE C 870 -38.97 22.87 0.76
CA ILE C 870 -37.90 23.85 0.97
C ILE C 870 -38.43 25.22 0.54
N ALA C 871 -39.13 25.26 -0.60
CA ALA C 871 -39.69 26.52 -1.09
C ALA C 871 -40.66 27.09 -0.06
N GLN C 872 -41.36 26.20 0.67
CA GLN C 872 -42.29 26.63 1.72
C GLN C 872 -41.54 27.29 2.87
N TYR C 873 -40.43 26.69 3.31
CA TYR C 873 -39.53 27.37 4.25
C TYR C 873 -39.07 28.73 3.75
N THR C 874 -38.55 28.80 2.53
CA THR C 874 -38.07 30.09 2.03
C THR C 874 -39.21 31.11 1.86
N SER C 875 -40.44 30.63 1.65
CA SER C 875 -41.63 31.48 1.75
C SER C 875 -41.94 31.89 3.18
N ALA C 876 -41.84 30.96 4.14
CA ALA C 876 -42.12 31.28 5.53
C ALA C 876 -41.11 32.30 6.05
N LEU C 877 -39.83 32.05 5.78
CA LEU C 877 -38.76 32.95 6.21
C LEU C 877 -38.93 34.31 5.56
N LEU C 878 -39.30 34.35 4.28
CA LEU C 878 -39.51 35.61 3.59
C LEU C 878 -40.71 36.36 4.17
N ALA C 879 -41.86 35.67 4.33
CA ALA C 879 -43.04 36.32 4.86
C ALA C 879 -42.82 36.79 6.29
N GLY C 880 -41.90 36.11 6.99
CA GLY C 880 -41.49 36.58 8.30
C GLY C 880 -40.71 37.87 8.19
N THR C 881 -39.82 37.97 7.21
CA THR C 881 -39.06 39.21 7.10
C THR C 881 -39.97 40.36 6.69
N ILE C 882 -40.92 40.09 5.79
CA ILE C 882 -41.77 41.14 5.21
C ILE C 882 -42.85 41.58 6.19
N THR C 883 -43.07 40.82 7.26
CA THR C 883 -44.12 41.22 8.19
C THR C 883 -43.64 41.31 9.63
N SER C 884 -42.39 40.95 9.92
CA SER C 884 -41.88 41.00 11.27
C SER C 884 -40.44 41.49 11.40
N GLY C 885 -39.66 41.62 10.32
CA GLY C 885 -38.25 41.94 10.49
C GLY C 885 -37.54 40.82 11.21
N TRP C 886 -36.74 41.18 12.21
CA TRP C 886 -36.00 40.19 13.01
C TRP C 886 -36.82 39.54 14.11
N THR C 887 -37.91 40.18 14.55
CA THR C 887 -38.64 39.75 15.75
C THR C 887 -39.10 38.29 15.66
N PHE C 888 -39.52 37.84 14.46
CA PHE C 888 -40.00 36.46 14.32
C PHE C 888 -38.89 35.44 14.54
N GLY C 889 -37.64 35.86 14.33
CA GLY C 889 -36.46 35.05 14.58
C GLY C 889 -36.11 35.07 16.05
N ALA C 890 -36.16 36.27 16.64
CA ALA C 890 -35.74 36.43 18.03
C ALA C 890 -36.73 35.75 18.98
N GLY C 891 -38.02 35.87 18.72
CA GLY C 891 -39.02 35.31 19.61
C GLY C 891 -40.30 35.04 18.84
N ALA C 892 -41.44 35.27 19.48
CA ALA C 892 -42.70 35.14 18.76
C ALA C 892 -42.77 36.23 17.70
N ALA C 893 -43.44 35.93 16.59
CA ALA C 893 -43.49 36.90 15.50
C ALA C 893 -44.32 38.12 15.88
N LEU C 894 -43.72 39.29 15.71
CA LEU C 894 -44.36 40.54 16.07
C LEU C 894 -44.64 41.33 14.80
N GLN C 895 -45.90 41.70 14.60
CA GLN C 895 -46.29 42.39 13.38
C GLN C 895 -45.65 43.77 13.39
N ILE C 896 -45.22 44.25 12.21
CA ILE C 896 -44.65 45.59 12.04
C ILE C 896 -44.87 46.07 10.62
N PRO C 897 -45.34 47.31 10.42
CA PRO C 897 -45.42 47.86 9.08
C PRO C 897 -44.03 48.05 8.48
N PHE C 898 -43.93 47.71 7.19
CA PHE C 898 -42.65 47.63 6.52
C PHE C 898 -41.95 48.99 6.41
N ALA C 899 -42.71 50.09 6.35
CA ALA C 899 -42.09 51.41 6.36
C ALA C 899 -41.30 51.64 7.65
N MET C 900 -41.91 51.32 8.79
CA MET C 900 -41.18 51.43 10.04
C MET C 900 -40.03 50.43 10.09
N GLN C 901 -40.21 49.21 9.54
CA GLN C 901 -39.11 48.25 9.60
C GLN C 901 -37.88 48.82 8.88
N MET C 902 -38.11 49.45 7.72
CA MET C 902 -37.04 50.17 7.04
C MET C 902 -36.47 51.30 7.88
N ALA C 903 -37.34 52.09 8.53
CA ALA C 903 -36.86 53.21 9.33
C ALA C 903 -36.01 52.75 10.51
N TYR C 904 -36.39 51.63 11.10
CA TYR C 904 -35.58 50.91 12.10
C TYR C 904 -34.21 50.59 11.54
N ARG C 905 -34.21 49.95 10.38
CA ARG C 905 -32.97 49.46 9.78
C ARG C 905 -32.05 50.58 9.31
N PHE C 906 -32.62 51.65 8.75
CA PHE C 906 -31.84 52.86 8.48
C PHE C 906 -31.24 53.43 9.76
N ASN C 907 -32.03 53.51 10.85
CA ASN C 907 -31.47 54.01 12.11
C ASN C 907 -30.37 53.08 12.59
N GLY C 908 -30.44 51.82 12.16
CA GLY C 908 -29.39 50.87 12.46
C GLY C 908 -28.10 51.24 11.74
N ILE C 909 -28.21 51.67 10.47
CA ILE C 909 -26.99 51.94 9.71
C ILE C 909 -26.63 53.43 9.89
N GLY C 910 -27.28 54.09 10.83
CA GLY C 910 -26.87 55.44 11.16
C GLY C 910 -27.57 56.55 10.39
N VAL C 911 -28.41 56.20 9.43
CA VAL C 911 -29.20 57.18 8.68
C VAL C 911 -30.56 57.32 9.33
N THR C 912 -30.88 58.52 9.81
CA THR C 912 -32.12 58.70 10.55
C THR C 912 -33.34 58.51 9.63
N GLN C 913 -34.51 58.33 10.27
CA GLN C 913 -35.73 57.95 9.57
C GLN C 913 -36.21 59.01 8.57
N ASN C 914 -35.76 60.27 8.76
CA ASN C 914 -36.15 61.38 7.89
C ASN C 914 -35.88 61.06 6.43
N VAL C 915 -34.70 60.48 6.15
CA VAL C 915 -34.26 60.25 4.77
C VAL C 915 -35.18 59.24 4.13
N LEU C 916 -35.67 58.27 4.93
CA LEU C 916 -36.57 57.24 4.44
C LEU C 916 -37.89 57.86 4.06
N TYR C 917 -38.56 58.45 5.05
CA TYR C 917 -39.92 58.92 4.83
C TYR C 917 -39.97 59.99 3.75
N GLU C 918 -38.98 60.91 3.74
CA GLU C 918 -38.95 61.92 2.69
C GLU C 918 -38.60 61.34 1.32
N ASN C 919 -37.85 60.23 1.24
CA ASN C 919 -37.46 59.70 -0.07
C ASN C 919 -38.00 58.31 -0.35
N GLN C 920 -39.19 57.98 0.15
CA GLN C 920 -39.70 56.61 0.04
C GLN C 920 -39.98 56.23 -1.41
N LYS C 921 -40.67 57.09 -2.16
CA LYS C 921 -41.07 56.74 -3.53
C LYS C 921 -39.86 56.45 -4.42
N LEU C 922 -38.80 57.27 -4.27
CA LEU C 922 -37.59 57.08 -5.07
C LEU C 922 -36.96 55.74 -4.78
N ILE C 923 -36.86 55.35 -3.49
CA ILE C 923 -36.24 54.08 -3.17
C ILE C 923 -37.12 52.94 -3.68
N ALA C 924 -38.44 53.12 -3.64
CA ALA C 924 -39.36 52.12 -4.16
C ALA C 924 -39.07 51.81 -5.62
N ASN C 925 -38.93 52.88 -6.42
CA ASN C 925 -38.61 52.68 -7.84
C ASN C 925 -37.21 52.12 -8.04
N GLN C 926 -36.24 52.59 -7.25
CA GLN C 926 -34.86 52.10 -7.32
C GLN C 926 -34.75 50.63 -6.97
N PHE C 927 -35.48 50.19 -5.93
CA PHE C 927 -35.43 48.79 -5.52
C PHE C 927 -36.14 47.92 -6.54
N ASN C 928 -37.31 48.34 -7.02
CA ASN C 928 -38.05 47.54 -7.99
C ASN C 928 -37.23 47.37 -9.27
N SER C 929 -36.61 48.46 -9.75
CA SER C 929 -35.74 48.35 -10.91
C SER C 929 -34.53 47.47 -10.61
N ALA C 930 -34.01 47.53 -9.39
CA ALA C 930 -32.88 46.68 -8.99
C ALA C 930 -33.25 45.19 -9.04
N ILE C 931 -34.44 44.84 -8.55
CA ILE C 931 -34.97 43.48 -8.70
C ILE C 931 -35.11 43.12 -10.17
N GLY C 932 -35.60 44.06 -10.98
CA GLY C 932 -35.68 43.81 -12.42
C GLY C 932 -34.33 43.47 -13.01
N LYS C 933 -33.30 44.20 -12.57
CA LYS C 933 -31.94 43.92 -13.01
C LYS C 933 -31.50 42.54 -12.55
N ILE C 934 -31.87 42.14 -11.32
CA ILE C 934 -31.52 40.80 -10.84
C ILE C 934 -32.19 39.74 -11.71
N GLN C 935 -33.40 40.02 -12.16
CA GLN C 935 -34.12 39.12 -13.07
C GLN C 935 -33.34 38.97 -14.36
N ASP C 936 -32.99 40.09 -14.99
CA ASP C 936 -32.36 40.03 -16.30
C ASP C 936 -30.94 39.45 -16.22
N SER C 937 -30.21 39.81 -15.15
CA SER C 937 -28.88 39.27 -14.89
C SER C 937 -28.88 37.76 -14.68
N LEU C 938 -29.86 37.21 -13.97
CA LEU C 938 -29.89 35.75 -13.91
C LEU C 938 -30.44 35.13 -15.18
N SER C 939 -31.42 35.79 -15.82
CA SER C 939 -32.08 35.19 -16.98
C SER C 939 -31.11 35.03 -18.13
N SER C 940 -30.21 36.01 -18.32
CA SER C 940 -29.33 36.00 -19.49
C SER C 940 -27.91 35.50 -19.18
N THR C 941 -27.37 35.80 -18.01
CA THR C 941 -25.97 35.53 -17.71
C THR C 941 -25.86 34.33 -16.78
N ALA C 942 -25.08 33.33 -17.20
CA ALA C 942 -24.87 32.14 -16.39
C ALA C 942 -23.56 32.15 -15.61
N SER C 943 -22.76 33.21 -15.72
CA SER C 943 -21.47 33.22 -15.02
C SER C 943 -21.64 33.34 -13.52
N ALA C 944 -22.63 34.11 -13.06
CA ALA C 944 -22.84 34.33 -11.62
C ALA C 944 -23.17 33.04 -10.90
N LEU C 945 -23.95 32.18 -11.55
CA LEU C 945 -24.47 30.93 -11.01
C LEU C 945 -23.46 29.79 -11.13
N GLY C 946 -22.18 30.12 -11.15
CA GLY C 946 -21.15 29.11 -11.35
C GLY C 946 -21.00 28.10 -10.23
N LYS C 947 -21.06 28.55 -8.96
CA LYS C 947 -20.62 27.70 -7.85
C LYS C 947 -21.46 26.41 -7.67
N LEU C 948 -22.78 26.51 -7.74
CA LEU C 948 -23.61 25.29 -7.71
C LEU C 948 -23.34 24.40 -8.91
N GLN C 949 -23.15 24.98 -10.09
CA GLN C 949 -22.89 24.15 -11.25
C GLN C 949 -21.55 23.44 -11.09
N ASP C 950 -20.60 24.11 -10.46
CA ASP C 950 -19.28 23.52 -10.23
C ASP C 950 -19.37 22.40 -9.21
N VAL C 951 -20.20 22.58 -8.17
CA VAL C 951 -20.44 21.53 -7.20
C VAL C 951 -21.05 20.29 -7.87
N VAL C 952 -22.05 20.52 -8.73
CA VAL C 952 -22.68 19.41 -9.45
C VAL C 952 -21.67 18.74 -10.37
N ASN C 953 -20.88 19.53 -11.10
CA ASN C 953 -19.89 19.00 -12.03
C ASN C 953 -18.87 18.14 -11.27
N GLN C 954 -18.28 18.69 -10.21
CA GLN C 954 -17.25 17.98 -9.45
C GLN C 954 -17.79 16.68 -8.87
N ASN C 955 -18.97 16.74 -8.20
CA ASN C 955 -19.52 15.52 -7.61
C ASN C 955 -19.92 14.50 -8.67
N ALA C 956 -20.73 14.90 -9.67
CA ALA C 956 -21.14 13.98 -10.72
C ALA C 956 -19.96 13.46 -11.53
N GLN C 957 -18.86 14.21 -11.57
CA GLN C 957 -17.66 13.68 -12.20
C GLN C 957 -17.00 12.68 -11.27
N ALA C 958 -17.02 12.92 -9.96
CA ALA C 958 -16.37 12.00 -9.04
C ALA C 958 -17.04 10.64 -9.13
N LEU C 959 -18.38 10.64 -9.17
CA LEU C 959 -19.14 9.41 -9.41
C LEU C 959 -18.85 8.82 -10.79
N ASN C 960 -18.82 9.64 -11.83
CA ASN C 960 -18.56 9.13 -13.18
C ASN C 960 -17.17 8.51 -13.32
N THR C 961 -16.17 9.10 -12.67
CA THR C 961 -14.85 8.49 -12.54
C THR C 961 -14.89 7.21 -11.72
N LEU C 962 -15.64 7.20 -10.61
CA LEU C 962 -15.73 6.03 -9.76
C LEU C 962 -16.30 4.85 -10.55
N VAL C 963 -17.43 5.07 -11.22
CA VAL C 963 -18.07 4.01 -11.98
C VAL C 963 -17.19 3.63 -13.17
N LYS C 964 -16.44 4.61 -13.73
CA LYS C 964 -15.54 4.34 -14.85
C LYS C 964 -14.41 3.42 -14.43
N GLN C 965 -13.96 3.53 -13.17
CA GLN C 965 -12.91 2.67 -12.66
C GLN C 965 -13.26 1.18 -12.75
N LEU C 966 -14.55 0.85 -12.80
CA LEU C 966 -14.99 -0.54 -12.94
C LEU C 966 -14.48 -1.14 -14.24
N SER C 967 -14.22 -0.31 -15.25
CA SER C 967 -13.82 -0.76 -16.57
C SER C 967 -12.32 -0.70 -16.75
N SER C 968 -11.56 -0.65 -15.66
CA SER C 968 -10.11 -0.57 -15.69
C SER C 968 -9.57 -1.91 -15.20
N ASN C 969 -8.57 -2.42 -15.92
CA ASN C 969 -8.17 -3.81 -15.73
C ASN C 969 -7.41 -4.03 -14.43
N PHE C 970 -6.74 -3.00 -13.90
CA PHE C 970 -5.98 -3.05 -12.64
C PHE C 970 -4.94 -4.18 -12.60
N GLY C 971 -4.40 -4.56 -13.75
CA GLY C 971 -3.46 -5.67 -13.79
C GLY C 971 -4.03 -7.04 -13.54
N ALA C 972 -5.20 -7.34 -14.12
CA ALA C 972 -5.76 -8.68 -14.14
C ALA C 972 -6.09 -9.07 -15.57
N ILE C 973 -6.45 -10.35 -15.75
CA ILE C 973 -6.60 -10.91 -17.09
C ILE C 973 -7.75 -10.24 -17.84
N SER C 974 -8.83 -9.88 -17.14
CA SER C 974 -9.97 -9.22 -17.75
C SER C 974 -10.59 -8.28 -16.73
N SER C 975 -11.05 -7.11 -17.20
CA SER C 975 -11.67 -6.16 -16.28
C SER C 975 -13.06 -6.58 -15.80
N VAL C 976 -13.81 -7.36 -16.59
CA VAL C 976 -15.15 -7.79 -16.18
C VAL C 976 -15.07 -8.91 -15.14
N LEU C 977 -15.70 -8.68 -13.99
CA LEU C 977 -15.70 -9.66 -12.91
C LEU C 977 -16.42 -10.93 -13.33
N ASN C 978 -17.54 -10.79 -14.04
CA ASN C 978 -18.30 -11.97 -14.44
C ASN C 978 -17.43 -12.82 -15.35
N ASP C 979 -16.64 -12.16 -16.20
CA ASP C 979 -15.69 -12.88 -17.05
C ASP C 979 -14.72 -13.69 -16.22
N ILE C 980 -14.11 -13.10 -15.16
CA ILE C 980 -13.19 -13.89 -14.31
C ILE C 980 -13.91 -15.11 -13.73
N LEU C 981 -15.13 -14.92 -13.21
CA LEU C 981 -15.85 -16.05 -12.61
C LEU C 981 -16.13 -17.13 -13.64
N SER C 982 -16.44 -16.73 -14.88
CA SER C 982 -16.73 -17.73 -15.91
C SER C 982 -15.48 -18.49 -16.31
N ARG C 983 -14.35 -17.80 -16.48
CA ARG C 983 -13.17 -18.41 -17.09
C ARG C 983 -12.26 -19.12 -16.08
N LEU C 984 -11.85 -18.48 -14.98
CA LEU C 984 -10.85 -19.07 -14.10
C LEU C 984 -11.43 -19.54 -12.76
N ASP C 985 -10.97 -20.72 -12.35
CA ASP C 985 -11.44 -21.46 -11.19
C ASP C 985 -10.72 -20.96 -9.93
N PRO C 986 -11.19 -21.31 -8.72
CA PRO C 986 -10.75 -20.59 -7.48
C PRO C 986 -9.25 -20.47 -7.26
N PRO C 987 -8.40 -21.54 -7.42
CA PRO C 987 -6.99 -21.41 -6.98
C PRO C 987 -6.21 -20.23 -7.57
N GLU C 988 -6.37 -19.94 -8.87
CA GLU C 988 -5.82 -18.72 -9.45
C GLU C 988 -6.82 -17.58 -9.46
N ALA C 989 -8.12 -17.90 -9.35
CA ALA C 989 -9.14 -16.87 -9.34
C ALA C 989 -8.95 -15.96 -8.15
N GLU C 990 -8.53 -16.53 -7.01
CA GLU C 990 -8.36 -15.74 -5.79
C GLU C 990 -7.32 -14.65 -6.02
N VAL C 991 -6.22 -15.00 -6.70
CA VAL C 991 -5.15 -14.06 -7.03
C VAL C 991 -5.67 -12.96 -7.96
N GLN C 992 -6.50 -13.37 -8.94
CA GLN C 992 -7.10 -12.39 -9.85
C GLN C 992 -8.06 -11.47 -9.10
N ILE C 993 -8.96 -12.03 -8.30
CA ILE C 993 -9.94 -11.18 -7.65
C ILE C 993 -9.25 -10.31 -6.61
N ASP C 994 -8.24 -10.84 -5.90
CA ASP C 994 -7.50 -10.02 -4.96
C ASP C 994 -6.83 -8.85 -5.66
N ARG C 995 -6.53 -8.99 -6.96
CA ARG C 995 -6.02 -7.86 -7.72
C ARG C 995 -7.13 -6.85 -7.97
N LEU C 996 -8.32 -7.33 -8.34
CA LEU C 996 -9.45 -6.42 -8.53
C LEU C 996 -9.84 -5.73 -7.23
N ILE C 997 -9.89 -6.47 -6.12
CA ILE C 997 -10.26 -5.88 -4.83
C ILE C 997 -9.24 -4.84 -4.40
N THR C 998 -7.94 -5.11 -4.56
CA THR C 998 -6.92 -4.11 -4.25
C THR C 998 -7.04 -2.87 -5.10
N GLY C 999 -7.22 -3.03 -6.42
CA GLY C 999 -7.31 -1.86 -7.27
C GLY C 999 -8.57 -1.06 -7.07
N ARG C 1000 -9.72 -1.74 -7.23
CA ARG C 1000 -11.01 -1.09 -7.10
C ARG C 1000 -11.18 -0.49 -5.71
N LEU C 1001 -10.80 -1.23 -4.66
CA LEU C 1001 -10.94 -0.76 -3.30
C LEU C 1001 -10.05 0.46 -3.05
N GLN C 1002 -8.84 0.47 -3.62
CA GLN C 1002 -7.97 1.64 -3.51
C GLN C 1002 -8.62 2.85 -4.17
N SER C 1003 -9.25 2.63 -5.33
CA SER C 1003 -9.96 3.70 -6.02
C SER C 1003 -11.14 4.18 -5.19
N LEU C 1004 -11.84 3.24 -4.54
CA LEU C 1004 -12.93 3.60 -3.64
C LEU C 1004 -12.41 4.43 -2.47
N GLN C 1005 -11.22 4.08 -1.95
CA GLN C 1005 -10.67 4.82 -0.82
C GLN C 1005 -10.38 6.25 -1.25
N THR C 1006 -9.85 6.40 -2.47
CA THR C 1006 -9.58 7.74 -2.96
C THR C 1006 -10.90 8.51 -3.12
N TYR C 1007 -11.91 7.85 -3.70
CA TYR C 1007 -13.20 8.49 -3.95
C TYR C 1007 -13.85 8.94 -2.65
N VAL C 1008 -13.85 8.08 -1.62
CA VAL C 1008 -14.44 8.43 -0.34
C VAL C 1008 -13.68 9.57 0.32
N THR C 1009 -12.35 9.52 0.32
CA THR C 1009 -11.60 10.61 0.91
C THR C 1009 -11.86 11.93 0.18
N GLN C 1010 -12.04 11.87 -1.14
CA GLN C 1010 -12.52 13.02 -1.91
C GLN C 1010 -13.87 13.50 -1.43
N GLN C 1011 -14.83 12.58 -1.29
CA GLN C 1011 -16.18 12.96 -0.90
C GLN C 1011 -16.20 13.52 0.52
N LEU C 1012 -15.53 12.84 1.44
CA LEU C 1012 -15.47 13.25 2.84
C LEU C 1012 -14.85 14.64 2.99
N ILE C 1013 -13.73 14.91 2.30
CA ILE C 1013 -13.10 16.22 2.36
C ILE C 1013 -14.01 17.27 1.72
N ARG C 1014 -14.60 16.95 0.57
CA ARG C 1014 -15.46 17.91 -0.11
C ARG C 1014 -16.71 18.18 0.72
N ALA C 1015 -17.27 17.15 1.35
CA ALA C 1015 -18.43 17.34 2.23
C ALA C 1015 -18.05 18.18 3.44
N ALA C 1016 -16.81 18.07 3.92
CA ALA C 1016 -16.36 18.97 4.98
C ALA C 1016 -16.34 20.40 4.47
N GLU C 1017 -15.88 20.59 3.23
CA GLU C 1017 -15.87 21.92 2.64
C GLU C 1017 -17.29 22.45 2.52
N ILE C 1018 -18.21 21.58 2.09
CA ILE C 1018 -19.60 21.96 1.94
C ILE C 1018 -20.21 22.33 3.28
N ARG C 1019 -19.99 21.51 4.32
CA ARG C 1019 -20.56 21.83 5.63
C ARG C 1019 -19.98 23.14 6.17
N ALA C 1020 -18.71 23.43 5.87
CA ALA C 1020 -18.15 24.74 6.22
C ALA C 1020 -18.87 25.88 5.52
N SER C 1021 -19.23 25.67 4.24
CA SER C 1021 -20.00 26.67 3.51
C SER C 1021 -21.42 26.75 4.06
N ALA C 1022 -22.03 25.59 4.33
CA ALA C 1022 -23.40 25.53 4.82
C ALA C 1022 -23.53 26.19 6.18
N ASN C 1023 -22.57 25.94 7.09
CA ASN C 1023 -22.53 26.66 8.36
C ASN C 1023 -22.35 28.16 8.14
N LEU C 1024 -21.53 28.54 7.15
CA LEU C 1024 -21.39 29.94 6.78
C LEU C 1024 -22.71 30.51 6.29
N ALA C 1025 -23.41 29.76 5.45
CA ALA C 1025 -24.74 30.14 4.95
C ALA C 1025 -25.76 30.24 6.07
N ALA C 1026 -25.80 29.27 6.97
CA ALA C 1026 -26.71 29.33 8.12
C ALA C 1026 -26.42 30.53 9.00
N THR C 1027 -25.13 30.86 9.16
CA THR C 1027 -24.73 32.09 9.85
C THR C 1027 -25.22 33.32 9.09
N LYS C 1028 -25.09 33.31 7.77
CA LYS C 1028 -25.57 34.43 6.97
C LYS C 1028 -27.08 34.56 7.08
N MET C 1029 -27.79 33.45 6.88
CA MET C 1029 -29.25 33.45 6.93
C MET C 1029 -29.77 33.92 8.28
N SER C 1030 -29.04 33.62 9.37
CA SER C 1030 -29.44 34.06 10.69
C SER C 1030 -29.08 35.53 10.92
N GLU C 1031 -27.87 35.93 10.57
CA GLU C 1031 -27.40 37.27 10.81
C GLU C 1031 -27.73 38.26 9.73
N CYS C 1032 -28.21 37.81 8.58
CA CYS C 1032 -28.46 38.69 7.47
C CYS C 1032 -29.92 38.69 7.06
N VAL C 1033 -30.54 37.51 6.94
CA VAL C 1033 -31.98 37.45 6.69
C VAL C 1033 -32.74 37.64 8.00
N LEU C 1034 -32.53 36.73 8.96
CA LEU C 1034 -33.26 36.74 10.23
C LEU C 1034 -32.93 37.96 11.08
N GLY C 1035 -31.86 38.68 10.79
CA GLY C 1035 -31.53 39.88 11.51
C GLY C 1035 -30.72 40.79 10.61
N GLN C 1036 -30.78 42.09 10.88
CA GLN C 1036 -29.81 43.03 10.33
C GLN C 1036 -28.41 42.83 10.92
N SER C 1037 -27.39 42.93 10.07
CA SER C 1037 -26.00 42.77 10.50
C SER C 1037 -25.17 43.97 10.07
N LYS C 1038 -24.45 44.56 11.01
CA LYS C 1038 -23.55 45.67 10.70
C LYS C 1038 -22.14 45.20 10.32
N ARG C 1039 -21.90 43.89 10.22
CA ARG C 1039 -20.61 43.41 9.75
C ARG C 1039 -20.40 43.78 8.27
N VAL C 1040 -19.29 44.44 7.99
CA VAL C 1040 -19.05 45.02 6.66
C VAL C 1040 -18.68 43.90 5.69
N ASP C 1041 -19.36 43.88 4.52
CA ASP C 1041 -19.07 43.00 3.37
C ASP C 1041 -19.39 41.54 3.65
N PHE C 1042 -19.84 41.19 4.87
CA PHE C 1042 -20.33 39.85 5.14
C PHE C 1042 -21.56 39.53 4.31
N CYS C 1043 -22.31 40.55 3.95
CA CYS C 1043 -23.59 40.46 3.26
C CYS C 1043 -23.58 41.34 2.02
N GLY C 1044 -22.57 41.16 1.18
CA GLY C 1044 -22.48 41.95 -0.03
C GLY C 1044 -21.87 43.30 0.24
N LYS C 1045 -21.22 43.87 -0.78
CA LYS C 1045 -20.48 45.11 -0.63
C LYS C 1045 -21.42 46.25 -0.27
N GLY C 1046 -20.94 47.11 0.64
CA GLY C 1046 -21.70 48.23 1.14
C GLY C 1046 -22.31 47.91 2.50
N TYR C 1047 -22.83 48.97 3.12
CA TYR C 1047 -23.63 48.80 4.34
C TYR C 1047 -24.84 47.94 4.07
N HIS C 1048 -25.19 47.09 5.02
CA HIS C 1048 -26.24 46.09 4.87
C HIS C 1048 -27.56 46.50 5.50
N LEU C 1049 -28.66 46.21 4.79
CA LEU C 1049 -29.98 46.47 5.31
C LEU C 1049 -30.75 45.19 5.64
N MET C 1050 -30.96 44.32 4.65
CA MET C 1050 -31.67 43.06 4.87
C MET C 1050 -31.46 42.18 3.65
N SER C 1051 -31.78 40.90 3.83
CA SER C 1051 -31.51 39.88 2.82
C SER C 1051 -32.71 38.96 2.66
N PHE C 1052 -32.77 38.32 1.49
CA PHE C 1052 -33.85 37.43 1.11
C PHE C 1052 -33.28 36.05 0.82
N PRO C 1053 -33.86 34.98 1.33
CA PRO C 1053 -33.40 33.66 0.91
C PRO C 1053 -34.17 33.24 -0.33
N GLN C 1054 -33.49 32.50 -1.21
CA GLN C 1054 -34.16 31.86 -2.32
C GLN C 1054 -33.64 30.44 -2.48
N SER C 1055 -34.54 29.48 -2.64
CA SER C 1055 -34.09 28.10 -2.75
C SER C 1055 -33.49 27.85 -4.13
N ALA C 1056 -32.61 26.86 -4.18
CA ALA C 1056 -31.99 26.42 -5.42
C ALA C 1056 -31.62 24.96 -5.26
N PRO C 1057 -31.47 24.21 -6.37
CA PRO C 1057 -31.04 22.81 -6.25
C PRO C 1057 -29.70 22.67 -5.54
N HIS C 1058 -29.71 22.05 -4.36
CA HIS C 1058 -28.51 21.79 -3.56
C HIS C 1058 -27.75 23.06 -3.18
N GLY C 1059 -28.46 24.14 -2.93
CA GLY C 1059 -27.82 25.39 -2.50
C GLY C 1059 -28.84 26.48 -2.32
N VAL C 1060 -28.36 27.61 -1.77
CA VAL C 1060 -29.23 28.76 -1.50
C VAL C 1060 -28.61 29.97 -2.19
N VAL C 1061 -29.46 30.82 -2.75
CA VAL C 1061 -29.03 32.07 -3.36
C VAL C 1061 -29.66 33.21 -2.57
N PHE C 1062 -28.82 34.16 -2.17
CA PHE C 1062 -29.26 35.29 -1.36
C PHE C 1062 -29.36 36.55 -2.20
N LEU C 1063 -30.37 37.36 -1.91
CA LEU C 1063 -30.45 38.72 -2.44
C LEU C 1063 -30.15 39.68 -1.30
N HIS C 1064 -29.00 40.32 -1.36
CA HIS C 1064 -28.52 41.22 -0.32
C HIS C 1064 -28.89 42.65 -0.70
N VAL C 1065 -29.71 43.29 0.13
CA VAL C 1065 -30.13 44.66 -0.11
C VAL C 1065 -29.23 45.59 0.68
N THR C 1066 -28.47 46.43 -0.03
CA THR C 1066 -27.36 47.16 0.55
C THR C 1066 -27.47 48.65 0.20
N TYR C 1067 -26.92 49.48 1.08
CA TYR C 1067 -26.91 50.93 0.93
C TYR C 1067 -25.57 51.35 0.37
N VAL C 1068 -25.58 52.08 -0.75
CA VAL C 1068 -24.37 52.52 -1.42
C VAL C 1068 -24.41 54.03 -1.67
N PRO C 1069 -23.50 54.80 -1.09
CA PRO C 1069 -23.45 56.25 -1.38
C PRO C 1069 -23.09 56.55 -2.82
N ALA C 1070 -23.66 57.63 -3.36
CA ALA C 1070 -23.61 57.88 -4.80
C ALA C 1070 -22.83 59.14 -5.19
N GLN C 1071 -23.25 60.33 -4.74
CA GLN C 1071 -22.73 61.61 -5.23
C GLN C 1071 -21.96 62.35 -4.14
N GLU C 1072 -20.64 62.45 -4.30
CA GLU C 1072 -19.79 63.15 -3.34
C GLU C 1072 -19.88 64.67 -3.49
N LYS C 1073 -19.47 65.38 -2.43
CA LYS C 1073 -19.36 66.83 -2.45
C LYS C 1073 -18.35 67.26 -1.39
N ASN C 1074 -17.41 68.13 -1.77
CA ASN C 1074 -16.42 68.61 -0.81
C ASN C 1074 -16.96 69.70 0.11
N PHE C 1075 -16.61 69.60 1.40
CA PHE C 1075 -16.89 70.64 2.38
C PHE C 1075 -15.68 70.84 3.28
N THR C 1076 -15.46 72.09 3.68
CA THR C 1076 -14.47 72.39 4.72
C THR C 1076 -15.01 71.98 6.09
N THR C 1077 -14.14 71.42 6.93
CA THR C 1077 -14.55 70.84 8.19
C THR C 1077 -13.61 71.27 9.31
N ALA C 1078 -14.03 70.99 10.54
CA ALA C 1078 -13.27 71.32 11.73
C ALA C 1078 -13.68 70.32 12.80
N PRO C 1079 -12.76 69.95 13.70
CA PRO C 1079 -13.11 68.96 14.74
C PRO C 1079 -14.22 69.44 15.67
N ALA C 1080 -14.07 70.65 16.20
CA ALA C 1080 -14.95 71.19 17.22
C ALA C 1080 -15.10 72.69 16.96
N ILE C 1081 -16.07 73.31 17.61
CA ILE C 1081 -16.37 74.73 17.43
C ILE C 1081 -16.23 75.45 18.76
N CYS C 1082 -15.35 76.46 18.80
CA CYS C 1082 -15.36 77.40 19.91
C CYS C 1082 -16.50 78.39 19.72
N HIS C 1083 -17.20 78.71 20.81
CA HIS C 1083 -18.19 79.78 20.80
C HIS C 1083 -17.84 80.88 21.79
N ASP C 1084 -17.60 80.51 23.05
CA ASP C 1084 -17.31 81.44 24.14
C ASP C 1084 -16.08 81.00 24.91
N GLY C 1085 -15.15 80.34 24.22
CA GLY C 1085 -14.07 79.63 24.87
C GLY C 1085 -14.37 78.19 25.20
N LYS C 1086 -15.64 77.77 25.15
CA LYS C 1086 -16.01 76.38 25.38
C LYS C 1086 -16.09 75.66 24.04
N ALA C 1087 -15.44 74.51 23.95
CA ALA C 1087 -15.38 73.73 22.72
C ALA C 1087 -16.60 72.83 22.61
N HIS C 1088 -17.30 72.92 21.48
CA HIS C 1088 -18.51 72.15 21.26
C HIS C 1088 -18.18 71.04 20.27
N PHE C 1089 -18.52 69.81 20.64
CA PHE C 1089 -18.34 68.67 19.76
C PHE C 1089 -19.70 68.17 19.29
N PRO C 1090 -19.80 67.58 18.10
CA PRO C 1090 -21.11 67.10 17.62
C PRO C 1090 -21.57 65.89 18.42
N ARG C 1091 -22.82 65.94 18.91
CA ARG C 1091 -23.39 64.77 19.58
C ARG C 1091 -23.52 63.60 18.61
N GLU C 1092 -24.00 63.87 17.39
CA GLU C 1092 -24.01 62.91 16.31
C GLU C 1092 -23.75 63.62 15.00
N GLY C 1093 -22.89 63.04 14.17
CA GLY C 1093 -22.51 63.66 12.91
C GLY C 1093 -21.22 64.45 13.02
N VAL C 1094 -20.96 65.21 11.96
CA VAL C 1094 -19.71 65.96 11.80
C VAL C 1094 -20.03 67.43 11.55
N PHE C 1095 -18.99 68.26 11.63
CA PHE C 1095 -19.09 69.69 11.39
C PHE C 1095 -18.65 69.97 9.96
N VAL C 1096 -19.56 70.48 9.14
CA VAL C 1096 -19.27 70.74 7.73
C VAL C 1096 -19.56 72.20 7.41
N SER C 1097 -18.72 72.77 6.55
CA SER C 1097 -18.91 74.13 6.06
C SER C 1097 -18.98 74.15 4.54
N ASN C 1098 -19.99 74.83 3.99
CA ASN C 1098 -20.06 75.02 2.54
C ASN C 1098 -19.21 76.18 2.04
N GLY C 1099 -18.25 76.66 2.85
CA GLY C 1099 -17.41 77.78 2.51
C GLY C 1099 -17.76 79.07 3.24
N THR C 1100 -19.05 79.30 3.51
CA THR C 1100 -19.49 80.53 4.18
C THR C 1100 -20.29 80.28 5.44
N HIS C 1101 -20.98 79.15 5.56
CA HIS C 1101 -21.78 78.84 6.74
C HIS C 1101 -21.34 77.48 7.29
N TRP C 1102 -21.72 77.20 8.52
CA TRP C 1102 -21.40 75.94 9.17
C TRP C 1102 -22.67 75.17 9.48
N PHE C 1103 -22.67 73.88 9.18
CA PHE C 1103 -23.81 73.01 9.43
C PHE C 1103 -23.33 71.68 9.99
N VAL C 1104 -24.25 70.96 10.64
CA VAL C 1104 -24.01 69.61 11.11
C VAL C 1104 -24.90 68.65 10.33
N THR C 1105 -24.30 67.59 9.81
CA THR C 1105 -25.00 66.63 8.99
C THR C 1105 -24.64 65.22 9.46
N GLN C 1106 -25.57 64.29 9.30
CA GLN C 1106 -25.30 62.91 9.62
C GLN C 1106 -24.26 62.37 8.63
N ARG C 1107 -23.51 61.35 9.06
CA ARG C 1107 -22.20 61.09 8.48
C ARG C 1107 -22.27 60.45 7.09
N ASN C 1108 -23.31 59.69 6.77
CA ASN C 1108 -23.37 58.98 5.50
C ASN C 1108 -24.38 59.54 4.51
N PHE C 1109 -25.00 60.68 4.80
CA PHE C 1109 -25.94 61.32 3.89
C PHE C 1109 -25.99 62.81 4.18
N TYR C 1110 -25.80 63.63 3.14
CA TYR C 1110 -25.73 65.08 3.32
C TYR C 1110 -27.13 65.62 3.58
N GLU C 1111 -27.45 65.84 4.85
CA GLU C 1111 -28.72 66.47 5.25
C GLU C 1111 -28.30 67.53 6.28
N PRO C 1112 -27.77 68.66 5.80
CA PRO C 1112 -27.25 69.66 6.72
C PRO C 1112 -28.36 70.29 7.55
N GLN C 1113 -28.02 70.62 8.79
CA GLN C 1113 -28.87 71.44 9.63
C GLN C 1113 -28.00 72.40 10.41
N ILE C 1114 -28.62 73.50 10.86
CA ILE C 1114 -27.91 74.54 11.59
C ILE C 1114 -27.34 73.94 12.87
N ILE C 1115 -26.29 74.57 13.38
CA ILE C 1115 -25.53 73.97 14.48
C ILE C 1115 -26.36 74.19 15.73
N THR C 1116 -26.72 73.11 16.42
CA THR C 1116 -27.50 73.22 17.64
C THR C 1116 -26.97 72.35 18.77
N THR C 1117 -27.43 72.70 19.97
CA THR C 1117 -27.10 71.98 21.20
C THR C 1117 -27.79 70.63 21.30
N ASP C 1118 -28.81 70.38 20.48
CA ASP C 1118 -29.31 69.01 20.44
C ASP C 1118 -28.35 68.15 19.64
N ASN C 1119 -27.73 68.72 18.61
CA ASN C 1119 -26.75 68.05 17.78
C ASN C 1119 -25.33 68.14 18.33
N THR C 1120 -25.11 68.94 19.38
CA THR C 1120 -23.76 69.17 19.89
C THR C 1120 -23.77 69.13 21.42
N PHE C 1121 -22.66 68.66 21.98
CA PHE C 1121 -22.42 68.65 23.42
C PHE C 1121 -21.15 69.42 23.75
N VAL C 1122 -21.22 70.24 24.80
CA VAL C 1122 -20.09 71.08 25.16
C VAL C 1122 -19.10 70.24 25.95
N SER C 1123 -17.80 70.51 25.78
CA SER C 1123 -16.76 69.87 26.57
C SER C 1123 -15.44 70.63 26.44
N GLY C 1124 -14.76 70.81 27.58
CA GLY C 1124 -13.40 71.34 27.60
C GLY C 1124 -13.28 72.79 27.18
N ASN C 1125 -12.11 73.15 26.69
CA ASN C 1125 -11.85 74.50 26.19
C ASN C 1125 -10.98 74.48 24.94
N CYS C 1126 -10.83 75.68 24.36
CA CYS C 1126 -10.32 75.86 23.01
C CYS C 1126 -8.87 75.43 22.85
N ASP C 1127 -8.00 75.88 23.76
CA ASP C 1127 -6.55 75.88 23.53
C ASP C 1127 -5.97 74.51 23.20
N VAL C 1128 -6.46 73.45 23.86
CA VAL C 1128 -5.83 72.14 23.73
C VAL C 1128 -6.03 71.59 22.33
N VAL C 1129 -7.25 71.66 21.81
CA VAL C 1129 -7.61 71.01 20.55
C VAL C 1129 -7.03 71.77 19.36
N ILE C 1130 -6.22 71.09 18.57
CA ILE C 1130 -5.62 71.67 17.38
C ILE C 1130 -6.63 71.69 16.24
N GLY C 1131 -6.51 72.71 15.38
CA GLY C 1131 -7.37 72.86 14.23
C GLY C 1131 -8.75 73.42 14.48
N ILE C 1132 -9.10 73.73 15.74
CA ILE C 1132 -10.42 74.27 16.04
C ILE C 1132 -10.54 75.69 15.46
N VAL C 1133 -11.74 76.04 15.03
CA VAL C 1133 -12.03 77.33 14.41
C VAL C 1133 -13.20 77.96 15.15
N ASN C 1134 -13.17 79.28 15.28
CA ASN C 1134 -14.28 79.98 15.91
C ASN C 1134 -15.50 79.98 15.00
N ASN C 1135 -16.68 79.88 15.62
CA ASN C 1135 -17.97 80.08 14.96
C ASN C 1135 -19.00 80.27 16.06
N THR C 1136 -20.25 80.43 15.67
CA THR C 1136 -21.36 80.52 16.61
C THR C 1136 -22.11 79.19 16.65
N VAL C 1137 -22.32 78.66 17.85
CA VAL C 1137 -23.17 77.49 18.03
C VAL C 1137 -24.52 77.98 18.50
N TYR C 1138 -25.56 77.66 17.73
CA TYR C 1138 -26.84 78.27 18.01
C TYR C 1138 -27.55 77.34 18.98
N ASP C 1139 -28.20 77.90 19.98
CA ASP C 1139 -28.87 77.07 20.98
C ASP C 1139 -30.36 77.21 20.77
N PRO C 1140 -31.11 76.18 20.33
CA PRO C 1140 -32.57 76.36 20.05
C PRO C 1140 -33.36 76.90 21.24
N LEU C 1141 -32.84 76.66 22.44
CA LEU C 1141 -33.49 77.10 23.65
C LEU C 1141 -33.31 78.60 23.79
N GLN C 1142 -32.22 79.16 23.24
CA GLN C 1142 -32.02 80.62 23.33
C GLN C 1142 -33.14 81.39 22.63
N PRO C 1143 -33.45 81.18 21.33
CA PRO C 1143 -34.62 81.86 20.74
C PRO C 1143 -35.94 81.42 21.35
N GLU C 1144 -36.02 80.18 21.86
CA GLU C 1144 -37.24 79.79 22.57
C GLU C 1144 -37.46 80.59 23.86
N LEU C 1145 -36.41 80.88 24.62
CA LEU C 1145 -36.54 81.76 25.79
C LEU C 1145 -36.64 83.23 25.41
N ASP C 1146 -35.97 83.65 24.34
CA ASP C 1146 -36.08 85.03 23.87
C ASP C 1146 -37.48 85.34 23.38
N SER C 1147 -38.11 84.40 22.68
CA SER C 1147 -39.49 84.55 22.24
C SER C 1147 -40.44 84.51 23.43
N GLN D 1 47.46 -58.41 -4.09
CA GLN D 1 47.26 -57.06 -4.61
C GLN D 1 47.73 -56.12 -3.46
N VAL D 2 46.87 -55.70 -2.53
CA VAL D 2 47.29 -54.77 -1.47
C VAL D 2 48.20 -55.47 -0.48
N GLN D 3 49.30 -54.81 -0.13
CA GLN D 3 50.23 -55.39 0.83
C GLN D 3 51.06 -54.25 1.43
N LEU D 4 51.47 -54.45 2.68
CA LEU D 4 52.38 -53.56 3.40
C LEU D 4 53.65 -54.31 3.79
N VAL D 5 54.79 -53.91 3.23
CA VAL D 5 56.03 -54.66 3.42
C VAL D 5 56.46 -54.59 4.88
N GLN D 6 56.84 -55.74 5.45
CA GLN D 6 57.44 -55.73 6.78
C GLN D 6 58.94 -55.48 6.69
N SER D 7 59.46 -54.80 7.71
CA SER D 7 60.88 -54.49 7.77
C SER D 7 61.64 -55.60 8.49
N GLY D 8 62.95 -55.43 8.59
CA GLY D 8 63.74 -56.31 9.44
C GLY D 8 63.48 -55.96 10.89
N ALA D 9 63.43 -56.98 11.75
CA ALA D 9 62.97 -56.79 13.13
C ALA D 9 63.85 -55.76 13.84
N GLU D 10 63.23 -54.91 14.66
CA GLU D 10 63.96 -53.84 15.33
C GLU D 10 63.99 -53.98 16.84
N VAL D 11 65.13 -53.59 17.43
CA VAL D 11 65.31 -53.49 18.87
C VAL D 11 65.76 -52.06 19.16
N LYS D 12 65.12 -51.41 20.14
CA LYS D 12 65.42 -50.02 20.43
C LYS D 12 65.66 -49.82 21.91
N LYS D 13 66.54 -48.88 22.24
CA LYS D 13 66.72 -48.50 23.63
C LYS D 13 65.48 -47.75 24.11
N PRO D 14 65.07 -47.93 25.38
CA PRO D 14 63.90 -47.21 25.89
C PRO D 14 64.05 -45.69 25.79
N GLY D 15 62.95 -45.04 25.45
CA GLY D 15 62.95 -43.60 25.25
C GLY D 15 63.22 -43.13 23.84
N SER D 16 63.43 -44.05 22.89
CA SER D 16 63.73 -43.68 21.52
C SER D 16 62.44 -43.54 20.72
N SER D 17 62.59 -43.38 19.40
CA SER D 17 61.46 -43.27 18.51
C SER D 17 61.56 -44.34 17.42
N VAL D 18 60.43 -44.95 17.08
CA VAL D 18 60.36 -46.02 16.10
C VAL D 18 59.42 -45.57 14.99
N LYS D 19 59.84 -45.77 13.75
CA LYS D 19 58.98 -45.48 12.60
C LYS D 19 58.62 -46.79 11.90
N VAL D 20 57.32 -47.02 11.74
CA VAL D 20 56.79 -48.24 11.15
C VAL D 20 56.06 -47.84 9.88
N SER D 21 56.36 -48.53 8.79
CA SER D 21 55.72 -48.17 7.53
C SER D 21 54.39 -48.89 7.39
N CYS D 22 53.66 -48.55 6.33
CA CYS D 22 52.44 -49.24 5.97
C CYS D 22 52.24 -48.91 4.49
N LYS D 23 52.58 -49.86 3.62
CA LYS D 23 52.46 -49.67 2.18
C LYS D 23 51.07 -50.02 1.68
N ALA D 24 50.62 -49.27 0.68
CA ALA D 24 49.37 -49.55 -0.03
C ALA D 24 49.70 -49.64 -1.52
N SER D 25 49.41 -50.79 -2.13
CA SER D 25 49.68 -51.02 -3.54
C SER D 25 48.38 -51.52 -4.17
N GLY D 26 47.92 -50.85 -5.21
CA GLY D 26 46.67 -51.36 -5.75
C GLY D 26 45.47 -50.76 -5.04
N GLY D 27 44.35 -50.75 -5.76
CA GLY D 27 43.13 -50.19 -5.20
C GLY D 27 43.18 -48.67 -5.15
N THR D 28 42.10 -48.10 -4.63
CA THR D 28 41.98 -46.65 -4.50
C THR D 28 42.31 -46.19 -3.08
N PHE D 29 43.57 -45.83 -2.86
CA PHE D 29 44.04 -45.39 -1.56
C PHE D 29 43.52 -43.98 -1.28
N SER D 30 43.62 -43.55 -0.02
CA SER D 30 43.24 -42.26 0.56
C SER D 30 41.73 -42.15 0.75
N SER D 31 40.96 -43.14 0.33
CA SER D 31 39.53 -43.14 0.59
C SER D 31 39.18 -43.85 1.88
N TYR D 32 39.84 -44.98 2.15
CA TYR D 32 39.55 -45.74 3.35
C TYR D 32 40.08 -45.00 4.58
N ALA D 33 39.35 -45.13 5.69
CA ALA D 33 39.75 -44.60 7.00
C ALA D 33 40.83 -45.48 7.59
N ILE D 34 42.10 -45.12 7.35
CA ILE D 34 43.20 -45.97 7.76
C ILE D 34 43.35 -45.93 9.27
N SER D 35 43.66 -47.08 9.88
CA SER D 35 43.77 -47.17 11.33
C SER D 35 45.13 -47.76 11.72
N TRP D 36 45.27 -48.24 12.96
CA TRP D 36 46.53 -48.82 13.44
C TRP D 36 46.26 -49.82 14.57
N VAL D 37 47.10 -50.86 14.65
CA VAL D 37 46.91 -51.92 15.65
C VAL D 37 48.28 -52.53 16.05
N ARG D 38 48.29 -53.46 17.00
CA ARG D 38 49.43 -54.27 17.41
C ARG D 38 48.92 -55.44 18.24
N GLN D 39 49.75 -56.47 18.38
CA GLN D 39 49.43 -57.60 19.26
C GLN D 39 50.67 -58.09 20.00
N ALA D 40 50.59 -58.10 21.32
CA ALA D 40 51.66 -58.62 22.15
C ALA D 40 51.72 -60.15 22.08
N PRO D 41 52.92 -60.73 22.22
CA PRO D 41 53.06 -62.20 22.22
C PRO D 41 52.30 -62.86 23.36
N GLY D 42 51.30 -63.66 23.01
CA GLY D 42 50.47 -64.30 24.02
C GLY D 42 49.36 -63.45 24.57
N GLN D 43 49.12 -62.29 23.99
CA GLN D 43 48.07 -61.37 24.41
C GLN D 43 47.29 -60.96 23.17
N GLY D 44 46.04 -60.54 23.37
CA GLY D 44 45.23 -60.16 22.23
C GLY D 44 45.67 -58.83 21.64
N LEU D 45 45.23 -58.58 20.42
CA LEU D 45 45.60 -57.35 19.73
C LEU D 45 44.88 -56.12 20.29
N GLU D 46 45.59 -54.98 20.30
CA GLU D 46 45.06 -53.69 20.74
C GLU D 46 45.22 -52.58 19.72
N TRP D 47 44.15 -51.81 19.54
CA TRP D 47 44.08 -50.65 18.64
C TRP D 47 44.81 -49.43 19.19
N MET D 48 45.43 -48.66 18.29
CA MET D 48 46.10 -47.44 18.70
C MET D 48 45.54 -46.14 18.12
N GLY D 49 45.24 -46.10 16.82
CA GLY D 49 44.91 -44.84 16.19
C GLY D 49 44.05 -44.95 14.95
N ARG D 50 43.61 -43.77 14.48
CA ARG D 50 42.80 -43.63 13.28
C ARG D 50 43.28 -42.39 12.54
N ILE D 51 43.52 -42.52 11.24
CA ILE D 51 44.00 -41.38 10.47
C ILE D 51 43.09 -41.20 9.27
N ILE D 52 42.55 -39.99 9.13
CA ILE D 52 41.76 -39.63 7.97
C ILE D 52 42.73 -38.99 6.99
N SER D 53 43.01 -39.69 5.89
CA SER D 53 44.06 -39.25 4.97
C SER D 53 43.75 -37.90 4.33
N MET D 54 42.49 -37.67 3.97
CA MET D 54 42.13 -36.42 3.29
C MET D 54 42.36 -35.18 4.16
N PHE D 55 41.96 -35.19 5.43
CA PHE D 55 42.23 -34.04 6.30
C PHE D 55 43.44 -34.26 7.22
N GLY D 56 44.15 -35.39 7.08
CA GLY D 56 45.36 -35.65 7.86
C GLY D 56 45.28 -35.43 9.35
N ILE D 57 44.17 -35.83 9.97
CA ILE D 57 43.93 -35.64 11.40
C ILE D 57 43.80 -37.00 12.08
N ALA D 58 44.34 -37.12 13.28
CA ALA D 58 44.38 -38.38 13.99
C ALA D 58 43.97 -38.21 15.44
N ASN D 59 43.52 -39.33 16.03
CA ASN D 59 43.19 -39.43 17.44
C ASN D 59 43.90 -40.62 18.04
N ASN D 60 44.20 -40.54 19.33
CA ASN D 60 44.98 -41.56 20.01
C ASN D 60 44.15 -42.31 21.04
N ALA D 61 44.39 -43.63 21.13
CA ALA D 61 43.71 -44.47 22.10
C ALA D 61 44.08 -44.03 23.52
N GLN D 62 43.09 -44.08 24.43
CA GLN D 62 43.24 -43.62 25.81
C GLN D 62 44.54 -44.10 26.46
N LYS D 63 44.72 -45.42 26.51
CA LYS D 63 45.89 -46.03 27.17
C LYS D 63 47.21 -45.51 26.59
N PHE D 64 47.24 -45.16 25.30
CA PHE D 64 48.44 -44.71 24.61
C PHE D 64 48.39 -43.23 24.23
N GLN D 65 47.38 -42.51 24.69
CA GLN D 65 47.21 -41.09 24.35
C GLN D 65 48.36 -40.27 24.94
N GLY D 66 48.89 -39.35 24.13
CA GLY D 66 50.03 -38.55 24.50
C GLY D 66 51.38 -39.17 24.17
N ARG D 67 51.40 -40.39 23.63
CA ARG D 67 52.64 -41.06 23.27
C ARG D 67 52.73 -41.47 21.81
N LEU D 68 51.61 -41.52 21.08
CA LEU D 68 51.58 -41.93 19.68
C LEU D 68 51.12 -40.79 18.78
N THR D 69 51.89 -40.55 17.72
CA THR D 69 51.58 -39.57 16.69
C THR D 69 51.36 -40.33 15.40
N ILE D 70 50.23 -40.11 14.74
CA ILE D 70 49.89 -40.83 13.51
C ILE D 70 49.66 -39.82 12.39
N THR D 71 50.32 -40.04 11.26
CA THR D 71 50.18 -39.21 10.08
C THR D 71 50.10 -40.12 8.85
N ALA D 72 49.49 -39.60 7.79
CA ALA D 72 49.34 -40.32 6.53
C ALA D 72 49.95 -39.50 5.41
N ASP D 73 50.92 -40.08 4.70
CA ASP D 73 51.60 -39.40 3.60
C ASP D 73 50.92 -39.83 2.31
N THR D 74 50.07 -38.94 1.77
CA THR D 74 49.31 -39.25 0.56
C THR D 74 50.21 -39.38 -0.67
N SER D 75 51.31 -38.63 -0.71
CA SER D 75 52.20 -38.66 -1.88
C SER D 75 52.83 -40.02 -2.08
N THR D 76 53.30 -40.66 -1.01
CA THR D 76 53.90 -41.98 -1.10
C THR D 76 52.91 -43.12 -0.86
N SER D 77 51.63 -42.79 -0.61
CA SER D 77 50.58 -43.75 -0.29
C SER D 77 50.99 -44.64 0.89
N THR D 78 51.44 -43.99 1.96
CA THR D 78 51.96 -44.69 3.12
C THR D 78 51.26 -44.15 4.37
N ALA D 79 51.30 -44.94 5.45
CA ALA D 79 50.82 -44.54 6.76
C ALA D 79 51.97 -44.66 7.75
N TYR D 80 52.20 -43.58 8.51
CA TYR D 80 53.35 -43.46 9.40
C TYR D 80 52.92 -43.42 10.85
N MET D 81 53.81 -43.94 11.71
CA MET D 81 53.61 -43.91 13.16
C MET D 81 54.88 -43.37 13.82
N GLU D 82 54.69 -42.55 14.85
CA GLU D 82 55.79 -42.03 15.67
C GLU D 82 55.46 -42.30 17.12
N LEU D 83 56.31 -43.07 17.79
CA LEU D 83 56.14 -43.39 19.21
C LEU D 83 57.33 -42.89 20.00
N SER D 84 57.07 -42.11 21.04
CA SER D 84 58.11 -41.55 21.88
C SER D 84 57.96 -42.08 23.30
N SER D 85 58.98 -41.79 24.12
CA SER D 85 59.04 -42.19 25.54
C SER D 85 58.84 -43.71 25.70
N LEU D 86 59.58 -44.47 24.90
CA LEU D 86 59.53 -45.93 24.98
C LEU D 86 60.07 -46.45 26.30
N ARG D 87 59.42 -47.49 26.83
CA ARG D 87 59.83 -48.15 28.06
C ARG D 87 60.06 -49.63 27.78
N SER D 88 60.40 -50.36 28.85
CA SER D 88 60.69 -51.78 28.74
C SER D 88 59.47 -52.61 28.32
N GLU D 89 58.30 -52.30 28.87
CA GLU D 89 57.12 -53.11 28.57
C GLU D 89 56.57 -52.89 27.16
N ASP D 90 57.00 -51.82 26.48
CA ASP D 90 56.39 -51.48 25.20
C ASP D 90 56.81 -52.41 24.05
N THR D 91 57.78 -53.30 24.28
CA THR D 91 58.24 -54.15 23.20
C THR D 91 57.18 -55.22 22.86
N ALA D 92 56.87 -55.33 21.57
CA ALA D 92 55.89 -56.25 21.01
C ALA D 92 55.96 -56.10 19.49
N VAL D 93 55.29 -57.00 18.79
CA VAL D 93 55.17 -56.87 17.34
C VAL D 93 53.99 -55.95 17.05
N TYR D 94 54.14 -55.12 16.02
CA TYR D 94 53.22 -54.04 15.69
C TYR D 94 52.67 -54.31 14.29
N TYR D 95 51.37 -54.10 14.12
CA TYR D 95 50.73 -54.35 12.83
C TYR D 95 50.21 -53.03 12.29
N CYS D 96 49.58 -53.08 11.12
CA CYS D 96 48.98 -51.91 10.51
C CYS D 96 47.58 -52.29 10.08
N ALA D 97 46.70 -51.30 10.03
CA ALA D 97 45.30 -51.57 9.76
C ALA D 97 44.74 -50.61 8.74
N ARG D 98 43.64 -51.04 8.11
CA ARG D 98 42.91 -50.21 7.15
C ARG D 98 41.42 -50.58 7.26
N GLY D 99 40.73 -50.85 6.15
CA GLY D 99 39.30 -51.06 6.15
C GLY D 99 38.54 -49.75 6.23
N PRO D 100 37.44 -49.68 5.49
CA PRO D 100 36.70 -48.43 5.31
C PRO D 100 35.59 -48.06 6.26
N TYR D 101 35.65 -46.83 6.75
CA TYR D 101 34.56 -46.24 7.51
C TYR D 101 34.02 -45.10 6.67
N TYR D 102 32.82 -45.26 6.12
CA TYR D 102 32.42 -44.12 5.34
C TYR D 102 31.33 -43.48 6.17
N TYR D 103 30.47 -42.66 5.57
CA TYR D 103 29.53 -41.90 6.43
C TYR D 103 28.09 -42.35 6.20
N ASP D 104 27.55 -43.10 7.17
CA ASP D 104 26.15 -43.63 7.06
C ASP D 104 26.18 -44.80 6.08
N SER D 105 27.37 -45.22 5.65
CA SER D 105 27.50 -46.39 4.74
C SER D 105 27.64 -47.67 5.57
N GLY D 106 27.90 -47.52 6.87
CA GLY D 106 28.10 -48.70 7.74
C GLY D 106 29.44 -49.35 7.47
N GLY D 107 29.61 -50.61 7.87
CA GLY D 107 30.86 -51.35 7.59
C GLY D 107 32.07 -50.62 8.15
N TYR D 108 31.94 -50.02 9.34
CA TYR D 108 33.02 -49.21 9.94
C TYR D 108 34.27 -50.09 10.10
N TYR D 109 34.09 -51.35 10.52
CA TYR D 109 35.25 -52.22 10.79
C TYR D 109 35.44 -53.21 9.65
N LEU D 110 36.67 -53.30 9.11
CA LEU D 110 36.97 -54.24 8.00
C LEU D 110 38.45 -54.64 8.07
N ASP D 111 38.85 -55.69 7.34
CA ASP D 111 40.23 -56.23 7.43
C ASP D 111 41.25 -55.36 6.66
N TYR D 112 41.66 -55.79 5.47
CA TYR D 112 42.74 -55.11 4.72
C TYR D 112 44.01 -54.97 5.57
N TRP D 113 44.29 -55.96 6.43
CA TRP D 113 45.52 -55.88 7.22
C TRP D 113 46.72 -56.52 6.51
N GLY D 114 47.92 -56.20 7.00
CA GLY D 114 49.18 -56.76 6.52
C GLY D 114 49.71 -57.89 7.40
N GLN D 115 51.03 -57.93 7.55
CA GLN D 115 51.74 -58.99 8.26
C GLN D 115 52.46 -58.55 9.55
N GLY D 116 52.87 -57.29 9.68
CA GLY D 116 53.70 -56.89 10.81
C GLY D 116 54.42 -55.57 10.52
N THR D 117 55.56 -55.38 11.20
CA THR D 117 56.33 -54.14 11.04
C THR D 117 57.35 -54.14 9.92
N ILE E 2 34.74 -51.86 29.09
CA ILE E 2 33.90 -52.91 28.53
C ILE E 2 34.67 -54.24 28.52
N VAL E 3 33.98 -55.33 28.84
CA VAL E 3 34.56 -56.67 28.80
C VAL E 3 33.73 -57.54 27.86
N LEU E 4 34.38 -58.17 26.89
CA LEU E 4 33.67 -58.99 25.90
C LEU E 4 33.74 -60.44 26.35
N THR E 5 32.70 -60.91 27.03
CA THR E 5 32.71 -62.25 27.60
C THR E 5 32.28 -63.27 26.55
N GLN E 6 33.16 -64.21 26.22
CA GLN E 6 32.87 -65.16 25.15
C GLN E 6 32.46 -66.51 25.75
N SER E 7 31.99 -67.41 24.90
CA SER E 7 31.69 -68.77 25.30
C SER E 7 32.49 -69.74 24.45
N PRO E 8 33.25 -70.66 25.07
CA PRO E 8 34.04 -70.39 26.28
C PRO E 8 35.42 -69.89 25.90
N GLY E 9 36.40 -69.94 26.80
CA GLY E 9 37.75 -69.58 26.39
C GLY E 9 38.28 -70.48 25.29
N THR E 10 38.04 -71.78 25.42
CA THR E 10 38.35 -72.78 24.40
C THR E 10 37.30 -73.87 24.52
N LEU E 11 36.75 -74.31 23.39
CA LEU E 11 35.84 -75.46 23.37
C LEU E 11 36.52 -76.62 22.66
N SER E 12 36.79 -77.71 23.40
CA SER E 12 37.46 -78.85 22.78
C SER E 12 36.43 -79.78 22.13
N LEU E 13 36.10 -79.48 20.88
CA LEU E 13 35.08 -80.21 20.12
C LEU E 13 35.64 -80.76 18.82
N SER E 14 35.33 -82.03 18.54
CA SER E 14 35.68 -82.65 17.26
C SER E 14 34.84 -82.02 16.16
N PRO E 15 35.27 -82.06 14.89
CA PRO E 15 34.55 -81.34 13.83
C PRO E 15 33.10 -81.74 13.57
N GLY E 16 32.32 -80.75 13.10
CA GLY E 16 30.91 -80.83 12.77
C GLY E 16 29.85 -80.30 13.73
N GLU E 17 30.18 -79.85 14.94
CA GLU E 17 29.11 -79.40 15.84
C GLU E 17 28.52 -78.08 15.38
N ARG E 18 27.27 -77.86 15.74
CA ARG E 18 26.64 -76.56 15.51
C ARG E 18 27.09 -75.73 16.71
N ALA E 19 28.08 -74.87 16.46
CA ALA E 19 28.81 -74.12 17.48
C ALA E 19 28.37 -72.66 17.59
N THR E 20 27.82 -72.29 18.73
CA THR E 20 27.50 -70.88 18.99
C THR E 20 28.67 -70.25 19.73
N LEU E 21 29.54 -69.55 19.01
CA LEU E 21 30.67 -68.81 19.59
C LEU E 21 30.22 -67.41 20.05
N SER E 22 29.46 -67.39 21.14
CA SER E 22 28.87 -66.17 21.67
C SER E 22 29.93 -65.15 22.14
N CYS E 23 29.47 -63.91 22.34
CA CYS E 23 30.27 -62.81 22.87
C CYS E 23 29.32 -61.91 23.66
N ARG E 24 29.62 -61.64 24.94
CA ARG E 24 28.67 -60.86 25.76
C ARG E 24 29.32 -59.58 26.29
N ALA E 25 29.03 -58.44 25.67
CA ALA E 25 29.56 -57.14 26.15
C ALA E 25 28.87 -56.80 27.49
N SER E 26 29.61 -56.16 28.41
CA SER E 26 29.04 -55.81 29.74
C SER E 26 27.87 -54.84 29.56
N GLN E 27 27.98 -53.88 28.64
CA GLN E 27 26.91 -52.88 28.43
C GLN E 27 26.38 -53.02 26.99
N SER E 28 25.14 -52.58 26.74
CA SER E 28 24.55 -52.78 25.39
C SER E 28 25.42 -52.07 24.35
N VAL E 29 25.76 -52.75 23.26
CA VAL E 29 26.69 -52.16 22.27
C VAL E 29 26.01 -52.00 20.90
N GLY E 30 24.68 -52.00 20.83
CA GLY E 30 23.98 -51.78 19.55
C GLY E 30 23.80 -53.08 18.79
N SER E 31 22.66 -53.28 18.13
CA SER E 31 22.40 -54.57 17.50
C SER E 31 22.89 -54.71 16.07
N GLY E 32 23.65 -53.74 15.57
CA GLY E 32 24.32 -53.81 14.29
C GLY E 32 25.74 -53.38 14.55
N TYR E 33 26.15 -53.51 15.81
CA TYR E 33 27.38 -52.93 16.32
C TYR E 33 28.25 -53.91 17.14
N LEU E 34 28.77 -54.94 16.45
CA LEU E 34 29.76 -55.86 17.00
C LEU E 34 30.31 -56.64 15.81
N ALA E 35 31.55 -57.12 15.95
CA ALA E 35 32.24 -57.77 14.83
C ALA E 35 33.24 -58.81 15.35
N TRP E 36 33.45 -59.84 14.53
CA TRP E 36 34.28 -61.00 14.84
C TRP E 36 35.41 -61.14 13.83
N TYR E 37 36.62 -61.44 14.30
CA TYR E 37 37.80 -61.54 13.45
C TYR E 37 38.42 -62.92 13.65
N GLN E 38 38.88 -63.54 12.55
CA GLN E 38 39.54 -64.85 12.57
C GLN E 38 41.03 -64.80 12.23
N GLN E 39 41.88 -65.13 13.21
CA GLN E 39 43.32 -65.13 13.01
C GLN E 39 43.83 -66.53 12.65
N ARG E 40 44.47 -66.66 11.49
CA ARG E 40 45.06 -67.93 11.11
C ARG E 40 46.33 -68.14 11.95
N PRO E 41 46.80 -69.39 12.11
CA PRO E 41 47.98 -69.63 12.96
C PRO E 41 49.20 -68.84 12.49
N GLY E 42 49.81 -68.12 13.42
CA GLY E 42 50.98 -67.28 13.12
C GLY E 42 50.73 -66.29 12.00
N GLN E 43 49.59 -65.63 12.01
CA GLN E 43 49.20 -64.74 10.92
C GLN E 43 48.53 -63.52 11.57
N ALA E 44 47.74 -62.77 10.81
CA ALA E 44 46.93 -61.60 11.03
C ALA E 44 45.45 -61.96 10.91
N PRO E 45 44.60 -61.46 11.78
CA PRO E 45 43.19 -61.87 11.77
C PRO E 45 42.46 -61.45 10.50
N ARG E 46 41.40 -62.20 10.18
CA ARG E 46 40.58 -62.00 9.00
C ARG E 46 39.12 -61.81 9.41
N LEU E 47 38.51 -60.73 8.94
CA LEU E 47 37.11 -60.43 9.26
C LEU E 47 36.18 -61.50 8.68
N LEU E 48 35.18 -61.90 9.48
CA LEU E 48 34.21 -62.88 8.99
C LEU E 48 32.78 -62.37 9.06
N ILE E 49 32.42 -61.65 10.12
CA ILE E 49 31.07 -61.12 10.29
C ILE E 49 31.19 -59.67 10.75
N TYR E 50 30.38 -58.79 10.18
CA TYR E 50 30.42 -57.40 10.58
C TYR E 50 29.01 -56.96 10.96
N GLY E 51 28.96 -55.85 11.70
CA GLY E 51 27.71 -55.24 12.15
C GLY E 51 26.69 -56.18 12.77
N ALA E 52 27.16 -57.15 13.56
CA ALA E 52 26.38 -58.04 14.43
C ALA E 52 25.53 -59.06 13.68
N SER E 53 24.91 -58.66 12.57
CA SER E 53 23.99 -59.54 11.84
C SER E 53 24.06 -59.26 10.34
N SER E 54 24.64 -58.12 9.98
CA SER E 54 24.91 -57.70 8.61
C SER E 54 25.97 -58.57 7.93
N ARG E 55 25.56 -59.64 7.25
CA ARG E 55 26.47 -60.65 6.72
C ARG E 55 27.55 -60.00 5.86
N ALA E 56 28.82 -60.28 6.18
CA ALA E 56 29.92 -59.70 5.43
C ALA E 56 29.95 -60.24 4.01
N THR E 57 30.17 -59.35 3.04
CA THR E 57 30.25 -59.75 1.65
C THR E 57 31.53 -60.54 1.38
N GLY E 58 31.44 -61.45 0.41
CA GLY E 58 32.58 -62.29 0.07
C GLY E 58 32.79 -63.49 0.95
N ILE E 59 31.82 -63.86 1.77
CA ILE E 59 32.03 -64.92 2.76
C ILE E 59 30.93 -65.97 2.67
N PRO E 60 31.26 -67.26 2.82
CA PRO E 60 30.24 -68.30 2.79
C PRO E 60 29.34 -68.23 4.02
N ASP E 61 28.12 -68.75 3.84
CA ASP E 61 27.09 -68.71 4.88
C ASP E 61 27.39 -69.44 6.19
N ARG E 62 28.21 -70.52 6.18
CA ARG E 62 28.53 -71.22 7.44
C ARG E 62 28.89 -70.38 8.68
N PHE E 63 29.46 -69.18 8.53
CA PHE E 63 29.72 -68.33 9.68
C PHE E 63 28.63 -67.26 9.69
N SER E 64 28.04 -67.01 10.86
CA SER E 64 26.87 -66.15 10.94
C SER E 64 26.72 -65.59 12.35
N GLY E 65 26.70 -64.27 12.49
CA GLY E 65 26.65 -63.64 13.80
C GLY E 65 25.21 -63.30 14.14
N SER E 66 24.88 -63.38 15.43
CA SER E 66 23.56 -63.06 15.94
C SER E 66 23.66 -62.49 17.35
N GLY E 67 22.49 -62.20 17.93
CA GLY E 67 22.40 -61.65 19.25
C GLY E 67 22.12 -60.16 19.24
N SER E 68 21.78 -59.66 20.42
CA SER E 68 21.45 -58.26 20.61
C SER E 68 21.36 -57.98 22.11
N GLY E 69 21.54 -56.70 22.44
CA GLY E 69 21.40 -56.20 23.80
C GLY E 69 22.64 -56.36 24.65
N THR E 70 22.66 -57.38 25.52
CA THR E 70 23.81 -57.67 26.37
C THR E 70 24.48 -59.00 26.02
N ASP E 71 23.83 -59.84 25.20
CA ASP E 71 24.29 -61.17 24.84
C ASP E 71 24.30 -61.24 23.32
N PHE E 72 25.46 -61.52 22.73
CA PHE E 72 25.53 -61.62 21.27
C PHE E 72 26.12 -62.99 20.96
N THR E 73 25.83 -63.50 19.77
CA THR E 73 26.24 -64.84 19.39
C THR E 73 26.82 -64.91 17.98
N LEU E 74 27.94 -65.61 17.82
CA LEU E 74 28.41 -66.00 16.50
C LEU E 74 28.16 -67.50 16.34
N THR E 75 27.53 -67.86 15.23
CA THR E 75 27.07 -69.21 14.96
C THR E 75 27.91 -69.83 13.86
N ILE E 76 28.35 -71.06 14.08
CA ILE E 76 28.94 -71.88 13.03
C ILE E 76 27.97 -73.01 12.71
N SER E 77 27.37 -72.97 11.53
CA SER E 77 26.29 -73.90 11.24
C SER E 77 26.82 -75.29 10.91
N ARG E 78 27.87 -75.37 10.10
CA ARG E 78 28.47 -76.63 9.65
C ARG E 78 29.99 -76.53 9.82
N LEU E 79 30.50 -76.99 10.96
CA LEU E 79 31.94 -76.92 11.20
C LEU E 79 32.71 -77.74 10.16
N GLU E 80 33.80 -77.18 9.66
CA GLU E 80 34.58 -77.88 8.65
C GLU E 80 36.01 -78.05 9.16
N PRO E 81 36.86 -78.89 8.54
CA PRO E 81 38.23 -79.09 9.08
C PRO E 81 39.07 -77.81 9.09
N GLU E 82 38.90 -76.96 8.08
CA GLU E 82 39.63 -75.70 7.98
C GLU E 82 39.07 -74.60 8.85
N ASP E 83 38.06 -74.86 9.67
CA ASP E 83 37.47 -73.80 10.49
C ASP E 83 38.12 -73.69 11.87
N PHE E 84 38.99 -74.63 12.22
CA PHE E 84 39.73 -74.56 13.48
C PHE E 84 40.77 -73.45 13.42
N ALA E 85 40.68 -72.52 14.38
CA ALA E 85 41.33 -71.21 14.33
C ALA E 85 41.01 -70.45 15.60
N VAL E 86 41.58 -69.26 15.77
CA VAL E 86 41.24 -68.41 16.90
C VAL E 86 40.39 -67.25 16.42
N TYR E 87 39.33 -66.96 17.18
CA TYR E 87 38.34 -65.96 16.85
C TYR E 87 38.27 -64.90 17.95
N TYR E 88 38.18 -63.64 17.54
CA TYR E 88 38.18 -62.52 18.45
C TYR E 88 36.93 -61.71 18.15
N CYS E 89 36.13 -61.37 19.17
CA CYS E 89 35.10 -60.38 18.91
C CYS E 89 35.67 -58.97 19.09
N GLN E 90 34.88 -57.97 18.68
CA GLN E 90 35.36 -56.60 18.60
C GLN E 90 34.22 -55.62 18.76
N GLN E 91 34.34 -54.74 19.76
CA GLN E 91 33.34 -53.72 20.01
C GLN E 91 33.25 -52.77 18.82
N TYR E 92 32.04 -52.44 18.44
CA TYR E 92 31.86 -51.65 17.24
C TYR E 92 31.09 -50.37 17.55
N ALA E 93 30.47 -50.27 18.72
CA ALA E 93 29.78 -49.01 19.07
C ALA E 93 30.79 -47.90 19.41
N GLY E 94 30.42 -47.02 20.35
CA GLY E 94 31.31 -45.90 20.72
C GLY E 94 32.52 -46.36 21.50
N SER E 95 33.55 -45.51 21.63
CA SER E 95 34.77 -45.82 22.42
C SER E 95 35.81 -46.53 21.55
N PRO E 96 37.07 -46.73 22.00
CA PRO E 96 38.12 -47.32 21.15
C PRO E 96 37.81 -48.79 20.79
N ARG E 97 38.37 -49.25 19.67
CA ARG E 97 38.16 -50.67 19.30
C ARG E 97 38.73 -51.52 20.44
N THR E 98 37.95 -52.48 20.93
CA THR E 98 38.38 -53.33 22.08
C THR E 98 38.23 -54.79 21.68
N PHE E 99 39.24 -55.62 21.98
CA PHE E 99 39.18 -57.04 21.55
C PHE E 99 39.05 -57.97 22.75
N GLY E 100 38.28 -59.06 22.62
CA GLY E 100 38.15 -60.06 23.66
C GLY E 100 39.45 -60.78 23.97
N GLN E 101 39.49 -61.55 25.07
CA GLN E 101 40.73 -62.24 25.41
C GLN E 101 41.03 -63.38 24.43
N GLY E 102 40.09 -63.70 23.54
CA GLY E 102 40.25 -64.67 22.48
C GLY E 102 39.68 -66.04 22.75
N THR E 103 39.14 -66.67 21.71
CA THR E 103 38.67 -68.04 21.79
C THR E 103 39.43 -68.87 20.75
N ARG E 104 40.17 -69.86 21.24
CA ARG E 104 40.92 -70.79 20.39
C ARG E 104 40.04 -72.03 20.19
N LEU E 105 39.73 -72.34 18.94
CA LEU E 105 38.94 -73.52 18.59
C LEU E 105 39.86 -74.69 18.25
N GLU E 106 39.81 -75.74 19.06
CA GLU E 106 40.66 -76.90 18.88
C GLU E 106 39.80 -78.09 18.48
N ILE E 107 40.47 -79.13 18.01
CA ILE E 107 39.79 -80.35 17.57
C ILE E 107 39.52 -81.27 18.77
N GLN F 1 27.18 -50.32 -51.47
CA GLN F 1 25.95 -49.83 -50.85
C GLN F 1 25.56 -48.55 -51.61
N VAL F 2 26.02 -47.38 -51.16
CA VAL F 2 25.65 -46.13 -51.82
C VAL F 2 26.41 -46.03 -53.14
N GLN F 3 25.71 -45.67 -54.21
CA GLN F 3 26.40 -45.53 -55.49
C GLN F 3 25.62 -44.63 -56.43
N LEU F 4 26.39 -44.00 -57.31
CA LEU F 4 25.92 -43.16 -58.42
C LEU F 4 26.38 -43.80 -59.72
N VAL F 5 25.42 -44.14 -60.58
CA VAL F 5 25.65 -44.91 -61.81
C VAL F 5 26.55 -44.13 -62.77
N GLN F 6 27.49 -44.85 -63.40
CA GLN F 6 28.32 -44.25 -64.43
C GLN F 6 27.59 -44.21 -65.77
N SER F 7 27.83 -43.15 -66.53
CA SER F 7 27.17 -42.98 -67.81
C SER F 7 28.03 -43.54 -68.93
N GLY F 8 27.50 -43.52 -70.14
CA GLY F 8 28.31 -43.78 -71.32
C GLY F 8 29.10 -42.52 -71.64
N ALA F 9 30.35 -42.71 -72.10
CA ALA F 9 31.27 -41.58 -72.25
C ALA F 9 30.68 -40.59 -73.25
N GLU F 10 30.81 -39.29 -72.98
CA GLU F 10 30.20 -38.32 -73.88
C GLU F 10 31.18 -37.39 -74.58
N VAL F 11 30.82 -37.08 -75.83
CA VAL F 11 31.46 -36.09 -76.68
C VAL F 11 30.36 -35.13 -77.11
N LYS F 12 30.59 -33.83 -77.00
CA LYS F 12 29.52 -32.89 -77.34
C LYS F 12 29.99 -31.80 -78.29
N LYS F 13 29.07 -31.39 -79.15
CA LYS F 13 29.30 -30.27 -80.05
C LYS F 13 29.30 -28.94 -79.29
N PRO F 14 30.15 -27.98 -79.69
CA PRO F 14 30.14 -26.67 -79.05
C PRO F 14 28.80 -25.94 -79.16
N GLY F 15 28.42 -25.27 -78.07
CA GLY F 15 27.18 -24.52 -77.98
C GLY F 15 25.95 -25.26 -77.50
N SER F 16 26.03 -26.56 -77.21
CA SER F 16 24.84 -27.29 -76.79
C SER F 16 24.72 -27.27 -75.26
N SER F 17 23.77 -28.06 -74.74
CA SER F 17 23.54 -28.21 -73.31
C SER F 17 23.62 -29.68 -72.93
N VAL F 18 24.24 -30.00 -71.79
CA VAL F 18 24.42 -31.38 -71.37
C VAL F 18 23.76 -31.57 -70.00
N LYS F 19 23.03 -32.67 -69.85
CA LYS F 19 22.44 -33.04 -68.57
C LYS F 19 23.09 -34.32 -68.04
N VAL F 20 23.64 -34.25 -66.83
CA VAL F 20 24.36 -35.35 -66.21
C VAL F 20 23.61 -35.72 -64.93
N SER F 21 23.34 -36.99 -64.75
CA SER F 21 22.59 -37.46 -63.59
C SER F 21 23.49 -37.75 -62.40
N CYS F 22 22.84 -38.07 -61.27
CA CYS F 22 23.53 -38.53 -60.06
C CYS F 22 22.48 -39.27 -59.23
N LYS F 23 22.55 -40.59 -59.23
CA LYS F 23 21.66 -41.46 -58.48
C LYS F 23 22.12 -41.67 -57.04
N ALA F 24 21.17 -41.74 -56.12
CA ALA F 24 21.45 -42.09 -54.73
C ALA F 24 20.57 -43.28 -54.38
N SER F 25 21.22 -44.38 -54.00
CA SER F 25 20.55 -45.63 -53.66
C SER F 25 21.06 -46.11 -52.32
N GLY F 26 20.16 -46.36 -51.37
CA GLY F 26 20.59 -46.83 -50.08
C GLY F 26 20.89 -45.69 -49.12
N GLY F 27 20.85 -46.02 -47.84
CA GLY F 27 21.11 -45.04 -46.82
C GLY F 27 19.94 -44.11 -46.59
N THR F 28 20.16 -43.13 -45.72
CA THR F 28 19.14 -42.16 -45.35
C THR F 28 19.27 -40.85 -46.14
N PHE F 29 18.53 -40.80 -47.25
CA PHE F 29 18.55 -39.67 -48.17
C PHE F 29 17.77 -38.49 -47.56
N SER F 30 17.95 -37.31 -48.16
CA SER F 30 17.34 -35.99 -47.90
C SER F 30 17.94 -35.32 -46.67
N SER F 31 18.90 -35.93 -46.00
CA SER F 31 19.60 -35.27 -44.90
C SER F 31 21.02 -34.91 -45.28
N TYR F 32 21.41 -35.14 -46.54
CA TYR F 32 22.75 -34.87 -47.02
C TYR F 32 22.79 -33.63 -47.90
N ALA F 33 23.90 -32.89 -47.80
CA ALA F 33 24.18 -31.73 -48.63
C ALA F 33 24.81 -32.15 -49.97
N ILE F 34 24.00 -32.79 -50.82
CA ILE F 34 24.53 -33.29 -52.09
C ILE F 34 25.07 -32.11 -52.89
N SER F 35 26.26 -32.29 -53.46
CA SER F 35 26.92 -31.21 -54.19
C SER F 35 27.36 -31.64 -55.59
N TRP F 36 28.16 -30.81 -56.26
CA TRP F 36 28.62 -31.15 -57.60
C TRP F 36 30.06 -30.72 -57.83
N VAL F 37 30.90 -31.67 -58.25
CA VAL F 37 32.32 -31.43 -58.48
C VAL F 37 32.70 -32.05 -59.82
N ARG F 38 33.84 -31.62 -60.36
CA ARG F 38 34.35 -32.19 -61.60
C ARG F 38 35.87 -32.12 -61.61
N GLN F 39 36.49 -32.94 -62.45
CA GLN F 39 37.93 -32.87 -62.65
C GLN F 39 38.25 -33.07 -64.13
N ALA F 40 38.92 -32.08 -64.72
CA ALA F 40 39.38 -32.18 -66.09
C ALA F 40 40.55 -33.16 -66.20
N PRO F 41 40.70 -33.84 -67.36
CA PRO F 41 41.82 -34.77 -67.54
C PRO F 41 43.18 -34.09 -67.44
N GLY F 42 43.95 -34.49 -66.43
CA GLY F 42 45.25 -33.91 -66.14
C GLY F 42 45.24 -32.66 -65.28
N GLN F 43 44.09 -32.30 -64.70
CA GLN F 43 43.96 -31.14 -63.84
C GLN F 43 43.24 -31.56 -62.57
N GLY F 44 43.44 -30.77 -61.51
CA GLY F 44 42.81 -31.09 -60.24
C GLY F 44 41.31 -30.85 -60.27
N LEU F 45 40.64 -31.41 -59.28
CA LEU F 45 39.19 -31.31 -59.19
C LEU F 45 38.72 -29.90 -58.83
N GLU F 46 37.59 -29.47 -59.43
CA GLU F 46 36.99 -28.18 -59.13
C GLU F 46 35.51 -28.31 -58.80
N TRP F 47 35.09 -27.64 -57.72
CA TRP F 47 33.71 -27.58 -57.27
C TRP F 47 32.81 -26.66 -58.09
N MET F 48 31.53 -27.07 -58.28
CA MET F 48 30.57 -26.24 -59.00
C MET F 48 29.37 -25.79 -58.16
N GLY F 49 28.75 -26.68 -57.37
CA GLY F 49 27.53 -26.33 -56.68
C GLY F 49 27.32 -27.09 -55.38
N ARG F 50 26.34 -26.62 -54.61
CA ARG F 50 25.97 -27.19 -53.32
C ARG F 50 24.45 -27.14 -53.14
N ILE F 51 23.86 -28.26 -52.72
CA ILE F 51 22.41 -28.37 -52.63
C ILE F 51 21.98 -28.82 -51.24
N ILE F 52 21.12 -28.04 -50.60
CA ILE F 52 20.47 -28.46 -49.36
C ILE F 52 19.14 -29.05 -49.82
N SER F 53 19.00 -30.37 -49.65
CA SER F 53 17.87 -31.10 -50.22
C SER F 53 16.50 -30.65 -49.68
N MET F 54 16.40 -30.34 -48.39
CA MET F 54 15.10 -30.01 -47.81
C MET F 54 14.46 -28.78 -48.45
N PHE F 55 15.22 -27.71 -48.63
CA PHE F 55 14.67 -26.50 -49.24
C PHE F 55 15.03 -26.39 -50.73
N GLY F 56 15.69 -27.40 -51.28
CA GLY F 56 16.00 -27.47 -52.71
C GLY F 56 16.60 -26.22 -53.33
N ILE F 57 17.54 -25.58 -52.63
CA ILE F 57 18.13 -24.34 -53.07
C ILE F 57 19.62 -24.61 -53.31
N ALA F 58 20.16 -24.02 -54.37
CA ALA F 58 21.53 -24.27 -54.76
C ALA F 58 22.25 -22.98 -55.05
N ASN F 59 23.58 -23.03 -54.95
CA ASN F 59 24.45 -21.93 -55.27
C ASN F 59 25.51 -22.42 -56.23
N ASN F 60 26.00 -21.51 -57.07
CA ASN F 60 26.95 -21.84 -58.12
C ASN F 60 28.30 -21.21 -57.83
N ALA F 61 29.35 -21.97 -58.13
CA ALA F 61 30.71 -21.51 -57.92
C ALA F 61 30.98 -20.29 -58.81
N GLN F 62 31.73 -19.33 -58.26
CA GLN F 62 32.05 -18.07 -58.93
C GLN F 62 32.48 -18.28 -60.38
N LYS F 63 33.52 -19.10 -60.60
CA LYS F 63 34.07 -19.34 -61.94
C LYS F 63 33.00 -19.84 -62.91
N PHE F 64 31.98 -20.55 -62.41
CA PHE F 64 30.92 -21.13 -63.21
C PHE F 64 29.58 -20.42 -62.99
N GLN F 65 29.59 -19.31 -62.26
CA GLN F 65 28.38 -18.54 -61.98
C GLN F 65 27.80 -17.94 -63.25
N GLY F 66 26.48 -18.05 -63.41
CA GLY F 66 25.81 -17.60 -64.62
C GLY F 66 25.73 -18.61 -65.75
N ARG F 67 26.28 -19.80 -65.59
CA ARG F 67 26.22 -20.82 -66.63
C ARG F 67 25.59 -22.13 -66.17
N LEU F 68 25.50 -22.38 -64.87
CA LEU F 68 24.96 -23.61 -64.31
C LEU F 68 23.70 -23.40 -63.50
N THR F 69 22.67 -24.19 -63.80
CA THR F 69 21.42 -24.21 -63.04
C THR F 69 21.41 -25.63 -62.48
N ILE F 70 21.29 -25.74 -61.16
CA ILE F 70 21.34 -27.04 -60.50
C ILE F 70 20.09 -27.24 -59.65
N THR F 71 19.45 -28.40 -59.80
CA THR F 71 18.25 -28.74 -59.03
C THR F 71 18.34 -30.18 -58.54
N ALA F 72 17.62 -30.46 -57.45
CA ALA F 72 17.58 -31.78 -56.85
C ALA F 72 16.14 -32.27 -56.75
N ASP F 73 15.87 -33.43 -57.34
CA ASP F 73 14.52 -34.01 -57.36
C ASP F 73 14.42 -35.00 -56.19
N THR F 74 13.76 -34.56 -55.12
CA THR F 74 13.64 -35.38 -53.91
C THR F 74 12.76 -36.60 -54.12
N SER F 75 11.77 -36.51 -55.02
CA SER F 75 10.83 -37.61 -55.25
C SER F 75 11.53 -38.85 -55.78
N THR F 76 12.44 -38.70 -56.73
CA THR F 76 13.17 -39.82 -57.28
C THR F 76 14.50 -40.03 -56.56
N SER F 77 14.78 -39.21 -55.54
CA SER F 77 16.03 -39.22 -54.77
C SER F 77 17.26 -39.08 -55.68
N THR F 78 17.21 -38.07 -56.56
CA THR F 78 18.25 -37.84 -57.54
C THR F 78 18.70 -36.38 -57.45
N ALA F 79 19.89 -36.12 -57.97
CA ALA F 79 20.42 -34.77 -58.07
C ALA F 79 20.78 -34.50 -59.53
N TYR F 80 20.30 -33.36 -60.04
CA TYR F 80 20.45 -33.03 -61.44
C TYR F 80 21.33 -31.79 -61.60
N MET F 81 22.06 -31.72 -62.71
CA MET F 81 22.88 -30.55 -63.02
C MET F 81 22.56 -30.18 -64.46
N GLU F 82 22.49 -28.87 -64.75
CA GLU F 82 22.29 -28.39 -66.12
C GLU F 82 23.39 -27.40 -66.48
N LEU F 83 24.14 -27.72 -67.53
CA LEU F 83 25.21 -26.89 -68.06
C LEU F 83 24.95 -26.49 -69.51
N SER F 84 25.07 -25.19 -69.77
CA SER F 84 24.84 -24.59 -71.07
C SER F 84 26.14 -24.01 -71.59
N SER F 85 26.11 -23.56 -72.85
CA SER F 85 27.26 -22.98 -73.56
C SER F 85 28.46 -23.93 -73.60
N LEU F 86 28.18 -25.18 -73.97
CA LEU F 86 29.23 -26.18 -74.14
C LEU F 86 30.19 -25.80 -75.25
N ARG F 87 31.46 -26.10 -75.04
CA ARG F 87 32.51 -25.82 -76.01
C ARG F 87 33.22 -27.12 -76.38
N SER F 88 34.22 -27.03 -77.27
CA SER F 88 34.95 -28.21 -77.71
C SER F 88 35.79 -28.84 -76.61
N GLU F 89 36.49 -28.03 -75.82
CA GLU F 89 37.34 -28.53 -74.76
C GLU F 89 36.56 -29.07 -73.56
N ASP F 90 35.26 -28.81 -73.48
CA ASP F 90 34.48 -29.20 -72.31
C ASP F 90 34.25 -30.70 -72.20
N THR F 91 34.60 -31.50 -73.22
CA THR F 91 34.37 -32.92 -73.09
C THR F 91 35.37 -33.45 -72.06
N ALA F 92 34.86 -34.15 -71.05
CA ALA F 92 35.67 -34.60 -69.91
C ALA F 92 34.81 -35.46 -69.00
N VAL F 93 35.47 -36.05 -68.00
CA VAL F 93 34.78 -36.80 -66.97
C VAL F 93 34.25 -35.82 -65.90
N TYR F 94 33.05 -36.11 -65.44
CA TYR F 94 32.25 -35.28 -64.54
C TYR F 94 31.93 -36.10 -63.30
N TYR F 95 32.13 -35.52 -62.12
CA TYR F 95 31.93 -36.30 -60.86
C TYR F 95 30.68 -35.81 -60.13
N CYS F 96 30.36 -36.43 -58.99
CA CYS F 96 29.22 -35.98 -58.16
C CYS F 96 29.67 -36.00 -56.69
N ALA F 97 29.16 -35.10 -55.85
CA ALA F 97 29.65 -35.01 -54.46
C ALA F 97 28.48 -34.92 -53.48
N ARG F 98 28.71 -35.24 -52.21
CA ARG F 98 27.64 -35.16 -51.16
C ARG F 98 28.27 -35.15 -49.78
N GLY F 99 27.44 -35.08 -48.73
CA GLY F 99 27.93 -35.10 -47.33
C GLY F 99 27.00 -34.27 -46.46
N PRO F 100 26.74 -34.64 -45.19
CA PRO F 100 25.75 -33.93 -44.38
C PRO F 100 26.12 -32.46 -44.09
N TYR F 101 25.12 -31.58 -44.11
CA TYR F 101 25.37 -30.12 -43.88
C TYR F 101 25.01 -29.79 -42.43
N TYR F 102 25.38 -30.66 -41.48
CA TYR F 102 24.96 -30.38 -40.11
C TYR F 102 26.10 -29.91 -39.21
N TYR F 103 25.86 -28.82 -38.48
CA TYR F 103 26.82 -28.18 -37.60
C TYR F 103 26.53 -28.60 -36.16
N ASP F 104 27.53 -28.43 -35.29
CA ASP F 104 27.57 -28.80 -33.86
C ASP F 104 27.62 -30.32 -33.69
N SER F 105 27.74 -31.02 -34.82
CA SER F 105 27.94 -32.45 -34.94
C SER F 105 29.26 -32.67 -35.68
N GLY F 106 30.09 -31.63 -35.71
CA GLY F 106 31.27 -31.58 -36.53
C GLY F 106 30.79 -31.64 -37.97
N GLY F 107 31.26 -32.63 -38.72
CA GLY F 107 30.77 -32.85 -40.07
C GLY F 107 30.98 -31.67 -41.01
N TYR F 108 29.86 -31.09 -41.46
CA TYR F 108 29.75 -30.05 -42.50
C TYR F 108 30.26 -30.55 -43.86
N TYR F 109 31.41 -31.22 -43.92
CA TYR F 109 31.94 -31.81 -45.15
C TYR F 109 32.29 -33.26 -44.87
N LEU F 110 31.84 -34.20 -45.72
CA LEU F 110 32.23 -35.60 -45.54
C LEU F 110 32.43 -36.19 -46.94
N ASP F 111 32.64 -37.51 -47.03
CA ASP F 111 32.73 -38.08 -48.37
C ASP F 111 31.46 -38.61 -49.05
N TYR F 112 31.20 -39.92 -48.86
CA TYR F 112 30.02 -40.61 -49.42
C TYR F 112 29.94 -40.43 -50.94
N TRP F 113 31.07 -40.39 -51.63
CA TRP F 113 31.03 -40.27 -53.07
C TRP F 113 30.86 -41.62 -53.77
N GLY F 114 30.52 -41.53 -55.05
CA GLY F 114 30.36 -42.59 -56.02
C GLY F 114 31.59 -42.75 -56.88
N GLN F 115 31.37 -43.01 -58.18
CA GLN F 115 32.48 -43.32 -59.07
C GLN F 115 32.72 -42.26 -60.14
N GLY F 116 31.70 -41.61 -60.68
CA GLY F 116 31.94 -40.63 -61.73
C GLY F 116 30.74 -40.43 -62.62
N THR F 117 31.00 -39.87 -63.80
CA THR F 117 30.28 -40.25 -65.01
C THR F 117 31.05 -41.31 -65.79
N ILE G 2 41.64 -17.88 -51.90
CA ILE G 2 42.60 -18.61 -51.08
C ILE G 2 43.14 -19.80 -51.88
N VAL G 3 44.43 -20.06 -51.75
CA VAL G 3 45.08 -21.20 -52.38
C VAL G 3 45.75 -22.02 -51.28
N LEU G 4 45.48 -23.32 -51.25
CA LEU G 4 46.00 -24.21 -50.22
C LEU G 4 47.28 -24.87 -50.73
N THR G 5 48.42 -24.29 -50.37
CA THR G 5 49.73 -24.72 -50.86
C THR G 5 50.23 -25.91 -50.05
N GLN G 6 50.54 -27.01 -50.74
CA GLN G 6 50.85 -28.25 -50.04
C GLN G 6 52.38 -28.40 -49.95
N SER G 7 52.82 -29.32 -49.08
CA SER G 7 54.22 -29.64 -48.93
C SER G 7 54.42 -31.14 -49.13
N PRO G 8 55.35 -31.57 -49.99
CA PRO G 8 55.62 -30.91 -51.28
C PRO G 8 54.68 -31.48 -52.33
N GLY G 9 54.97 -31.30 -53.62
CA GLY G 9 54.13 -31.92 -54.63
C GLY G 9 54.11 -33.44 -54.55
N THR G 10 55.28 -34.05 -54.32
CA THR G 10 55.39 -35.49 -54.13
C THR G 10 56.56 -35.78 -53.21
N LEU G 11 56.35 -36.71 -52.26
CA LEU G 11 57.43 -37.19 -51.40
C LEU G 11 57.70 -38.65 -51.81
N SER G 12 58.89 -38.92 -52.34
CA SER G 12 59.22 -40.27 -52.80
C SER G 12 59.71 -41.13 -51.65
N LEU G 13 58.81 -41.88 -51.03
CA LEU G 13 59.12 -42.66 -49.83
C LEU G 13 58.96 -44.15 -50.06
N SER G 14 59.97 -44.92 -49.66
CA SER G 14 59.92 -46.37 -49.65
C SER G 14 58.96 -46.85 -48.55
N PRO G 15 58.43 -48.07 -48.64
CA PRO G 15 57.43 -48.51 -47.64
C PRO G 15 58.00 -48.53 -46.23
N GLY G 16 57.13 -48.16 -45.27
CA GLY G 16 57.47 -48.08 -43.87
C GLY G 16 57.91 -46.70 -43.38
N GLU G 17 58.13 -45.75 -44.27
CA GLU G 17 58.62 -44.43 -43.91
C GLU G 17 57.51 -43.62 -43.24
N ARG G 18 57.91 -42.72 -42.35
CA ARG G 18 56.94 -41.82 -41.72
C ARG G 18 56.79 -40.61 -42.64
N ALA G 19 55.65 -40.55 -43.36
CA ALA G 19 55.42 -39.53 -44.37
C ALA G 19 54.52 -38.44 -43.83
N THR G 20 55.06 -37.23 -43.69
CA THR G 20 54.27 -36.07 -43.31
C THR G 20 53.91 -35.30 -44.58
N LEU G 21 52.70 -35.53 -45.08
CA LEU G 21 52.17 -34.78 -46.24
C LEU G 21 51.44 -33.52 -45.77
N SER G 22 52.20 -32.57 -45.25
CA SER G 22 51.62 -31.34 -44.72
C SER G 22 50.94 -30.51 -45.81
N CYS G 23 50.12 -29.56 -45.37
CA CYS G 23 49.40 -28.64 -46.27
C CYS G 23 49.24 -27.31 -45.56
N ARG G 24 49.69 -26.22 -46.19
CA ARG G 24 49.71 -24.88 -45.59
C ARG G 24 48.82 -23.88 -46.32
N ALA G 25 48.06 -23.12 -45.54
CA ALA G 25 47.07 -22.18 -46.02
C ALA G 25 47.65 -20.77 -46.00
N SER G 26 47.30 -19.96 -47.00
CA SER G 26 47.81 -18.60 -47.15
C SER G 26 47.23 -17.63 -46.11
N GLN G 27 46.13 -17.99 -45.47
CA GLN G 27 45.57 -17.24 -44.36
C GLN G 27 44.88 -18.26 -43.46
N SER G 28 44.58 -17.82 -42.24
CA SER G 28 44.01 -18.74 -41.24
C SER G 28 42.66 -19.29 -41.68
N VAL G 29 42.44 -20.55 -41.34
CA VAL G 29 41.24 -21.31 -41.68
C VAL G 29 40.60 -21.94 -40.45
N GLY G 30 41.40 -22.55 -39.58
CA GLY G 30 40.88 -23.10 -38.34
C GLY G 30 41.47 -24.47 -38.01
N SER G 31 41.31 -24.87 -36.75
CA SER G 31 41.87 -26.11 -36.21
C SER G 31 40.92 -27.29 -36.27
N GLY G 32 39.71 -27.10 -36.76
CA GLY G 32 38.75 -28.16 -36.97
C GLY G 32 38.22 -27.88 -38.35
N TYR G 33 39.12 -27.36 -39.18
CA TYR G 33 38.78 -26.81 -40.49
C TYR G 33 39.62 -27.34 -41.66
N LEU G 34 40.10 -28.57 -41.62
CA LEU G 34 40.72 -29.15 -42.80
C LEU G 34 40.14 -30.55 -43.02
N ALA G 35 40.24 -31.06 -44.25
CA ALA G 35 39.90 -32.44 -44.53
C ALA G 35 40.79 -32.97 -45.64
N TRP G 36 41.06 -34.26 -45.57
CA TRP G 36 41.94 -34.99 -46.47
C TRP G 36 41.22 -36.13 -47.15
N TYR G 37 41.38 -36.28 -48.45
CA TYR G 37 40.72 -37.33 -49.19
C TYR G 37 41.80 -38.12 -49.91
N GLN G 38 41.64 -39.45 -49.98
CA GLN G 38 42.57 -40.34 -50.67
C GLN G 38 41.91 -40.88 -51.93
N GLN G 39 42.44 -40.49 -53.08
CA GLN G 39 41.87 -40.93 -54.36
C GLN G 39 42.58 -42.17 -54.88
N ARG G 40 41.81 -43.25 -55.06
CA ARG G 40 42.36 -44.46 -55.63
C ARG G 40 42.56 -44.23 -57.13
N PRO G 41 43.46 -45.00 -57.78
CA PRO G 41 43.74 -44.76 -59.21
C PRO G 41 42.51 -44.80 -60.10
N GLY G 42 42.34 -43.74 -60.90
CA GLY G 42 41.21 -43.61 -61.80
C GLY G 42 39.85 -43.76 -61.15
N GLN G 43 39.67 -43.15 -59.98
CA GLN G 43 38.44 -43.33 -59.22
C GLN G 43 38.11 -41.97 -58.59
N ALA G 44 37.29 -41.95 -57.52
CA ALA G 44 36.84 -40.81 -56.75
C ALA G 44 37.45 -40.83 -55.34
N PRO G 45 37.88 -39.67 -54.83
CA PRO G 45 38.60 -39.65 -53.55
C PRO G 45 37.75 -40.08 -52.36
N ARG G 46 38.43 -40.58 -51.32
CA ARG G 46 37.81 -41.10 -50.11
C ARG G 46 38.34 -40.41 -48.86
N LEU G 47 37.43 -39.87 -48.04
CA LEU G 47 37.80 -39.17 -46.80
C LEU G 47 38.45 -40.09 -45.78
N LEU G 48 39.51 -39.59 -45.15
CA LEU G 48 40.21 -40.33 -44.09
C LEU G 48 40.27 -39.56 -42.79
N ILE G 49 40.52 -38.25 -42.83
CA ILE G 49 40.60 -37.38 -41.66
C ILE G 49 39.82 -36.10 -41.95
N TYR G 50 39.00 -35.66 -41.01
CA TYR G 50 38.27 -34.41 -41.21
C TYR G 50 38.53 -33.51 -40.01
N GLY G 51 38.14 -32.25 -40.16
CA GLY G 51 38.31 -31.24 -39.11
C GLY G 51 39.70 -31.22 -38.52
N ALA G 52 40.72 -31.36 -39.37
CA ALA G 52 42.16 -31.28 -39.12
C ALA G 52 42.67 -32.45 -38.26
N SER G 53 41.89 -32.89 -37.27
CA SER G 53 42.34 -33.93 -36.35
C SER G 53 41.25 -34.90 -35.90
N SER G 54 39.97 -34.58 -36.08
CA SER G 54 38.85 -35.48 -35.81
C SER G 54 38.75 -36.67 -36.76
N ARG G 55 39.39 -37.79 -36.41
CA ARG G 55 39.50 -38.94 -37.30
C ARG G 55 38.15 -39.46 -37.80
N ALA G 56 38.04 -39.57 -39.12
CA ALA G 56 36.83 -40.09 -39.75
C ALA G 56 36.63 -41.56 -39.40
N THR G 57 35.38 -41.93 -39.13
CA THR G 57 35.08 -43.33 -38.82
C THR G 57 35.29 -44.21 -40.05
N GLY G 58 35.67 -45.46 -39.80
CA GLY G 58 35.98 -46.41 -40.85
C GLY G 58 37.39 -46.35 -41.41
N ILE G 59 38.31 -45.66 -40.74
CA ILE G 59 39.67 -45.42 -41.22
C ILE G 59 40.62 -45.86 -40.09
N PRO G 60 41.76 -46.48 -40.41
CA PRO G 60 42.72 -46.84 -39.35
C PRO G 60 43.38 -45.64 -38.72
N ASP G 61 43.81 -45.84 -37.47
CA ASP G 61 44.49 -44.81 -36.68
C ASP G 61 45.81 -44.39 -37.31
N ARG G 62 46.49 -45.30 -38.03
CA ARG G 62 47.75 -45.10 -38.72
C ARG G 62 47.85 -43.77 -39.50
N PHE G 63 46.72 -43.20 -39.89
CA PHE G 63 46.66 -41.93 -40.61
C PHE G 63 46.27 -40.89 -39.57
N SER G 64 46.96 -39.74 -39.56
CA SER G 64 46.74 -38.78 -38.47
C SER G 64 47.12 -37.39 -38.90
N GLY G 65 46.15 -36.48 -38.85
CA GLY G 65 46.32 -35.10 -39.26
C GLY G 65 46.53 -34.20 -38.05
N SER G 66 47.29 -33.12 -38.25
CA SER G 66 47.51 -32.15 -37.19
C SER G 66 47.67 -30.76 -37.79
N GLY G 67 47.93 -29.78 -36.93
CA GLY G 67 48.15 -28.41 -37.34
C GLY G 67 46.93 -27.55 -37.09
N SER G 68 47.14 -26.23 -37.22
CA SER G 68 46.08 -25.26 -37.00
C SER G 68 46.55 -23.89 -37.50
N GLY G 69 45.57 -23.04 -37.78
CA GLY G 69 45.83 -21.67 -38.16
C GLY G 69 46.14 -21.51 -39.63
N THR G 70 47.42 -21.36 -39.95
CA THR G 70 47.89 -21.26 -41.33
C THR G 70 48.74 -22.45 -41.76
N ASP G 71 49.15 -23.31 -40.83
CA ASP G 71 50.01 -24.44 -41.10
C ASP G 71 49.36 -25.71 -40.55
N PHE G 72 49.10 -26.66 -41.44
CA PHE G 72 48.45 -27.92 -41.11
C PHE G 72 49.34 -29.06 -41.57
N THR G 73 49.21 -30.22 -40.93
CA THR G 73 50.04 -31.38 -41.23
C THR G 73 49.20 -32.66 -41.30
N LEU G 74 49.42 -33.45 -42.34
CA LEU G 74 48.94 -34.82 -42.42
C LEU G 74 50.11 -35.80 -42.36
N THR G 75 50.03 -36.77 -41.44
CA THR G 75 51.10 -37.75 -41.25
C THR G 75 50.58 -39.14 -41.59
N ILE G 76 51.36 -39.88 -42.39
CA ILE G 76 51.17 -41.31 -42.62
C ILE G 76 52.33 -42.04 -41.95
N SER G 77 52.02 -42.82 -40.91
CA SER G 77 53.08 -43.35 -40.05
C SER G 77 53.82 -44.54 -40.66
N ARG G 78 53.12 -45.52 -41.23
CA ARG G 78 53.81 -46.71 -41.74
C ARG G 78 53.31 -47.13 -43.14
N LEU G 79 54.03 -46.67 -44.16
CA LEU G 79 53.65 -46.96 -45.54
C LEU G 79 53.71 -48.45 -45.84
N GLU G 80 52.70 -48.95 -46.55
CA GLU G 80 52.63 -50.36 -46.93
C GLU G 80 52.56 -50.35 -48.46
N PRO G 81 52.77 -51.48 -49.16
CA PRO G 81 52.77 -51.44 -50.64
C PRO G 81 51.45 -51.02 -51.28
N GLU G 82 50.30 -51.40 -50.72
CA GLU G 82 49.02 -51.02 -51.32
C GLU G 82 48.59 -49.58 -51.04
N ASP G 83 49.40 -48.77 -50.37
CA ASP G 83 49.01 -47.40 -50.03
C ASP G 83 49.41 -46.38 -51.09
N PHE G 84 50.14 -46.80 -52.12
CA PHE G 84 50.49 -45.89 -53.20
C PHE G 84 49.22 -45.51 -53.94
N ALA G 85 48.97 -44.20 -54.01
CA ALA G 85 47.68 -43.62 -54.34
C ALA G 85 47.84 -42.10 -54.35
N VAL G 86 46.77 -41.37 -54.66
CA VAL G 86 46.80 -39.92 -54.66
C VAL G 86 46.03 -39.38 -53.45
N TYR G 87 46.63 -38.38 -52.79
CA TYR G 87 46.08 -37.75 -51.59
C TYR G 87 45.88 -36.26 -51.87
N TYR G 88 44.75 -35.73 -51.40
CA TYR G 88 44.35 -34.36 -51.67
C TYR G 88 44.04 -33.66 -50.35
N CYS G 89 44.62 -32.48 -50.10
CA CYS G 89 44.06 -31.71 -48.99
C CYS G 89 42.87 -30.91 -49.53
N GLN G 90 42.04 -30.42 -48.61
CA GLN G 90 40.78 -29.80 -49.01
C GLN G 90 40.35 -28.81 -47.93
N GLN G 91 40.42 -27.50 -48.23
CA GLN G 91 39.97 -26.49 -47.26
C GLN G 91 38.51 -26.75 -46.90
N TYR G 92 38.20 -26.58 -45.63
CA TYR G 92 36.94 -26.97 -45.01
C TYR G 92 36.15 -25.83 -44.39
N ALA G 93 36.76 -24.64 -44.27
CA ALA G 93 36.10 -23.53 -43.54
C ALA G 93 34.96 -22.90 -44.35
N GLY G 94 35.27 -22.02 -45.29
CA GLY G 94 34.24 -21.34 -46.09
C GLY G 94 34.70 -21.10 -47.51
N SER G 95 33.96 -20.30 -48.30
CA SER G 95 34.37 -19.93 -49.68
C SER G 95 34.09 -21.09 -50.63
N PRO G 96 34.37 -21.01 -51.96
CA PRO G 96 34.19 -22.15 -52.86
C PRO G 96 35.16 -23.27 -52.45
N ARG G 97 34.69 -24.53 -52.47
CA ARG G 97 35.56 -25.64 -52.04
C ARG G 97 36.78 -25.67 -52.96
N THR G 98 37.99 -25.72 -52.39
CA THR G 98 39.21 -25.83 -53.23
C THR G 98 39.97 -27.09 -52.81
N PHE G 99 40.39 -27.90 -53.78
CA PHE G 99 41.07 -29.19 -53.46
C PHE G 99 42.56 -29.08 -53.76
N GLY G 100 43.41 -29.71 -52.94
CA GLY G 100 44.84 -29.71 -53.18
C GLY G 100 45.29 -30.24 -54.53
N GLN G 101 46.55 -29.99 -54.91
CA GLN G 101 47.01 -30.43 -56.23
C GLN G 101 47.31 -31.92 -56.31
N GLY G 102 47.34 -32.66 -55.20
CA GLY G 102 47.52 -34.10 -55.27
C GLY G 102 48.95 -34.57 -55.09
N THR G 103 49.16 -35.70 -54.41
CA THR G 103 50.48 -36.31 -54.29
C THR G 103 50.41 -37.74 -54.82
N ARG G 104 51.21 -38.03 -55.84
CA ARG G 104 51.30 -39.37 -56.42
C ARG G 104 52.49 -40.13 -55.82
N LEU G 105 52.21 -41.27 -55.22
CA LEU G 105 53.24 -42.14 -54.63
C LEU G 105 53.63 -43.23 -55.63
N GLU G 106 54.88 -43.19 -56.07
CA GLU G 106 55.42 -44.13 -57.05
C GLU G 106 56.47 -45.01 -56.37
N ILE G 107 56.84 -46.11 -57.03
CA ILE G 107 57.83 -47.03 -56.48
C ILE G 107 59.24 -46.52 -56.77
C1 NAG H . -53.86 51.79 4.48
C2 NAG H . -53.97 53.31 4.47
C3 NAG H . -55.42 53.71 4.31
C4 NAG H . -55.94 53.11 3.01
C5 NAG H . -55.76 51.59 3.07
C6 NAG H . -56.26 50.91 1.80
C7 NAG H . -52.16 54.31 5.75
C8 NAG H . -51.62 54.59 7.11
N2 NAG H . -53.42 53.88 5.69
O3 NAG H . -55.51 55.14 4.29
O4 NAG H . -57.32 53.44 2.79
O5 NAG H . -54.39 51.28 3.25
O6 NAG H . -56.20 49.50 1.97
O7 NAG H . -51.49 54.46 4.74
C1 NAG H . -57.43 54.36 1.69
C2 NAG H . -58.44 55.44 2.08
C3 NAG H . -58.52 56.50 0.99
C4 NAG H . -57.14 57.05 0.70
C5 NAG H . -56.17 55.92 0.36
C6 NAG H . -54.76 56.45 0.21
C7 NAG H . -60.17 54.46 3.47
C8 NAG H . -61.24 53.41 3.47
N2 NAG H . -59.76 54.87 2.28
O3 NAG H . -59.38 57.56 1.42
O4 NAG H . -57.21 57.97 -0.41
O5 NAG H . -56.17 54.95 1.40
O6 NAG H . -54.28 56.87 1.49
O7 NAG H . -59.70 54.91 4.51
C1 NAG I . 50.20 -22.11 0.38
C2 NAG I . 51.33 -23.13 0.64
C3 NAG I . 51.09 -24.45 -0.10
C4 NAG I . 49.66 -24.94 0.06
C5 NAG I . 48.69 -23.82 -0.30
C6 NAG I . 47.24 -24.19 -0.13
C7 NAG I . 53.77 -22.92 0.88
C8 NAG I . 55.01 -22.25 0.37
N2 NAG I . 52.63 -22.57 0.28
O3 NAG I . 51.99 -25.43 0.41
O4 NAG I . 49.42 -26.08 -0.76
O5 NAG I . 48.94 -22.72 0.59
O6 NAG I . 46.46 -23.73 -1.23
O7 NAG I . 53.81 -23.74 1.79
C1 NAG I . 49.19 -27.25 0.08
C2 NAG I . 49.98 -28.46 -0.49
C3 NAG I . 51.33 -28.67 0.25
C4 NAG I . 51.23 -28.71 1.77
C5 NAG I . 49.90 -28.16 2.27
C6 NAG I . 49.96 -27.71 3.71
C7 NAG I . 49.39 -30.69 -1.34
C8 NAG I . 48.49 -31.87 -1.19
N2 NAG I . 49.20 -29.68 -0.48
O3 NAG I . 52.24 -27.66 -0.16
O4 NAG I . 51.37 -30.05 2.23
O5 NAG I . 49.54 -27.02 1.50
O6 NAG I . 49.16 -26.55 3.93
O7 NAG I . 50.28 -30.65 -2.20
C1 BMA I . 52.76 -30.30 2.55
C2 BMA I . 52.81 -31.34 3.69
C3 BMA I . 54.27 -31.69 4.00
C4 BMA I . 55.04 -32.09 2.71
C5 BMA I . 54.88 -30.95 1.69
C6 BMA I . 55.57 -31.25 0.37
O2 BMA I . 52.16 -32.54 3.31
O3 BMA I . 54.36 -32.76 4.93
O4 BMA I . 56.40 -32.30 2.99
O5 BMA I . 53.47 -30.80 1.44
O6 BMA I . 55.95 -30.01 -0.21
C1 MAN I . 54.78 -32.26 6.21
C2 MAN I . 56.34 -32.43 6.32
C3 MAN I . 56.80 -33.82 6.89
C4 MAN I . 55.76 -34.46 7.85
C5 MAN I . 54.37 -34.32 7.26
C6 MAN I . 53.31 -35.05 8.06
O2 MAN I . 56.92 -31.45 7.19
O3 MAN I . 58.04 -33.70 7.58
O4 MAN I . 56.08 -35.82 8.06
O5 MAN I . 54.08 -32.93 7.24
O6 MAN I . 53.78 -35.22 9.40
C1 NAG J . -24.69 46.29 50.06
C2 NAG J . -25.83 47.27 50.21
C3 NAG J . -25.74 47.93 51.57
C4 NAG J . -25.77 46.86 52.65
C5 NAG J . -24.63 45.88 52.40
C6 NAG J . -24.59 44.76 53.43
C7 NAG J . -26.51 48.19 48.07
C8 NAG J . -26.35 49.31 47.09
N2 NAG J . -25.78 48.29 49.18
O3 NAG J . -26.84 48.83 51.72
O4 NAG J . -25.60 47.48 53.92
O5 NAG J . -24.74 45.31 51.09
O6 NAG J . -25.80 44.00 53.33
O7 NAG J . -27.26 47.26 47.87
C1 NAG J . -26.77 47.32 54.76
C2 NAG J . -26.48 47.94 56.11
C3 NAG J . -27.69 47.82 57.02
C4 NAG J . -28.89 48.45 56.33
C5 NAG J . -29.12 47.80 54.98
C6 NAG J . -30.29 48.45 54.25
C7 NAG J . -24.10 47.73 56.59
C8 NAG J . -23.01 46.73 56.88
N2 NAG J . -25.34 47.29 56.74
O3 NAG J . -27.43 48.50 58.25
O4 NAG J . -30.07 48.26 57.15
O5 NAG J . -27.94 47.92 54.18
O6 NAG J . -29.97 49.82 53.95
O7 NAG J . -23.84 48.87 56.23
C1 NAG K . -3.18 70.97 7.79
C2 NAG K . -3.05 71.69 9.14
C3 NAG K . -3.18 73.19 8.96
C4 NAG K . -2.18 73.69 7.92
C5 NAG K . -2.39 72.91 6.61
C6 NAG K . -1.40 73.26 5.53
C7 NAG K . -3.78 71.06 11.41
C8 NAG K . -4.92 70.56 12.25
N2 NAG K . -4.03 71.21 10.10
O3 NAG K . -2.98 73.86 10.20
O4 NAG K . -2.37 75.10 7.75
O5 NAG K . -2.24 71.51 6.86
O6 NAG K . -0.15 72.61 5.73
O7 NAG K . -2.68 71.33 11.89
C1 NAG K . -1.09 75.76 7.99
C2 NAG K . -1.19 77.22 7.54
C3 NAG K . 0.18 77.89 7.70
C4 NAG K . 0.66 77.76 9.14
C5 NAG K . 0.66 76.29 9.56
C6 NAG K . 1.03 76.10 11.01
C7 NAG K . -2.95 77.53 5.86
C8 NAG K . -3.27 77.61 4.40
N2 NAG K . -1.66 77.32 6.17
O3 NAG K . 0.07 79.27 7.33
O4 NAG K . 2.02 78.16 9.19
O5 NAG K . -0.64 75.72 9.39
O6 NAG K . 0.05 76.66 11.88
O7 NAG K . -3.81 77.65 6.73
C1 BMA K . 2.31 79.48 9.69
C2 BMA K . 3.62 79.91 9.00
C3 BMA K . 4.02 81.28 9.54
C4 BMA K . 2.89 82.28 9.27
C5 BMA K . 1.62 81.76 9.97
C6 BMA K . 0.43 82.69 9.79
O2 BMA K . 3.43 80.07 7.60
O3 BMA K . 5.23 81.74 8.92
O4 BMA K . 3.24 83.55 9.79
O5 BMA K . 1.29 80.45 9.43
O6 BMA K . -0.64 82.20 10.57
C1 NAG L . -1.91 -23.62 -55.63
C2 NAG L . -0.81 -22.57 -55.88
C3 NAG L . 0.46 -23.29 -56.35
C4 NAG L . 0.90 -24.38 -55.38
C5 NAG L . -0.28 -25.34 -55.12
C6 NAG L . -0.08 -26.34 -54.00
C7 NAG L . -1.55 -21.75 -58.12
C8 NAG L . -1.88 -20.52 -58.90
N2 NAG L . -1.22 -21.55 -56.83
O3 NAG L . 1.50 -22.32 -56.49
O4 NAG L . 1.99 -25.01 -56.05
O5 NAG L . -1.44 -24.60 -54.73
O6 NAG L . -1.32 -26.83 -53.52
O7 NAG L . -1.58 -22.87 -58.64
C1 NAG L . 3.00 -25.76 -55.33
C2 NAG L . 3.32 -26.97 -56.21
C3 NAG L . 4.30 -27.88 -55.49
C4 NAG L . 5.55 -27.10 -55.13
C5 NAG L . 5.17 -25.88 -54.29
C6 NAG L . 6.35 -25.01 -53.93
C7 NAG L . 1.42 -27.48 -57.69
C8 NAG L . 0.19 -28.31 -57.88
N2 NAG L . 2.09 -27.69 -56.56
O3 NAG L . 4.63 -28.98 -56.34
O4 NAG L . 6.45 -27.92 -54.39
O5 NAG L . 4.25 -25.06 -55.01
O6 NAG L . 6.26 -24.53 -52.59
O7 NAG L . 1.77 -26.65 -58.52
C1 NAG M . -43.64 -26.31 11.91
C2 NAG M . -44.22 -25.63 10.65
C3 NAG M . -45.73 -25.92 10.55
C4 NAG M . -46.03 -27.41 10.66
C5 NAG M . -45.38 -28.00 11.91
C6 NAG M . -45.53 -29.50 12.03
C7 NAG M . -43.26 -23.58 9.73
C8 NAG M . -43.14 -22.09 9.90
N2 NAG M . -43.98 -24.21 10.67
O3 NAG M . -46.22 -25.43 9.32
O4 NAG M . -47.43 -27.64 10.68
O5 NAG M . -43.98 -27.71 11.89
O6 NAG M . -44.85 -30.01 13.17
O7 NAG M . -42.71 -24.17 8.82
C1 NAG N . -21.27 -51.47 31.21
C2 NAG N . -20.85 -52.69 32.03
C3 NAG N . -19.36 -52.98 31.85
C4 NAG N . -19.03 -53.11 30.37
C5 NAG N . -19.50 -51.87 29.60
C6 NAG N . -19.30 -51.99 28.11
C7 NAG N . -20.76 -51.63 34.29
C8 NAG N . -21.29 -51.72 35.69
N2 NAG N . -21.21 -52.56 33.44
O3 NAG N . -19.03 -54.17 32.54
O4 NAG N . -17.62 -53.26 30.21
O5 NAG N . -20.90 -51.66 29.82
O6 NAG N . -18.32 -52.98 27.79
O7 NAG N . -19.97 -50.74 33.96
C1 NAG O . -21.28 -14.71 39.46
C2 NAG O . -22.45 -13.80 39.82
C3 NAG O . -22.34 -13.34 41.28
C4 NAG O . -22.18 -14.53 42.21
C5 NAG O . -21.02 -15.42 41.74
C6 NAG O . -20.87 -16.69 42.56
C7 NAG O . -23.67 -12.12 38.50
C8 NAG O . -23.55 -10.93 37.59
N2 NAG O . -22.51 -12.65 38.93
O3 NAG O . -23.52 -12.62 41.64
O4 NAG O . -21.90 -14.06 43.52
O5 NAG O . -21.24 -15.82 40.38
O6 NAG O . -20.21 -16.43 43.79
O7 NAG O . -24.76 -12.59 38.82
C1 NAG P . -7.70 -40.80 -32.39
C2 NAG P . -8.94 -40.86 -31.50
C3 NAG P . -8.87 -42.07 -30.58
C4 NAG P . -8.67 -43.34 -31.39
C5 NAG P . -7.47 -43.21 -32.32
C6 NAG P . -7.32 -44.39 -33.25
C7 NAG P . -10.06 -38.75 -30.93
C8 NAG P . -10.06 -37.55 -30.04
N2 NAG P . -9.09 -39.64 -30.72
O3 NAG P . -10.06 -42.17 -29.81
O4 NAG P . -8.48 -44.46 -30.53
O5 NAG P . -7.58 -42.03 -33.15
O6 NAG P . -6.71 -45.48 -32.59
O7 NAG P . -10.92 -38.91 -31.81
C1 NAG Q . -37.75 3.00 25.95
C2 NAG Q . -38.04 4.44 26.31
C3 NAG Q . -37.95 5.28 25.04
C4 NAG Q . -36.55 5.15 24.45
C5 NAG Q . -36.28 3.67 24.16
C6 NAG Q . -34.90 3.41 23.63
C7 NAG Q . -39.57 4.74 28.20
C8 NAG Q . -41.00 4.86 28.64
N2 NAG Q . -39.37 4.57 26.90
O3 NAG Q . -38.22 6.65 25.35
O4 NAG Q . -36.48 5.88 23.23
O5 NAG Q . -36.42 2.89 25.37
O6 NAG Q . -34.48 2.08 23.90
O7 NAG Q . -38.64 4.82 29.01
C1 NAG R . -45.22 0.30 -10.06
C2 NAG R . -45.30 1.51 -11.03
C3 NAG R . -46.73 1.71 -11.50
C4 NAG R . -47.25 0.43 -12.14
C5 NAG R . -47.10 -0.76 -11.18
C6 NAG R . -47.47 -2.07 -11.86
C7 NAG R . -43.97 3.58 -11.08
C8 NAG R . -43.56 4.80 -10.31
N2 NAG R . -44.79 2.74 -10.44
O3 NAG R . -46.80 2.78 -12.42
O4 NAG R . -48.63 0.59 -12.48
O5 NAG R . -45.74 -0.88 -10.74
O6 NAG R . -47.12 -2.02 -13.23
O7 NAG R . -43.59 3.38 -12.23
C1 NAG S . -57.45 11.80 4.18
C2 NAG S . -56.58 10.88 3.28
C3 NAG S . -57.45 10.12 2.28
C4 NAG S . -58.64 9.46 2.96
C5 NAG S . -59.39 10.47 3.83
C6 NAG S . -60.49 9.82 4.65
C7 NAG S . -54.31 11.11 2.37
C8 NAG S . -53.35 12.00 1.64
N2 NAG S . -55.53 11.61 2.60
O3 NAG S . -56.67 9.15 1.62
O4 NAG S . -59.51 8.89 1.99
O5 NAG S . -58.48 11.04 4.77
O6 NAG S . -60.08 9.62 5.99
O7 NAG S . -54.00 9.97 2.74
C1 NAG T . -53.92 42.42 17.63
C2 NAG T . -54.24 41.20 18.51
C3 NAG T . -54.15 39.92 17.67
C4 NAG T . -55.06 40.04 16.45
C5 NAG T . -54.77 41.32 15.67
C6 NAG T . -55.73 41.56 14.54
C7 NAG T . -53.90 40.88 20.90
C8 NAG T . -52.90 40.83 22.04
N2 NAG T . -53.40 41.11 19.69
O3 NAG T . -54.56 38.80 18.45
O4 NAG T . -54.93 38.92 15.61
O5 NAG T . -54.84 42.47 16.54
O6 NAG T . -55.81 42.94 14.20
O7 NAG T . -55.09 40.71 21.09
C1 NAG U . -13.07 -52.73 11.23
C2 NAG U . -13.77 -53.97 10.65
C3 NAG U . -12.85 -55.19 10.80
C4 NAG U . -11.49 -54.93 10.17
C5 NAG U . -10.86 -53.66 10.76
C6 NAG U . -9.60 -53.25 10.03
C7 NAG U . -15.97 -55.09 10.96
C8 NAG U . -17.16 -55.21 11.86
N2 NAG U . -15.02 -54.21 11.36
O3 NAG U . -13.41 -56.34 10.17
O4 NAG U . -10.62 -56.02 10.42
O5 NAG U . -11.78 -52.57 10.61
O6 NAG U . -9.02 -54.34 9.31
O7 NAG U . -15.86 -55.75 9.94
C1 NAG V . -53.38 66.40 8.94
C2 NAG V . -54.15 65.48 7.92
C3 NAG V . -54.08 65.97 6.47
C4 NAG V . -54.42 67.45 6.40
C5 NAG V . -53.49 68.25 7.28
C6 NAG V . -53.81 69.73 7.26
C7 NAG V . -54.66 63.13 8.30
C8 NAG V . -54.14 61.73 8.38
N2 NAG V . -53.76 64.08 8.02
O3 NAG V . -55.04 65.25 5.71
O4 NAG V . -54.31 67.88 5.05
O5 NAG V . -53.62 67.84 8.65
O6 NAG V . -55.20 69.98 7.30
O7 NAG V . -55.84 63.40 8.50
C1 NAG W . 37.03 5.07 32.20
C2 NAG W . 35.67 5.48 32.80
C3 NAG W . 35.79 5.70 34.32
C4 NAG W . 36.48 4.51 35.00
C5 NAG W . 37.80 4.21 34.32
C6 NAG W . 38.51 3.00 34.88
C7 NAG W . 34.08 6.74 31.40
C8 NAG W . 33.74 8.09 30.82
N2 NAG W . 35.18 6.69 32.16
O3 NAG W . 34.50 5.89 34.88
O4 NAG W . 36.76 4.84 36.35
O5 NAG W . 37.56 3.95 32.93
O6 NAG W . 38.31 1.85 34.07
O7 NAG W . 33.39 5.76 31.18
C1 NAG X . 61.21 -2.21 -0.27
C2 NAG X . 62.57 -2.21 -0.94
C3 NAG X . 62.39 -2.55 -2.41
C4 NAG X . 61.75 -3.93 -2.49
C5 NAG X . 60.49 -4.05 -1.61
C6 NAG X . 60.01 -5.47 -1.44
C7 NAG X . 63.27 0.29 -1.00
C8 NAG X . 62.03 0.77 -1.71
N2 NAG X . 63.42 -1.03 -0.71
O3 NAG X . 63.65 -2.56 -3.05
O4 NAG X . 61.40 -4.22 -3.85
O5 NAG X . 60.70 -3.53 -0.28
O6 NAG X . 60.46 -6.03 -0.22
O7 NAG X . 64.15 1.08 -0.68
C1 NAG Y . 37.05 25.29 -0.53
C2 NAG Y . 38.03 25.57 0.57
C3 NAG Y . 38.77 26.85 0.22
C4 NAG Y . 39.47 26.70 -1.13
C5 NAG Y . 38.54 26.13 -2.21
C6 NAG Y . 39.25 25.70 -3.48
C7 NAG Y . 37.49 24.83 2.84
C8 NAG Y . 36.71 25.12 4.08
N2 NAG Y . 37.37 25.71 1.84
O3 NAG Y . 39.70 27.13 1.27
O4 NAG Y . 39.90 27.99 -1.56
O5 NAG Y . 37.74 25.01 -1.75
O6 NAG Y . 39.36 26.76 -4.42
O7 NAG Y . 38.19 23.82 2.73
C1 NAG Z . 9.75 -46.28 9.39
C2 NAG Z . 9.85 -45.84 10.85
C3 NAG Z . 11.18 -46.26 11.45
C4 NAG Z . 11.41 -47.75 11.25
C5 NAG Z . 11.26 -48.12 9.78
C6 NAG Z . 11.33 -49.61 9.54
C7 NAG Z . 8.81 -43.90 11.93
C8 NAG Z . 8.70 -42.41 11.95
N2 NAG Z . 9.63 -44.41 10.99
O3 NAG Z . 11.21 -45.92 12.83
O4 NAG Z . 12.71 -48.11 11.71
O5 NAG Z . 9.96 -47.70 9.31
O6 NAG Z . 11.97 -49.91 8.30
O7 NAG Z . 8.21 -44.62 12.72
C1 NAG AA . 21.11 30.90 19.69
C2 NAG AA . 20.03 31.69 20.47
C3 NAG AA . 20.26 33.18 20.30
C4 NAG AA . 21.67 33.55 20.72
C5 NAG AA . 22.71 32.72 19.96
C6 NAG AA . 24.11 32.93 20.47
C7 NAG AA . 17.96 30.37 20.74
C8 NAG AA . 16.59 30.09 20.19
N2 NAG AA . 18.67 31.30 20.08
O3 NAG AA . 19.29 33.88 21.08
O4 NAG AA . 21.88 34.94 20.46
O5 NAG AA . 22.43 31.33 20.14
O6 NAG AA . 24.70 31.72 20.93
O7 NAG AA . 18.40 29.77 21.71
C1 NAG BA . 3.96 2.15 40.71
C2 NAG BA . 2.46 1.99 40.72
C3 NAG BA . 1.90 2.42 42.10
C4 NAG BA . 2.61 1.68 43.23
C5 NAG BA . 4.12 1.85 43.10
C6 NAG BA . 4.89 0.98 44.06
C7 NAG BA . 1.30 2.20 38.56
C8 NAG BA . 0.67 3.17 37.57
N2 NAG BA . 1.84 2.76 39.65
O3 NAG BA . 0.50 2.20 42.14
O4 NAG BA . 2.17 2.17 44.49
O5 NAG BA . 4.53 1.42 41.80
O6 NAG BA . 5.66 0.01 43.35
O7 NAG BA . 1.30 1.00 38.37
C1 NAG CA . 6.79 22.44 49.01
C2 NAG CA . 7.75 21.26 49.19
C3 NAG CA . 7.00 20.05 49.74
C4 NAG CA . 6.29 20.41 51.03
C5 NAG CA . 5.37 21.60 50.78
C6 NAG CA . 4.67 22.09 52.04
C7 NAG CA . 9.71 20.59 47.86
C8 NAG CA . 10.22 20.29 46.49
N2 NAG CA . 8.41 20.93 47.94
O3 NAG CA . 7.90 18.97 49.96
O4 NAG CA . 5.52 19.30 51.48
O5 NAG CA . 6.14 22.71 50.28
O6 NAG CA . 3.86 21.05 52.60
O7 NAG CA . 10.42 20.52 48.86
C1 NAG DA . -1.12 58.37 31.10
C2 NAG DA . -0.58 59.65 31.80
C3 NAG DA . 0.55 60.33 30.98
C4 NAG DA . 1.57 59.32 30.49
C5 NAG DA . 0.86 58.18 29.77
C6 NAG DA . 1.80 57.13 29.24
C7 NAG DA . -2.47 61.19 31.27
C8 NAG DA . -3.48 62.12 31.87
N2 NAG DA . -1.64 60.60 32.14
O3 NAG DA . 1.18 61.31 31.79
O4 NAG DA . 2.48 59.94 29.60
O5 NAG DA . -0.02 57.53 30.69
O6 NAG DA . 1.20 55.84 29.26
O7 NAG DA . -2.42 61.00 30.06
C1 NAG EA . 1.24 18.88 -48.20
C2 NAG EA . 2.64 18.83 -47.58
C3 NAG EA . 3.36 20.17 -47.76
C4 NAG EA . 3.33 20.61 -49.23
C5 NAG EA . 1.91 20.56 -49.77
C6 NAG EA . 1.83 20.85 -51.25
C7 NAG EA . 3.43 17.62 -45.59
C8 NAG EA . 3.21 17.36 -44.14
N2 NAG EA . 2.57 18.47 -46.17
O3 NAG EA . 4.69 20.04 -47.31
O4 NAG EA . 3.85 21.92 -49.34
O5 NAG EA . 1.36 19.25 -49.57
O6 NAG EA . 1.39 19.70 -51.97
O7 NAG EA . 4.35 17.10 -46.23
C1 NAG FA . -19.02 -11.92 -61.89
C2 NAG FA . -19.52 -12.76 -63.07
C3 NAG FA . -19.58 -14.25 -62.68
C4 NAG FA . -18.24 -14.71 -62.11
C5 NAG FA . -17.79 -13.81 -60.96
C6 NAG FA . -16.40 -14.11 -60.46
C7 NAG FA . -21.98 -12.25 -62.96
C8 NAG FA . -23.14 -11.68 -63.75
N2 NAG FA . -20.79 -12.28 -63.61
O3 NAG FA . -19.90 -15.04 -63.82
O4 NAG FA . -18.35 -16.04 -61.60
O5 NAG FA . -17.77 -12.45 -61.41
O6 NAG FA . -15.55 -12.98 -60.50
O7 NAG FA . -22.12 -12.64 -61.81
C1 NAG GA . -31.27 8.13 -36.18
C2 NAG GA . -31.99 9.48 -36.33
C3 NAG GA . -33.50 9.31 -36.20
C4 NAG GA . -34.00 8.23 -37.15
C5 NAG GA . -33.22 6.94 -36.96
C6 NAG GA . -33.62 5.85 -37.93
C7 NAG GA . -30.87 11.57 -35.71
C8 NAG GA . -30.40 12.44 -34.58
N2 NAG GA . -31.48 10.44 -35.37
O3 NAG GA . -34.14 10.55 -36.48
O4 NAG GA . -35.38 8.00 -36.90
O5 NAG GA . -31.81 7.18 -37.13
O6 NAG GA . -35.02 5.64 -37.96
O7 NAG GA . -30.73 11.90 -36.88
C1 NAG HA . 36.52 -24.26 -24.30
C2 NAG HA . 36.36 -22.78 -24.62
C3 NAG HA . 35.99 -22.59 -26.09
C4 NAG HA . 37.03 -23.27 -26.98
C5 NAG HA . 37.18 -24.74 -26.57
C6 NAG HA . 38.29 -25.44 -27.33
C7 NAG HA . 35.59 -21.07 -23.03
C8 NAG HA . 34.44 -20.57 -22.20
N2 NAG HA . 35.35 -22.16 -23.76
O3 NAG HA . 35.92 -21.21 -26.39
O4 NAG HA . 36.63 -23.20 -28.34
O5 NAG HA . 37.50 -24.83 -25.18
O6 NAG HA . 39.13 -26.17 -26.44
O7 NAG HA . 36.68 -20.51 -23.03
C1 NAG IA . -21.94 30.41 -27.77
C2 NAG IA . -22.40 31.83 -27.51
C3 NAG IA . -23.92 31.91 -27.59
C4 NAG IA . -24.41 31.37 -28.93
C5 NAG IA . -23.87 29.96 -29.19
C6 NAG IA . -24.18 29.48 -30.59
C7 NAG IA . -21.44 33.51 -25.99
C8 NAG IA . -21.00 33.81 -24.58
N2 NAG IA . -21.94 32.29 -26.20
O3 NAG IA . -24.31 33.27 -27.45
O4 NAG IA . -25.83 31.36 -28.95
O5 NAG IA . -22.44 29.98 -29.07
O6 NAG IA . -24.13 28.06 -30.65
O7 NAG IA . -21.36 34.34 -26.89
C1 NAG JA . 17.39 32.29 -21.06
C2 NAG JA . 17.38 32.34 -19.54
C3 NAG JA . 18.80 32.65 -19.04
C4 NAG JA . 19.79 31.64 -19.59
C5 NAG JA . 19.70 31.58 -21.12
C6 NAG JA . 20.56 30.49 -21.72
C7 NAG JA . 15.87 33.28 -17.84
C8 NAG JA . 14.92 34.39 -17.51
N2 NAG JA . 16.44 33.33 -19.05
O3 NAG JA . 18.84 32.65 -17.62
O4 NAG JA . 21.11 32.03 -19.24
O5 NAG JA . 18.34 31.30 -21.53
O6 NAG JA . 20.05 30.07 -22.98
O7 NAG JA . 16.13 32.38 -17.04
C1 NAG KA . -12.71 68.01 -4.14
C2 NAG KA . -13.30 68.21 -5.53
C3 NAG KA . -12.40 67.56 -6.57
C4 NAG KA . -11.00 68.14 -6.46
C5 NAG KA . -10.46 67.98 -5.04
C6 NAG KA . -9.13 68.67 -4.83
C7 NAG KA . -15.74 68.42 -5.74
C8 NAG KA . -17.05 67.70 -5.80
N2 NAG KA . -14.65 67.66 -5.60
O3 NAG KA . -12.93 67.81 -7.87
O4 NAG KA . -10.11 67.46 -7.37
O5 NAG KA . -11.38 68.57 -4.11
O6 NAG KA . -8.64 69.25 -6.03
O7 NAG KA . -15.66 69.64 -5.82
C1 NAG LA . 5.46 50.03 -24.43
C2 NAG LA . 6.04 51.19 -23.62
C3 NAG LA . 6.68 52.24 -24.54
C4 NAG LA . 7.63 51.58 -25.55
C5 NAG LA . 6.89 50.45 -26.24
C6 NAG LA . 7.77 49.76 -27.28
C7 NAG LA . 4.77 51.48 -21.54
C8 NAG LA . 3.57 52.12 -20.90
N2 NAG LA . 5.01 51.82 -22.80
O3 NAG LA . 7.37 53.21 -23.73
O4 NAG LA . 7.98 52.48 -26.61
O5 NAG LA . 6.46 49.49 -25.28
O6 NAG LA . 8.83 49.13 -26.59
O7 NAG LA . 5.47 50.68 -20.93
#